data_8QCH
#
_entry.id   8QCH
#
_cell.length_a   142.757
_cell.length_b   142.983
_cell.length_c   156.399
_cell.angle_alpha   90
_cell.angle_beta   90
_cell.angle_gamma   90
#
_symmetry.space_group_name_H-M   'P 21 21 2'
#
loop_
_entity.id
_entity.type
_entity.pdbx_description
1 polymer 'Adenosine deaminase-like protein'
2 non-polymer '[(2~{R},3~{R},4~{R},5~{R})-5-(2-azanyl-6-oxidanylidene-1~{H}-purin-9-yl)-4-fluoranyl-4-methyl-3-oxidanyl-oxolan-2-yl]methyl dihydrogen phosphate'
3 non-polymer 'ZINC ION'
4 non-polymer 'SULFATE ION'
5 non-polymer DI(HYDROXYETHYL)ETHER
6 non-polymer 'SODIUM ION'
7 water water
#
_entity_poly.entity_id   1
_entity_poly.type   'polypeptide(L)'
_entity_poly.pdbx_seq_one_letter_code
;MIEAEEQQPCKTDFYSELPKVELHAHLNGSISSHTMKKLIAQKPDLKIHDQMTVIDKGKKRTLEECFQMFQTIHQLTSSP
EDILMVTKDVIKEFADDGVKYLELRSTPRRENATGMTKKTYVESILEGIKQSKQENLDIDVRYLIAVDRRGGPLVAKETV
KLAEEFFLSTEGTVLGLDLSGDPTVGQAKDFLEPLLEAKKAGLKLALHLSEIPNQKKETQILLDLLPDRIGHGTFLNSGE
GGSLDLVDFVRQHRIPLELCLTSNVKSQTVPSYDQHHFGFWYSIAHPSVICTDDKGVFATHLSQEYQLAAETFNLTQSQV
WDLSYESINYIFASDSTRSELRKKWNHLKPRVLHI
;
_entity_poly.pdbx_strand_id   A,B,C,D,E,F,G,H
#
loop_
_chem_comp.id
_chem_comp.type
_chem_comp.name
_chem_comp.formula
EIF non-polymer '[(2~{R},3~{R},4~{R},5~{R})-5-(2-azanyl-6-oxidanylidene-1~{H}-purin-9-yl)-4-fluoranyl-4-methyl-3-oxidanyl-oxolan-2-yl]methyl dihydrogen phosphate' 'C11 H15 F N5 O7 P'
NA non-polymer 'SODIUM ION' 'Na 1'
PEG non-polymer DI(HYDROXYETHYL)ETHER 'C4 H10 O3'
SO4 non-polymer 'SULFATE ION' 'O4 S -2'
ZN non-polymer 'ZINC ION' 'Zn 2'
#
# COMPACT_ATOMS: atom_id res chain seq x y z
N THR A 12 -12.45 -17.98 -31.37
CA THR A 12 -11.70 -19.05 -32.01
C THR A 12 -12.42 -20.37 -31.84
N ASP A 13 -13.33 -20.65 -32.79
CA ASP A 13 -14.13 -21.86 -32.79
C ASP A 13 -13.33 -23.10 -33.16
N PHE A 14 -12.20 -22.93 -33.88
CA PHE A 14 -11.34 -24.05 -34.27
C PHE A 14 -10.91 -24.91 -33.09
N TYR A 15 -10.45 -24.27 -31.99
CA TYR A 15 -9.93 -24.99 -30.84
C TYR A 15 -10.97 -25.80 -30.09
N SER A 16 -12.22 -25.36 -30.08
CA SER A 16 -13.28 -26.12 -29.43
C SER A 16 -13.86 -27.18 -30.36
N GLU A 17 -13.90 -26.91 -31.67
CA GLU A 17 -14.39 -27.87 -32.65
C GLU A 17 -13.38 -29.01 -32.89
N LEU A 18 -12.09 -28.74 -32.67
CA LEU A 18 -11.02 -29.69 -32.84
C LEU A 18 -11.25 -30.88 -31.93
N PRO A 19 -11.34 -32.12 -32.46
CA PRO A 19 -11.49 -33.27 -31.56
C PRO A 19 -10.25 -33.38 -30.67
N LYS A 20 -10.45 -33.64 -29.37
CA LYS A 20 -9.36 -33.68 -28.43
C LYS A 20 -9.42 -34.88 -27.50
N VAL A 21 -8.24 -35.30 -27.01
CA VAL A 21 -8.13 -36.36 -26.00
C VAL A 21 -7.64 -35.66 -24.73
N GLU A 22 -8.20 -36.04 -23.58
CA GLU A 22 -7.75 -35.48 -22.31
C GLU A 22 -7.19 -36.62 -21.44
N LEU A 23 -5.90 -36.56 -21.13
CA LEU A 23 -5.24 -37.63 -20.39
C LEU A 23 -4.80 -37.28 -18.98
N HIS A 24 -4.88 -36.01 -18.58
CA HIS A 24 -4.45 -35.60 -17.26
C HIS A 24 -5.45 -34.58 -16.71
N ALA A 25 -6.52 -35.07 -16.08
CA ALA A 25 -7.54 -34.20 -15.52
C ALA A 25 -7.97 -34.77 -14.16
N HIS A 26 -7.71 -34.04 -13.07
CA HIS A 26 -8.10 -34.50 -11.73
C HIS A 26 -9.55 -34.15 -11.51
N LEU A 27 -10.38 -35.12 -11.09
CA LEU A 27 -11.82 -34.93 -10.92
C LEU A 27 -12.17 -33.71 -10.05
N ASN A 28 -11.61 -33.62 -8.84
CA ASN A 28 -11.94 -32.52 -7.94
C ASN A 28 -11.31 -31.17 -8.36
N GLY A 29 -10.32 -31.21 -9.23
CA GLY A 29 -9.73 -30.00 -9.78
C GLY A 29 -10.44 -29.53 -11.04
N SER A 30 -11.29 -30.38 -11.64
CA SER A 30 -12.02 -30.09 -12.85
C SER A 30 -13.43 -29.52 -12.62
N ILE A 31 -13.83 -29.27 -11.38
CA ILE A 31 -15.16 -28.77 -11.07
C ILE A 31 -15.38 -27.33 -11.56
N SER A 32 -16.41 -27.14 -12.37
CA SER A 32 -16.74 -25.82 -12.91
C SER A 32 -17.34 -24.90 -11.84
N SER A 33 -17.41 -23.60 -12.15
CA SER A 33 -17.99 -22.60 -11.26
C SER A 33 -19.46 -22.91 -10.97
N HIS A 34 -20.21 -23.37 -11.99
CA HIS A 34 -21.61 -23.74 -11.86
C HIS A 34 -21.80 -24.91 -10.88
N THR A 35 -21.00 -25.97 -11.03
CA THR A 35 -21.09 -27.15 -10.17
C THR A 35 -20.62 -26.84 -8.75
N MET A 36 -19.61 -25.97 -8.62
CA MET A 36 -19.09 -25.57 -7.32
C MET A 36 -20.17 -24.85 -6.53
N LYS A 37 -20.94 -23.96 -7.19
CA LYS A 37 -22.05 -23.23 -6.58
C LYS A 37 -23.16 -24.16 -6.11
N LYS A 38 -23.42 -25.26 -6.84
CA LYS A 38 -24.44 -26.25 -6.45
C LYS A 38 -23.98 -26.98 -5.19
N LEU A 39 -22.68 -27.30 -5.11
CA LEU A 39 -22.12 -27.98 -3.94
C LEU A 39 -22.18 -27.06 -2.72
N ILE A 40 -21.89 -25.76 -2.92
CA ILE A 40 -21.92 -24.74 -1.87
C ILE A 40 -23.36 -24.54 -1.37
N ALA A 41 -24.34 -24.59 -2.29
CA ALA A 41 -25.76 -24.43 -1.91
C ALA A 41 -26.21 -25.59 -0.99
N GLN A 42 -25.70 -26.81 -1.24
CA GLN A 42 -26.04 -27.99 -0.45
C GLN A 42 -25.39 -27.94 0.95
N LYS A 43 -24.22 -27.31 1.07
CA LYS A 43 -23.54 -27.21 2.37
C LYS A 43 -23.27 -25.75 2.72
N PRO A 44 -24.32 -24.96 3.08
CA PRO A 44 -24.07 -23.55 3.41
C PRO A 44 -23.35 -23.33 4.74
N ASP A 45 -23.45 -24.28 5.66
CA ASP A 45 -22.77 -24.22 6.97
C ASP A 45 -21.25 -24.22 6.89
N LEU A 46 -20.69 -24.68 5.75
CA LEU A 46 -19.24 -24.73 5.53
C LEU A 46 -18.59 -23.35 5.35
N LYS A 47 -19.41 -22.32 4.99
CA LYS A 47 -18.98 -20.93 4.80
C LYS A 47 -17.88 -20.80 3.71
N ILE A 48 -17.93 -21.67 2.70
CA ILE A 48 -16.96 -21.66 1.60
C ILE A 48 -17.44 -20.77 0.47
N HIS A 49 -16.55 -19.92 -0.07
CA HIS A 49 -16.89 -19.04 -1.18
C HIS A 49 -16.20 -19.53 -2.47
N ASP A 50 -16.79 -19.22 -3.65
CA ASP A 50 -16.25 -19.68 -4.94
C ASP A 50 -14.84 -19.13 -5.25
N GLN A 51 -14.47 -17.94 -4.74
CA GLN A 51 -13.13 -17.41 -4.99
C GLN A 51 -12.01 -18.16 -4.22
N MET A 52 -12.39 -18.98 -3.23
CA MET A 52 -11.43 -19.81 -2.50
C MET A 52 -11.03 -21.07 -3.30
N THR A 53 -11.77 -21.41 -4.37
CA THR A 53 -11.54 -22.60 -5.19
C THR A 53 -11.00 -22.31 -6.59
N VAL A 54 -10.89 -21.03 -7.00
CA VAL A 54 -10.41 -20.69 -8.34
C VAL A 54 -9.26 -19.66 -8.34
N ILE A 55 -8.29 -19.85 -9.26
CA ILE A 55 -7.20 -18.91 -9.52
C ILE A 55 -7.58 -18.23 -10.85
N ASP A 56 -8.01 -16.98 -10.78
CA ASP A 56 -8.46 -16.19 -11.93
C ASP A 56 -7.35 -15.87 -12.93
N LYS A 57 -7.74 -15.48 -14.17
CA LYS A 57 -6.81 -15.07 -15.22
C LYS A 57 -5.98 -13.87 -14.73
N GLY A 58 -4.68 -13.92 -14.95
CA GLY A 58 -3.79 -12.87 -14.50
C GLY A 58 -3.31 -13.02 -13.06
N LYS A 59 -3.87 -14.00 -12.33
CA LYS A 59 -3.45 -14.25 -10.96
C LYS A 59 -2.60 -15.52 -10.88
N LYS A 60 -1.67 -15.54 -9.93
CA LYS A 60 -0.78 -16.68 -9.70
C LYS A 60 -0.70 -16.99 -8.20
N ARG A 61 -0.55 -18.26 -7.87
CA ARG A 61 -0.40 -18.71 -6.50
C ARG A 61 0.80 -19.68 -6.41
N THR A 62 1.27 -19.99 -5.19
CA THR A 62 2.37 -20.94 -5.03
C THR A 62 1.80 -22.36 -5.19
N LEU A 63 2.68 -23.35 -5.39
CA LEU A 63 2.24 -24.74 -5.51
C LEU A 63 1.57 -25.21 -4.21
N GLU A 64 2.10 -24.78 -3.04
CA GLU A 64 1.54 -25.10 -1.73
C GLU A 64 0.13 -24.50 -1.60
N GLU A 65 -0.05 -23.26 -2.05
CA GLU A 65 -1.35 -22.59 -2.02
C GLU A 65 -2.39 -23.35 -2.86
N CYS A 66 -1.95 -23.96 -3.98
CA CYS A 66 -2.82 -24.74 -4.84
C CYS A 66 -3.30 -25.97 -4.10
N PHE A 67 -2.40 -26.66 -3.41
CA PHE A 67 -2.72 -27.85 -2.64
C PHE A 67 -3.72 -27.55 -1.53
N GLN A 68 -3.63 -26.37 -0.92
CA GLN A 68 -4.54 -25.93 0.13
C GLN A 68 -5.97 -25.74 -0.43
N MET A 69 -6.10 -25.29 -1.69
CA MET A 69 -7.40 -25.14 -2.31
C MET A 69 -8.12 -26.48 -2.49
N PHE A 70 -7.36 -27.56 -2.71
CA PHE A 70 -7.93 -28.90 -2.84
C PHE A 70 -8.52 -29.39 -1.53
N GLN A 71 -7.94 -28.98 -0.38
CA GLN A 71 -8.47 -29.31 0.94
C GLN A 71 -9.88 -28.71 1.09
N THR A 72 -10.09 -27.48 0.57
CA THR A 72 -11.38 -26.79 0.62
C THR A 72 -12.42 -27.52 -0.25
N ILE A 73 -12.03 -27.88 -1.49
CA ILE A 73 -12.91 -28.56 -2.42
C ILE A 73 -13.30 -29.94 -1.91
N HIS A 74 -12.36 -30.65 -1.29
CA HIS A 74 -12.63 -31.97 -0.73
C HIS A 74 -13.69 -31.96 0.38
N GLN A 75 -13.89 -30.82 1.04
CA GLN A 75 -14.92 -30.69 2.06
C GLN A 75 -16.33 -30.62 1.44
N LEU A 76 -16.44 -30.12 0.19
CA LEU A 76 -17.71 -30.03 -0.51
C LEU A 76 -18.14 -31.36 -1.14
N THR A 77 -17.17 -32.19 -1.54
CA THR A 77 -17.49 -33.49 -2.17
C THR A 77 -17.28 -34.59 -1.15
N SER A 78 -18.16 -34.68 -0.16
CA SER A 78 -18.04 -35.64 0.93
C SER A 78 -18.93 -36.89 0.86
N SER A 79 -19.89 -36.93 -0.08
CA SER A 79 -20.77 -38.09 -0.19
C SER A 79 -20.77 -38.71 -1.59
N PRO A 80 -21.16 -40.00 -1.73
CA PRO A 80 -21.20 -40.62 -3.08
C PRO A 80 -22.08 -39.87 -4.08
N GLU A 81 -23.13 -39.18 -3.60
CA GLU A 81 -24.02 -38.40 -4.45
C GLU A 81 -23.30 -37.17 -5.00
N ASP A 82 -22.40 -36.56 -4.21
CA ASP A 82 -21.60 -35.41 -4.63
C ASP A 82 -20.62 -35.84 -5.72
N ILE A 83 -19.98 -37.02 -5.54
CA ILE A 83 -19.03 -37.58 -6.50
C ILE A 83 -19.73 -37.94 -7.80
N LEU A 84 -20.96 -38.47 -7.71
CA LEU A 84 -21.75 -38.81 -8.89
C LEU A 84 -22.11 -37.54 -9.67
N MET A 85 -22.58 -36.50 -8.99
CA MET A 85 -22.93 -35.25 -9.64
C MET A 85 -21.72 -34.58 -10.27
N VAL A 86 -20.58 -34.56 -9.55
CA VAL A 86 -19.36 -33.96 -10.04
C VAL A 86 -18.88 -34.70 -11.30
N THR A 87 -18.86 -36.04 -11.26
CA THR A 87 -18.46 -36.86 -12.42
C THR A 87 -19.30 -36.55 -13.65
N LYS A 88 -20.64 -36.52 -13.51
CA LYS A 88 -21.51 -36.23 -14.63
C LYS A 88 -21.31 -34.84 -15.19
N ASP A 89 -21.17 -33.84 -14.32
CA ASP A 89 -20.99 -32.45 -14.77
C ASP A 89 -19.65 -32.27 -15.48
N VAL A 90 -18.57 -32.81 -14.92
CA VAL A 90 -17.24 -32.73 -15.51
C VAL A 90 -17.22 -33.39 -16.89
N ILE A 91 -17.86 -34.57 -17.04
CA ILE A 91 -17.90 -35.30 -18.30
C ILE A 91 -18.63 -34.46 -19.35
N LYS A 92 -19.77 -33.86 -18.97
CA LYS A 92 -20.53 -33.03 -19.91
C LYS A 92 -19.72 -31.80 -20.33
N GLU A 93 -19.06 -31.14 -19.39
CA GLU A 93 -18.24 -29.96 -19.70
C GLU A 93 -17.07 -30.27 -20.66
N PHE A 94 -16.41 -31.43 -20.49
CA PHE A 94 -15.34 -31.83 -21.39
C PHE A 94 -15.92 -32.17 -22.77
N ALA A 95 -17.04 -32.90 -22.83
CA ALA A 95 -17.67 -33.26 -24.11
C ALA A 95 -18.13 -32.03 -24.87
N ASP A 96 -18.71 -31.04 -24.17
CA ASP A 96 -19.14 -29.77 -24.79
C ASP A 96 -17.97 -28.97 -25.36
N ASP A 97 -16.77 -29.16 -24.80
CA ASP A 97 -15.55 -28.52 -25.26
C ASP A 97 -14.88 -29.26 -26.44
N GLY A 98 -15.46 -30.35 -26.92
CA GLY A 98 -14.91 -31.09 -28.04
C GLY A 98 -14.00 -32.24 -27.66
N VAL A 99 -13.97 -32.63 -26.39
CA VAL A 99 -13.16 -33.76 -25.95
C VAL A 99 -13.91 -35.06 -26.26
N LYS A 100 -13.26 -35.96 -27.01
CA LYS A 100 -13.87 -37.22 -27.44
C LYS A 100 -13.43 -38.43 -26.62
N TYR A 101 -12.33 -38.31 -25.91
CA TYR A 101 -11.80 -39.38 -25.08
C TYR A 101 -11.21 -38.72 -23.84
N LEU A 102 -11.63 -39.16 -22.65
CA LEU A 102 -11.20 -38.56 -21.40
C LEU A 102 -10.73 -39.60 -20.41
N GLU A 103 -9.56 -39.42 -19.84
CA GLU A 103 -9.08 -40.29 -18.77
C GLU A 103 -9.09 -39.45 -17.50
N LEU A 104 -10.09 -39.68 -16.63
CA LEU A 104 -10.22 -38.97 -15.37
C LEU A 104 -9.32 -39.59 -14.33
N ARG A 105 -8.77 -38.75 -13.47
CA ARG A 105 -7.84 -39.04 -12.40
C ARG A 105 -8.53 -38.67 -11.10
N SER A 106 -8.54 -39.55 -10.07
CA SER A 106 -9.12 -39.17 -8.78
C SER A 106 -8.68 -40.08 -7.66
N THR A 107 -8.37 -39.50 -6.51
CA THR A 107 -7.94 -40.24 -5.33
C THR A 107 -9.17 -40.67 -4.56
N PRO A 108 -9.39 -41.99 -4.42
CA PRO A 108 -10.54 -42.47 -3.64
C PRO A 108 -10.43 -42.12 -2.15
N ARG A 109 -11.55 -41.72 -1.53
CA ARG A 109 -11.58 -41.32 -0.13
C ARG A 109 -12.74 -41.93 0.60
N ARG A 110 -12.50 -42.21 1.89
CA ARG A 110 -13.53 -42.62 2.81
C ARG A 110 -14.09 -41.33 3.44
N GLU A 111 -15.32 -41.40 3.93
CA GLU A 111 -16.00 -40.36 4.69
C GLU A 111 -17.03 -41.06 5.56
N ASN A 112 -16.67 -41.34 6.82
CA ASN A 112 -17.52 -42.05 7.77
C ASN A 112 -18.81 -41.29 8.07
N ALA A 113 -18.76 -39.95 8.05
CA ALA A 113 -19.94 -39.10 8.30
C ALA A 113 -21.05 -39.34 7.26
N THR A 114 -20.66 -39.65 6.02
CA THR A 114 -21.64 -39.93 4.97
C THR A 114 -21.76 -41.43 4.62
N GLY A 115 -20.92 -42.28 5.19
CA GLY A 115 -20.90 -43.69 4.89
C GLY A 115 -20.09 -44.05 3.66
N MET A 116 -19.44 -43.05 3.00
CA MET A 116 -18.63 -43.28 1.80
C MET A 116 -17.35 -44.03 2.10
N THR A 117 -17.01 -44.99 1.26
CA THR A 117 -15.77 -45.76 1.35
C THR A 117 -14.94 -45.50 0.08
N LYS A 118 -13.65 -45.90 0.07
CA LYS A 118 -12.81 -45.74 -1.11
C LYS A 118 -13.42 -46.53 -2.29
N LYS A 119 -14.05 -47.70 -1.99
CA LYS A 119 -14.72 -48.54 -2.97
C LYS A 119 -15.98 -47.87 -3.50
N THR A 120 -16.81 -47.25 -2.61
CA THR A 120 -18.02 -46.58 -3.11
C THR A 120 -17.70 -45.21 -3.74
N TYR A 121 -16.50 -44.64 -3.47
CA TYR A 121 -16.04 -43.43 -4.13
C TYR A 121 -15.80 -43.80 -5.62
N VAL A 122 -15.07 -44.91 -5.86
CA VAL A 122 -14.79 -45.40 -7.20
C VAL A 122 -16.09 -45.79 -7.91
N GLU A 123 -17.01 -46.44 -7.18
CA GLU A 123 -18.29 -46.85 -7.77
C GLU A 123 -19.15 -45.66 -8.20
N SER A 124 -19.03 -44.51 -7.50
CA SER A 124 -19.76 -43.29 -7.85
C SER A 124 -19.23 -42.72 -9.16
N ILE A 125 -17.89 -42.81 -9.37
CA ILE A 125 -17.28 -42.35 -10.61
C ILE A 125 -17.73 -43.27 -11.74
N LEU A 126 -17.68 -44.59 -11.52
CA LEU A 126 -18.13 -45.54 -12.55
C LEU A 126 -19.61 -45.37 -12.89
N GLU A 127 -20.42 -44.99 -11.90
CA GLU A 127 -21.84 -44.75 -12.11
C GLU A 127 -22.04 -43.48 -12.95
N GLY A 128 -21.22 -42.45 -12.72
CA GLY A 128 -21.26 -41.21 -13.49
C GLY A 128 -20.87 -41.43 -14.95
N ILE A 129 -19.93 -42.35 -15.18
CA ILE A 129 -19.49 -42.73 -16.53
C ILE A 129 -20.62 -43.50 -17.22
N LYS A 130 -21.28 -44.43 -16.48
CA LYS A 130 -22.39 -45.23 -17.00
C LYS A 130 -23.58 -44.35 -17.37
N GLN A 131 -23.96 -43.41 -16.50
CA GLN A 131 -25.08 -42.49 -16.76
C GLN A 131 -24.79 -41.55 -17.92
N SER A 132 -23.50 -41.17 -18.12
CA SER A 132 -23.09 -40.32 -19.24
C SER A 132 -23.21 -41.07 -20.59
N LYS A 133 -23.01 -42.39 -20.59
CA LYS A 133 -23.17 -43.23 -21.77
C LYS A 133 -24.65 -43.33 -22.14
N GLN A 134 -25.52 -43.47 -21.11
CA GLN A 134 -26.97 -43.52 -21.28
C GLN A 134 -27.51 -42.22 -21.91
N GLU A 135 -26.81 -41.09 -21.73
CA GLU A 135 -27.19 -39.82 -22.31
C GLU A 135 -26.63 -39.61 -23.74
N ASN A 136 -25.92 -40.61 -24.29
CA ASN A 136 -25.32 -40.62 -25.62
C ASN A 136 -24.38 -39.44 -25.87
N LEU A 137 -23.57 -39.10 -24.87
CA LEU A 137 -22.60 -38.01 -25.01
C LEU A 137 -21.47 -38.47 -25.93
N ASP A 138 -20.95 -37.59 -26.81
CA ASP A 138 -19.85 -38.00 -27.69
C ASP A 138 -18.50 -37.95 -27.00
N ILE A 139 -18.32 -38.79 -25.96
CA ILE A 139 -17.09 -38.84 -25.19
C ILE A 139 -16.91 -40.23 -24.58
N ASP A 140 -15.71 -40.80 -24.70
CA ASP A 140 -15.36 -42.10 -24.14
C ASP A 140 -14.57 -41.80 -22.86
N VAL A 141 -15.17 -42.05 -21.69
CA VAL A 141 -14.56 -41.74 -20.40
C VAL A 141 -13.98 -42.98 -19.71
N ARG A 142 -12.72 -42.89 -19.27
CA ARG A 142 -11.99 -43.93 -18.54
C ARG A 142 -11.51 -43.35 -17.19
N TYR A 143 -11.13 -44.20 -16.24
CA TYR A 143 -10.72 -43.77 -14.92
C TYR A 143 -9.39 -44.37 -14.49
N LEU A 144 -8.51 -43.52 -13.92
CA LEU A 144 -7.21 -43.89 -13.39
C LEU A 144 -7.32 -43.62 -11.91
N ILE A 145 -7.03 -44.61 -11.10
CA ILE A 145 -7.10 -44.44 -9.65
C ILE A 145 -5.85 -43.73 -9.16
N ALA A 146 -6.02 -42.59 -8.49
CA ALA A 146 -4.89 -41.82 -8.02
C ALA A 146 -4.47 -42.12 -6.59
N VAL A 147 -3.18 -42.27 -6.40
CA VAL A 147 -2.56 -42.46 -5.11
C VAL A 147 -1.99 -41.11 -4.70
N ASP A 148 -2.39 -40.60 -3.52
CA ASP A 148 -1.89 -39.33 -3.02
C ASP A 148 -0.69 -39.62 -2.14
N ARG A 149 0.41 -38.88 -2.36
CA ARG A 149 1.62 -39.04 -1.55
C ARG A 149 1.35 -38.79 -0.05
N ARG A 150 0.44 -37.87 0.27
CA ARG A 150 0.04 -37.55 1.64
C ARG A 150 -0.64 -38.69 2.39
N GLY A 151 -1.29 -39.60 1.65
CA GLY A 151 -1.98 -40.73 2.25
C GLY A 151 -1.06 -41.74 2.89
N GLY A 152 0.19 -41.79 2.44
CA GLY A 152 1.16 -42.72 2.98
C GLY A 152 1.24 -44.02 2.23
N PRO A 153 2.23 -44.85 2.56
CA PRO A 153 2.40 -46.13 1.84
C PRO A 153 1.38 -47.22 2.17
N LEU A 154 0.71 -47.15 3.34
CA LEU A 154 -0.29 -48.16 3.68
C LEU A 154 -1.59 -47.90 2.93
N VAL A 155 -2.02 -46.63 2.87
CA VAL A 155 -3.21 -46.28 2.10
C VAL A 155 -2.96 -46.55 0.60
N ALA A 156 -1.71 -46.35 0.13
CA ALA A 156 -1.29 -46.64 -1.24
C ALA A 156 -1.48 -48.13 -1.57
N LYS A 157 -1.13 -49.04 -0.63
CA LYS A 157 -1.30 -50.48 -0.83
C LYS A 157 -2.78 -50.84 -0.94
N GLU A 158 -3.62 -50.20 -0.13
CA GLU A 158 -5.07 -50.43 -0.15
C GLU A 158 -5.66 -49.95 -1.47
N THR A 159 -5.24 -48.76 -1.91
CA THR A 159 -5.67 -48.13 -3.16
C THR A 159 -5.25 -48.95 -4.37
N VAL A 160 -4.03 -49.51 -4.36
CA VAL A 160 -3.53 -50.35 -5.44
C VAL A 160 -4.33 -51.66 -5.50
N LYS A 161 -4.62 -52.27 -4.34
CA LYS A 161 -5.43 -53.49 -4.29
C LYS A 161 -6.82 -53.23 -4.86
N LEU A 162 -7.41 -52.09 -4.49
CA LEU A 162 -8.72 -51.68 -4.96
C LEU A 162 -8.69 -51.46 -6.48
N ALA A 163 -7.64 -50.82 -6.99
CA ALA A 163 -7.46 -50.57 -8.42
C ALA A 163 -7.28 -51.84 -9.21
N GLU A 164 -6.59 -52.84 -8.64
CA GLU A 164 -6.39 -54.13 -9.29
C GLU A 164 -7.71 -54.87 -9.48
N GLU A 165 -8.61 -54.73 -8.51
CA GLU A 165 -9.93 -55.34 -8.55
C GLU A 165 -10.81 -54.68 -9.60
N PHE A 166 -10.81 -53.35 -9.68
CA PHE A 166 -11.61 -52.63 -10.67
C PHE A 166 -11.02 -52.73 -12.07
N PHE A 167 -9.70 -52.93 -12.19
CA PHE A 167 -9.03 -53.10 -13.48
C PHE A 167 -9.59 -54.35 -14.16
N LEU A 168 -9.76 -55.44 -13.39
CA LEU A 168 -10.29 -56.68 -13.94
C LEU A 168 -11.77 -56.66 -14.10
N SER A 169 -12.53 -56.19 -13.09
CA SER A 169 -13.98 -56.23 -13.17
C SER A 169 -14.61 -55.24 -14.18
N THR A 170 -14.01 -54.06 -14.39
CA THR A 170 -14.60 -53.06 -15.29
C THR A 170 -14.35 -53.30 -16.79
N GLU A 171 -13.41 -54.20 -17.12
CA GLU A 171 -13.08 -54.55 -18.51
C GLU A 171 -12.85 -53.33 -19.41
N GLY A 172 -11.97 -52.42 -18.99
CA GLY A 172 -11.65 -51.26 -19.81
C GLY A 172 -11.99 -49.89 -19.26
N THR A 173 -12.90 -49.78 -18.27
CA THR A 173 -13.22 -48.46 -17.72
C THR A 173 -12.08 -47.98 -16.84
N VAL A 174 -11.63 -48.83 -15.92
CA VAL A 174 -10.49 -48.50 -15.08
C VAL A 174 -9.24 -49.02 -15.81
N LEU A 175 -8.31 -48.10 -16.17
CA LEU A 175 -7.18 -48.48 -17.00
C LEU A 175 -5.82 -48.38 -16.34
N GLY A 176 -5.73 -47.64 -15.25
CA GLY A 176 -4.44 -47.45 -14.62
C GLY A 176 -4.42 -46.86 -13.24
N LEU A 177 -3.25 -46.40 -12.89
CA LEU A 177 -2.94 -45.84 -11.60
C LEU A 177 -2.12 -44.57 -11.78
N ASP A 178 -2.33 -43.60 -10.91
CA ASP A 178 -1.57 -42.36 -10.90
C ASP A 178 -0.90 -42.15 -9.52
N LEU A 179 0.22 -41.42 -9.48
CA LEU A 179 0.87 -41.05 -8.24
C LEU A 179 0.89 -39.52 -8.26
N SER A 180 0.07 -38.89 -7.41
CA SER A 180 -0.03 -37.43 -7.38
C SER A 180 -0.01 -36.90 -5.93
N GLY A 181 -0.46 -35.67 -5.73
CA GLY A 181 -0.38 -35.03 -4.42
C GLY A 181 0.95 -34.32 -4.25
N ASP A 182 1.16 -33.75 -3.06
CA ASP A 182 2.35 -33.00 -2.72
C ASP A 182 3.65 -33.74 -2.99
N PRO A 183 4.47 -33.25 -3.94
CA PRO A 183 5.75 -33.91 -4.23
C PRO A 183 6.81 -33.79 -3.12
N THR A 184 6.59 -32.88 -2.15
CA THR A 184 7.50 -32.73 -1.01
C THR A 184 7.18 -33.71 0.13
N VAL A 185 6.00 -34.35 0.09
CA VAL A 185 5.58 -35.29 1.12
C VAL A 185 5.97 -36.72 0.74
N GLY A 186 6.58 -37.42 1.68
CA GLY A 186 6.99 -38.80 1.47
C GLY A 186 8.22 -39.00 0.63
N GLN A 187 8.61 -40.26 0.49
CA GLN A 187 9.75 -40.66 -0.30
C GLN A 187 9.31 -41.62 -1.40
N ALA A 188 9.98 -41.59 -2.53
CA ALA A 188 9.67 -42.44 -3.68
C ALA A 188 9.74 -43.92 -3.33
N LYS A 189 10.75 -44.30 -2.51
CA LYS A 189 10.93 -45.68 -2.08
C LYS A 189 9.74 -46.24 -1.34
N ASP A 190 8.96 -45.37 -0.66
CA ASP A 190 7.75 -45.79 0.06
C ASP A 190 6.64 -46.28 -0.89
N PHE A 191 6.65 -45.84 -2.14
CA PHE A 191 5.62 -46.20 -3.10
C PHE A 191 6.07 -47.21 -4.16
N LEU A 192 7.34 -47.60 -4.19
CA LEU A 192 7.84 -48.56 -5.18
C LEU A 192 7.11 -49.90 -5.17
N GLU A 193 6.93 -50.53 -4.00
CA GLU A 193 6.25 -51.81 -3.90
C GLU A 193 4.81 -51.76 -4.44
N PRO A 194 3.90 -50.88 -3.94
CA PRO A 194 2.53 -50.88 -4.50
C PRO A 194 2.47 -50.51 -5.99
N LEU A 195 3.35 -49.61 -6.46
CA LEU A 195 3.36 -49.25 -7.87
C LEU A 195 3.85 -50.39 -8.74
N LEU A 196 4.85 -51.15 -8.27
CA LEU A 196 5.35 -52.31 -9.01
C LEU A 196 4.30 -53.41 -9.07
N GLU A 197 3.55 -53.59 -7.96
CA GLU A 197 2.45 -54.54 -7.83
C GLU A 197 1.40 -54.24 -8.91
N ALA A 198 1.01 -52.95 -9.05
CA ALA A 198 0.03 -52.50 -10.03
C ALA A 198 0.56 -52.71 -11.43
N LYS A 199 1.84 -52.42 -11.67
CA LYS A 199 2.49 -52.61 -12.96
C LYS A 199 2.47 -54.10 -13.37
N LYS A 200 2.72 -54.98 -12.42
CA LYS A 200 2.73 -56.42 -12.65
C LYS A 200 1.31 -56.96 -12.95
N ALA A 201 0.29 -56.39 -12.29
CA ALA A 201 -1.11 -56.77 -12.54
C ALA A 201 -1.61 -56.37 -13.95
N GLY A 202 -0.91 -55.44 -14.61
CA GLY A 202 -1.27 -54.99 -15.95
C GLY A 202 -1.74 -53.55 -16.02
N LEU A 203 -1.83 -52.88 -14.87
CA LEU A 203 -2.27 -51.48 -14.82
C LEU A 203 -1.22 -50.58 -15.51
N LYS A 204 -1.67 -49.51 -16.15
CA LYS A 204 -0.74 -48.54 -16.74
C LYS A 204 -0.42 -47.49 -15.68
N LEU A 205 0.80 -46.97 -15.67
CA LEU A 205 1.17 -45.96 -14.69
C LEU A 205 1.31 -44.59 -15.28
N ALA A 206 0.66 -43.60 -14.70
CA ALA A 206 0.85 -42.22 -15.10
C ALA A 206 1.41 -41.53 -13.83
N LEU A 207 2.72 -41.22 -13.81
CA LEU A 207 3.32 -40.63 -12.60
C LEU A 207 3.66 -39.17 -12.76
N HIS A 208 3.30 -38.33 -11.77
CA HIS A 208 3.68 -36.92 -11.76
C HIS A 208 5.17 -36.90 -11.41
N LEU A 209 6.04 -36.36 -12.28
CA LEU A 209 7.48 -36.33 -12.04
C LEU A 209 8.06 -34.96 -12.32
N SER A 210 9.16 -34.63 -11.62
CA SER A 210 9.90 -33.40 -11.84
C SER A 210 9.07 -32.13 -11.81
N GLU A 211 8.08 -32.06 -10.90
CA GLU A 211 7.24 -30.88 -10.78
C GLU A 211 7.96 -29.72 -10.09
N ILE A 212 8.88 -30.02 -9.20
CA ILE A 212 9.65 -29.03 -8.47
C ILE A 212 11.14 -29.31 -8.63
N PRO A 213 11.99 -28.30 -8.45
CA PRO A 213 13.43 -28.53 -8.59
C PRO A 213 14.06 -29.30 -7.42
N ASN A 214 15.31 -29.73 -7.62
CA ASN A 214 16.21 -30.42 -6.70
C ASN A 214 15.67 -31.75 -6.18
N GLN A 215 15.05 -32.54 -7.03
CA GLN A 215 14.51 -33.86 -6.66
C GLN A 215 15.02 -34.94 -7.63
N LYS A 216 16.26 -34.80 -8.14
CA LYS A 216 16.83 -35.71 -9.14
C LYS A 216 16.84 -37.18 -8.74
N LYS A 217 17.36 -37.53 -7.55
CA LYS A 217 17.41 -38.90 -7.06
C LYS A 217 16.03 -39.51 -6.96
N GLU A 218 15.06 -38.75 -6.45
CA GLU A 218 13.67 -39.19 -6.32
C GLU A 218 13.06 -39.48 -7.70
N THR A 219 13.39 -38.64 -8.69
CA THR A 219 12.90 -38.78 -10.05
C THR A 219 13.51 -40.03 -10.70
N GLN A 220 14.81 -40.30 -10.48
CA GLN A 220 15.41 -41.51 -11.05
C GLN A 220 14.79 -42.76 -10.48
N ILE A 221 14.40 -42.75 -9.18
CA ILE A 221 13.75 -43.88 -8.54
C ILE A 221 12.40 -44.20 -9.19
N LEU A 222 11.56 -43.19 -9.39
CA LEU A 222 10.25 -43.39 -10.01
C LEU A 222 10.35 -43.66 -11.54
N LEU A 223 11.38 -43.12 -12.20
CA LEU A 223 11.60 -43.38 -13.61
C LEU A 223 11.98 -44.85 -13.83
N ASP A 224 12.65 -45.48 -12.85
CA ASP A 224 13.00 -46.90 -12.92
C ASP A 224 11.77 -47.81 -12.96
N LEU A 225 10.60 -47.33 -12.51
CA LEU A 225 9.35 -48.06 -12.64
C LEU A 225 8.86 -48.11 -14.09
N LEU A 226 9.49 -47.36 -15.01
CA LEU A 226 9.10 -47.22 -16.40
C LEU A 226 7.64 -46.81 -16.54
N PRO A 227 7.29 -45.58 -16.12
CA PRO A 227 5.89 -45.15 -16.24
C PRO A 227 5.43 -45.11 -17.69
N ASP A 228 4.16 -45.32 -17.91
CA ASP A 228 3.59 -45.29 -19.26
C ASP A 228 3.38 -43.85 -19.78
N ARG A 229 3.23 -42.89 -18.86
CA ARG A 229 3.11 -41.46 -19.13
C ARG A 229 3.68 -40.72 -17.91
N ILE A 230 4.29 -39.57 -18.15
CA ILE A 230 4.85 -38.74 -17.08
C ILE A 230 4.03 -37.46 -17.05
N GLY A 231 3.63 -37.04 -15.86
CA GLY A 231 2.90 -35.80 -15.67
C GLY A 231 3.90 -34.70 -15.45
N HIS A 232 3.81 -33.62 -16.23
CA HIS A 232 4.66 -32.44 -16.14
C HIS A 232 6.09 -32.64 -16.65
N GLY A 233 6.97 -33.20 -15.83
CA GLY A 233 8.37 -33.39 -16.18
C GLY A 233 9.08 -32.05 -16.32
N THR A 234 8.60 -31.03 -15.62
CA THR A 234 9.03 -29.64 -15.67
C THR A 234 10.54 -29.44 -15.55
N PHE A 235 11.15 -30.12 -14.58
CA PHE A 235 12.57 -29.95 -14.30
C PHE A 235 13.45 -31.10 -14.79
N LEU A 236 12.96 -31.97 -15.68
CA LEU A 236 13.75 -33.09 -16.21
C LEU A 236 15.04 -32.62 -16.90
N ASN A 237 14.97 -31.47 -17.59
CA ASN A 237 16.13 -30.89 -18.29
C ASN A 237 16.84 -29.77 -17.52
N SER A 238 16.36 -29.43 -16.32
CA SER A 238 16.91 -28.36 -15.52
C SER A 238 18.14 -28.85 -14.77
N GLY A 239 19.16 -28.01 -14.63
CA GLY A 239 20.35 -28.36 -13.88
C GLY A 239 20.07 -28.62 -12.41
N GLU A 240 18.99 -27.99 -11.88
CA GLU A 240 18.53 -28.14 -10.50
C GLU A 240 17.40 -29.19 -10.43
N GLY A 241 17.77 -30.46 -10.35
CA GLY A 241 16.79 -31.54 -10.25
C GLY A 241 16.66 -32.45 -11.47
N GLY A 242 17.38 -32.12 -12.52
CA GLY A 242 17.37 -32.93 -13.73
C GLY A 242 18.76 -33.04 -14.33
N SER A 243 18.86 -33.81 -15.41
CA SER A 243 20.15 -34.00 -16.07
C SER A 243 19.98 -34.50 -17.52
N LEU A 244 21.09 -34.53 -18.29
CA LEU A 244 21.12 -35.12 -19.64
C LEU A 244 20.71 -36.60 -19.56
N ASP A 245 21.07 -37.29 -18.46
CA ASP A 245 20.73 -38.67 -18.19
C ASP A 245 19.21 -38.86 -18.06
N LEU A 246 18.51 -37.93 -17.36
CA LEU A 246 17.06 -38.04 -17.19
C LEU A 246 16.34 -37.79 -18.52
N VAL A 247 16.79 -36.79 -19.28
CA VAL A 247 16.23 -36.48 -20.59
C VAL A 247 16.44 -37.64 -21.54
N ASP A 248 17.65 -38.20 -21.54
CA ASP A 248 18.02 -39.34 -22.35
C ASP A 248 17.21 -40.56 -22.02
N PHE A 249 16.96 -40.82 -20.73
CA PHE A 249 16.16 -41.96 -20.30
C PHE A 249 14.73 -41.82 -20.85
N VAL A 250 14.12 -40.63 -20.69
CA VAL A 250 12.76 -40.35 -21.18
C VAL A 250 12.69 -40.44 -22.71
N ARG A 251 13.76 -40.01 -23.39
CA ARG A 251 13.88 -40.08 -24.84
C ARG A 251 14.02 -41.50 -25.34
N GLN A 252 14.96 -42.30 -24.80
CA GLN A 252 15.18 -43.69 -25.21
C GLN A 252 13.93 -44.56 -24.98
N HIS A 253 13.22 -44.31 -23.88
CA HIS A 253 12.03 -45.08 -23.56
C HIS A 253 10.75 -44.48 -24.15
N ARG A 254 10.84 -43.36 -24.88
CA ARG A 254 9.74 -42.66 -25.53
C ARG A 254 8.54 -42.49 -24.62
N ILE A 255 8.77 -41.99 -23.41
CA ILE A 255 7.70 -41.81 -22.45
C ILE A 255 6.91 -40.53 -22.73
N PRO A 256 5.62 -40.63 -23.09
CA PRO A 256 4.83 -39.43 -23.35
C PRO A 256 4.75 -38.50 -22.12
N LEU A 257 4.83 -37.17 -22.36
CA LEU A 257 4.73 -36.15 -21.33
C LEU A 257 3.33 -35.53 -21.37
N GLU A 258 2.66 -35.42 -20.22
CA GLU A 258 1.36 -34.77 -20.12
C GLU A 258 1.72 -33.35 -19.72
N LEU A 259 1.62 -32.40 -20.67
CA LEU A 259 2.03 -31.02 -20.44
C LEU A 259 0.82 -30.13 -20.10
N CYS A 260 0.87 -29.48 -18.96
CA CYS A 260 -0.21 -28.62 -18.46
C CYS A 260 0.32 -27.18 -18.35
N LEU A 261 0.10 -26.39 -19.40
CA LEU A 261 0.60 -25.03 -19.51
C LEU A 261 0.06 -24.06 -18.46
N THR A 262 -1.26 -23.87 -18.35
CA THR A 262 -1.84 -22.92 -17.38
C THR A 262 -1.56 -23.35 -15.94
N SER A 263 -1.58 -24.65 -15.69
CA SER A 263 -1.29 -25.22 -14.40
C SER A 263 0.13 -24.82 -13.94
N ASN A 264 1.15 -24.94 -14.82
CA ASN A 264 2.51 -24.56 -14.43
C ASN A 264 2.69 -23.06 -14.29
N VAL A 265 2.01 -22.28 -15.12
CA VAL A 265 2.12 -20.82 -15.03
C VAL A 265 1.41 -20.28 -13.77
N LYS A 266 0.18 -20.70 -13.51
CA LYS A 266 -0.58 -20.24 -12.33
C LYS A 266 -0.05 -20.78 -11.02
N SER A 267 0.65 -21.92 -11.02
CA SER A 267 1.28 -22.42 -9.81
C SER A 267 2.77 -21.99 -9.70
N GLN A 268 3.23 -21.12 -10.61
CA GLN A 268 4.56 -20.51 -10.66
C GLN A 268 5.72 -21.50 -10.78
N THR A 269 5.49 -22.69 -11.32
CA THR A 269 6.61 -23.63 -11.55
C THR A 269 7.33 -23.35 -12.88
N VAL A 270 6.79 -22.41 -13.69
CA VAL A 270 7.27 -21.93 -14.98
C VAL A 270 6.99 -20.39 -14.99
N PRO A 271 7.95 -19.55 -15.41
CA PRO A 271 7.73 -18.09 -15.32
C PRO A 271 6.74 -17.49 -16.29
N SER A 272 6.59 -18.09 -17.45
CA SER A 272 5.69 -17.59 -18.49
C SER A 272 5.30 -18.73 -19.43
N TYR A 273 4.24 -18.56 -20.24
CA TYR A 273 3.86 -19.55 -21.25
C TYR A 273 5.01 -19.74 -22.25
N ASP A 274 5.66 -18.63 -22.61
CA ASP A 274 6.79 -18.58 -23.55
C ASP A 274 7.97 -19.41 -23.10
N GLN A 275 8.17 -19.52 -21.78
CA GLN A 275 9.30 -20.29 -21.24
C GLN A 275 8.92 -21.67 -20.76
N HIS A 276 7.69 -22.14 -21.06
CA HIS A 276 7.24 -23.47 -20.67
C HIS A 276 8.05 -24.50 -21.45
N HIS A 277 8.36 -25.63 -20.82
CA HIS A 277 9.15 -26.70 -21.44
C HIS A 277 8.46 -27.40 -22.62
N PHE A 278 7.24 -26.97 -23.01
CA PHE A 278 6.56 -27.53 -24.20
C PHE A 278 7.46 -27.34 -25.44
N GLY A 279 8.03 -26.14 -25.61
CA GLY A 279 8.87 -25.82 -26.75
C GLY A 279 10.10 -26.71 -26.83
N PHE A 280 10.72 -26.99 -25.68
CA PHE A 280 11.87 -27.89 -25.61
C PHE A 280 11.53 -29.32 -26.14
N TRP A 281 10.44 -29.92 -25.64
CA TRP A 281 10.06 -31.27 -26.05
C TRP A 281 9.46 -31.33 -27.45
N TYR A 282 8.76 -30.27 -27.86
CA TYR A 282 8.19 -30.17 -29.18
C TYR A 282 9.31 -30.07 -30.21
N SER A 283 10.44 -29.38 -29.90
CA SER A 283 11.56 -29.24 -30.83
C SER A 283 12.21 -30.56 -31.23
N ILE A 284 12.10 -31.59 -30.42
CA ILE A 284 12.66 -32.91 -30.71
C ILE A 284 11.57 -33.94 -31.00
N ALA A 285 10.33 -33.48 -31.34
CA ALA A 285 9.17 -34.28 -31.65
C ALA A 285 8.94 -35.38 -30.61
N HIS A 286 9.17 -35.08 -29.33
CA HIS A 286 8.98 -36.04 -28.28
C HIS A 286 7.48 -36.18 -27.95
N PRO A 287 6.96 -37.42 -27.74
CA PRO A 287 5.52 -37.58 -27.42
C PRO A 287 4.99 -36.68 -26.30
N SER A 288 4.09 -35.77 -26.65
CA SER A 288 3.53 -34.83 -25.68
C SER A 288 2.05 -34.66 -25.86
N VAL A 289 1.31 -34.47 -24.78
CA VAL A 289 -0.12 -34.27 -24.85
C VAL A 289 -0.48 -33.02 -24.05
N ILE A 290 -1.22 -32.09 -24.63
CA ILE A 290 -1.67 -30.88 -23.96
C ILE A 290 -2.84 -31.26 -23.04
N CYS A 291 -2.73 -30.94 -21.76
CA CYS A 291 -3.73 -31.30 -20.77
C CYS A 291 -4.20 -30.08 -19.95
N THR A 292 -5.35 -30.20 -19.27
CA THR A 292 -5.83 -29.11 -18.42
C THR A 292 -5.29 -29.22 -16.99
N ASP A 293 -5.09 -30.44 -16.49
CA ASP A 293 -4.68 -30.71 -15.10
C ASP A 293 -5.88 -30.53 -14.14
N ASP A 294 -6.27 -29.28 -13.89
CA ASP A 294 -7.36 -28.91 -13.00
C ASP A 294 -8.04 -27.71 -13.67
N LYS A 295 -8.96 -27.99 -14.61
CA LYS A 295 -9.63 -26.95 -15.39
C LYS A 295 -10.47 -25.98 -14.54
N GLY A 296 -10.95 -26.42 -13.38
CA GLY A 296 -11.74 -25.56 -12.51
C GLY A 296 -10.86 -24.65 -11.67
N VAL A 297 -9.86 -25.22 -10.99
CA VAL A 297 -8.93 -24.47 -10.16
C VAL A 297 -8.15 -23.47 -11.00
N PHE A 298 -7.72 -23.89 -12.20
CA PHE A 298 -6.95 -23.02 -13.07
C PHE A 298 -7.79 -22.22 -14.07
N ALA A 299 -9.14 -22.28 -13.96
CA ALA A 299 -10.08 -21.52 -14.78
C ALA A 299 -9.76 -21.60 -16.29
N THR A 300 -9.73 -22.83 -16.81
CA THR A 300 -9.39 -23.06 -18.20
C THR A 300 -10.25 -24.17 -18.82
N HIS A 301 -10.09 -24.42 -20.13
CA HIS A 301 -10.70 -25.47 -20.90
C HIS A 301 -9.61 -26.08 -21.75
N LEU A 302 -9.77 -27.33 -22.19
CA LEU A 302 -8.76 -27.95 -23.04
C LEU A 302 -8.58 -27.20 -24.38
N SER A 303 -9.66 -26.61 -24.92
CA SER A 303 -9.58 -25.80 -26.12
C SER A 303 -8.71 -24.56 -25.90
N GLN A 304 -8.81 -23.96 -24.71
CA GLN A 304 -8.04 -22.79 -24.32
C GLN A 304 -6.57 -23.12 -24.15
N GLU A 305 -6.25 -24.32 -23.66
CA GLU A 305 -4.88 -24.80 -23.52
C GLU A 305 -4.25 -24.98 -24.90
N TYR A 306 -5.01 -25.52 -25.87
CA TYR A 306 -4.54 -25.70 -27.24
C TYR A 306 -4.30 -24.35 -27.88
N GLN A 307 -5.19 -23.38 -27.66
CA GLN A 307 -5.03 -22.04 -28.20
C GLN A 307 -3.79 -21.39 -27.61
N LEU A 308 -3.59 -21.49 -26.29
CA LEU A 308 -2.43 -20.93 -25.62
C LEU A 308 -1.14 -21.53 -26.17
N ALA A 309 -1.10 -22.83 -26.37
CA ALA A 309 0.08 -23.51 -26.91
C ALA A 309 0.33 -23.07 -28.36
N ALA A 310 -0.74 -22.99 -29.18
CA ALA A 310 -0.63 -22.58 -30.57
C ALA A 310 -0.17 -21.14 -30.73
N GLU A 311 -0.73 -20.23 -29.92
CA GLU A 311 -0.38 -18.82 -30.01
C GLU A 311 1.01 -18.58 -29.46
N THR A 312 1.36 -19.19 -28.32
CA THR A 312 2.67 -19.03 -27.73
C THR A 312 3.78 -19.60 -28.63
N PHE A 313 3.60 -20.83 -29.12
CA PHE A 313 4.62 -21.50 -29.90
C PHE A 313 4.44 -21.38 -31.41
N ASN A 314 3.53 -20.49 -31.85
CA ASN A 314 3.28 -20.19 -33.25
C ASN A 314 3.03 -21.43 -34.10
N LEU A 315 2.05 -22.24 -33.69
CA LEU A 315 1.70 -23.44 -34.43
C LEU A 315 0.52 -23.14 -35.35
N THR A 316 0.55 -23.64 -36.57
CA THR A 316 -0.55 -23.48 -37.52
C THR A 316 -1.71 -24.40 -37.12
N GLN A 317 -2.91 -24.25 -37.74
CA GLN A 317 -4.03 -25.14 -37.43
C GLN A 317 -3.70 -26.58 -37.81
N SER A 318 -2.95 -26.79 -38.91
CA SER A 318 -2.57 -28.13 -39.32
C SER A 318 -1.55 -28.74 -38.34
N GLN A 319 -0.68 -27.91 -37.74
CA GLN A 319 0.29 -28.39 -36.74
C GLN A 319 -0.40 -28.72 -35.43
N VAL A 320 -1.45 -27.96 -35.05
CA VAL A 320 -2.27 -28.23 -33.88
C VAL A 320 -3.06 -29.52 -34.13
N TRP A 321 -3.57 -29.71 -35.37
CA TRP A 321 -4.27 -30.93 -35.79
C TRP A 321 -3.37 -32.15 -35.58
N ASP A 322 -2.10 -32.08 -36.01
CA ASP A 322 -1.13 -33.18 -35.88
C ASP A 322 -0.91 -33.52 -34.44
N LEU A 323 -0.79 -32.52 -33.55
CA LEU A 323 -0.62 -32.74 -32.12
C LEU A 323 -1.81 -33.51 -31.56
N SER A 324 -3.03 -33.07 -31.92
CA SER A 324 -4.25 -33.69 -31.44
C SER A 324 -4.38 -35.14 -31.92
N TYR A 325 -4.05 -35.37 -33.18
CA TYR A 325 -4.12 -36.69 -33.79
C TYR A 325 -3.09 -37.64 -33.18
N GLU A 326 -1.85 -37.18 -32.98
CA GLU A 326 -0.80 -38.01 -32.40
C GLU A 326 -1.09 -38.36 -30.95
N SER A 327 -1.81 -37.48 -30.21
CA SER A 327 -2.12 -37.72 -28.80
C SER A 327 -2.96 -38.99 -28.57
N ILE A 328 -3.66 -39.47 -29.61
CA ILE A 328 -4.44 -40.69 -29.61
C ILE A 328 -3.50 -41.89 -29.31
N ASN A 329 -2.24 -41.84 -29.78
CA ASN A 329 -1.29 -42.93 -29.52
C ASN A 329 -1.00 -43.14 -28.04
N TYR A 330 -1.20 -42.12 -27.20
CA TYR A 330 -0.77 -42.19 -25.80
C TYR A 330 -1.87 -42.49 -24.78
N ILE A 331 -3.07 -42.84 -25.27
CA ILE A 331 -4.16 -43.25 -24.38
C ILE A 331 -3.82 -44.63 -23.77
N PHE A 332 -4.46 -44.96 -22.65
CA PHE A 332 -4.25 -46.25 -22.00
C PHE A 332 -5.17 -47.36 -22.50
N ALA A 333 -6.15 -47.01 -23.36
CA ALA A 333 -7.10 -47.95 -23.94
C ALA A 333 -6.42 -48.78 -25.05
N SER A 334 -7.07 -49.87 -25.49
CA SER A 334 -6.52 -50.79 -26.49
C SER A 334 -6.37 -50.18 -27.89
N ASP A 335 -5.73 -50.90 -28.82
CA ASP A 335 -5.56 -50.50 -30.20
C ASP A 335 -6.89 -50.30 -30.93
N SER A 336 -7.93 -51.03 -30.52
CA SER A 336 -9.26 -50.93 -31.07
C SER A 336 -9.81 -49.51 -30.84
N THR A 337 -9.64 -48.97 -29.61
CA THR A 337 -10.06 -47.62 -29.26
C THR A 337 -9.27 -46.55 -30.03
N ARG A 338 -7.94 -46.75 -30.17
CA ARG A 338 -7.08 -45.85 -30.93
C ARG A 338 -7.54 -45.78 -32.37
N SER A 339 -7.85 -46.94 -32.96
CA SER A 339 -8.29 -47.06 -34.33
C SER A 339 -9.64 -46.36 -34.52
N GLU A 340 -10.58 -46.52 -33.58
CA GLU A 340 -11.88 -45.87 -33.65
C GLU A 340 -11.74 -44.36 -33.52
N LEU A 341 -10.85 -43.90 -32.63
CA LEU A 341 -10.60 -42.48 -32.45
C LEU A 341 -9.97 -41.88 -33.69
N ARG A 342 -9.01 -42.56 -34.31
CA ARG A 342 -8.38 -42.07 -35.54
C ARG A 342 -9.39 -41.95 -36.67
N LYS A 343 -10.35 -42.88 -36.76
CA LYS A 343 -11.42 -42.83 -37.76
C LYS A 343 -12.32 -41.63 -37.49
N LYS A 344 -12.63 -41.35 -36.22
CA LYS A 344 -13.45 -40.22 -35.84
C LYS A 344 -12.78 -38.89 -36.20
N TRP A 345 -11.47 -38.76 -35.93
CA TRP A 345 -10.68 -37.57 -36.24
C TRP A 345 -10.68 -37.32 -37.73
N ASN A 346 -10.40 -38.35 -38.56
CA ASN A 346 -10.37 -38.19 -40.00
C ASN A 346 -11.73 -37.91 -40.63
N HIS A 347 -12.81 -38.30 -39.97
CA HIS A 347 -14.16 -38.00 -40.43
C HIS A 347 -14.46 -36.50 -40.16
N LEU A 348 -14.01 -35.98 -39.03
CA LEU A 348 -14.23 -34.59 -38.64
C LEU A 348 -13.30 -33.61 -39.31
N LYS A 349 -12.10 -34.04 -39.69
CA LYS A 349 -11.05 -33.24 -40.27
C LYS A 349 -11.50 -32.20 -41.31
N PRO A 350 -12.30 -32.54 -42.37
CA PRO A 350 -12.69 -31.49 -43.33
C PRO A 350 -13.67 -30.45 -42.77
N ARG A 351 -14.33 -30.75 -41.65
CA ARG A 351 -15.25 -29.81 -41.00
C ARG A 351 -14.49 -28.89 -40.03
N VAL A 352 -13.31 -29.32 -39.55
CA VAL A 352 -12.53 -28.56 -38.58
C VAL A 352 -11.50 -27.68 -39.31
N LEU A 353 -10.80 -28.27 -40.28
CA LEU A 353 -9.80 -27.57 -41.08
C LEU A 353 -10.42 -27.03 -42.37
N HIS A 354 -10.36 -25.72 -42.57
CA HIS A 354 -10.98 -25.08 -43.72
C HIS A 354 -9.96 -24.48 -44.67
N ILE A 355 -10.33 -24.39 -45.97
CA ILE A 355 -9.47 -23.78 -46.98
C ILE A 355 -9.25 -22.28 -46.72
N THR B 12 27.56 -22.05 -42.56
CA THR B 12 26.33 -21.41 -43.05
C THR B 12 26.49 -19.88 -43.12
N ASP B 13 26.72 -19.39 -44.34
CA ASP B 13 27.03 -18.01 -44.68
C ASP B 13 26.04 -16.92 -44.27
N PHE B 14 24.71 -17.13 -44.29
CA PHE B 14 23.77 -16.04 -43.99
C PHE B 14 24.06 -15.30 -42.68
N TYR B 15 24.26 -16.05 -41.59
CA TYR B 15 24.45 -15.47 -40.26
C TYR B 15 25.75 -14.72 -40.11
N SER B 16 26.80 -15.12 -40.83
CA SER B 16 28.07 -14.38 -40.75
C SER B 16 28.10 -13.21 -41.75
N GLU B 17 27.42 -13.35 -42.89
CA GLU B 17 27.31 -12.29 -43.88
C GLU B 17 26.36 -11.18 -43.44
N LEU B 18 25.38 -11.52 -42.58
CA LEU B 18 24.41 -10.58 -42.04
C LEU B 18 25.14 -9.49 -41.27
N PRO B 19 24.98 -8.20 -41.65
CA PRO B 19 25.63 -7.14 -40.86
C PRO B 19 25.06 -7.15 -39.43
N LYS B 20 25.93 -7.04 -38.42
CA LYS B 20 25.52 -7.13 -37.04
C LYS B 20 26.11 -6.04 -36.18
N VAL B 21 25.44 -5.76 -35.09
CA VAL B 21 25.84 -4.80 -34.08
C VAL B 21 26.07 -5.62 -32.76
N GLU B 22 27.20 -5.40 -32.08
CA GLU B 22 27.48 -6.10 -30.83
C GLU B 22 27.50 -5.06 -29.72
N LEU B 23 26.58 -5.16 -28.75
CA LEU B 23 26.47 -4.18 -27.67
C LEU B 23 26.85 -4.69 -26.30
N HIS B 24 27.13 -5.99 -26.15
CA HIS B 24 27.44 -6.56 -24.86
C HIS B 24 28.52 -7.62 -24.99
N ALA B 25 29.77 -7.18 -24.99
CA ALA B 25 30.91 -8.08 -25.08
C ALA B 25 31.98 -7.61 -24.08
N HIS B 26 32.38 -8.48 -23.13
CA HIS B 26 33.43 -8.14 -22.16
C HIS B 26 34.78 -8.43 -22.82
N LEU B 27 35.71 -7.46 -22.86
CA LEU B 27 37.02 -7.63 -23.51
C LEU B 27 37.75 -8.91 -23.11
N ASN B 28 37.92 -9.17 -21.81
CA ASN B 28 38.65 -10.34 -21.34
C ASN B 28 37.85 -11.66 -21.48
N GLY B 29 36.54 -11.57 -21.69
CA GLY B 29 35.71 -12.72 -21.97
C GLY B 29 35.63 -13.02 -23.45
N SER B 30 36.06 -12.08 -24.31
CA SER B 30 36.02 -12.23 -25.76
C SER B 30 37.32 -12.75 -26.39
N ILE B 31 38.31 -13.12 -25.58
CA ILE B 31 39.60 -13.60 -26.09
C ILE B 31 39.49 -14.96 -26.77
N SER B 32 39.91 -15.02 -28.03
CA SER B 32 39.87 -16.26 -28.80
C SER B 32 40.91 -17.27 -28.31
N SER B 33 40.77 -18.52 -28.76
CA SER B 33 41.68 -19.60 -28.44
C SER B 33 43.10 -19.28 -28.95
N HIS B 34 43.20 -18.68 -30.15
CA HIS B 34 44.45 -18.27 -30.75
C HIS B 34 45.18 -17.22 -29.91
N THR B 35 44.46 -16.17 -29.47
CA THR B 35 45.03 -15.10 -28.68
C THR B 35 45.39 -15.58 -27.27
N MET B 36 44.58 -16.49 -26.71
CA MET B 36 44.83 -17.06 -25.38
C MET B 36 46.14 -17.83 -25.39
N LYS B 37 46.40 -18.61 -26.45
CA LYS B 37 47.64 -19.36 -26.60
C LYS B 37 48.88 -18.45 -26.70
N LYS B 38 48.74 -17.27 -27.34
CA LYS B 38 49.83 -16.30 -27.42
C LYS B 38 50.13 -15.72 -26.05
N LEU B 39 49.09 -15.44 -25.25
CA LEU B 39 49.26 -14.92 -23.90
C LEU B 39 49.92 -15.98 -23.01
N ILE B 40 49.53 -17.25 -23.17
CA ILE B 40 50.09 -18.38 -22.41
C ILE B 40 51.56 -18.59 -22.77
N ALA B 41 51.92 -18.41 -24.05
CA ALA B 41 53.30 -18.56 -24.50
C ALA B 41 54.20 -17.50 -23.86
N GLN B 42 53.68 -16.28 -23.67
CA GLN B 42 54.43 -15.18 -23.05
C GLN B 42 54.62 -15.37 -21.55
N LYS B 43 53.69 -16.06 -20.88
CA LYS B 43 53.79 -16.31 -19.44
C LYS B 43 53.72 -17.82 -19.15
N PRO B 44 54.78 -18.58 -19.48
CA PRO B 44 54.73 -20.04 -19.24
C PRO B 44 54.81 -20.43 -17.76
N ASP B 45 55.38 -19.57 -16.92
CA ASP B 45 55.49 -19.81 -15.48
C ASP B 45 54.14 -19.86 -14.76
N LEU B 46 53.08 -19.32 -15.38
CA LEU B 46 51.74 -19.32 -14.81
C LEU B 46 51.06 -20.70 -14.81
N LYS B 47 51.55 -21.64 -15.66
CA LYS B 47 51.04 -23.00 -15.78
C LYS B 47 49.55 -23.07 -16.11
N ILE B 48 49.04 -22.07 -16.85
CA ILE B 48 47.64 -22.01 -17.24
C ILE B 48 47.40 -22.75 -18.56
N HIS B 49 46.36 -23.58 -18.63
CA HIS B 49 46.04 -24.28 -19.87
C HIS B 49 44.77 -23.68 -20.51
N ASP B 50 44.65 -23.81 -21.85
CA ASP B 50 43.51 -23.23 -22.59
C ASP B 50 42.15 -23.80 -22.17
N GLN B 51 42.13 -25.04 -21.69
CA GLN B 51 40.89 -25.70 -21.22
C GLN B 51 40.30 -25.03 -19.96
N MET B 52 41.14 -24.34 -19.18
CA MET B 52 40.74 -23.62 -17.95
C MET B 52 40.03 -22.27 -18.24
N THR B 53 40.08 -21.80 -19.49
CA THR B 53 39.49 -20.53 -19.89
C THR B 53 38.27 -20.68 -20.80
N VAL B 54 37.92 -21.91 -21.23
CA VAL B 54 36.80 -22.12 -22.14
C VAL B 54 35.81 -23.18 -21.64
N ILE B 55 34.50 -22.94 -21.87
CA ILE B 55 33.41 -23.87 -21.62
C ILE B 55 33.00 -24.38 -23.01
N ASP B 56 33.37 -25.62 -23.34
CA ASP B 56 33.09 -26.23 -24.64
C ASP B 56 31.60 -26.48 -24.91
N LYS B 57 31.23 -26.70 -26.19
CA LYS B 57 29.87 -27.00 -26.61
C LYS B 57 29.40 -28.28 -25.93
N GLY B 58 28.18 -28.26 -25.40
CA GLY B 58 27.66 -29.41 -24.68
C GLY B 58 28.03 -29.45 -23.20
N LYS B 59 28.93 -28.54 -22.76
CA LYS B 59 29.34 -28.47 -21.36
C LYS B 59 28.70 -27.26 -20.68
N LYS B 60 28.41 -27.38 -19.38
CA LYS B 60 27.83 -26.30 -18.59
C LYS B 60 28.57 -26.16 -17.25
N ARG B 61 28.64 -24.94 -16.75
CA ARG B 61 29.27 -24.63 -15.47
C ARG B 61 28.34 -23.71 -14.66
N THR B 62 28.61 -23.54 -13.35
CA THR B 62 27.79 -22.65 -12.52
C THR B 62 28.24 -21.20 -12.80
N LEU B 63 27.43 -20.21 -12.40
CA LEU B 63 27.79 -18.80 -12.58
C LEU B 63 29.05 -18.46 -11.76
N GLU B 64 29.20 -19.05 -10.56
CA GLU B 64 30.37 -18.85 -9.71
C GLU B 64 31.63 -19.42 -10.39
N GLU B 65 31.51 -20.60 -11.03
CA GLU B 65 32.61 -21.22 -11.76
C GLU B 65 33.05 -20.33 -12.93
N CYS B 66 32.10 -19.63 -13.58
CA CYS B 66 32.40 -18.71 -14.68
C CYS B 66 33.23 -17.55 -14.16
N PHE B 67 32.85 -16.97 -13.01
CA PHE B 67 33.57 -15.86 -12.38
C PHE B 67 35.00 -16.26 -12.06
N GLN B 68 35.21 -17.51 -11.62
CA GLN B 68 36.54 -18.02 -11.30
C GLN B 68 37.44 -18.09 -12.53
N MET B 69 36.86 -18.40 -13.72
CA MET B 69 37.61 -18.45 -14.97
C MET B 69 38.14 -17.07 -15.34
N PHE B 70 37.41 -15.99 -14.99
CA PHE B 70 37.87 -14.63 -15.27
C PHE B 70 39.08 -14.26 -14.45
N GLN B 71 39.20 -14.82 -13.22
CA GLN B 71 40.36 -14.59 -12.37
C GLN B 71 41.61 -15.18 -13.06
N THR B 72 41.47 -16.33 -13.74
CA THR B 72 42.56 -16.98 -14.47
C THR B 72 42.98 -16.12 -15.69
N ILE B 73 42.00 -15.66 -16.47
CA ILE B 73 42.25 -14.84 -17.65
C ILE B 73 42.90 -13.51 -17.30
N HIS B 74 42.47 -12.90 -16.18
CA HIS B 74 43.04 -11.64 -15.72
C HIS B 74 44.52 -11.73 -15.37
N GLN B 75 45.01 -12.94 -15.05
CA GLN B 75 46.43 -13.15 -14.75
C GLN B 75 47.27 -13.10 -16.03
N LEU B 76 46.69 -13.46 -17.18
CA LEU B 76 47.38 -13.44 -18.46
C LEU B 76 47.46 -12.04 -19.07
N THR B 77 46.44 -11.20 -18.81
CA THR B 77 46.42 -9.84 -19.36
C THR B 77 46.82 -8.87 -18.26
N SER B 78 48.08 -8.87 -17.88
CA SER B 78 48.56 -8.05 -16.78
C SER B 78 49.29 -6.77 -17.15
N SER B 79 49.62 -6.58 -18.43
CA SER B 79 50.35 -5.38 -18.84
C SER B 79 49.64 -4.62 -19.97
N PRO B 80 49.95 -3.31 -20.16
CA PRO B 80 49.32 -2.55 -21.25
C PRO B 80 49.49 -3.13 -22.65
N GLU B 81 50.61 -3.83 -22.87
CA GLU B 81 50.91 -4.48 -24.14
C GLU B 81 49.98 -5.67 -24.37
N ASP B 82 49.59 -6.39 -23.30
CA ASP B 82 48.66 -7.51 -23.38
C ASP B 82 47.26 -6.99 -23.72
N ILE B 83 46.84 -5.88 -23.10
CA ILE B 83 45.54 -5.27 -23.34
C ILE B 83 45.45 -4.73 -24.78
N LEU B 84 46.56 -4.17 -25.28
CA LEU B 84 46.63 -3.67 -26.66
C LEU B 84 46.47 -4.82 -27.65
N MET B 85 47.21 -5.94 -27.42
CA MET B 85 47.11 -7.08 -28.30
C MET B 85 45.72 -7.71 -28.27
N VAL B 86 45.15 -7.85 -27.08
CA VAL B 86 43.82 -8.43 -26.91
C VAL B 86 42.78 -7.57 -27.63
N THR B 87 42.83 -6.24 -27.44
CA THR B 87 41.89 -5.32 -28.09
C THR B 87 41.93 -5.45 -29.62
N LYS B 88 43.13 -5.45 -30.21
CA LYS B 88 43.26 -5.57 -31.65
C LYS B 88 42.75 -6.92 -32.17
N ASP B 89 43.08 -8.01 -31.48
CA ASP B 89 42.65 -9.33 -31.91
C ASP B 89 41.13 -9.49 -31.82
N VAL B 90 40.53 -9.05 -30.71
CA VAL B 90 39.08 -9.12 -30.50
C VAL B 90 38.34 -8.30 -31.57
N ILE B 91 38.83 -7.10 -31.90
CA ILE B 91 38.22 -6.25 -32.91
C ILE B 91 38.25 -6.94 -34.28
N LYS B 92 39.39 -7.54 -34.63
CA LYS B 92 39.52 -8.24 -35.90
C LYS B 92 38.58 -9.44 -35.96
N GLU B 93 38.49 -10.21 -34.90
CA GLU B 93 37.62 -11.39 -34.84
C GLU B 93 36.13 -11.02 -34.99
N PHE B 94 35.68 -9.91 -34.36
CA PHE B 94 34.31 -9.46 -34.50
C PHE B 94 34.06 -8.96 -35.93
N ALA B 95 34.99 -8.18 -36.52
CA ALA B 95 34.85 -7.68 -37.88
C ALA B 95 34.80 -8.82 -38.90
N ASP B 96 35.64 -9.85 -38.70
CA ASP B 96 35.64 -11.03 -39.59
C ASP B 96 34.33 -11.81 -39.52
N ASP B 97 33.61 -11.71 -38.41
CA ASP B 97 32.33 -12.35 -38.21
C ASP B 97 31.14 -11.53 -38.78
N GLY B 98 31.41 -10.36 -39.38
CA GLY B 98 30.37 -9.53 -39.95
C GLY B 98 29.83 -8.46 -39.02
N VAL B 99 30.51 -8.18 -37.93
CA VAL B 99 30.08 -7.14 -36.98
C VAL B 99 30.57 -5.79 -37.51
N LYS B 100 29.64 -4.85 -37.70
CA LYS B 100 29.95 -3.53 -38.25
C LYS B 100 30.04 -2.43 -37.18
N TYR B 101 29.47 -2.68 -35.99
CA TYR B 101 29.51 -1.73 -34.90
C TYR B 101 29.68 -2.54 -33.64
N LEU B 102 30.67 -2.19 -32.82
CA LEU B 102 30.96 -2.92 -31.59
C LEU B 102 31.14 -2.01 -30.40
N GLU B 103 30.44 -2.30 -29.29
CA GLU B 103 30.64 -1.57 -28.05
C GLU B 103 31.31 -2.53 -27.09
N LEU B 104 32.63 -2.36 -26.89
CA LEU B 104 33.39 -3.20 -25.98
C LEU B 104 33.21 -2.74 -24.54
N ARG B 105 33.17 -3.68 -23.62
CA ARG B 105 33.00 -3.44 -22.20
C ARG B 105 34.24 -3.99 -21.49
N SER B 106 34.84 -3.23 -20.55
CA SER B 106 35.99 -3.74 -19.79
C SER B 106 36.25 -2.97 -18.51
N THR B 107 36.58 -3.70 -17.46
CA THR B 107 36.87 -3.13 -16.15
C THR B 107 38.34 -2.74 -16.09
N PRO B 108 38.65 -1.44 -15.94
CA PRO B 108 40.05 -1.02 -15.85
C PRO B 108 40.71 -1.57 -14.58
N ARG B 109 41.96 -2.08 -14.68
CA ARG B 109 42.67 -2.61 -13.52
C ARG B 109 44.08 -2.08 -13.42
N ARG B 110 44.57 -1.96 -12.17
CA ARG B 110 45.95 -1.59 -11.88
C ARG B 110 46.72 -2.89 -11.62
N GLU B 111 47.94 -2.99 -12.13
CA GLU B 111 48.83 -4.11 -11.86
C GLU B 111 50.19 -3.52 -11.55
N ASN B 112 50.52 -3.38 -10.25
CA ASN B 112 51.81 -2.78 -9.85
C ASN B 112 53.02 -3.63 -10.25
N ALA B 113 52.83 -4.94 -10.47
CA ALA B 113 53.89 -5.83 -10.95
C ALA B 113 54.38 -5.41 -12.35
N THR B 114 53.48 -4.88 -13.18
CA THR B 114 53.84 -4.42 -14.53
C THR B 114 53.87 -2.89 -14.67
N GLY B 115 53.41 -2.17 -13.65
CA GLY B 115 53.32 -0.71 -13.70
C GLY B 115 52.14 -0.22 -14.50
N MET B 116 51.07 -1.02 -14.54
CA MET B 116 49.86 -0.69 -15.27
C MET B 116 48.84 -0.04 -14.35
N THR B 117 48.23 1.04 -14.79
CA THR B 117 47.23 1.75 -14.00
C THR B 117 45.83 1.64 -14.69
N LYS B 118 44.75 2.09 -14.02
CA LYS B 118 43.42 2.08 -14.63
C LYS B 118 43.38 3.00 -15.85
N LYS B 119 44.07 4.15 -15.76
CA LYS B 119 44.13 5.11 -16.88
C LYS B 119 44.92 4.52 -18.06
N THR B 120 46.04 3.84 -17.80
CA THR B 120 46.86 3.19 -18.83
C THR B 120 46.16 1.96 -19.43
N TYR B 121 45.25 1.32 -18.66
CA TYR B 121 44.45 0.19 -19.12
C TYR B 121 43.49 0.72 -20.19
N VAL B 122 42.77 1.82 -19.90
CA VAL B 122 41.83 2.44 -20.83
C VAL B 122 42.56 2.96 -22.07
N GLU B 123 43.75 3.55 -21.88
CA GLU B 123 44.54 4.05 -22.99
C GLU B 123 44.98 2.95 -23.95
N SER B 124 45.25 1.74 -23.41
CA SER B 124 45.62 0.59 -24.24
C SER B 124 44.44 0.15 -25.11
N ILE B 125 43.21 0.22 -24.58
CA ILE B 125 42.02 -0.12 -25.33
C ILE B 125 41.81 0.92 -26.43
N LEU B 126 41.92 2.21 -26.09
CA LEU B 126 41.77 3.28 -27.08
C LEU B 126 42.85 3.21 -28.16
N GLU B 127 44.06 2.75 -27.80
CA GLU B 127 45.15 2.58 -28.76
C GLU B 127 44.83 1.43 -29.71
N GLY B 128 44.21 0.35 -29.20
CA GLY B 128 43.79 -0.78 -30.01
C GLY B 128 42.70 -0.41 -31.01
N ILE B 129 41.81 0.50 -30.61
CA ILE B 129 40.75 1.01 -31.46
C ILE B 129 41.35 1.91 -32.55
N LYS B 130 42.33 2.76 -32.17
CA LYS B 130 43.01 3.66 -33.10
C LYS B 130 43.79 2.85 -34.15
N GLN B 131 44.56 1.84 -33.74
CA GLN B 131 45.32 0.99 -34.67
C GLN B 131 44.40 0.19 -35.60
N SER B 132 43.19 -0.16 -35.12
CA SER B 132 42.18 -0.87 -35.91
C SER B 132 41.58 0.02 -37.01
N LYS B 133 41.50 1.34 -36.75
CA LYS B 133 41.02 2.33 -37.74
C LYS B 133 42.06 2.48 -38.83
N GLN B 134 43.37 2.55 -38.43
CA GLN B 134 44.49 2.66 -39.35
C GLN B 134 44.53 1.53 -40.39
N GLU B 135 43.86 0.40 -40.10
CA GLU B 135 43.76 -0.72 -41.01
C GLU B 135 42.42 -0.73 -41.82
N ASN B 136 42.24 -1.71 -42.69
CA ASN B 136 41.06 -1.80 -43.58
C ASN B 136 39.81 -2.38 -42.90
N LEU B 137 39.73 -2.33 -41.55
CA LEU B 137 38.63 -2.96 -40.78
C LEU B 137 37.25 -2.30 -40.91
N ASP B 138 36.27 -3.02 -41.45
CA ASP B 138 34.91 -2.48 -41.58
C ASP B 138 34.12 -2.65 -40.27
N ILE B 139 34.56 -1.96 -39.21
CA ILE B 139 33.91 -2.04 -37.90
C ILE B 139 34.13 -0.74 -37.13
N ASP B 140 33.07 -0.21 -36.53
CA ASP B 140 33.12 1.01 -35.73
C ASP B 140 33.13 0.58 -34.26
N VAL B 141 34.27 0.72 -33.59
CA VAL B 141 34.43 0.26 -32.21
C VAL B 141 34.35 1.38 -31.16
N ARG B 142 33.54 1.18 -30.12
CA ARG B 142 33.36 2.09 -28.98
C ARG B 142 33.71 1.36 -27.67
N TYR B 143 33.85 2.09 -26.58
CA TYR B 143 34.22 1.51 -25.30
C TYR B 143 33.31 2.00 -24.17
N LEU B 144 32.86 1.06 -23.31
CA LEU B 144 32.05 1.31 -22.13
C LEU B 144 32.93 0.90 -20.97
N ILE B 145 33.16 1.82 -20.03
CA ILE B 145 33.99 1.51 -18.88
C ILE B 145 33.17 0.72 -17.87
N ALA B 146 33.65 -0.48 -17.50
CA ALA B 146 32.92 -1.34 -16.59
C ALA B 146 33.34 -1.21 -15.14
N VAL B 147 32.35 -1.11 -14.27
CA VAL B 147 32.55 -1.07 -12.84
C VAL B 147 32.24 -2.46 -12.32
N ASP B 148 33.19 -3.07 -11.59
CA ASP B 148 32.99 -4.39 -11.02
C ASP B 148 32.45 -4.22 -9.61
N ARG B 149 31.37 -4.94 -9.28
CA ARG B 149 30.77 -4.89 -7.94
C ARG B 149 31.76 -5.30 -6.85
N ARG B 150 32.67 -6.23 -7.17
CA ARG B 150 33.70 -6.69 -6.24
C ARG B 150 34.69 -5.61 -5.82
N GLY B 151 34.91 -4.62 -6.69
CA GLY B 151 35.84 -3.53 -6.41
C GLY B 151 35.40 -2.60 -5.30
N GLY B 152 34.10 -2.54 -5.03
CA GLY B 152 33.57 -1.70 -3.96
C GLY B 152 33.15 -0.33 -4.44
N PRO B 153 32.50 0.43 -3.56
CA PRO B 153 32.02 1.77 -3.95
C PRO B 153 33.09 2.85 -4.13
N LEU B 154 34.27 2.69 -3.50
CA LEU B 154 35.33 3.69 -3.62
C LEU B 154 36.05 3.53 -4.96
N VAL B 155 36.32 2.29 -5.37
CA VAL B 155 36.92 2.04 -6.68
C VAL B 155 35.92 2.45 -7.79
N ALA B 156 34.61 2.29 -7.55
CA ALA B 156 33.56 2.70 -8.47
C ALA B 156 33.61 4.21 -8.70
N LYS B 157 33.83 5.02 -7.63
CA LYS B 157 33.92 6.47 -7.75
C LYS B 157 35.14 6.88 -8.58
N GLU B 158 36.27 6.17 -8.41
CA GLU B 158 37.48 6.42 -9.16
C GLU B 158 37.28 6.10 -10.64
N THR B 159 36.64 4.95 -10.92
CA THR B 159 36.35 4.48 -12.26
C THR B 159 35.36 5.41 -12.98
N VAL B 160 34.35 5.93 -12.27
CA VAL B 160 33.39 6.87 -12.82
C VAL B 160 34.09 8.20 -13.17
N LYS B 161 34.97 8.69 -12.30
CA LYS B 161 35.71 9.92 -12.55
C LYS B 161 36.59 9.74 -13.80
N LEU B 162 37.24 8.58 -13.91
CA LEU B 162 38.08 8.24 -15.05
C LEU B 162 37.25 8.20 -16.34
N ALA B 163 36.06 7.61 -16.28
CA ALA B 163 35.15 7.51 -17.41
C ALA B 163 34.64 8.87 -17.85
N GLU B 164 34.40 9.79 -16.90
CA GLU B 164 33.94 11.14 -17.21
C GLU B 164 35.01 11.92 -17.98
N GLU B 165 36.29 11.68 -17.67
CA GLU B 165 37.41 12.33 -18.33
C GLU B 165 37.56 11.83 -19.76
N PHE B 166 37.46 10.50 -19.96
CA PHE B 166 37.58 9.92 -21.30
C PHE B 166 36.35 10.19 -22.16
N PHE B 167 35.17 10.35 -21.53
CA PHE B 167 33.93 10.65 -22.23
C PHE B 167 34.07 11.98 -22.96
N LEU B 168 34.68 12.98 -22.30
CA LEU B 168 34.88 14.29 -22.90
C LEU B 168 36.03 14.31 -23.86
N SER B 169 37.19 13.74 -23.47
CA SER B 169 38.38 13.81 -24.33
C SER B 169 38.30 12.98 -25.62
N THR B 170 37.64 11.81 -25.60
CA THR B 170 37.60 10.93 -26.77
C THR B 170 36.58 11.33 -27.85
N GLU B 171 35.63 12.22 -27.51
CA GLU B 171 34.60 12.70 -28.43
C GLU B 171 33.88 11.59 -29.20
N GLY B 172 33.35 10.61 -28.48
CA GLY B 172 32.59 9.54 -29.10
C GLY B 172 33.11 8.13 -28.92
N THR B 173 34.41 7.93 -28.66
CA THR B 173 34.93 6.58 -28.46
C THR B 173 34.42 5.95 -27.17
N VAL B 174 34.55 6.66 -26.05
CA VAL B 174 34.02 6.21 -24.77
C VAL B 174 32.58 6.72 -24.67
N LEU B 175 31.59 5.82 -24.62
CA LEU B 175 30.20 6.24 -24.66
C LEU B 175 29.40 6.05 -23.41
N GLY B 176 29.86 5.16 -22.54
CA GLY B 176 29.11 4.86 -21.34
C GLY B 176 29.84 4.10 -20.27
N LEU B 177 29.04 3.65 -19.32
CA LEU B 177 29.46 2.95 -18.13
C LEU B 177 28.63 1.67 -17.96
N ASP B 178 29.25 0.64 -17.45
CA ASP B 178 28.58 -0.62 -17.16
C ASP B 178 28.76 -0.98 -15.67
N LEU B 179 27.83 -1.72 -15.09
CA LEU B 179 27.93 -2.25 -13.74
C LEU B 179 27.85 -3.77 -13.89
N SER B 180 28.97 -4.46 -13.68
CA SER B 180 29.04 -5.91 -13.85
C SER B 180 29.76 -6.59 -12.67
N GLY B 181 30.23 -7.83 -12.85
CA GLY B 181 30.84 -8.59 -11.78
C GLY B 181 29.80 -9.34 -10.98
N ASP B 182 30.25 -10.02 -9.93
CA ASP B 182 29.40 -10.84 -9.08
C ASP B 182 28.16 -10.09 -8.55
N PRO B 183 26.95 -10.51 -8.99
CA PRO B 183 25.73 -9.85 -8.48
C PRO B 183 25.42 -10.10 -6.99
N THR B 184 26.08 -11.08 -6.37
CA THR B 184 25.89 -11.37 -4.94
C THR B 184 26.79 -10.49 -4.05
N VAL B 185 27.80 -9.84 -4.63
CA VAL B 185 28.74 -8.99 -3.91
C VAL B 185 28.25 -7.54 -3.88
N GLY B 186 28.25 -6.95 -2.70
CA GLY B 186 27.85 -5.57 -2.51
C GLY B 186 26.37 -5.30 -2.55
N GLN B 187 26.00 -4.04 -2.32
CA GLN B 187 24.61 -3.62 -2.33
C GLN B 187 24.41 -2.56 -3.40
N ALA B 188 23.24 -2.52 -4.01
CA ALA B 188 22.90 -1.57 -5.06
C ALA B 188 23.05 -0.13 -4.59
N LYS B 189 22.63 0.15 -3.36
CA LYS B 189 22.71 1.48 -2.77
C LYS B 189 24.14 2.02 -2.72
N ASP B 190 25.14 1.12 -2.65
CA ASP B 190 26.55 1.52 -2.64
C ASP B 190 27.00 2.12 -3.99
N PHE B 191 26.33 1.77 -5.08
CA PHE B 191 26.70 2.25 -6.40
C PHE B 191 25.80 3.36 -6.97
N LEU B 192 24.70 3.71 -6.28
CA LEU B 192 23.79 4.74 -6.77
C LEU B 192 24.44 6.10 -7.03
N GLU B 193 25.23 6.60 -6.09
CA GLU B 193 25.89 7.90 -6.24
C GLU B 193 26.85 7.96 -7.43
N PRO B 194 27.87 7.06 -7.58
CA PRO B 194 28.73 7.15 -8.77
C PRO B 194 27.99 6.93 -10.09
N LEU B 195 26.97 6.05 -10.12
CA LEU B 195 26.21 5.81 -11.35
C LEU B 195 25.36 7.02 -11.73
N LEU B 196 24.78 7.70 -10.73
CA LEU B 196 24.00 8.92 -10.98
C LEU B 196 24.91 10.05 -11.48
N GLU B 197 26.13 10.13 -10.94
CA GLU B 197 27.14 11.10 -11.31
C GLU B 197 27.49 10.93 -12.79
N ALA B 198 27.72 9.67 -13.22
CA ALA B 198 28.03 9.35 -14.61
C ALA B 198 26.85 9.69 -15.52
N LYS B 199 25.64 9.40 -15.08
CA LYS B 199 24.42 9.69 -15.84
C LYS B 199 24.25 11.19 -16.03
N LYS B 200 24.55 11.98 -15.00
CA LYS B 200 24.48 13.44 -15.04
C LYS B 200 25.54 14.04 -15.98
N ALA B 201 26.72 13.43 -16.06
CA ALA B 201 27.78 13.86 -16.97
C ALA B 201 27.42 13.61 -18.48
N GLY B 202 26.46 12.71 -18.73
CA GLY B 202 26.04 12.40 -20.09
C GLY B 202 26.38 10.99 -20.53
N LEU B 203 27.03 10.21 -19.66
CA LEU B 203 27.40 8.83 -19.98
C LEU B 203 26.15 7.96 -19.98
N LYS B 204 26.06 7.02 -20.92
CA LYS B 204 24.93 6.09 -20.98
C LYS B 204 25.21 4.93 -20.02
N LEU B 205 24.17 4.36 -19.41
CA LEU B 205 24.36 3.24 -18.48
C LEU B 205 23.86 1.93 -19.04
N ALA B 206 24.70 0.91 -19.05
CA ALA B 206 24.30 -0.44 -19.44
C ALA B 206 24.48 -1.27 -18.15
N LEU B 207 23.39 -1.61 -17.45
CA LEU B 207 23.52 -2.35 -16.18
C LEU B 207 23.11 -3.79 -16.29
N HIS B 208 23.91 -4.71 -15.74
CA HIS B 208 23.56 -6.14 -15.66
C HIS B 208 22.49 -6.23 -14.59
N LEU B 209 21.29 -6.70 -14.93
CA LEU B 209 20.19 -6.79 -13.97
C LEU B 209 19.52 -8.13 -14.04
N SER B 210 18.99 -8.57 -12.88
CA SER B 210 18.19 -9.77 -12.78
C SER B 210 18.87 -11.02 -13.36
N GLU B 211 20.18 -11.16 -13.16
CA GLU B 211 20.92 -12.33 -13.63
C GLU B 211 20.64 -13.57 -12.81
N ILE B 212 20.37 -13.39 -11.52
CA ILE B 212 20.10 -14.48 -10.59
C ILE B 212 18.75 -14.23 -9.90
N PRO B 213 18.13 -15.30 -9.38
CA PRO B 213 16.84 -15.12 -8.69
C PRO B 213 16.97 -14.49 -7.29
N ASN B 214 15.82 -14.07 -6.75
CA ASN B 214 15.58 -13.52 -5.41
C ASN B 214 16.34 -12.23 -5.14
N GLN B 215 16.41 -11.34 -6.13
CA GLN B 215 17.08 -10.06 -5.98
C GLN B 215 16.16 -8.89 -6.38
N LYS B 216 14.85 -9.03 -6.17
CA LYS B 216 13.86 -8.05 -6.61
C LYS B 216 14.09 -6.62 -6.10
N LYS B 217 14.30 -6.43 -4.79
CA LYS B 217 14.51 -5.11 -4.20
C LYS B 217 15.77 -4.45 -4.77
N GLU B 218 16.84 -5.23 -4.93
CA GLU B 218 18.09 -4.74 -5.49
C GLU B 218 17.90 -4.29 -6.95
N THR B 219 17.08 -5.02 -7.71
CA THR B 219 16.76 -4.74 -9.10
C THR B 219 15.94 -3.47 -9.20
N GLN B 220 14.94 -3.27 -8.31
CA GLN B 220 14.13 -2.03 -8.32
C GLN B 220 15.00 -0.82 -8.05
N ILE B 221 16.00 -0.94 -7.17
CA ILE B 221 16.90 0.16 -6.86
C ILE B 221 17.73 0.58 -8.09
N LEU B 222 18.32 -0.39 -8.81
CA LEU B 222 19.10 -0.07 -10.00
C LEU B 222 18.21 0.34 -11.20
N LEU B 223 16.97 -0.16 -11.27
CA LEU B 223 16.04 0.23 -12.31
C LEU B 223 15.63 1.69 -12.14
N ASP B 224 15.60 2.20 -10.89
CA ASP B 224 15.28 3.60 -10.62
C ASP B 224 16.33 4.56 -11.19
N LEU B 225 17.54 4.07 -11.50
CA LEU B 225 18.55 4.87 -12.19
C LEU B 225 18.18 5.10 -13.67
N LEU B 226 17.14 4.40 -14.19
CA LEU B 226 16.73 4.41 -15.57
C LEU B 226 17.88 4.07 -16.49
N PRO B 227 18.40 2.82 -16.44
CA PRO B 227 19.50 2.47 -17.34
C PRO B 227 19.10 2.57 -18.80
N ASP B 228 20.08 2.85 -19.65
CA ASP B 228 19.83 2.98 -21.09
C ASP B 228 19.69 1.63 -21.78
N ARG B 229 20.30 0.59 -21.22
CA ARG B 229 20.21 -0.80 -21.66
C ARG B 229 20.37 -1.69 -20.42
N ILE B 230 19.68 -2.82 -20.43
CA ILE B 230 19.77 -3.79 -19.34
C ILE B 230 20.46 -5.02 -19.90
N GLY B 231 21.47 -5.49 -19.22
CA GLY B 231 22.14 -6.72 -19.58
C GLY B 231 21.41 -7.85 -18.89
N HIS B 232 20.94 -8.84 -19.69
CA HIS B 232 20.28 -10.10 -19.31
C HIS B 232 18.78 -9.96 -18.98
N GLY B 233 18.44 -9.46 -17.79
CA GLY B 233 17.07 -9.32 -17.31
C GLY B 233 16.36 -10.65 -17.16
N THR B 234 17.15 -11.73 -16.95
CA THR B 234 16.73 -13.13 -16.89
C THR B 234 15.54 -13.39 -15.99
N PHE B 235 15.55 -12.83 -14.79
CA PHE B 235 14.51 -13.07 -13.81
C PHE B 235 13.54 -11.90 -13.63
N LEU B 236 13.50 -10.93 -14.57
CA LEU B 236 12.56 -9.79 -14.47
C LEU B 236 11.11 -10.25 -14.37
N ASN B 237 10.75 -11.31 -15.12
CA ASN B 237 9.39 -11.87 -15.12
C ASN B 237 9.21 -13.09 -14.23
N SER B 238 10.24 -13.53 -13.53
CA SER B 238 10.18 -14.71 -12.68
C SER B 238 9.56 -14.35 -11.34
N GLY B 239 8.77 -15.24 -10.78
CA GLY B 239 8.16 -15.02 -9.46
C GLY B 239 9.20 -14.90 -8.35
N GLU B 240 10.38 -15.54 -8.56
CA GLU B 240 11.51 -15.51 -7.63
C GLU B 240 12.53 -14.43 -8.06
N GLY B 241 12.29 -13.20 -7.64
CA GLY B 241 13.19 -12.09 -7.97
C GLY B 241 12.67 -11.07 -8.95
N GLY B 242 11.50 -11.31 -9.50
CA GLY B 242 10.86 -10.39 -10.43
C GLY B 242 9.38 -10.26 -10.17
N SER B 243 8.73 -9.37 -10.93
CA SER B 243 7.31 -9.14 -10.77
C SER B 243 6.69 -8.50 -12.02
N LEU B 244 5.34 -8.40 -12.05
CA LEU B 244 4.60 -7.68 -13.09
C LEU B 244 5.04 -6.21 -13.10
N ASP B 245 5.37 -5.65 -11.91
CA ASP B 245 5.86 -4.29 -11.74
C ASP B 245 7.18 -4.08 -12.44
N LEU B 246 8.12 -5.04 -12.33
CA LEU B 246 9.44 -4.93 -12.98
C LEU B 246 9.31 -5.02 -14.49
N VAL B 247 8.48 -5.95 -14.99
CA VAL B 247 8.24 -6.12 -16.42
C VAL B 247 7.58 -4.86 -16.97
N ASP B 248 6.58 -4.34 -16.26
CA ASP B 248 5.84 -3.14 -16.62
C ASP B 248 6.74 -1.93 -16.64
N PHE B 249 7.66 -1.81 -15.69
CA PHE B 249 8.59 -0.69 -15.64
C PHE B 249 9.50 -0.71 -16.87
N VAL B 250 10.06 -1.88 -17.19
CA VAL B 250 10.94 -2.07 -18.35
C VAL B 250 10.19 -1.81 -19.66
N ARG B 251 8.91 -2.20 -19.70
CA ARG B 251 8.05 -2.00 -20.86
C ARG B 251 7.70 -0.51 -21.06
N GLN B 252 7.20 0.16 -20.02
CA GLN B 252 6.82 1.58 -20.09
C GLN B 252 8.01 2.49 -20.44
N HIS B 253 9.19 2.15 -19.94
CA HIS B 253 10.39 2.94 -20.22
C HIS B 253 11.16 2.46 -21.47
N ARG B 254 10.65 1.42 -22.16
CA ARG B 254 11.21 0.85 -23.38
C ARG B 254 12.71 0.60 -23.27
N ILE B 255 13.14 -0.03 -22.19
CA ILE B 255 14.56 -0.27 -21.96
C ILE B 255 15.05 -1.48 -22.76
N PRO B 256 15.95 -1.29 -23.73
CA PRO B 256 16.45 -2.43 -24.51
C PRO B 256 17.14 -3.49 -23.65
N LEU B 257 16.93 -4.77 -23.99
CA LEU B 257 17.55 -5.89 -23.28
C LEU B 257 18.67 -6.47 -24.12
N GLU B 258 19.84 -6.65 -23.53
CA GLU B 258 20.95 -7.28 -24.21
C GLU B 258 20.81 -8.76 -23.83
N LEU B 259 20.37 -9.60 -24.77
CA LEU B 259 20.12 -11.00 -24.54
C LEU B 259 21.29 -11.87 -24.98
N CYS B 260 21.83 -12.65 -24.05
CA CYS B 260 22.99 -13.51 -24.30
C CYS B 260 22.58 -14.95 -24.08
N LEU B 261 22.19 -15.62 -25.17
CA LEU B 261 21.67 -16.98 -25.15
C LEU B 261 22.67 -18.04 -24.67
N THR B 262 23.84 -18.20 -25.32
CA THR B 262 24.81 -19.21 -24.91
C THR B 262 25.35 -18.96 -23.50
N SER B 263 25.54 -17.70 -23.15
CA SER B 263 25.99 -17.28 -21.84
C SER B 263 25.03 -17.78 -20.75
N ASN B 264 23.70 -17.61 -20.92
CA ASN B 264 22.75 -18.06 -19.90
C ASN B 264 22.64 -19.57 -19.86
N VAL B 265 22.74 -20.24 -21.02
CA VAL B 265 22.65 -21.70 -21.06
C VAL B 265 23.90 -22.35 -20.44
N LYS B 266 25.11 -21.91 -20.82
CA LYS B 266 26.36 -22.47 -20.30
C LYS B 266 26.62 -22.11 -18.84
N SER B 267 26.07 -20.99 -18.35
CA SER B 267 26.20 -20.65 -16.94
C SER B 267 25.00 -21.13 -16.10
N GLN B 268 24.09 -21.94 -16.71
CA GLN B 268 22.92 -22.57 -16.13
C GLN B 268 21.91 -21.62 -15.48
N THR B 269 21.84 -20.36 -15.91
CA THR B 269 20.82 -19.43 -15.39
C THR B 269 19.47 -19.61 -16.16
N VAL B 270 19.47 -20.43 -17.24
CA VAL B 270 18.37 -20.78 -18.11
C VAL B 270 18.55 -22.30 -18.42
N PRO B 271 17.48 -23.13 -18.34
CA PRO B 271 17.68 -24.59 -18.52
C PRO B 271 17.97 -25.05 -19.95
N SER B 272 17.49 -24.32 -20.95
CA SER B 272 17.71 -24.67 -22.35
C SER B 272 17.57 -23.45 -23.23
N TYR B 273 18.03 -23.51 -24.50
CA TYR B 273 17.85 -22.40 -25.44
C TYR B 273 16.35 -22.14 -25.65
N ASP B 274 15.56 -23.22 -25.72
CA ASP B 274 14.12 -23.22 -25.92
C ASP B 274 13.37 -22.49 -24.83
N GLN B 275 13.91 -22.50 -23.60
CA GLN B 275 13.27 -21.84 -22.47
C GLN B 275 13.89 -20.50 -22.11
N HIS B 276 14.77 -19.96 -22.97
CA HIS B 276 15.39 -18.67 -22.75
C HIS B 276 14.31 -17.59 -22.85
N HIS B 277 14.42 -16.54 -22.03
CA HIS B 277 13.47 -15.44 -21.99
C HIS B 277 13.44 -14.61 -23.28
N PHE B 278 14.25 -14.94 -24.31
CA PHE B 278 14.18 -14.25 -25.60
C PHE B 278 12.75 -14.34 -26.19
N GLY B 279 12.15 -15.53 -26.15
CA GLY B 279 10.80 -15.76 -26.66
C GLY B 279 9.77 -14.90 -25.97
N PHE B 280 9.88 -14.75 -24.66
CA PHE B 280 8.98 -13.91 -23.87
C PHE B 280 9.02 -12.43 -24.35
N TRP B 281 10.22 -11.85 -24.47
CA TRP B 281 10.37 -10.47 -24.85
C TRP B 281 10.13 -10.23 -26.35
N TYR B 282 10.44 -11.22 -27.18
CA TYR B 282 10.20 -11.14 -28.61
C TYR B 282 8.68 -11.18 -28.87
N SER B 283 7.90 -11.93 -28.06
CA SER B 283 6.46 -12.01 -28.25
C SER B 283 5.71 -10.68 -28.08
N ILE B 284 6.31 -9.74 -27.34
CA ILE B 284 5.72 -8.42 -27.13
C ILE B 284 6.52 -7.32 -27.86
N ALA B 285 7.33 -7.71 -28.86
CA ALA B 285 8.18 -6.82 -29.66
C ALA B 285 8.97 -5.84 -28.80
N HIS B 286 9.44 -6.32 -27.65
CA HIS B 286 10.20 -5.46 -26.74
C HIS B 286 11.62 -5.29 -27.27
N PRO B 287 12.18 -4.06 -27.24
CA PRO B 287 13.55 -3.85 -27.76
C PRO B 287 14.58 -4.82 -27.20
N SER B 288 15.18 -5.65 -28.06
CA SER B 288 16.15 -6.67 -27.64
C SER B 288 17.28 -6.78 -28.64
N VAL B 289 18.49 -7.07 -28.16
CA VAL B 289 19.64 -7.22 -29.02
C VAL B 289 20.34 -8.54 -28.68
N ILE B 290 20.63 -9.38 -29.67
CA ILE B 290 21.34 -10.63 -29.46
C ILE B 290 22.83 -10.31 -29.29
N CYS B 291 23.42 -10.79 -28.18
CA CYS B 291 24.80 -10.50 -27.86
C CYS B 291 25.61 -11.77 -27.55
N THR B 292 26.96 -11.68 -27.56
CA THR B 292 27.80 -12.82 -27.22
C THR B 292 28.10 -12.90 -25.73
N ASP B 293 28.26 -11.74 -25.08
CA ASP B 293 28.66 -11.61 -23.68
C ASP B 293 30.18 -11.89 -23.58
N ASP B 294 30.59 -13.16 -23.64
CA ASP B 294 31.98 -13.58 -23.53
C ASP B 294 32.17 -14.66 -24.59
N LYS B 295 32.45 -14.26 -25.83
CA LYS B 295 32.58 -15.17 -26.96
C LYS B 295 33.71 -16.20 -26.81
N GLY B 296 34.75 -15.87 -26.04
CA GLY B 296 35.86 -16.77 -25.79
C GLY B 296 35.54 -17.80 -24.72
N VAL B 297 35.07 -17.35 -23.55
CA VAL B 297 34.71 -18.22 -22.45
C VAL B 297 33.55 -19.15 -22.86
N PHE B 298 32.57 -18.61 -23.60
CA PHE B 298 31.43 -19.41 -24.03
C PHE B 298 31.60 -20.07 -25.40
N ALA B 299 32.80 -19.98 -26.01
CA ALA B 299 33.14 -20.59 -27.30
C ALA B 299 32.05 -20.37 -28.37
N THR B 300 31.75 -19.11 -28.66
CA THR B 300 30.73 -18.76 -29.62
C THR B 300 31.17 -17.55 -30.49
N HIS B 301 30.33 -17.16 -31.46
CA HIS B 301 30.49 -16.00 -32.32
C HIS B 301 29.11 -15.33 -32.37
N LEU B 302 29.06 -14.03 -32.69
CA LEU B 302 27.76 -13.36 -32.80
C LEU B 302 26.88 -13.98 -33.90
N SER B 303 27.49 -14.48 -34.98
CA SER B 303 26.74 -15.15 -36.05
C SER B 303 26.09 -16.43 -35.55
N GLN B 304 26.79 -17.16 -34.68
CA GLN B 304 26.32 -18.39 -34.06
C GLN B 304 25.18 -18.13 -33.09
N GLU B 305 25.21 -16.98 -32.38
CA GLU B 305 24.15 -16.59 -31.47
C GLU B 305 22.87 -16.30 -32.26
N TYR B 306 23.01 -15.63 -33.42
CA TYR B 306 21.88 -15.33 -34.30
C TYR B 306 21.27 -16.61 -34.85
N GLN B 307 22.12 -17.56 -35.25
CA GLN B 307 21.65 -18.85 -35.75
C GLN B 307 20.92 -19.61 -34.66
N LEU B 308 21.48 -19.64 -33.44
CA LEU B 308 20.85 -20.32 -32.32
C LEU B 308 19.45 -19.73 -32.02
N ALA B 309 19.34 -18.39 -32.05
CA ALA B 309 18.07 -17.73 -31.80
C ALA B 309 17.07 -18.04 -32.92
N ALA B 310 17.52 -18.00 -34.19
CA ALA B 310 16.68 -18.29 -35.35
C ALA B 310 16.19 -19.72 -35.37
N GLU B 311 17.07 -20.68 -35.09
CA GLU B 311 16.71 -22.08 -35.10
C GLU B 311 15.81 -22.42 -33.93
N THR B 312 16.13 -21.94 -32.74
CA THR B 312 15.33 -22.20 -31.55
C THR B 312 13.95 -21.57 -31.65
N PHE B 313 13.87 -20.30 -32.04
CA PHE B 313 12.59 -19.59 -32.07
C PHE B 313 11.93 -19.60 -33.46
N ASN B 314 12.45 -20.41 -34.41
CA ASN B 314 11.91 -20.56 -35.74
C ASN B 314 11.71 -19.22 -36.47
N LEU B 315 12.77 -18.40 -36.53
CA LEU B 315 12.70 -17.11 -37.21
C LEU B 315 13.17 -17.29 -38.64
N THR B 316 12.52 -16.61 -39.58
CA THR B 316 12.93 -16.65 -40.99
C THR B 316 14.14 -15.72 -41.18
N GLN B 317 14.81 -15.77 -42.34
CA GLN B 317 15.94 -14.88 -42.62
C GLN B 317 15.50 -13.41 -42.60
N SER B 318 14.27 -13.12 -43.08
CA SER B 318 13.76 -11.75 -43.06
C SER B 318 13.45 -11.28 -41.64
N GLN B 319 13.03 -12.20 -40.75
CA GLN B 319 12.76 -11.87 -39.36
C GLN B 319 14.06 -11.64 -38.60
N VAL B 320 15.13 -12.39 -38.95
CA VAL B 320 16.47 -12.22 -38.37
C VAL B 320 17.03 -10.88 -38.85
N TRP B 321 16.79 -10.53 -40.14
CA TRP B 321 17.18 -9.27 -40.73
C TRP B 321 16.56 -8.11 -39.94
N ASP B 322 15.25 -8.19 -39.63
CA ASP B 322 14.54 -7.14 -38.88
C ASP B 322 15.15 -6.95 -37.52
N LEU B 323 15.49 -8.05 -36.83
CA LEU B 323 16.12 -7.98 -35.51
C LEU B 323 17.45 -7.24 -35.59
N SER B 324 18.29 -7.61 -36.57
CA SER B 324 19.59 -6.99 -36.77
C SER B 324 19.48 -5.50 -37.09
N TYR B 325 18.52 -5.14 -37.94
CA TYR B 325 18.30 -3.76 -38.36
C TYR B 325 17.78 -2.91 -37.21
N GLU B 326 16.82 -3.42 -36.45
CA GLU B 326 16.28 -2.71 -35.29
C GLU B 326 17.30 -2.47 -34.21
N SER B 327 18.26 -3.40 -34.03
CA SER B 327 19.31 -3.30 -32.98
C SER B 327 20.17 -2.06 -33.11
N ILE B 328 20.23 -1.46 -34.32
CA ILE B 328 20.94 -0.20 -34.59
C ILE B 328 20.34 0.92 -33.72
N ASN B 329 19.03 0.87 -33.42
CA ASN B 329 18.39 1.89 -32.58
C ASN B 329 18.95 1.95 -31.18
N TYR B 330 19.52 0.85 -30.67
CA TYR B 330 19.91 0.76 -29.27
C TYR B 330 21.40 0.99 -28.99
N ILE B 331 22.16 1.45 -30.00
CA ILE B 331 23.56 1.80 -29.80
C ILE B 331 23.66 3.07 -28.96
N PHE B 332 24.81 3.31 -28.32
CA PHE B 332 25.00 4.50 -27.52
C PHE B 332 25.53 5.70 -28.32
N ALA B 333 25.91 5.48 -29.60
CA ALA B 333 26.42 6.52 -30.50
C ALA B 333 25.27 7.43 -30.98
N SER B 334 25.60 8.57 -31.60
CA SER B 334 24.63 9.56 -32.06
C SER B 334 23.75 9.07 -33.21
N ASP B 335 22.72 9.89 -33.57
CA ASP B 335 21.83 9.62 -34.68
C ASP B 335 22.55 9.55 -36.01
N SER B 336 23.69 10.26 -36.14
CA SER B 336 24.50 10.26 -37.35
C SER B 336 25.04 8.85 -37.60
N THR B 337 25.54 8.18 -36.54
CA THR B 337 26.06 6.82 -36.62
C THR B 337 24.95 5.81 -36.95
N ARG B 338 23.76 5.97 -36.33
CA ARG B 338 22.61 5.13 -36.60
C ARG B 338 22.21 5.23 -38.05
N SER B 339 22.17 6.46 -38.59
CA SER B 339 21.82 6.75 -39.96
C SER B 339 22.83 6.11 -40.92
N GLU B 340 24.13 6.20 -40.61
CA GLU B 340 25.19 5.60 -41.44
C GLU B 340 25.09 4.08 -41.42
N LEU B 341 24.81 3.51 -40.26
CA LEU B 341 24.66 2.08 -40.13
C LEU B 341 23.43 1.58 -40.89
N ARG B 342 22.31 2.30 -40.81
CA ARG B 342 21.11 1.94 -41.55
C ARG B 342 21.35 1.95 -43.06
N LYS B 343 22.14 2.91 -43.55
CA LYS B 343 22.50 3.02 -44.97
C LYS B 343 23.36 1.81 -45.37
N LYS B 344 24.31 1.42 -44.50
CA LYS B 344 25.17 0.29 -44.75
C LYS B 344 24.36 -1.03 -44.82
N TRP B 345 23.41 -1.21 -43.89
CA TRP B 345 22.53 -2.39 -43.86
C TRP B 345 21.71 -2.48 -45.14
N ASN B 346 21.08 -1.38 -45.56
CA ASN B 346 20.26 -1.39 -46.77
C ASN B 346 21.05 -1.57 -48.07
N HIS B 347 22.34 -1.21 -48.06
CA HIS B 347 23.20 -1.44 -49.20
C HIS B 347 23.55 -2.95 -49.28
N LEU B 348 23.77 -3.60 -48.13
CA LEU B 348 24.12 -5.01 -48.07
C LEU B 348 22.93 -5.95 -48.24
N LYS B 349 21.75 -5.49 -47.86
CA LYS B 349 20.52 -6.28 -47.86
C LYS B 349 20.30 -7.19 -49.07
N PRO B 350 20.42 -6.72 -50.34
CA PRO B 350 20.19 -7.65 -51.47
C PRO B 350 21.27 -8.71 -51.65
N ARG B 351 22.45 -8.52 -51.05
CA ARG B 351 23.53 -9.48 -51.12
C ARG B 351 23.42 -10.53 -49.98
N VAL B 352 22.71 -10.20 -48.88
CA VAL B 352 22.54 -11.08 -47.76
C VAL B 352 21.25 -11.90 -47.91
N LEU B 353 20.14 -11.24 -48.29
CA LEU B 353 18.83 -11.88 -48.48
C LEU B 353 18.64 -12.26 -49.95
N HIS B 354 18.42 -13.54 -50.25
CA HIS B 354 18.30 -14.01 -51.63
C HIS B 354 16.92 -14.56 -51.97
N ILE B 355 16.59 -14.61 -53.28
CA ILE B 355 15.32 -15.15 -53.75
C ILE B 355 15.16 -16.66 -53.48
N THR C 12 -32.18 15.09 -27.11
CA THR C 12 -32.01 15.71 -28.44
C THR C 12 -30.53 15.75 -28.82
N ASP C 13 -30.22 15.36 -30.08
CA ASP C 13 -28.86 15.35 -30.63
C ASP C 13 -28.27 16.77 -30.77
N PHE C 14 -29.14 17.80 -30.84
CA PHE C 14 -28.73 19.20 -30.96
C PHE C 14 -27.74 19.61 -29.88
N TYR C 15 -28.03 19.25 -28.60
CA TYR C 15 -27.20 19.66 -27.46
C TYR C 15 -25.82 19.04 -27.47
N SER C 16 -25.67 17.83 -28.01
CA SER C 16 -24.35 17.21 -28.10
C SER C 16 -23.61 17.65 -29.36
N GLU C 17 -24.34 17.91 -30.46
CA GLU C 17 -23.74 18.41 -31.69
C GLU C 17 -23.30 19.87 -31.59
N LEU C 18 -23.98 20.65 -30.74
CA LEU C 18 -23.69 22.06 -30.50
C LEU C 18 -22.27 22.21 -30.01
N PRO C 19 -21.41 22.99 -30.72
CA PRO C 19 -20.04 23.20 -30.21
C PRO C 19 -20.11 23.92 -28.86
N LYS C 20 -19.32 23.46 -27.89
CA LYS C 20 -19.38 24.01 -26.54
C LYS C 20 -18.01 24.30 -25.98
N VAL C 21 -17.95 25.19 -25.03
CA VAL C 21 -16.77 25.57 -24.30
C VAL C 21 -17.04 25.15 -22.81
N GLU C 22 -16.06 24.50 -22.17
CA GLU C 22 -16.21 24.10 -20.77
C GLU C 22 -15.15 24.85 -19.95
N LEU C 23 -15.58 25.74 -19.05
CA LEU C 23 -14.65 26.56 -18.28
C LEU C 23 -14.58 26.21 -16.79
N HIS C 24 -15.47 25.34 -16.29
CA HIS C 24 -15.49 24.98 -14.86
C HIS C 24 -15.69 23.49 -14.74
N ALA C 25 -14.58 22.74 -14.72
CA ALA C 25 -14.62 21.29 -14.63
C ALA C 25 -13.45 20.81 -13.79
N HIS C 26 -13.72 20.22 -12.61
CA HIS C 26 -12.66 19.71 -11.74
C HIS C 26 -12.28 18.34 -12.23
N LEU C 27 -10.99 18.07 -12.40
CA LEU C 27 -10.52 16.80 -12.92
C LEU C 27 -11.04 15.55 -12.17
N ASN C 28 -10.87 15.51 -10.85
CA ASN C 28 -11.30 14.36 -10.06
C ASN C 28 -12.83 14.27 -9.88
N GLY C 29 -13.55 15.37 -10.14
CA GLY C 29 -15.00 15.36 -10.12
C GLY C 29 -15.59 15.01 -11.48
N SER C 30 -14.76 15.02 -12.54
CA SER C 30 -15.20 14.72 -13.89
C SER C 30 -15.02 13.25 -14.30
N ILE C 31 -14.58 12.37 -13.39
CA ILE C 31 -14.33 10.97 -13.72
C ILE C 31 -15.62 10.20 -14.03
N SER C 32 -15.69 9.60 -15.22
CA SER C 32 -16.84 8.83 -15.64
C SER C 32 -16.96 7.51 -14.87
N SER C 33 -18.12 6.86 -14.98
CA SER C 33 -18.40 5.57 -14.35
C SER C 33 -17.42 4.50 -14.87
N HIS C 34 -17.12 4.54 -16.18
CA HIS C 34 -16.20 3.62 -16.83
C HIS C 34 -14.77 3.75 -16.27
N THR C 35 -14.28 4.99 -16.16
CA THR C 35 -12.94 5.25 -15.64
C THR C 35 -12.83 4.94 -14.15
N MET C 36 -13.93 5.20 -13.40
CA MET C 36 -13.97 4.94 -11.97
C MET C 36 -13.82 3.44 -11.71
N LYS C 37 -14.50 2.60 -12.53
CA LYS C 37 -14.42 1.15 -12.43
C LYS C 37 -13.01 0.63 -12.72
N LYS C 38 -12.28 1.25 -13.65
CA LYS C 38 -10.90 0.88 -13.95
C LYS C 38 -9.99 1.21 -12.78
N LEU C 39 -10.22 2.35 -12.11
CA LEU C 39 -9.43 2.74 -10.94
C LEU C 39 -9.72 1.78 -9.77
N ILE C 40 -10.99 1.37 -9.60
CA ILE C 40 -11.42 0.44 -8.57
C ILE C 40 -10.82 -0.94 -8.81
N ALA C 41 -10.73 -1.36 -10.08
CA ALA C 41 -10.15 -2.66 -10.42
C ALA C 41 -8.67 -2.72 -10.04
N GLN C 42 -7.94 -1.60 -10.19
CA GLN C 42 -6.52 -1.52 -9.86
C GLN C 42 -6.28 -1.52 -8.35
N LYS C 43 -7.23 -1.00 -7.56
CA LYS C 43 -7.10 -0.97 -6.10
C LYS C 43 -8.29 -1.67 -5.42
N PRO C 44 -8.40 -3.01 -5.52
CA PRO C 44 -9.55 -3.69 -4.91
C PRO C 44 -9.52 -3.72 -3.38
N ASP C 45 -8.33 -3.60 -2.78
CA ASP C 45 -8.17 -3.60 -1.32
C ASP C 45 -8.83 -2.38 -0.64
N LEU C 46 -9.11 -1.31 -1.40
CA LEU C 46 -9.74 -0.09 -0.87
C LEU C 46 -11.21 -0.29 -0.51
N LYS C 47 -11.87 -1.35 -1.06
CA LYS C 47 -13.27 -1.70 -0.83
C LYS C 47 -14.22 -0.55 -1.21
N ILE C 48 -13.86 0.24 -2.23
CA ILE C 48 -14.68 1.37 -2.68
C ILE C 48 -15.67 0.91 -3.75
N HIS C 49 -16.94 1.31 -3.63
CA HIS C 49 -17.94 0.98 -4.65
C HIS C 49 -18.30 2.22 -5.48
N ASP C 50 -18.75 2.02 -6.74
CA ASP C 50 -19.10 3.12 -7.64
C ASP C 50 -20.23 4.01 -7.12
N GLN C 51 -21.14 3.44 -6.32
CA GLN C 51 -22.27 4.19 -5.72
C GLN C 51 -21.79 5.27 -4.73
N MET C 52 -20.60 5.10 -4.14
CA MET C 52 -20.00 6.03 -3.18
C MET C 52 -19.40 7.30 -3.85
N THR C 53 -19.25 7.28 -5.18
CA THR C 53 -18.65 8.37 -5.93
C THR C 53 -19.65 9.12 -6.82
N VAL C 54 -20.92 8.66 -6.90
CA VAL C 54 -21.91 9.32 -7.76
C VAL C 54 -23.22 9.64 -7.03
N ILE C 55 -23.82 10.80 -7.34
CA ILE C 55 -25.13 11.23 -6.88
C ILE C 55 -26.06 11.02 -8.10
N ASP C 56 -26.90 9.99 -8.04
CA ASP C 56 -27.81 9.62 -9.13
C ASP C 56 -28.90 10.65 -9.39
N LYS C 57 -29.53 10.55 -10.59
CA LYS C 57 -30.66 11.38 -11.03
C LYS C 57 -31.81 11.24 -10.02
N GLY C 58 -32.37 12.38 -9.61
CA GLY C 58 -33.44 12.38 -8.62
C GLY C 58 -32.98 12.34 -7.18
N LYS C 59 -31.66 12.18 -6.94
CA LYS C 59 -31.11 12.15 -5.60
C LYS C 59 -30.35 13.44 -5.28
N LYS C 60 -30.36 13.83 -4.00
CA LYS C 60 -29.67 15.04 -3.54
C LYS C 60 -28.85 14.74 -2.28
N ARG C 61 -27.74 15.44 -2.10
CA ARG C 61 -26.87 15.33 -0.93
C ARG C 61 -26.52 16.74 -0.42
N THR C 62 -26.00 16.86 0.80
CA THR C 62 -25.57 18.16 1.32
C THR C 62 -24.23 18.54 0.68
N LEU C 63 -23.82 19.82 0.77
CA LEU C 63 -22.54 20.24 0.21
C LEU C 63 -21.37 19.52 0.93
N GLU C 64 -21.50 19.32 2.26
CA GLU C 64 -20.51 18.61 3.06
C GLU C 64 -20.38 17.16 2.59
N GLU C 65 -21.51 16.50 2.31
CA GLU C 65 -21.53 15.13 1.81
C GLU C 65 -20.81 15.02 0.46
N CYS C 66 -20.93 16.06 -0.39
CA CYS C 66 -20.26 16.10 -1.68
C CYS C 66 -18.75 16.13 -1.47
N PHE C 67 -18.28 16.97 -0.54
CA PHE C 67 -16.86 17.09 -0.21
C PHE C 67 -16.27 15.77 0.28
N GLN C 68 -17.07 15.00 1.05
CA GLN C 68 -16.66 13.69 1.55
C GLN C 68 -16.44 12.70 0.41
N MET C 69 -17.25 12.79 -0.65
CA MET C 69 -17.09 11.92 -1.83
C MET C 69 -15.77 12.16 -2.52
N PHE C 70 -15.26 13.41 -2.51
CA PHE C 70 -13.97 13.73 -3.12
C PHE C 70 -12.83 13.08 -2.36
N GLN C 71 -12.96 12.90 -1.04
CA GLN C 71 -11.96 12.23 -0.23
C GLN C 71 -11.83 10.76 -0.71
N THR C 72 -12.95 10.11 -1.06
CA THR C 72 -12.99 8.74 -1.56
C THR C 72 -12.31 8.65 -2.92
N ILE C 73 -12.65 9.58 -3.84
CA ILE C 73 -12.10 9.60 -5.19
C ILE C 73 -10.60 9.86 -5.17
N HIS C 74 -10.14 10.74 -4.28
CA HIS C 74 -8.72 11.05 -4.14
C HIS C 74 -7.87 9.84 -3.72
N GLN C 75 -8.49 8.84 -3.07
CA GLN C 75 -7.79 7.62 -2.69
C GLN C 75 -7.51 6.72 -3.91
N LEU C 76 -8.36 6.80 -4.94
CA LEU C 76 -8.21 6.02 -6.16
C LEU C 76 -7.18 6.62 -7.11
N THR C 77 -7.04 7.96 -7.12
CA THR C 77 -6.09 8.62 -8.01
C THR C 77 -4.87 9.03 -7.21
N SER C 78 -4.04 8.04 -6.79
CA SER C 78 -2.89 8.35 -5.96
C SER C 78 -1.53 8.31 -6.65
N SER C 79 -1.47 7.96 -7.94
CA SER C 79 -0.18 7.93 -8.64
C SER C 79 -0.21 8.74 -9.94
N PRO C 80 0.97 9.16 -10.47
CA PRO C 80 0.97 9.93 -11.73
C PRO C 80 0.32 9.21 -12.91
N GLU C 81 0.37 7.87 -12.90
CA GLU C 81 -0.25 7.05 -13.94
C GLU C 81 -1.77 7.13 -13.88
N ASP C 82 -2.33 7.24 -12.66
CA ASP C 82 -3.78 7.38 -12.45
C ASP C 82 -4.23 8.74 -12.95
N ILE C 83 -3.44 9.80 -12.67
CA ILE C 83 -3.74 11.16 -13.12
C ILE C 83 -3.65 11.26 -14.64
N LEU C 84 -2.67 10.57 -15.26
CA LEU C 84 -2.52 10.54 -16.72
C LEU C 84 -3.73 9.86 -17.34
N MET C 85 -4.14 8.69 -16.82
CA MET C 85 -5.29 7.97 -17.36
C MET C 85 -6.58 8.78 -17.18
N VAL C 86 -6.77 9.39 -16.01
CA VAL C 86 -7.95 10.20 -15.73
C VAL C 86 -8.00 11.40 -16.70
N THR C 87 -6.88 12.11 -16.88
CA THR C 87 -6.81 13.25 -17.80
C THR C 87 -7.20 12.88 -19.22
N LYS C 88 -6.65 11.79 -19.74
CA LYS C 88 -6.96 11.35 -21.10
C LYS C 88 -8.41 10.95 -21.25
N ASP C 89 -8.95 10.21 -20.28
CA ASP C 89 -10.34 9.78 -20.33
C ASP C 89 -11.30 10.96 -20.26
N VAL C 90 -11.08 11.88 -19.33
CA VAL C 90 -11.91 13.07 -19.17
C VAL C 90 -11.91 13.92 -20.44
N ILE C 91 -10.73 14.13 -21.04
CA ILE C 91 -10.60 14.90 -22.28
C ILE C 91 -11.40 14.24 -23.41
N LYS C 92 -11.29 12.91 -23.55
CA LYS C 92 -12.02 12.19 -24.58
C LYS C 92 -13.53 12.30 -24.36
N GLU C 93 -13.99 12.17 -23.12
CA GLU C 93 -15.41 12.25 -22.80
C GLU C 93 -15.99 13.64 -23.10
N PHE C 94 -15.24 14.71 -22.80
CA PHE C 94 -15.69 16.06 -23.12
C PHE C 94 -15.72 16.26 -24.65
N ALA C 95 -14.68 15.83 -25.36
CA ALA C 95 -14.62 15.97 -26.82
C ALA C 95 -15.75 15.20 -27.50
N ASP C 96 -16.05 13.98 -27.02
CA ASP C 96 -17.15 13.18 -27.57
C ASP C 96 -18.51 13.84 -27.36
N ASP C 97 -18.63 14.67 -26.33
CA ASP C 97 -19.83 15.40 -26.01
C ASP C 97 -19.97 16.72 -26.82
N GLY C 98 -19.01 17.03 -27.69
CA GLY C 98 -19.06 18.23 -28.50
C GLY C 98 -18.33 19.42 -27.91
N VAL C 99 -17.52 19.23 -26.88
CA VAL C 99 -16.75 20.32 -26.28
C VAL C 99 -15.50 20.57 -27.11
N LYS C 100 -15.32 21.79 -27.60
CA LYS C 100 -14.20 22.18 -28.47
C LYS C 100 -13.08 22.91 -27.73
N TYR C 101 -13.36 23.44 -26.55
CA TYR C 101 -12.37 24.13 -25.76
C TYR C 101 -12.66 23.77 -24.32
N LEU C 102 -11.65 23.32 -23.60
CA LEU C 102 -11.84 22.89 -22.20
C LEU C 102 -10.77 23.47 -21.29
N GLU C 103 -11.18 24.07 -20.18
CA GLU C 103 -10.24 24.53 -19.16
C GLU C 103 -10.43 23.62 -17.95
N LEU C 104 -9.51 22.68 -17.75
CA LEU C 104 -9.57 21.77 -16.61
C LEU C 104 -9.00 22.45 -15.39
N ARG C 105 -9.55 22.12 -14.24
CA ARG C 105 -9.18 22.63 -12.91
C ARG C 105 -8.74 21.43 -12.09
N SER C 106 -7.61 21.50 -11.39
CA SER C 106 -7.20 20.41 -10.51
C SER C 106 -6.20 20.84 -9.48
N THR C 107 -6.36 20.37 -8.25
CA THR C 107 -5.47 20.68 -7.15
C THR C 107 -4.31 19.70 -7.15
N PRO C 108 -3.07 20.19 -7.34
CA PRO C 108 -1.91 19.29 -7.32
C PRO C 108 -1.67 18.68 -5.94
N ARG C 109 -1.34 17.38 -5.89
CA ARG C 109 -1.12 16.71 -4.62
C ARG C 109 0.16 15.88 -4.57
N ARG C 110 0.78 15.81 -3.38
CA ARG C 110 1.93 14.96 -3.16
C ARG C 110 1.42 13.58 -2.62
N GLU C 111 2.10 12.51 -2.98
CA GLU C 111 1.78 11.17 -2.50
C GLU C 111 3.13 10.49 -2.30
N ASN C 112 3.66 10.55 -1.08
CA ASN C 112 4.98 9.99 -0.78
C ASN C 112 5.04 8.50 -1.09
N ALA C 113 3.96 7.75 -0.80
CA ALA C 113 3.90 6.31 -1.07
C ALA C 113 3.80 5.95 -2.54
N THR C 114 4.08 6.91 -3.43
CA THR C 114 4.02 6.76 -4.88
C THR C 114 5.13 7.61 -5.59
N GLY C 115 5.78 8.52 -4.85
CA GLY C 115 6.78 9.40 -5.43
C GLY C 115 6.18 10.61 -6.14
N MET C 116 4.83 10.71 -6.19
CA MET C 116 4.15 11.82 -6.82
C MET C 116 4.38 13.09 -6.01
N THR C 117 4.80 14.13 -6.67
CA THR C 117 4.91 15.44 -6.05
C THR C 117 3.80 16.31 -6.70
N LYS C 118 3.65 17.54 -6.24
CA LYS C 118 2.72 18.48 -6.83
C LYS C 118 3.19 18.83 -8.26
N LYS C 119 4.51 18.85 -8.51
CA LYS C 119 5.09 19.11 -9.82
C LYS C 119 4.81 17.95 -10.77
N THR C 120 4.96 16.74 -10.28
CA THR C 120 4.73 15.52 -11.04
C THR C 120 3.21 15.32 -11.34
N TYR C 121 2.35 15.81 -10.43
CA TYR C 121 0.89 15.77 -10.61
C TYR C 121 0.54 16.66 -11.82
N VAL C 122 1.07 17.90 -11.86
CA VAL C 122 0.84 18.83 -12.96
C VAL C 122 1.42 18.27 -14.27
N GLU C 123 2.60 17.66 -14.21
CA GLU C 123 3.22 17.08 -15.40
C GLU C 123 2.39 15.95 -15.99
N SER C 124 1.68 15.19 -15.15
CA SER C 124 0.80 14.10 -15.61
C SER C 124 -0.40 14.66 -16.37
N ILE C 125 -0.93 15.81 -15.91
CA ILE C 125 -2.03 16.48 -16.58
C ILE C 125 -1.54 17.02 -17.93
N LEU C 126 -0.38 17.69 -17.95
CA LEU C 126 0.18 18.21 -19.20
C LEU C 126 0.52 17.08 -20.20
N GLU C 127 0.92 15.92 -19.68
CA GLU C 127 1.19 14.76 -20.51
C GLU C 127 -0.11 14.21 -21.12
N GLY C 128 -1.20 14.23 -20.35
CA GLY C 128 -2.51 13.81 -20.82
C GLY C 128 -3.06 14.71 -21.90
N ILE C 129 -2.76 16.02 -21.79
CA ILE C 129 -3.14 17.02 -22.79
C ILE C 129 -2.34 16.79 -24.08
N LYS C 130 -1.03 16.52 -23.94
CA LYS C 130 -0.12 16.25 -25.06
C LYS C 130 -0.54 14.99 -25.82
N GLN C 131 -0.82 13.88 -25.08
CA GLN C 131 -1.24 12.63 -25.70
C GLN C 131 -2.61 12.75 -26.37
N SER C 132 -3.49 13.62 -25.85
CA SER C 132 -4.81 13.86 -26.46
C SER C 132 -4.67 14.60 -27.80
N LYS C 133 -3.66 15.46 -27.94
CA LYS C 133 -3.37 16.18 -29.19
C LYS C 133 -2.90 15.17 -30.24
N GLN C 134 -2.04 14.23 -29.81
CA GLN C 134 -1.50 13.16 -30.67
C GLN C 134 -2.62 12.25 -31.19
N GLU C 135 -3.76 12.16 -30.48
CA GLU C 135 -4.92 11.38 -30.90
C GLU C 135 -5.89 12.18 -31.79
N ASN C 136 -5.53 13.41 -32.18
CA ASN C 136 -6.29 14.28 -33.07
C ASN C 136 -7.73 14.54 -32.60
N LEU C 137 -7.88 14.76 -31.29
CA LEU C 137 -9.19 15.06 -30.73
C LEU C 137 -9.51 16.51 -31.05
N ASP C 138 -10.75 16.80 -31.45
CA ASP C 138 -11.14 18.16 -31.76
C ASP C 138 -11.49 18.93 -30.47
N ILE C 139 -10.49 19.15 -29.63
CA ILE C 139 -10.65 19.84 -28.36
C ILE C 139 -9.36 20.51 -27.97
N ASP C 140 -9.44 21.78 -27.57
CA ASP C 140 -8.27 22.55 -27.13
C ASP C 140 -8.32 22.55 -25.60
N VAL C 141 -7.42 21.81 -24.96
CA VAL C 141 -7.43 21.67 -23.50
C VAL C 141 -6.37 22.53 -22.80
N ARG C 142 -6.80 23.27 -21.80
CA ARG C 142 -5.94 24.08 -20.97
C ARG C 142 -6.11 23.72 -19.50
N TYR C 143 -5.18 24.17 -18.66
CA TYR C 143 -5.18 23.79 -17.26
C TYR C 143 -5.06 24.99 -16.34
N LEU C 144 -5.90 24.99 -15.30
CA LEU C 144 -5.94 26.00 -14.24
C LEU C 144 -5.53 25.27 -13.00
N ILE C 145 -4.49 25.74 -12.32
CA ILE C 145 -4.02 25.10 -11.09
C ILE C 145 -4.93 25.52 -9.95
N ALA C 146 -5.53 24.54 -9.28
CA ALA C 146 -6.46 24.81 -8.20
C ALA C 146 -5.83 24.79 -6.82
N VAL C 147 -6.18 25.79 -6.04
CA VAL C 147 -5.76 25.90 -4.67
C VAL C 147 -6.96 25.48 -3.81
N ASP C 148 -6.77 24.49 -2.94
CA ASP C 148 -7.83 24.01 -2.06
C ASP C 148 -7.72 24.75 -0.75
N ARG C 149 -8.83 25.27 -0.25
CA ARG C 149 -8.87 26.00 1.02
C ARG C 149 -8.39 25.15 2.20
N ARG C 150 -8.65 23.84 2.15
CA ARG C 150 -8.22 22.85 3.14
C ARG C 150 -6.70 22.72 3.25
N GLY C 151 -5.99 22.93 2.16
CA GLY C 151 -4.54 22.82 2.15
C GLY C 151 -3.82 23.86 2.99
N GLY C 152 -4.46 25.00 3.21
CA GLY C 152 -3.88 26.06 4.01
C GLY C 152 -3.12 27.08 3.21
N PRO C 153 -2.70 28.18 3.85
CA PRO C 153 -2.00 29.24 3.13
C PRO C 153 -0.56 28.91 2.70
N LEU C 154 0.10 27.95 3.37
CA LEU C 154 1.48 27.60 3.02
C LEU C 154 1.50 26.73 1.78
N VAL C 155 0.60 25.75 1.70
CA VAL C 155 0.48 24.91 0.50
C VAL C 155 0.03 25.78 -0.70
N ALA C 156 -0.82 26.81 -0.45
CA ALA C 156 -1.26 27.76 -1.45
C ALA C 156 -0.06 28.52 -2.06
N LYS C 157 0.89 28.94 -1.22
CA LYS C 157 2.09 29.65 -1.70
C LYS C 157 2.96 28.75 -2.59
N GLU C 158 3.10 27.48 -2.20
CA GLU C 158 3.86 26.50 -2.97
C GLU C 158 3.20 26.24 -4.31
N THR C 159 1.85 26.09 -4.32
CA THR C 159 1.05 25.84 -5.50
C THR C 159 1.10 27.03 -6.45
N VAL C 160 1.06 28.26 -5.92
CA VAL C 160 1.15 29.47 -6.73
C VAL C 160 2.54 29.59 -7.38
N LYS C 161 3.60 29.28 -6.64
CA LYS C 161 4.96 29.32 -7.19
C LYS C 161 5.09 28.30 -8.34
N LEU C 162 4.53 27.11 -8.13
CA LEU C 162 4.53 26.06 -9.12
C LEU C 162 3.76 26.48 -10.36
N ALA C 163 2.61 27.14 -10.18
CA ALA C 163 1.77 27.63 -11.27
C ALA C 163 2.48 28.71 -12.06
N GLU C 164 3.25 29.58 -11.40
CA GLU C 164 4.01 30.65 -12.07
C GLU C 164 5.10 30.09 -13.00
N GLU C 165 5.70 28.96 -12.60
CA GLU C 165 6.72 28.29 -13.37
C GLU C 165 6.12 27.62 -14.60
N PHE C 166 4.97 26.94 -14.44
CA PHE C 166 4.31 26.28 -15.56
C PHE C 166 3.65 27.27 -16.50
N PHE C 167 3.22 28.43 -15.99
CA PHE C 167 2.62 29.47 -16.81
C PHE C 167 3.62 29.95 -17.88
N LEU C 168 4.88 30.10 -17.49
CA LEU C 168 5.93 30.52 -18.42
C LEU C 168 6.44 29.39 -19.29
N SER C 169 6.72 28.21 -18.71
CA SER C 169 7.27 27.10 -19.47
C SER C 169 6.28 26.43 -20.45
N THR C 170 4.96 26.39 -20.15
CA THR C 170 4.01 25.71 -21.04
C THR C 170 3.56 26.51 -22.25
N GLU C 171 3.84 27.83 -22.27
CA GLU C 171 3.49 28.69 -23.39
C GLU C 171 2.04 28.58 -23.85
N GLY C 172 1.10 28.71 -22.91
CA GLY C 172 -0.31 28.68 -23.24
C GLY C 172 -1.16 27.60 -22.60
N THR C 173 -0.56 26.45 -22.24
CA THR C 173 -1.34 25.35 -21.65
C THR C 173 -1.88 25.71 -20.26
N VAL C 174 -1.02 26.17 -19.35
CA VAL C 174 -1.43 26.59 -18.02
C VAL C 174 -1.82 28.07 -18.12
N LEU C 175 -3.09 28.40 -17.88
CA LEU C 175 -3.55 29.77 -18.07
C LEU C 175 -3.94 30.53 -16.83
N GLY C 176 -4.22 29.83 -15.75
CA GLY C 176 -4.68 30.47 -14.55
C GLY C 176 -4.66 29.67 -13.28
N LEU C 177 -5.28 30.25 -12.27
CA LEU C 177 -5.36 29.73 -10.91
C LEU C 177 -6.82 29.74 -10.45
N ASP C 178 -7.19 28.74 -9.66
CA ASP C 178 -8.51 28.65 -9.07
C ASP C 178 -8.40 28.58 -7.53
N LEU C 179 -9.46 29.02 -6.82
CA LEU C 179 -9.56 28.88 -5.37
C LEU C 179 -10.83 28.11 -5.11
N SER C 180 -10.70 26.85 -4.69
CA SER C 180 -11.85 25.97 -4.48
C SER C 180 -11.75 25.20 -3.14
N GLY C 181 -12.49 24.11 -2.99
CA GLY C 181 -12.53 23.37 -1.76
C GLY C 181 -13.57 23.93 -0.82
N ASP C 182 -13.65 23.37 0.39
CA ASP C 182 -14.63 23.77 1.40
C ASP C 182 -14.65 25.27 1.69
N PRO C 183 -15.77 25.97 1.36
CA PRO C 183 -15.84 27.41 1.64
C PRO C 183 -15.93 27.78 3.13
N THR C 184 -16.23 26.79 4.00
CA THR C 184 -16.26 27.01 5.45
C THR C 184 -14.87 26.89 6.10
N VAL C 185 -13.88 26.34 5.37
CA VAL C 185 -12.54 26.16 5.87
C VAL C 185 -11.66 27.34 5.51
N GLY C 186 -10.96 27.88 6.49
CA GLY C 186 -10.04 28.98 6.27
C GLY C 186 -10.69 30.33 6.14
N GLN C 187 -9.86 31.35 5.99
CA GLN C 187 -10.32 32.72 5.80
C GLN C 187 -9.78 33.26 4.49
N ALA C 188 -10.54 34.14 3.82
CA ALA C 188 -10.17 34.74 2.55
C ALA C 188 -8.84 35.48 2.66
N LYS C 189 -8.62 36.20 3.78
CA LYS C 189 -7.38 36.94 4.03
C LYS C 189 -6.13 36.06 4.00
N ASP C 190 -6.26 34.77 4.34
CA ASP C 190 -5.14 33.83 4.30
C ASP C 190 -4.64 33.55 2.87
N PHE C 191 -5.51 33.74 1.86
CA PHE C 191 -5.17 33.45 0.48
C PHE C 191 -4.92 34.69 -0.38
N LEU C 192 -5.12 35.91 0.16
CA LEU C 192 -4.94 37.13 -0.61
C LEU C 192 -3.53 37.28 -1.18
N GLU C 193 -2.49 37.06 -0.37
CA GLU C 193 -1.11 37.22 -0.84
C GLU C 193 -0.75 36.26 -1.99
N PRO C 194 -0.92 34.92 -1.88
CA PRO C 194 -0.58 34.05 -3.04
C PRO C 194 -1.46 34.31 -4.27
N LEU C 195 -2.75 34.68 -4.09
CA LEU C 195 -3.61 34.98 -5.24
C LEU C 195 -3.19 36.28 -5.94
N LEU C 196 -2.77 37.29 -5.15
CA LEU C 196 -2.28 38.56 -5.70
C LEU C 196 -0.98 38.36 -6.45
N GLU C 197 -0.12 37.46 -5.93
CA GLU C 197 1.15 37.11 -6.52
C GLU C 197 0.91 36.49 -7.89
N ALA C 198 -0.04 35.54 -7.99
CA ALA C 198 -0.41 34.89 -9.24
C ALA C 198 -0.99 35.90 -10.23
N LYS C 199 -1.84 36.82 -9.75
CA LYS C 199 -2.42 37.86 -10.57
C LYS C 199 -1.34 38.78 -11.17
N LYS C 200 -0.33 39.13 -10.35
CA LYS C 200 0.80 39.97 -10.76
C LYS C 200 1.67 39.27 -11.82
N ALA C 201 1.86 37.95 -11.68
CA ALA C 201 2.61 37.15 -12.66
C ALA C 201 1.93 37.06 -14.04
N GLY C 202 0.63 37.31 -14.09
CA GLY C 202 -0.12 37.26 -15.34
C GLY C 202 -1.15 36.15 -15.42
N LEU C 203 -1.24 35.34 -14.38
CA LEU C 203 -2.21 34.25 -14.34
C LEU C 203 -3.61 34.82 -14.11
N LYS C 204 -4.62 34.23 -14.77
CA LYS C 204 -6.02 34.64 -14.63
C LYS C 204 -6.62 33.95 -13.41
N LEU C 205 -7.56 34.61 -12.72
CA LEU C 205 -8.15 34.02 -11.52
C LEU C 205 -9.59 33.60 -11.72
N ALA C 206 -9.90 32.35 -11.42
CA ALA C 206 -11.28 31.87 -11.46
C ALA C 206 -11.59 31.49 -9.99
N LEU C 207 -12.36 32.32 -9.28
CA LEU C 207 -12.65 32.04 -7.87
C LEU C 207 -14.05 31.56 -7.60
N HIS C 208 -14.21 30.49 -6.83
CA HIS C 208 -15.51 30.02 -6.37
C HIS C 208 -16.01 31.04 -5.35
N LEU C 209 -17.14 31.70 -5.59
CA LEU C 209 -17.66 32.72 -4.68
C LEU C 209 -19.13 32.52 -4.40
N SER C 210 -19.56 32.94 -3.23
CA SER C 210 -20.96 32.95 -2.82
C SER C 210 -21.67 31.62 -3.00
N GLU C 211 -20.98 30.51 -2.70
CA GLU C 211 -21.56 29.17 -2.83
C GLU C 211 -22.56 28.87 -1.73
N ILE C 212 -22.32 29.42 -0.55
CA ILE C 212 -23.18 29.22 0.62
C ILE C 212 -23.60 30.56 1.18
N PRO C 213 -24.72 30.60 1.92
CA PRO C 213 -25.16 31.88 2.49
C PRO C 213 -24.32 32.35 3.69
N ASN C 214 -24.53 33.62 4.05
CA ASN C 214 -23.97 34.34 5.19
C ASN C 214 -22.44 34.48 5.18
N GLN C 215 -21.84 34.67 4.00
CA GLN C 215 -20.40 34.91 3.93
C GLN C 215 -20.11 36.14 3.08
N LYS C 216 -20.94 37.20 3.24
CA LYS C 216 -20.81 38.47 2.53
C LYS C 216 -19.44 39.13 2.68
N LYS C 217 -18.91 39.29 3.90
CA LYS C 217 -17.60 39.91 4.11
C LYS C 217 -16.48 39.15 3.42
N GLU C 218 -16.54 37.82 3.49
CA GLU C 218 -15.55 36.97 2.84
C GLU C 218 -15.61 37.11 1.31
N THR C 219 -16.83 37.27 0.76
CA THR C 219 -17.07 37.44 -0.66
C THR C 219 -16.55 38.80 -1.12
N GLN C 220 -16.77 39.87 -0.33
CA GLN C 220 -16.26 41.19 -0.70
C GLN C 220 -14.74 41.18 -0.75
N ILE C 221 -14.07 40.44 0.17
CA ILE C 221 -12.62 40.34 0.20
C ILE C 221 -12.07 39.72 -1.08
N LEU C 222 -12.65 38.59 -1.51
CA LEU C 222 -12.20 37.93 -2.73
C LEU C 222 -12.62 38.68 -4.00
N LEU C 223 -13.76 39.39 -3.96
CA LEU C 223 -14.20 40.20 -5.11
C LEU C 223 -13.24 41.39 -5.34
N ASP C 224 -12.62 41.90 -4.26
CA ASP C 224 -11.64 42.98 -4.37
C ASP C 224 -10.38 42.56 -5.14
N LEU C 225 -10.10 41.24 -5.25
CA LEU C 225 -9.01 40.74 -6.08
C LEU C 225 -9.34 40.92 -7.59
N LEU C 226 -10.60 41.27 -7.94
CA LEU C 226 -11.10 41.36 -9.30
C LEU C 226 -10.85 40.05 -10.05
N PRO C 227 -11.56 38.98 -9.66
CA PRO C 227 -11.37 37.71 -10.38
C PRO C 227 -11.79 37.85 -11.84
N ASP C 228 -11.17 37.06 -12.70
CA ASP C 228 -11.48 37.09 -14.13
C ASP C 228 -12.77 36.34 -14.44
N ARG C 229 -13.15 35.37 -13.60
CA ARG C 229 -14.39 34.61 -13.65
C ARG C 229 -14.76 34.21 -12.23
N ILE C 230 -16.06 34.16 -11.95
CA ILE C 230 -16.59 33.75 -10.65
C ILE C 230 -17.28 32.43 -10.83
N GLY C 231 -17.01 31.50 -9.93
CA GLY C 231 -17.67 30.21 -9.91
C GLY C 231 -18.89 30.25 -9.01
N HIS C 232 -20.08 29.96 -9.59
CA HIS C 232 -21.39 29.90 -8.91
C HIS C 232 -22.00 31.28 -8.68
N GLY C 233 -21.54 32.01 -7.68
CA GLY C 233 -22.11 33.30 -7.32
C GLY C 233 -23.56 33.18 -6.86
N THR C 234 -23.92 31.98 -6.36
CA THR C 234 -25.27 31.58 -5.96
C THR C 234 -25.99 32.57 -5.07
N PHE C 235 -25.30 33.09 -4.05
CA PHE C 235 -25.89 33.99 -3.07
C PHE C 235 -25.49 35.45 -3.26
N LEU C 236 -24.94 35.85 -4.43
CA LEU C 236 -24.55 37.25 -4.66
C LEU C 236 -25.73 38.21 -4.49
N ASN C 237 -26.93 37.77 -4.94
CA ASN C 237 -28.15 38.57 -4.86
C ASN C 237 -29.05 38.22 -3.67
N SER C 238 -28.64 37.28 -2.83
CA SER C 238 -29.44 36.85 -1.69
C SER C 238 -29.24 37.79 -0.52
N GLY C 239 -30.29 38.05 0.24
CA GLY C 239 -30.19 38.92 1.42
C GLY C 239 -29.29 38.34 2.50
N GLU C 240 -29.17 36.99 2.53
CA GLU C 240 -28.30 36.25 3.46
C GLU C 240 -26.95 35.92 2.79
N GLY C 241 -26.01 36.86 2.83
CA GLY C 241 -24.70 36.65 2.24
C GLY C 241 -24.37 37.47 1.00
N GLY C 242 -25.34 38.22 0.50
CA GLY C 242 -25.15 39.08 -0.65
C GLY C 242 -25.91 40.39 -0.52
N SER C 243 -25.91 41.22 -1.57
CA SER C 243 -26.70 42.46 -1.60
C SER C 243 -26.67 43.14 -2.98
N LEU C 244 -27.35 44.31 -3.10
CA LEU C 244 -27.34 45.14 -4.30
C LEU C 244 -25.90 45.55 -4.61
N ASP C 245 -25.08 45.82 -3.59
CA ASP C 245 -23.65 46.16 -3.70
C ASP C 245 -22.82 45.05 -4.39
N LEU C 246 -23.02 43.77 -4.02
CA LEU C 246 -22.26 42.68 -4.64
C LEU C 246 -22.71 42.46 -6.07
N VAL C 247 -24.01 42.57 -6.34
CA VAL C 247 -24.53 42.41 -7.69
C VAL C 247 -24.02 43.55 -8.56
N ASP C 248 -24.08 44.77 -8.05
CA ASP C 248 -23.62 45.97 -8.73
C ASP C 248 -22.13 45.90 -9.04
N PHE C 249 -21.31 45.39 -8.09
CA PHE C 249 -19.87 45.26 -8.32
C PHE C 249 -19.62 44.29 -9.47
N VAL C 250 -20.27 43.11 -9.46
CA VAL C 250 -20.15 42.11 -10.50
C VAL C 250 -20.63 42.65 -11.86
N ARG C 251 -21.71 43.45 -11.84
CA ARG C 251 -22.27 44.09 -13.02
C ARG C 251 -21.34 45.13 -13.60
N GLN C 252 -20.87 46.11 -12.81
CA GLN C 252 -19.99 47.18 -13.27
C GLN C 252 -18.66 46.63 -13.81
N HIS C 253 -18.14 45.58 -13.20
CA HIS C 253 -16.89 44.97 -13.66
C HIS C 253 -17.07 43.86 -14.69
N ARG C 254 -18.33 43.57 -15.09
CA ARG C 254 -18.70 42.56 -16.07
C ARG C 254 -18.00 41.22 -15.85
N ILE C 255 -17.99 40.73 -14.61
CA ILE C 255 -17.30 39.48 -14.30
C ILE C 255 -18.12 38.27 -14.72
N PRO C 256 -17.62 37.46 -15.68
CA PRO C 256 -18.40 36.28 -16.12
C PRO C 256 -18.65 35.28 -14.99
N LEU C 257 -19.88 34.72 -14.94
CA LEU C 257 -20.24 33.71 -13.94
C LEU C 257 -20.26 32.32 -14.58
N GLU C 258 -19.59 31.37 -13.94
CA GLU C 258 -19.60 29.97 -14.35
C GLU C 258 -20.77 29.36 -13.58
N LEU C 259 -21.88 29.09 -14.27
CA LEU C 259 -23.11 28.56 -13.69
C LEU C 259 -23.21 27.04 -13.84
N CYS C 260 -23.35 26.35 -12.73
CA CYS C 260 -23.41 24.88 -12.68
C CYS C 260 -24.75 24.45 -12.11
N LEU C 261 -25.72 24.21 -12.97
CA LEU C 261 -27.11 23.90 -12.61
C LEU C 261 -27.29 22.60 -11.81
N THR C 262 -26.88 21.44 -12.34
CA THR C 262 -27.04 20.17 -11.62
C THR C 262 -26.24 20.13 -10.33
N SER C 263 -25.03 20.73 -10.35
CA SER C 263 -24.19 20.85 -9.17
C SER C 263 -24.92 21.57 -8.03
N ASN C 264 -25.57 22.72 -8.29
CA ASN C 264 -26.29 23.43 -7.24
C ASN C 264 -27.54 22.71 -6.79
N VAL C 265 -28.25 22.04 -7.70
CA VAL C 265 -29.46 21.31 -7.35
C VAL C 265 -29.14 20.06 -6.52
N LYS C 266 -28.17 19.23 -6.95
CA LYS C 266 -27.80 18.00 -6.27
C LYS C 266 -27.07 18.25 -4.96
N SER C 267 -26.41 19.40 -4.80
CA SER C 267 -25.77 19.74 -3.54
C SER C 267 -26.67 20.62 -2.65
N GLN C 268 -27.95 20.81 -3.05
CA GLN C 268 -29.01 21.53 -2.36
C GLN C 268 -28.72 22.99 -2.06
N THR C 269 -27.83 23.65 -2.82
CA THR C 269 -27.62 25.09 -2.62
C THR C 269 -28.68 25.94 -3.37
N VAL C 270 -29.55 25.29 -4.16
CA VAL C 270 -30.65 25.84 -4.97
C VAL C 270 -31.82 24.84 -4.85
N PRO C 271 -33.07 25.29 -4.62
CA PRO C 271 -34.17 24.31 -4.41
C PRO C 271 -34.64 23.53 -5.64
N SER C 272 -34.51 24.12 -6.82
CA SER C 272 -34.95 23.48 -8.06
C SER C 272 -34.24 24.10 -9.24
N TYR C 273 -34.24 23.44 -10.41
CA TYR C 273 -33.67 24.02 -11.63
C TYR C 273 -34.37 25.33 -11.97
N ASP C 274 -35.69 25.37 -11.77
CA ASP C 274 -36.56 26.53 -12.03
C ASP C 274 -36.19 27.76 -11.21
N GLN C 275 -35.66 27.55 -10.02
CA GLN C 275 -35.26 28.64 -9.15
C GLN C 275 -33.76 28.91 -9.14
N HIS C 276 -33.00 28.30 -10.05
CA HIS C 276 -31.57 28.55 -10.16
C HIS C 276 -31.34 30.00 -10.59
N HIS C 277 -30.29 30.63 -10.07
CA HIS C 277 -29.98 32.02 -10.38
C HIS C 277 -29.58 32.27 -11.84
N PHE C 278 -29.56 31.22 -12.71
CA PHE C 278 -29.30 31.41 -14.14
C PHE C 278 -30.30 32.43 -14.75
N GLY C 279 -31.60 32.27 -14.44
CA GLY C 279 -32.64 33.15 -14.94
C GLY C 279 -32.42 34.58 -14.57
N PHE C 280 -32.00 34.83 -13.33
CA PHE C 280 -31.70 36.18 -12.84
C PHE C 280 -30.59 36.87 -13.69
N TRP C 281 -29.46 36.17 -13.90
CA TRP C 281 -28.33 36.74 -14.64
C TRP C 281 -28.55 36.79 -16.13
N TYR C 282 -29.32 35.84 -16.66
CA TYR C 282 -29.68 35.81 -18.08
C TYR C 282 -30.63 36.97 -18.38
N SER C 283 -31.53 37.34 -17.45
CA SER C 283 -32.47 38.44 -17.67
C SER C 283 -31.80 39.81 -17.90
N ILE C 284 -30.57 39.98 -17.40
CA ILE C 284 -29.84 41.23 -17.58
C ILE C 284 -28.66 41.06 -18.56
N ALA C 285 -28.66 40.00 -19.37
CA ALA C 285 -27.65 39.66 -20.35
C ALA C 285 -26.26 39.69 -19.76
N HIS C 286 -26.12 39.27 -18.50
CA HIS C 286 -24.84 39.25 -17.82
C HIS C 286 -23.99 38.05 -18.29
N PRO C 287 -22.68 38.30 -18.57
CA PRO C 287 -21.77 37.21 -19.02
C PRO C 287 -21.87 35.93 -18.20
N SER C 288 -22.37 34.85 -18.78
CA SER C 288 -22.55 33.60 -18.05
C SER C 288 -22.19 32.43 -18.92
N VAL C 289 -21.63 31.36 -18.32
CA VAL C 289 -21.26 30.18 -19.06
C VAL C 289 -21.82 28.97 -18.33
N ILE C 290 -22.52 28.10 -19.03
CA ILE C 290 -23.08 26.86 -18.47
C ILE C 290 -21.93 25.87 -18.33
N CYS C 291 -21.75 25.32 -17.11
CA CYS C 291 -20.65 24.42 -16.81
C CYS C 291 -21.14 23.13 -16.13
N THR C 292 -20.31 22.08 -16.11
CA THR C 292 -20.67 20.81 -15.46
C THR C 292 -20.26 20.80 -14.00
N ASP C 293 -19.08 21.37 -13.68
CA ASP C 293 -18.48 21.41 -12.34
C ASP C 293 -17.82 20.05 -12.01
N ASP C 294 -18.64 19.01 -11.84
CA ASP C 294 -18.15 17.68 -11.54
C ASP C 294 -19.11 16.74 -12.25
N LYS C 295 -18.89 16.51 -13.55
CA LYS C 295 -19.76 15.69 -14.38
C LYS C 295 -19.89 14.23 -13.93
N GLY C 296 -18.88 13.71 -13.25
CA GLY C 296 -18.92 12.34 -12.74
C GLY C 296 -19.70 12.24 -11.44
N VAL C 297 -19.36 13.07 -10.46
CA VAL C 297 -20.04 13.08 -9.17
C VAL C 297 -21.53 13.45 -9.36
N PHE C 298 -21.83 14.42 -10.23
CA PHE C 298 -23.21 14.83 -10.46
C PHE C 298 -23.91 14.08 -11.59
N ALA C 299 -23.26 13.04 -12.16
CA ALA C 299 -23.84 12.20 -13.21
C ALA C 299 -24.48 12.99 -14.35
N THR C 300 -23.70 13.87 -14.96
CA THR C 300 -24.18 14.72 -16.04
C THR C 300 -23.13 14.88 -17.17
N HIS C 301 -23.50 15.58 -18.25
CA HIS C 301 -22.64 15.92 -19.38
C HIS C 301 -22.91 17.40 -19.67
N LEU C 302 -21.98 18.09 -20.33
CA LEU C 302 -22.21 19.50 -20.67
C LEU C 302 -23.43 19.67 -21.60
N SER C 303 -23.68 18.71 -22.49
CA SER C 303 -24.85 18.74 -23.37
C SER C 303 -26.15 18.65 -22.57
N GLN C 304 -26.14 17.84 -21.52
CA GLN C 304 -27.28 17.64 -20.63
C GLN C 304 -27.55 18.91 -19.80
N GLU C 305 -26.49 19.64 -19.41
CA GLU C 305 -26.62 20.90 -18.68
C GLU C 305 -27.26 21.95 -19.58
N TYR C 306 -26.86 22.00 -20.87
CA TYR C 306 -27.45 22.91 -21.85
C TYR C 306 -28.93 22.58 -22.07
N GLN C 307 -29.26 21.29 -22.16
CA GLN C 307 -30.64 20.88 -22.34
C GLN C 307 -31.47 21.25 -21.11
N LEU C 308 -30.95 21.01 -19.89
CA LEU C 308 -31.64 21.37 -18.66
C LEU C 308 -31.88 22.89 -18.59
N ALA C 309 -30.89 23.70 -18.96
CA ALA C 309 -31.05 25.15 -18.98
C ALA C 309 -32.08 25.58 -20.02
N ALA C 310 -32.03 24.98 -21.23
CA ALA C 310 -32.95 25.33 -22.31
C ALA C 310 -34.39 24.93 -21.98
N GLU C 311 -34.58 23.74 -21.40
CA GLU C 311 -35.91 23.28 -21.06
C GLU C 311 -36.48 24.05 -19.89
N THR C 312 -35.67 24.27 -18.86
CA THR C 312 -36.11 25.01 -17.68
C THR C 312 -36.45 26.46 -18.00
N PHE C 313 -35.56 27.15 -18.72
CA PHE C 313 -35.75 28.56 -19.01
C PHE C 313 -36.38 28.83 -20.39
N ASN C 314 -36.88 27.79 -21.07
CA ASN C 314 -37.57 27.88 -22.34
C ASN C 314 -36.76 28.64 -23.41
N LEU C 315 -35.50 28.23 -23.62
CA LEU C 315 -34.67 28.86 -24.64
C LEU C 315 -34.78 28.10 -25.96
N THR C 316 -34.86 28.83 -27.08
CA THR C 316 -34.91 28.21 -28.40
C THR C 316 -33.50 27.70 -28.77
N GLN C 317 -33.37 26.92 -29.85
CA GLN C 317 -32.05 26.46 -30.31
C GLN C 317 -31.15 27.63 -30.67
N SER C 318 -31.72 28.69 -31.28
CA SER C 318 -30.93 29.87 -31.63
C SER C 318 -30.48 30.66 -30.39
N GLN C 319 -31.29 30.66 -29.32
CA GLN C 319 -30.92 31.31 -28.06
C GLN C 319 -29.84 30.52 -27.33
N VAL C 320 -29.88 29.18 -27.42
CA VAL C 320 -28.86 28.30 -26.85
C VAL C 320 -27.56 28.48 -27.65
N TRP C 321 -27.67 28.62 -28.98
CA TRP C 321 -26.55 28.88 -29.86
C TRP C 321 -25.84 30.18 -29.44
N ASP C 322 -26.60 31.26 -29.18
CA ASP C 322 -26.05 32.56 -28.76
C ASP C 322 -25.28 32.44 -27.48
N LEU C 323 -25.82 31.68 -26.50
CA LEU C 323 -25.14 31.46 -25.22
C LEU C 323 -23.79 30.76 -25.45
N SER C 324 -23.79 29.70 -26.26
CA SER C 324 -22.59 28.94 -26.55
C SER C 324 -21.54 29.79 -27.27
N TYR C 325 -21.97 30.60 -28.23
CA TYR C 325 -21.09 31.46 -29.00
C TYR C 325 -20.50 32.58 -28.14
N GLU C 326 -21.31 33.21 -27.29
CA GLU C 326 -20.83 34.27 -26.39
C GLU C 326 -19.85 33.76 -25.34
N SER C 327 -19.99 32.49 -24.93
CA SER C 327 -19.11 31.92 -23.92
C SER C 327 -17.64 31.86 -24.34
N ILE C 328 -17.36 31.94 -25.67
CA ILE C 328 -16.03 32.00 -26.23
C ILE C 328 -15.29 33.25 -25.70
N ASN C 329 -16.01 34.35 -25.45
CA ASN C 329 -15.41 35.58 -24.93
C ASN C 329 -14.78 35.42 -23.57
N TYR C 330 -15.21 34.42 -22.78
CA TYR C 330 -14.79 34.30 -21.38
C TYR C 330 -13.71 33.27 -21.12
N ILE C 331 -13.10 32.74 -22.17
CA ILE C 331 -11.97 31.82 -22.01
C ILE C 331 -10.73 32.60 -21.56
N PHE C 332 -9.76 31.92 -20.97
CA PHE C 332 -8.53 32.55 -20.51
C PHE C 332 -7.43 32.60 -21.58
N ALA C 333 -7.64 31.96 -22.74
CA ALA C 333 -6.71 31.95 -23.86
C ALA C 333 -6.72 33.32 -24.60
N SER C 334 -5.74 33.55 -25.50
CA SER C 334 -5.61 34.79 -26.25
C SER C 334 -6.74 35.04 -27.26
N ASP C 335 -6.77 36.26 -27.85
CA ASP C 335 -7.72 36.66 -28.87
C ASP C 335 -7.63 35.79 -30.13
N SER C 336 -6.44 35.25 -30.42
CA SER C 336 -6.21 34.37 -31.53
C SER C 336 -7.07 33.11 -31.39
N THR C 337 -7.10 32.51 -30.18
CA THR C 337 -7.89 31.32 -29.87
C THR C 337 -9.38 31.62 -29.95
N ARG C 338 -9.82 32.78 -29.43
CA ARG C 338 -11.21 33.21 -29.50
C ARG C 338 -11.66 33.32 -30.93
N SER C 339 -10.82 33.93 -31.78
CA SER C 339 -11.08 34.13 -33.20
C SER C 339 -11.18 32.79 -33.92
N GLU C 340 -10.30 31.83 -33.61
CA GLU C 340 -10.34 30.51 -34.22
C GLU C 340 -11.56 29.74 -33.81
N LEU C 341 -11.97 29.86 -32.53
CA LEU C 341 -13.17 29.21 -32.03
C LEU C 341 -14.41 29.79 -32.67
N ARG C 342 -14.48 31.12 -32.82
CA ARG C 342 -15.62 31.77 -33.47
C ARG C 342 -15.77 31.31 -34.92
N LYS C 343 -14.64 31.11 -35.62
CA LYS C 343 -14.64 30.63 -37.00
C LYS C 343 -15.17 29.20 -37.05
N LYS C 344 -14.76 28.37 -36.09
CA LYS C 344 -15.20 26.98 -36.00
C LYS C 344 -16.72 26.90 -35.78
N TRP C 345 -17.24 27.73 -34.85
CA TRP C 345 -18.66 27.79 -34.53
C TRP C 345 -19.47 28.18 -35.78
N ASN C 346 -19.05 29.24 -36.49
CA ASN C 346 -19.78 29.70 -37.67
C ASN C 346 -19.71 28.73 -38.87
N HIS C 347 -18.69 27.89 -38.92
CA HIS C 347 -18.57 26.87 -39.95
C HIS C 347 -19.57 25.72 -39.62
N LEU C 348 -19.71 25.36 -38.34
CA LEU C 348 -20.61 24.30 -37.90
C LEU C 348 -22.08 24.69 -37.86
N LYS C 349 -22.35 25.98 -37.66
CA LYS C 349 -23.68 26.53 -37.47
C LYS C 349 -24.77 25.96 -38.40
N PRO C 350 -24.60 25.92 -39.76
CA PRO C 350 -25.67 25.38 -40.60
C PRO C 350 -25.90 23.87 -40.48
N ARG C 351 -24.93 23.14 -39.93
CA ARG C 351 -25.04 21.71 -39.69
C ARG C 351 -25.68 21.42 -38.31
N VAL C 352 -25.64 22.39 -37.37
CA VAL C 352 -26.19 22.21 -36.03
C VAL C 352 -27.63 22.74 -35.99
N LEU C 353 -27.85 23.93 -36.56
CA LEU C 353 -29.16 24.56 -36.60
C LEU C 353 -29.87 24.19 -37.92
N HIS C 354 -31.04 23.56 -37.82
CA HIS C 354 -31.76 23.10 -39.00
C HIS C 354 -33.05 23.84 -39.25
N ILE C 355 -33.44 23.95 -40.52
CA ILE C 355 -34.67 24.63 -40.91
C ILE C 355 -35.93 23.86 -40.44
N CYS D 10 -13.69 -11.28 -30.81
CA CYS D 10 -14.54 -11.37 -32.02
C CYS D 10 -14.84 -9.96 -32.62
N LYS D 11 -14.72 -8.89 -31.80
CA LYS D 11 -15.03 -7.53 -32.25
C LYS D 11 -13.84 -6.58 -32.00
N THR D 12 -13.33 -6.54 -30.77
CA THR D 12 -12.14 -5.73 -30.45
C THR D 12 -10.97 -6.66 -30.15
N ASP D 13 -10.57 -7.41 -31.19
CA ASP D 13 -9.46 -8.33 -31.23
C ASP D 13 -8.12 -7.53 -31.35
N PHE D 14 -6.99 -8.23 -31.34
CA PHE D 14 -5.67 -7.69 -31.59
C PHE D 14 -5.59 -6.97 -32.94
N TYR D 15 -6.14 -7.57 -34.00
CA TYR D 15 -6.05 -7.03 -35.35
C TYR D 15 -6.76 -5.71 -35.53
N SER D 16 -7.85 -5.48 -34.80
CA SER D 16 -8.56 -4.21 -34.88
C SER D 16 -7.96 -3.16 -33.95
N GLU D 17 -7.41 -3.58 -32.80
CA GLU D 17 -6.77 -2.67 -31.87
C GLU D 17 -5.39 -2.22 -32.38
N LEU D 18 -4.74 -3.04 -33.22
CA LEU D 18 -3.45 -2.76 -33.81
C LEU D 18 -3.52 -1.48 -34.61
N PRO D 19 -2.70 -0.45 -34.31
CA PRO D 19 -2.71 0.76 -35.15
C PRO D 19 -2.27 0.38 -36.56
N LYS D 20 -2.99 0.89 -37.57
CA LYS D 20 -2.72 0.54 -38.95
C LYS D 20 -2.69 1.76 -39.85
N VAL D 21 -1.99 1.63 -40.94
CA VAL D 21 -1.88 2.61 -42.00
C VAL D 21 -2.57 1.98 -43.25
N GLU D 22 -3.44 2.73 -43.95
CA GLU D 22 -4.09 2.23 -45.15
C GLU D 22 -3.62 3.09 -46.33
N LEU D 23 -2.90 2.51 -47.30
CA LEU D 23 -2.34 3.26 -48.40
C LEU D 23 -2.95 2.96 -49.76
N HIS D 24 -3.80 1.94 -49.85
CA HIS D 24 -4.43 1.56 -51.11
C HIS D 24 -5.90 1.30 -50.86
N ALA D 25 -6.74 2.36 -50.94
CA ALA D 25 -8.17 2.19 -50.74
C ALA D 25 -8.91 3.11 -51.72
N HIS D 26 -9.65 2.52 -52.68
CA HIS D 26 -10.44 3.29 -53.64
C HIS D 26 -11.73 3.69 -52.94
N LEU D 27 -12.09 4.99 -52.98
CA LEU D 27 -13.27 5.53 -52.31
C LEU D 27 -14.57 4.78 -52.64
N ASN D 28 -14.89 4.63 -53.92
CA ASN D 28 -16.13 3.96 -54.33
C ASN D 28 -16.09 2.42 -54.14
N GLY D 29 -14.90 1.85 -53.96
CA GLY D 29 -14.76 0.43 -53.66
C GLY D 29 -14.77 0.17 -52.16
N SER D 30 -14.65 1.23 -51.34
CA SER D 30 -14.64 1.12 -49.89
C SER D 30 -16.00 1.33 -49.22
N ILE D 31 -17.08 1.51 -50.00
CA ILE D 31 -18.41 1.76 -49.45
C ILE D 31 -18.97 0.56 -48.72
N SER D 32 -19.32 0.75 -47.44
CA SER D 32 -19.89 -0.32 -46.63
C SER D 32 -21.30 -0.69 -47.07
N SER D 33 -21.79 -1.84 -46.59
CA SER D 33 -23.15 -2.33 -46.86
C SER D 33 -24.18 -1.33 -46.36
N HIS D 34 -23.94 -0.74 -45.18
CA HIS D 34 -24.82 0.26 -44.57
C HIS D 34 -24.92 1.52 -45.44
N THR D 35 -23.80 2.05 -45.93
CA THR D 35 -23.77 3.25 -46.76
C THR D 35 -24.36 2.97 -48.14
N MET D 36 -24.14 1.76 -48.67
CA MET D 36 -24.67 1.37 -49.97
C MET D 36 -26.20 1.38 -49.93
N LYS D 37 -26.79 0.85 -48.84
CA LYS D 37 -28.24 0.82 -48.64
C LYS D 37 -28.83 2.24 -48.57
N LYS D 38 -28.11 3.20 -47.96
CA LYS D 38 -28.57 4.59 -47.89
C LYS D 38 -28.56 5.22 -49.28
N LEU D 39 -27.56 4.90 -50.11
CA LEU D 39 -27.48 5.41 -51.47
C LEU D 39 -28.61 4.82 -52.33
N ILE D 40 -28.91 3.52 -52.12
CA ILE D 40 -29.97 2.82 -52.82
C ILE D 40 -31.35 3.39 -52.43
N ALA D 41 -31.53 3.76 -51.16
CA ALA D 41 -32.78 4.34 -50.70
C ALA D 41 -33.06 5.69 -51.38
N GLN D 42 -31.99 6.47 -51.63
CA GLN D 42 -32.10 7.77 -52.27
C GLN D 42 -32.43 7.67 -53.77
N LYS D 43 -32.01 6.59 -54.43
CA LYS D 43 -32.27 6.41 -55.86
C LYS D 43 -32.93 5.06 -56.13
N PRO D 44 -34.20 4.90 -55.73
CA PRO D 44 -34.88 3.61 -55.93
C PRO D 44 -35.22 3.28 -57.38
N ASP D 45 -35.29 4.30 -58.26
CA ASP D 45 -35.61 4.06 -59.67
C ASP D 45 -34.49 3.33 -60.44
N LEU D 46 -33.26 3.28 -59.88
CA LEU D 46 -32.13 2.58 -60.50
C LEU D 46 -32.30 1.05 -60.48
N LYS D 47 -33.13 0.52 -59.54
CA LYS D 47 -33.40 -0.91 -59.37
C LYS D 47 -32.12 -1.69 -59.02
N ILE D 48 -31.19 -1.06 -58.29
CA ILE D 48 -29.92 -1.69 -57.90
C ILE D 48 -30.08 -2.40 -56.57
N HIS D 49 -29.59 -3.64 -56.46
CA HIS D 49 -29.63 -4.38 -55.21
C HIS D 49 -28.21 -4.48 -54.58
N ASP D 50 -28.13 -4.63 -53.24
CA ASP D 50 -26.84 -4.68 -52.55
C ASP D 50 -25.97 -5.86 -52.96
N GLN D 51 -26.58 -6.96 -53.40
CA GLN D 51 -25.84 -8.15 -53.84
C GLN D 51 -25.02 -7.89 -55.13
N MET D 52 -25.43 -6.89 -55.93
CA MET D 52 -24.76 -6.50 -57.18
C MET D 52 -23.46 -5.70 -56.95
N THR D 53 -23.23 -5.22 -55.73
CA THR D 53 -22.07 -4.41 -55.39
C THR D 53 -21.05 -5.12 -54.47
N VAL D 54 -21.36 -6.35 -54.01
CA VAL D 54 -20.45 -7.06 -53.12
C VAL D 54 -20.16 -8.48 -53.57
N ILE D 55 -18.91 -8.93 -53.37
CA ILE D 55 -18.46 -10.29 -53.61
C ILE D 55 -18.35 -10.92 -52.21
N ASP D 56 -19.31 -11.78 -51.85
CA ASP D 56 -19.37 -12.43 -50.55
C ASP D 56 -18.23 -13.40 -50.26
N LYS D 57 -18.01 -13.73 -48.97
CA LYS D 57 -17.00 -14.69 -48.51
C LYS D 57 -17.27 -16.04 -49.17
N GLY D 58 -16.22 -16.67 -49.69
CA GLY D 58 -16.35 -17.94 -50.38
C GLY D 58 -16.71 -17.80 -51.85
N LYS D 59 -17.01 -16.58 -52.32
CA LYS D 59 -17.34 -16.36 -53.73
C LYS D 59 -16.18 -15.66 -54.44
N LYS D 60 -16.03 -15.95 -55.74
CA LYS D 60 -15.00 -15.35 -56.57
C LYS D 60 -15.60 -14.89 -57.90
N ARG D 61 -15.06 -13.80 -58.45
CA ARG D 61 -15.47 -13.26 -59.74
C ARG D 61 -14.22 -12.98 -60.59
N THR D 62 -14.38 -12.75 -61.89
CA THR D 62 -13.25 -12.42 -62.76
C THR D 62 -12.89 -10.93 -62.53
N LEU D 63 -11.70 -10.51 -62.99
CA LEU D 63 -11.31 -9.11 -62.85
C LEU D 63 -12.23 -8.21 -63.68
N GLU D 64 -12.69 -8.67 -64.86
CA GLU D 64 -13.63 -7.92 -65.71
C GLU D 64 -14.97 -7.75 -64.99
N GLU D 65 -15.46 -8.81 -64.31
CA GLU D 65 -16.69 -8.76 -63.54
C GLU D 65 -16.60 -7.74 -62.39
N CYS D 66 -15.41 -7.60 -61.79
CA CYS D 66 -15.17 -6.62 -60.73
C CYS D 66 -15.33 -5.23 -61.28
N PHE D 67 -14.73 -4.95 -62.45
CA PHE D 67 -14.81 -3.65 -63.10
C PHE D 67 -16.24 -3.26 -63.41
N GLN D 68 -17.08 -4.24 -63.80
CA GLN D 68 -18.49 -4.03 -64.08
C GLN D 68 -19.26 -3.58 -62.84
N MET D 69 -18.90 -4.11 -61.65
CA MET D 69 -19.52 -3.73 -60.39
C MET D 69 -19.28 -2.26 -60.06
N PHE D 70 -18.11 -1.73 -60.45
CA PHE D 70 -17.80 -0.31 -60.24
C PHE D 70 -18.70 0.59 -61.06
N GLN D 71 -19.12 0.15 -62.26
CA GLN D 71 -20.04 0.90 -63.11
C GLN D 71 -21.39 1.05 -62.37
N THR D 72 -21.84 0.00 -61.67
CA THR D 72 -23.07 0.03 -60.89
C THR D 72 -22.96 1.00 -59.70
N ILE D 73 -21.85 0.94 -58.96
CA ILE D 73 -21.63 1.80 -57.80
C ILE D 73 -21.53 3.27 -58.20
N HIS D 74 -20.88 3.54 -59.33
CA HIS D 74 -20.74 4.90 -59.84
C HIS D 74 -22.09 5.56 -60.17
N GLN D 75 -23.14 4.76 -60.46
CA GLN D 75 -24.48 5.28 -60.72
C GLN D 75 -25.13 5.80 -59.42
N LEU D 76 -24.78 5.23 -58.28
CA LEU D 76 -25.32 5.64 -56.99
C LEU D 76 -24.64 6.89 -56.43
N THR D 77 -23.37 7.10 -56.74
CA THR D 77 -22.63 8.27 -56.24
C THR D 77 -22.50 9.28 -57.37
N SER D 78 -23.60 9.93 -57.73
CA SER D 78 -23.60 10.87 -58.86
C SER D 78 -23.57 12.35 -58.51
N SER D 79 -23.75 12.68 -57.22
CA SER D 79 -23.76 14.09 -56.82
C SER D 79 -22.72 14.40 -55.76
N PRO D 80 -22.32 15.70 -55.62
CA PRO D 80 -21.34 16.06 -54.58
C PRO D 80 -21.76 15.69 -53.16
N GLU D 81 -23.07 15.66 -52.90
CA GLU D 81 -23.62 15.28 -51.59
C GLU D 81 -23.40 13.79 -51.32
N ASP D 82 -23.47 12.95 -52.38
CA ASP D 82 -23.23 11.50 -52.26
C ASP D 82 -21.75 11.26 -51.96
N ILE D 83 -20.85 11.99 -52.64
CA ILE D 83 -19.41 11.89 -52.45
C ILE D 83 -19.01 12.35 -51.04
N LEU D 84 -19.68 13.41 -50.54
CA LEU D 84 -19.43 13.90 -49.19
C LEU D 84 -19.86 12.86 -48.16
N MET D 85 -21.06 12.27 -48.32
CA MET D 85 -21.55 11.25 -47.39
C MET D 85 -20.66 10.01 -47.43
N VAL D 86 -20.27 9.56 -48.63
CA VAL D 86 -19.42 8.38 -48.79
C VAL D 86 -18.06 8.62 -48.12
N THR D 87 -17.43 9.78 -48.36
CA THR D 87 -16.15 10.12 -47.75
C THR D 87 -16.21 10.07 -46.23
N LYS D 88 -17.23 10.69 -45.63
CA LYS D 88 -17.37 10.70 -44.17
C LYS D 88 -17.59 9.31 -43.60
N ASP D 89 -18.45 8.51 -44.24
CA ASP D 89 -18.73 7.15 -43.78
C ASP D 89 -17.49 6.26 -43.87
N VAL D 90 -16.78 6.29 -45.01
CA VAL D 90 -15.58 5.51 -45.24
C VAL D 90 -14.50 5.87 -44.21
N ILE D 91 -14.31 7.18 -43.94
CA ILE D 91 -13.32 7.62 -42.95
C ILE D 91 -13.66 7.09 -41.56
N LYS D 92 -14.95 7.15 -41.17
CA LYS D 92 -15.36 6.65 -39.86
C LYS D 92 -15.15 5.14 -39.76
N GLU D 93 -15.50 4.39 -40.83
CA GLU D 93 -15.32 2.95 -40.84
C GLU D 93 -13.86 2.52 -40.72
N PHE D 94 -12.95 3.24 -41.39
CA PHE D 94 -11.52 2.94 -41.28
C PHE D 94 -11.00 3.28 -39.88
N ALA D 95 -11.39 4.45 -39.33
CA ALA D 95 -10.97 4.86 -37.99
C ALA D 95 -11.48 3.90 -36.93
N ASP D 96 -12.73 3.42 -37.05
CA ASP D 96 -13.30 2.44 -36.10
C ASP D 96 -12.55 1.11 -36.15
N ASP D 97 -11.96 0.77 -37.30
CA ASP D 97 -11.18 -0.43 -37.49
C ASP D 97 -9.72 -0.30 -36.99
N GLY D 98 -9.34 0.85 -36.44
CA GLY D 98 -8.01 1.05 -35.91
C GLY D 98 -7.02 1.68 -36.87
N VAL D 99 -7.50 2.21 -38.00
CA VAL D 99 -6.62 2.85 -38.97
C VAL D 99 -6.35 4.28 -38.49
N LYS D 100 -5.07 4.63 -38.35
CA LYS D 100 -4.63 5.94 -37.86
C LYS D 100 -4.18 6.90 -38.96
N TYR D 101 -3.85 6.37 -40.12
CA TYR D 101 -3.43 7.15 -41.26
C TYR D 101 -4.04 6.51 -42.49
N LEU D 102 -4.74 7.29 -43.31
CA LEU D 102 -5.41 6.76 -44.49
C LEU D 102 -5.13 7.60 -45.73
N GLU D 103 -4.72 6.96 -46.82
CA GLU D 103 -4.55 7.66 -48.10
C GLU D 103 -5.66 7.16 -49.00
N LEU D 104 -6.70 7.97 -49.20
CA LEU D 104 -7.81 7.61 -50.06
C LEU D 104 -7.45 7.89 -51.49
N ARG D 105 -7.95 7.06 -52.39
CA ARG D 105 -7.72 7.10 -53.85
C ARG D 105 -9.08 7.23 -54.51
N SER D 106 -9.26 8.17 -55.44
CA SER D 106 -10.53 8.28 -56.15
C SER D 106 -10.40 9.03 -57.45
N THR D 107 -11.08 8.53 -58.47
CA THR D 107 -11.08 9.14 -59.81
C THR D 107 -12.16 10.22 -59.87
N PRO D 108 -11.75 11.49 -60.07
CA PRO D 108 -12.75 12.55 -60.17
C PRO D 108 -13.63 12.39 -61.40
N ARG D 109 -14.95 12.54 -61.20
CA ARG D 109 -15.94 12.35 -62.25
C ARG D 109 -16.77 13.59 -62.50
N ARG D 110 -17.28 13.72 -63.72
CA ARG D 110 -18.21 14.76 -64.10
C ARG D 110 -19.56 14.10 -64.26
N GLU D 111 -20.61 14.70 -63.71
CA GLU D 111 -21.97 14.18 -63.82
C GLU D 111 -22.92 15.32 -64.15
N ASN D 112 -23.18 15.50 -65.46
CA ASN D 112 -24.03 16.54 -66.00
C ASN D 112 -25.45 16.53 -65.43
N ALA D 113 -25.97 15.34 -65.12
CA ALA D 113 -27.32 15.18 -64.57
C ALA D 113 -27.48 15.88 -63.21
N THR D 114 -26.40 15.93 -62.41
CA THR D 114 -26.42 16.56 -61.11
C THR D 114 -25.62 17.87 -61.03
N GLY D 115 -24.87 18.21 -62.07
CA GLY D 115 -24.05 19.42 -62.06
C GLY D 115 -22.72 19.25 -61.35
N MET D 116 -22.23 17.99 -61.25
CA MET D 116 -20.95 17.73 -60.61
C MET D 116 -19.80 17.81 -61.63
N THR D 117 -18.74 18.52 -61.28
CA THR D 117 -17.55 18.62 -62.10
C THR D 117 -16.42 17.82 -61.41
N LYS D 118 -15.30 17.59 -62.09
CA LYS D 118 -14.17 16.91 -61.47
C LYS D 118 -13.62 17.73 -60.31
N LYS D 119 -13.65 19.07 -60.41
CA LYS D 119 -13.22 19.98 -59.37
C LYS D 119 -14.13 19.88 -58.15
N THR D 120 -15.47 19.86 -58.35
CA THR D 120 -16.40 19.73 -57.23
C THR D 120 -16.43 18.31 -56.65
N TYR D 121 -16.00 17.29 -57.42
CA TYR D 121 -15.87 15.92 -56.93
C TYR D 121 -14.71 15.92 -55.90
N VAL D 122 -13.55 16.50 -56.25
CA VAL D 122 -12.39 16.60 -55.36
C VAL D 122 -12.73 17.44 -54.14
N GLU D 123 -13.45 18.55 -54.32
CA GLU D 123 -13.85 19.42 -53.22
C GLU D 123 -14.75 18.72 -52.22
N SER D 124 -15.60 17.77 -52.69
CA SER D 124 -16.47 17.00 -51.82
C SER D 124 -15.66 16.04 -50.94
N ILE D 125 -14.59 15.47 -51.50
CA ILE D 125 -13.70 14.60 -50.75
C ILE D 125 -12.96 15.41 -49.71
N LEU D 126 -12.42 16.58 -50.10
CA LEU D 126 -11.72 17.46 -49.16
C LEU D 126 -12.64 17.96 -48.05
N GLU D 127 -13.91 18.18 -48.36
CA GLU D 127 -14.90 18.61 -47.39
C GLU D 127 -15.20 17.49 -46.40
N GLY D 128 -15.24 16.24 -46.89
CA GLY D 128 -15.43 15.05 -46.06
C GLY D 128 -14.29 14.85 -45.08
N ILE D 129 -13.07 15.20 -45.51
CA ILE D 129 -11.88 15.11 -44.66
C ILE D 129 -11.92 16.21 -43.59
N LYS D 130 -12.32 17.42 -43.97
CA LYS D 130 -12.42 18.55 -43.07
C LYS D 130 -13.47 18.27 -41.99
N GLN D 131 -14.64 17.75 -42.39
CA GLN D 131 -15.76 17.45 -41.50
C GLN D 131 -15.50 16.29 -40.57
N SER D 132 -14.71 15.31 -41.00
CA SER D 132 -14.38 14.18 -40.14
C SER D 132 -13.40 14.54 -39.02
N LYS D 133 -12.65 15.65 -39.18
CA LYS D 133 -11.73 16.14 -38.17
C LYS D 133 -12.47 16.61 -36.92
N GLN D 134 -13.68 17.16 -37.07
CA GLN D 134 -14.45 17.60 -35.92
C GLN D 134 -15.17 16.45 -35.17
N GLU D 135 -15.06 15.21 -35.67
CA GLU D 135 -15.74 14.06 -35.11
C GLU D 135 -14.87 13.18 -34.21
N ASN D 136 -13.73 13.72 -33.74
CA ASN D 136 -12.83 13.03 -32.80
C ASN D 136 -12.44 11.63 -33.23
N LEU D 137 -12.32 11.45 -34.53
CA LEU D 137 -11.87 10.22 -35.16
C LEU D 137 -10.35 10.33 -35.11
N ASP D 138 -9.69 9.30 -34.59
CA ASP D 138 -8.23 9.34 -34.49
C ASP D 138 -7.65 8.84 -35.79
N ILE D 139 -7.69 9.66 -36.84
CA ILE D 139 -7.23 9.27 -38.16
C ILE D 139 -6.75 10.48 -38.93
N ASP D 140 -5.66 10.33 -39.69
CA ASP D 140 -5.11 11.39 -40.53
C ASP D 140 -5.41 10.96 -41.97
N VAL D 141 -6.38 11.63 -42.62
CA VAL D 141 -6.81 11.27 -43.97
C VAL D 141 -6.22 12.17 -45.05
N ARG D 142 -5.59 11.56 -46.06
CA ARG D 142 -5.01 12.24 -47.23
C ARG D 142 -5.69 11.74 -48.52
N TYR D 143 -5.48 12.45 -49.64
CA TYR D 143 -6.14 12.08 -50.90
C TYR D 143 -5.14 12.02 -52.06
N LEU D 144 -5.25 10.96 -52.85
CA LEU D 144 -4.47 10.72 -54.06
C LEU D 144 -5.48 10.77 -55.19
N ILE D 145 -5.24 11.64 -56.17
CA ILE D 145 -6.14 11.75 -57.30
C ILE D 145 -5.88 10.62 -58.27
N ALA D 146 -6.90 9.81 -58.57
CA ALA D 146 -6.75 8.66 -59.43
C ALA D 146 -7.09 8.92 -60.88
N VAL D 147 -6.23 8.47 -61.76
CA VAL D 147 -6.42 8.56 -63.19
C VAL D 147 -6.87 7.18 -63.64
N ASP D 148 -8.05 7.07 -64.26
CA ASP D 148 -8.54 5.78 -64.74
C ASP D 148 -8.09 5.65 -66.19
N ARG D 149 -7.51 4.52 -66.54
CA ARG D 149 -7.05 4.22 -67.90
C ARG D 149 -8.17 4.37 -68.93
N ARG D 150 -9.44 4.09 -68.49
CA ARG D 150 -10.68 4.19 -69.27
C ARG D 150 -11.01 5.62 -69.71
N GLY D 151 -10.53 6.61 -68.99
CA GLY D 151 -10.79 8.00 -69.33
C GLY D 151 -10.01 8.51 -70.54
N GLY D 152 -8.89 7.88 -70.84
CA GLY D 152 -8.06 8.29 -71.95
C GLY D 152 -6.98 9.28 -71.57
N PRO D 153 -6.06 9.58 -72.50
CA PRO D 153 -4.95 10.50 -72.18
C PRO D 153 -5.34 11.98 -72.04
N LEU D 154 -6.46 12.40 -72.62
CA LEU D 154 -6.89 13.79 -72.53
C LEU D 154 -7.50 14.07 -71.17
N VAL D 155 -8.35 13.16 -70.67
CA VAL D 155 -8.93 13.30 -69.33
C VAL D 155 -7.81 13.19 -68.29
N ALA D 156 -6.77 12.36 -68.55
CA ALA D 156 -5.61 12.23 -67.68
C ALA D 156 -4.87 13.56 -67.53
N LYS D 157 -4.70 14.32 -68.63
CA LYS D 157 -4.04 15.62 -68.60
C LYS D 157 -4.83 16.62 -67.77
N GLU D 158 -6.17 16.60 -67.90
CA GLU D 158 -7.05 17.48 -67.15
C GLU D 158 -6.98 17.15 -65.67
N THR D 159 -7.00 15.84 -65.32
CA THR D 159 -6.95 15.32 -63.96
C THR D 159 -5.61 15.67 -63.31
N VAL D 160 -4.49 15.57 -64.06
CA VAL D 160 -3.18 15.90 -63.55
C VAL D 160 -3.07 17.41 -63.27
N LYS D 161 -3.61 18.25 -64.16
CA LYS D 161 -3.61 19.71 -63.96
C LYS D 161 -4.41 20.05 -62.69
N LEU D 162 -5.56 19.38 -62.52
CA LEU D 162 -6.43 19.57 -61.37
C LEU D 162 -5.70 19.15 -60.09
N ALA D 163 -4.98 18.02 -60.13
CA ALA D 163 -4.21 17.50 -59.01
C ALA D 163 -3.07 18.44 -58.62
N GLU D 164 -2.42 19.06 -59.61
CA GLU D 164 -1.34 20.00 -59.37
C GLU D 164 -1.83 21.25 -58.63
N GLU D 165 -3.05 21.68 -58.93
CA GLU D 165 -3.68 22.83 -58.30
C GLU D 165 -4.03 22.52 -56.85
N PHE D 166 -4.61 21.32 -56.60
CA PHE D 166 -4.98 20.93 -55.24
C PHE D 166 -3.77 20.57 -54.39
N PHE D 167 -2.68 20.11 -55.01
CA PHE D 167 -1.45 19.80 -54.30
C PHE D 167 -0.89 21.06 -53.64
N LEU D 168 -0.95 22.20 -54.34
CA LEU D 168 -0.48 23.46 -53.80
C LEU D 168 -1.49 24.12 -52.87
N SER D 169 -2.78 24.14 -53.23
CA SER D 169 -3.78 24.80 -52.40
C SER D 169 -4.15 24.07 -51.11
N THR D 170 -4.10 22.71 -51.06
CA THR D 170 -4.50 21.97 -49.86
C THR D 170 -3.44 21.89 -48.77
N GLU D 171 -2.19 22.25 -49.09
CA GLU D 171 -1.11 22.27 -48.13
C GLU D 171 -0.97 20.97 -47.31
N GLY D 172 -0.94 19.84 -48.00
CA GLY D 172 -0.73 18.57 -47.33
C GLY D 172 -1.77 17.50 -47.52
N THR D 173 -3.04 17.89 -47.77
CA THR D 173 -4.13 16.91 -47.91
C THR D 173 -4.00 16.08 -49.19
N VAL D 174 -3.82 16.73 -50.36
CA VAL D 174 -3.62 16.02 -51.61
C VAL D 174 -2.11 15.75 -51.73
N LEU D 175 -1.70 14.48 -51.76
CA LEU D 175 -0.27 14.14 -51.75
C LEU D 175 0.27 13.50 -53.01
N GLY D 176 -0.61 12.93 -53.81
CA GLY D 176 -0.16 12.22 -54.99
C GLY D 176 -1.20 11.88 -56.02
N LEU D 177 -0.78 11.04 -56.95
CA LEU D 177 -1.53 10.62 -58.11
C LEU D 177 -1.47 9.10 -58.23
N ASP D 178 -2.56 8.51 -58.70
CA ASP D 178 -2.63 7.08 -58.94
C ASP D 178 -3.00 6.81 -60.41
N LEU D 179 -2.60 5.65 -60.95
CA LEU D 179 -2.99 5.21 -62.28
C LEU D 179 -3.69 3.87 -62.08
N SER D 180 -5.01 3.81 -62.33
CA SER D 180 -5.78 2.60 -62.09
C SER D 180 -6.83 2.35 -63.21
N GLY D 181 -7.84 1.52 -62.93
CA GLY D 181 -8.82 1.14 -63.93
C GLY D 181 -8.32 -0.06 -64.71
N ASP D 182 -9.08 -0.43 -65.74
CA ASP D 182 -8.77 -1.58 -66.58
C ASP D 182 -7.36 -1.58 -67.15
N PRO D 183 -6.51 -2.54 -66.72
CA PRO D 183 -5.14 -2.61 -67.27
C PRO D 183 -5.05 -3.01 -68.74
N THR D 184 -6.13 -3.55 -69.33
CA THR D 184 -6.15 -3.92 -70.74
C THR D 184 -6.52 -2.72 -71.65
N VAL D 185 -7.04 -1.63 -71.07
CA VAL D 185 -7.45 -0.44 -71.80
C VAL D 185 -6.32 0.56 -71.90
N GLY D 186 -6.05 1.04 -73.10
CA GLY D 186 -5.02 2.03 -73.36
C GLY D 186 -3.61 1.49 -73.37
N GLN D 187 -2.66 2.38 -73.64
CA GLN D 187 -1.24 2.05 -73.65
C GLN D 187 -0.51 2.89 -72.60
N ALA D 188 0.54 2.34 -71.99
CA ALA D 188 1.33 3.03 -70.98
C ALA D 188 1.91 4.33 -71.51
N LYS D 189 2.38 4.32 -72.78
CA LYS D 189 2.95 5.50 -73.43
C LYS D 189 1.98 6.69 -73.48
N ASP D 190 0.66 6.42 -73.52
CA ASP D 190 -0.36 7.47 -73.54
C ASP D 190 -0.42 8.25 -72.22
N PHE D 191 0.04 7.64 -71.11
CA PHE D 191 -0.02 8.29 -69.81
C PHE D 191 1.33 8.80 -69.32
N LEU D 192 2.44 8.53 -70.03
CA LEU D 192 3.77 8.96 -69.58
C LEU D 192 3.89 10.45 -69.39
N GLU D 193 3.44 11.26 -70.35
CA GLU D 193 3.53 12.72 -70.25
C GLU D 193 2.78 13.31 -69.04
N PRO D 194 1.45 13.06 -68.85
CA PRO D 194 0.80 13.60 -67.65
C PRO D 194 1.37 13.06 -66.31
N LEU D 195 1.81 11.79 -66.27
CA LEU D 195 2.40 11.23 -65.04
C LEU D 195 3.76 11.86 -64.74
N LEU D 196 4.57 12.13 -65.78
CA LEU D 196 5.86 12.80 -65.63
C LEU D 196 5.67 14.23 -65.15
N GLU D 197 4.63 14.90 -65.66
CA GLU D 197 4.28 16.26 -65.30
C GLU D 197 3.95 16.32 -63.80
N ALA D 198 3.12 15.37 -63.33
CA ALA D 198 2.74 15.28 -61.91
C ALA D 198 3.97 14.99 -61.04
N LYS D 199 4.86 14.11 -61.50
CA LYS D 199 6.09 13.76 -60.78
C LYS D 199 6.99 14.98 -60.64
N LYS D 200 7.10 15.78 -61.71
CA LYS D 200 7.90 17.01 -61.74
C LYS D 200 7.33 18.08 -60.78
N ALA D 201 6.00 18.20 -60.71
CA ALA D 201 5.32 19.13 -59.80
C ALA D 201 5.52 18.80 -58.31
N GLY D 202 5.89 17.56 -58.00
CA GLY D 202 6.12 17.13 -56.62
C GLY D 202 5.13 16.10 -56.13
N LEU D 203 4.18 15.67 -56.99
CA LEU D 203 3.20 14.66 -56.59
C LEU D 203 3.86 13.27 -56.58
N LYS D 204 3.53 12.46 -55.57
CA LYS D 204 4.04 11.11 -55.49
C LYS D 204 3.20 10.19 -56.36
N LEU D 205 3.79 9.15 -56.96
CA LEU D 205 3.05 8.26 -57.84
C LEU D 205 2.82 6.89 -57.23
N ALA D 206 1.57 6.44 -57.19
CA ALA D 206 1.25 5.10 -56.75
C ALA D 206 0.62 4.45 -57.97
N LEU D 207 1.35 3.56 -58.65
CA LEU D 207 0.84 2.96 -59.88
C LEU D 207 0.46 1.49 -59.72
N HIS D 208 -0.72 1.11 -60.24
CA HIS D 208 -1.13 -0.28 -60.28
C HIS D 208 -0.28 -0.95 -61.34
N LEU D 209 0.52 -1.96 -60.98
CA LEU D 209 1.38 -2.63 -61.95
C LEU D 209 1.27 -4.14 -61.82
N SER D 210 1.49 -4.84 -62.94
CA SER D 210 1.55 -6.27 -63.00
C SER D 210 0.36 -6.99 -62.38
N GLU D 211 -0.85 -6.45 -62.58
CA GLU D 211 -2.08 -7.04 -62.05
C GLU D 211 -2.49 -8.27 -62.83
N ILE D 212 -2.22 -8.29 -64.12
CA ILE D 212 -2.57 -9.41 -64.98
C ILE D 212 -1.31 -9.91 -65.70
N PRO D 213 -1.33 -11.16 -66.16
CA PRO D 213 -0.16 -11.67 -66.88
C PRO D 213 -0.01 -11.12 -68.31
N ASN D 214 1.18 -11.36 -68.89
CA ASN D 214 1.60 -11.06 -70.26
C ASN D 214 1.57 -9.56 -70.58
N GLN D 215 2.02 -8.73 -69.65
CA GLN D 215 2.07 -7.28 -69.84
C GLN D 215 3.47 -6.75 -69.49
N LYS D 216 4.53 -7.54 -69.71
CA LYS D 216 5.89 -7.19 -69.33
C LYS D 216 6.39 -5.85 -69.88
N LYS D 217 6.27 -5.60 -71.19
CA LYS D 217 6.73 -4.35 -71.81
C LYS D 217 6.01 -3.15 -71.26
N GLU D 218 4.71 -3.26 -71.03
CA GLU D 218 3.91 -2.19 -70.46
C GLU D 218 4.34 -1.89 -69.02
N THR D 219 4.70 -2.93 -68.25
CA THR D 219 5.17 -2.81 -66.88
C THR D 219 6.55 -2.15 -66.84
N GLN D 220 7.46 -2.50 -67.78
CA GLN D 220 8.77 -1.87 -67.81
C GLN D 220 8.63 -0.36 -68.11
N ILE D 221 7.66 0.03 -68.97
CA ILE D 221 7.43 1.43 -69.31
C ILE D 221 7.01 2.24 -68.09
N LEU D 222 6.04 1.73 -67.32
CA LEU D 222 5.59 2.44 -66.12
C LEU D 222 6.60 2.35 -64.96
N LEU D 223 7.40 1.27 -64.89
CA LEU D 223 8.44 1.14 -63.88
C LEU D 223 9.54 2.19 -64.11
N ASP D 224 9.79 2.57 -65.38
CA ASP D 224 10.78 3.59 -65.70
C ASP D 224 10.42 4.97 -65.13
N LEU D 225 9.13 5.21 -64.82
CA LEU D 225 8.71 6.44 -64.15
C LEU D 225 9.19 6.46 -62.68
N LEU D 226 9.72 5.35 -62.14
CA LEU D 226 10.09 5.17 -60.76
C LEU D 226 8.95 5.53 -59.83
N PRO D 227 7.88 4.73 -59.84
CA PRO D 227 6.77 5.02 -58.93
C PRO D 227 7.22 4.95 -57.46
N ASP D 228 6.56 5.74 -56.63
CA ASP D 228 6.88 5.79 -55.21
C ASP D 228 6.32 4.57 -54.48
N ARG D 229 5.25 3.94 -55.02
CA ARG D 229 4.64 2.72 -54.53
C ARG D 229 4.02 2.00 -55.73
N ILE D 230 4.03 0.67 -55.69
CA ILE D 230 3.42 -0.14 -56.74
C ILE D 230 2.22 -0.85 -56.13
N GLY D 231 1.10 -0.88 -56.83
CA GLY D 231 -0.08 -1.59 -56.37
C GLY D 231 -0.08 -2.97 -56.97
N HIS D 232 -0.09 -3.99 -56.10
CA HIS D 232 -0.11 -5.44 -56.40
C HIS D 232 1.24 -6.00 -56.81
N GLY D 233 1.68 -5.75 -58.02
CA GLY D 233 2.91 -6.32 -58.54
C GLY D 233 2.82 -7.84 -58.63
N THR D 234 1.57 -8.36 -58.79
CA THR D 234 1.23 -9.77 -58.79
C THR D 234 2.09 -10.64 -59.69
N PHE D 235 2.32 -10.18 -60.91
CA PHE D 235 3.05 -10.95 -61.90
C PHE D 235 4.49 -10.47 -62.13
N LEU D 236 5.07 -9.64 -61.23
CA LEU D 236 6.45 -9.16 -61.39
C LEU D 236 7.44 -10.33 -61.47
N ASN D 237 7.20 -11.40 -60.68
CA ASN D 237 8.06 -12.58 -60.66
C ASN D 237 7.56 -13.75 -61.52
N SER D 238 6.45 -13.58 -62.22
CA SER D 238 5.87 -14.63 -63.03
C SER D 238 6.54 -14.67 -64.38
N GLY D 239 6.75 -15.87 -64.92
CA GLY D 239 7.34 -16.02 -66.26
C GLY D 239 6.48 -15.43 -67.36
N GLU D 240 5.14 -15.37 -67.11
CA GLU D 240 4.16 -14.78 -68.03
C GLU D 240 3.86 -13.32 -67.63
N GLY D 241 4.69 -12.40 -68.10
CA GLY D 241 4.50 -10.97 -67.80
C GLY D 241 5.50 -10.34 -66.86
N GLY D 242 6.40 -11.13 -66.32
CA GLY D 242 7.44 -10.66 -65.43
C GLY D 242 8.78 -11.32 -65.70
N SER D 243 9.80 -10.90 -64.98
CA SER D 243 11.14 -11.45 -65.16
C SER D 243 12.04 -11.20 -63.92
N LEU D 244 13.23 -11.81 -63.90
CA LEU D 244 14.24 -11.55 -62.87
C LEU D 244 14.65 -10.07 -62.93
N ASP D 245 14.66 -9.45 -64.12
CA ASP D 245 14.93 -8.05 -64.35
C ASP D 245 13.91 -7.15 -63.65
N LEU D 246 12.61 -7.49 -63.71
CA LEU D 246 11.55 -6.70 -63.06
C LEU D 246 11.66 -6.79 -61.54
N VAL D 247 11.91 -8.01 -61.01
CA VAL D 247 12.07 -8.23 -59.58
C VAL D 247 13.31 -7.48 -59.09
N ASP D 248 14.40 -7.59 -59.82
CA ASP D 248 15.66 -6.94 -59.51
C ASP D 248 15.54 -5.42 -59.52
N PHE D 249 14.79 -4.86 -60.48
CA PHE D 249 14.57 -3.43 -60.55
C PHE D 249 13.82 -2.96 -59.30
N VAL D 250 12.74 -3.65 -58.94
CA VAL D 250 11.91 -3.33 -57.77
C VAL D 250 12.72 -3.46 -56.49
N ARG D 251 13.60 -4.47 -56.43
CA ARG D 251 14.47 -4.73 -55.29
C ARG D 251 15.53 -3.64 -55.13
N GLN D 252 16.31 -3.35 -56.20
CA GLN D 252 17.37 -2.34 -56.14
C GLN D 252 16.84 -0.96 -55.82
N HIS D 253 15.65 -0.63 -56.32
CA HIS D 253 15.03 0.69 -56.05
C HIS D 253 14.16 0.72 -54.82
N ARG D 254 14.03 -0.42 -54.10
CA ARG D 254 13.27 -0.58 -52.87
C ARG D 254 11.85 0.02 -52.98
N ILE D 255 11.13 -0.32 -54.06
CA ILE D 255 9.80 0.23 -54.27
C ILE D 255 8.77 -0.50 -53.43
N PRO D 256 8.11 0.18 -52.48
CA PRO D 256 7.11 -0.52 -51.65
C PRO D 256 5.96 -1.07 -52.48
N LEU D 257 5.54 -2.30 -52.17
CA LEU D 257 4.41 -2.94 -52.85
C LEU D 257 3.20 -2.86 -51.93
N GLU D 258 2.05 -2.39 -52.46
CA GLU D 258 0.79 -2.35 -51.75
C GLU D 258 0.13 -3.69 -52.06
N LEU D 259 0.12 -4.62 -51.09
CA LEU D 259 -0.40 -5.96 -51.27
C LEU D 259 -1.84 -6.09 -50.79
N CYS D 260 -2.73 -6.52 -51.67
CA CYS D 260 -4.16 -6.66 -51.38
C CYS D 260 -4.56 -8.13 -51.52
N LEU D 261 -4.53 -8.87 -50.42
CA LEU D 261 -4.79 -10.30 -50.40
C LEU D 261 -6.20 -10.73 -50.83
N THR D 262 -7.27 -10.24 -50.18
CA THR D 262 -8.64 -10.63 -50.54
C THR D 262 -9.00 -10.17 -51.94
N SER D 263 -8.53 -9.00 -52.34
CA SER D 263 -8.72 -8.45 -53.67
C SER D 263 -8.18 -9.41 -54.74
N ASN D 264 -6.95 -9.93 -54.58
CA ASN D 264 -6.39 -10.85 -55.58
C ASN D 264 -7.08 -12.21 -55.57
N VAL D 265 -7.49 -12.69 -54.40
CA VAL D 265 -8.16 -13.98 -54.29
C VAL D 265 -9.58 -13.92 -54.89
N LYS D 266 -10.37 -12.91 -54.52
CA LYS D 266 -11.75 -12.76 -55.01
C LYS D 266 -11.82 -12.35 -56.47
N SER D 267 -10.78 -11.70 -57.00
CA SER D 267 -10.77 -11.37 -58.44
C SER D 267 -9.99 -12.43 -59.26
N GLN D 268 -9.62 -13.56 -58.63
CA GLN D 268 -8.95 -14.72 -59.19
C GLN D 268 -7.61 -14.45 -59.86
N THR D 269 -6.90 -13.38 -59.48
CA THR D 269 -5.55 -13.13 -60.02
C THR D 269 -4.47 -13.94 -59.26
N VAL D 270 -4.86 -14.62 -58.16
CA VAL D 270 -4.06 -15.47 -57.30
C VAL D 270 -4.98 -16.67 -56.94
N PRO D 271 -4.50 -17.94 -57.02
CA PRO D 271 -5.40 -19.08 -56.76
C PRO D 271 -5.86 -19.28 -55.30
N SER D 272 -5.05 -18.85 -54.34
CA SER D 272 -5.37 -18.99 -52.92
C SER D 272 -4.60 -17.98 -52.10
N TYR D 273 -5.00 -17.74 -50.84
CA TYR D 273 -4.23 -16.86 -49.92
C TYR D 273 -2.82 -17.41 -49.73
N ASP D 274 -2.71 -18.74 -49.64
CA ASP D 274 -1.45 -19.48 -49.45
C ASP D 274 -0.45 -19.28 -50.59
N GLN D 275 -0.95 -19.05 -51.79
CA GLN D 275 -0.11 -18.84 -52.95
C GLN D 275 0.04 -17.37 -53.34
N HIS D 276 -0.43 -16.43 -52.49
CA HIS D 276 -0.29 -15.01 -52.75
C HIS D 276 1.18 -14.63 -52.68
N HIS D 277 1.59 -13.69 -53.52
CA HIS D 277 2.98 -13.25 -53.60
C HIS D 277 3.48 -12.52 -52.34
N PHE D 278 2.64 -12.34 -51.31
CA PHE D 278 3.09 -11.74 -50.04
C PHE D 278 4.27 -12.54 -49.46
N GLY D 279 4.16 -13.86 -49.44
CA GLY D 279 5.23 -14.73 -48.92
C GLY D 279 6.55 -14.56 -49.64
N PHE D 280 6.50 -14.44 -50.96
CA PHE D 280 7.68 -14.23 -51.78
C PHE D 280 8.43 -12.92 -51.38
N TRP D 281 7.70 -11.79 -51.27
CA TRP D 281 8.30 -10.51 -50.95
C TRP D 281 8.67 -10.37 -49.47
N TYR D 282 7.91 -11.03 -48.59
CA TYR D 282 8.19 -11.05 -47.16
C TYR D 282 9.47 -11.85 -46.90
N SER D 283 9.74 -12.92 -47.67
CA SER D 283 10.95 -13.71 -47.49
C SER D 283 12.27 -12.95 -47.71
N ILE D 284 12.22 -11.88 -48.49
CA ILE D 284 13.42 -11.04 -48.73
C ILE D 284 13.29 -9.66 -48.05
N ALA D 285 12.39 -9.54 -47.05
CA ALA D 285 12.12 -8.32 -46.28
C ALA D 285 11.95 -7.10 -47.17
N HIS D 286 11.30 -7.28 -48.32
CA HIS D 286 11.05 -6.19 -49.23
C HIS D 286 9.89 -5.33 -48.69
N PRO D 287 10.02 -3.99 -48.79
CA PRO D 287 8.95 -3.08 -48.33
C PRO D 287 7.56 -3.42 -48.88
N SER D 288 6.64 -3.77 -47.98
CA SER D 288 5.28 -4.19 -48.34
C SER D 288 4.29 -3.65 -47.34
N VAL D 289 3.11 -3.29 -47.79
CA VAL D 289 2.06 -2.81 -46.92
C VAL D 289 0.78 -3.55 -47.24
N ILE D 290 0.13 -4.10 -46.21
CA ILE D 290 -1.14 -4.82 -46.35
C ILE D 290 -2.24 -3.79 -46.55
N CYS D 291 -3.03 -3.95 -47.63
CA CYS D 291 -4.09 -3.01 -47.97
C CYS D 291 -5.43 -3.72 -48.21
N THR D 292 -6.55 -2.95 -48.18
CA THR D 292 -7.87 -3.53 -48.46
C THR D 292 -8.19 -3.48 -49.96
N ASP D 293 -7.76 -2.40 -50.64
CA ASP D 293 -8.04 -2.16 -52.06
C ASP D 293 -9.46 -1.62 -52.26
N ASP D 294 -10.48 -2.46 -52.03
CA ASP D 294 -11.90 -2.13 -52.13
C ASP D 294 -12.59 -2.95 -51.01
N LYS D 295 -12.60 -2.42 -49.77
CA LYS D 295 -13.15 -3.14 -48.62
C LYS D 295 -14.65 -3.45 -48.73
N GLY D 296 -15.39 -2.64 -49.48
CA GLY D 296 -16.82 -2.85 -49.67
C GLY D 296 -17.08 -3.92 -50.72
N VAL D 297 -16.49 -3.78 -51.90
CA VAL D 297 -16.65 -4.76 -52.97
C VAL D 297 -16.12 -6.15 -52.53
N PHE D 298 -14.99 -6.17 -51.83
CA PHE D 298 -14.42 -7.43 -51.38
C PHE D 298 -14.88 -7.88 -49.99
N ALA D 299 -15.83 -7.17 -49.36
CA ALA D 299 -16.40 -7.50 -48.05
C ALA D 299 -15.36 -7.85 -47.00
N THR D 300 -14.44 -6.92 -46.77
CA THR D 300 -13.36 -7.11 -45.82
C THR D 300 -13.09 -5.80 -45.02
N HIS D 301 -12.16 -5.85 -44.06
CA HIS D 301 -11.69 -4.73 -43.26
C HIS D 301 -10.17 -4.85 -43.25
N LEU D 302 -9.45 -3.75 -42.99
CA LEU D 302 -7.99 -3.82 -42.91
C LEU D 302 -7.52 -4.77 -41.78
N SER D 303 -8.25 -4.82 -40.67
CA SER D 303 -7.92 -5.75 -39.57
C SER D 303 -8.03 -7.21 -40.02
N GLN D 304 -9.04 -7.50 -40.85
CA GLN D 304 -9.27 -8.83 -41.41
C GLN D 304 -8.18 -9.21 -42.40
N GLU D 305 -7.65 -8.25 -43.16
CA GLU D 305 -6.55 -8.48 -44.09
C GLU D 305 -5.29 -8.85 -43.32
N TYR D 306 -5.02 -8.15 -42.21
CA TYR D 306 -3.90 -8.45 -41.31
C TYR D 306 -4.04 -9.84 -40.73
N GLN D 307 -5.24 -10.21 -40.28
CA GLN D 307 -5.50 -11.53 -39.73
C GLN D 307 -5.29 -12.62 -40.79
N LEU D 308 -5.80 -12.41 -42.01
CA LEU D 308 -5.63 -13.35 -43.11
C LEU D 308 -4.14 -13.53 -43.45
N ALA D 309 -3.37 -12.45 -43.49
CA ALA D 309 -1.93 -12.52 -43.75
C ALA D 309 -1.21 -13.24 -42.61
N ALA D 310 -1.56 -12.93 -41.35
CA ALA D 310 -0.93 -13.55 -40.19
C ALA D 310 -1.25 -15.03 -40.08
N GLU D 311 -2.49 -15.43 -40.33
CA GLU D 311 -2.87 -16.82 -40.24
C GLU D 311 -2.30 -17.60 -41.39
N THR D 312 -2.38 -17.06 -42.63
CA THR D 312 -1.86 -17.75 -43.80
C THR D 312 -0.34 -17.93 -43.73
N PHE D 313 0.38 -16.86 -43.39
CA PHE D 313 1.83 -16.89 -43.39
C PHE D 313 2.44 -17.14 -42.02
N ASN D 314 1.61 -17.51 -41.02
CA ASN D 314 2.02 -17.88 -39.68
C ASN D 314 2.88 -16.82 -39.01
N LEU D 315 2.39 -15.59 -38.95
CA LEU D 315 3.11 -14.49 -38.33
C LEU D 315 2.63 -14.30 -36.89
N THR D 316 3.54 -14.09 -35.96
CA THR D 316 3.18 -13.85 -34.56
C THR D 316 2.63 -12.41 -34.43
N GLN D 317 2.08 -12.05 -33.27
CA GLN D 317 1.59 -10.68 -33.03
C GLN D 317 2.75 -9.67 -33.14
N SER D 318 3.96 -10.05 -32.66
CA SER D 318 5.11 -9.14 -32.75
C SER D 318 5.57 -8.98 -34.20
N GLN D 319 5.45 -10.03 -35.02
CA GLN D 319 5.81 -9.95 -36.43
C GLN D 319 4.80 -9.11 -37.21
N VAL D 320 3.51 -9.17 -36.84
CA VAL D 320 2.44 -8.37 -37.42
C VAL D 320 2.67 -6.91 -37.02
N TRP D 321 3.06 -6.69 -35.75
CA TRP D 321 3.39 -5.37 -35.22
C TRP D 321 4.52 -4.72 -36.06
N ASP D 322 5.61 -5.48 -36.35
CA ASP D 322 6.72 -4.98 -37.15
C ASP D 322 6.27 -4.56 -38.53
N LEU D 323 5.40 -5.36 -39.18
CA LEU D 323 4.87 -5.02 -40.50
C LEU D 323 4.10 -3.69 -40.44
N SER D 324 3.22 -3.53 -39.46
CA SER D 324 2.42 -2.33 -39.30
C SER D 324 3.30 -1.10 -39.02
N TYR D 325 4.32 -1.26 -38.18
CA TYR D 325 5.22 -0.18 -37.83
C TYR D 325 6.08 0.23 -39.01
N GLU D 326 6.62 -0.73 -39.78
CA GLU D 326 7.42 -0.42 -40.96
C GLU D 326 6.63 0.25 -42.06
N SER D 327 5.32 -0.05 -42.16
CA SER D 327 4.48 0.55 -43.21
C SER D 327 4.36 2.06 -43.11
N ILE D 328 4.67 2.64 -41.92
CA ILE D 328 4.72 4.09 -41.70
C ILE D 328 5.76 4.73 -42.64
N ASN D 329 6.85 4.03 -42.94
CA ASN D 329 7.89 4.53 -43.84
C ASN D 329 7.40 4.81 -45.23
N TYR D 330 6.32 4.15 -45.68
CA TYR D 330 5.88 4.22 -47.07
C TYR D 330 4.70 5.15 -47.33
N ILE D 331 4.32 5.97 -46.34
CA ILE D 331 3.28 6.98 -46.54
C ILE D 331 3.85 8.11 -47.43
N PHE D 332 2.96 8.88 -48.06
CA PHE D 332 3.37 9.99 -48.91
C PHE D 332 3.52 11.32 -48.16
N ALA D 333 3.15 11.36 -46.86
CA ALA D 333 3.27 12.53 -46.02
C ALA D 333 4.76 12.76 -45.60
N SER D 334 5.08 13.95 -45.06
CA SER D 334 6.43 14.33 -44.65
C SER D 334 6.99 13.49 -43.49
N ASP D 335 8.29 13.66 -43.19
CA ASP D 335 8.99 13.00 -42.09
C ASP D 335 8.38 13.35 -40.73
N SER D 336 7.78 14.54 -40.61
CA SER D 336 7.13 14.99 -39.39
C SER D 336 5.95 14.07 -39.06
N THR D 337 5.14 13.71 -40.07
CA THR D 337 3.99 12.82 -39.93
C THR D 337 4.44 11.41 -39.57
N ARG D 338 5.52 10.93 -40.22
CA ARG D 338 6.10 9.61 -39.94
C ARG D 338 6.53 9.53 -38.48
N SER D 339 7.20 10.59 -38.00
CA SER D 339 7.70 10.69 -36.64
C SER D 339 6.55 10.69 -35.65
N GLU D 340 5.47 11.44 -35.94
CA GLU D 340 4.29 11.49 -35.08
C GLU D 340 3.58 10.14 -35.03
N LEU D 341 3.51 9.46 -36.18
CA LEU D 341 2.88 8.15 -36.24
C LEU D 341 3.70 7.13 -35.47
N ARG D 342 5.03 7.15 -35.60
CA ARG D 342 5.89 6.23 -34.85
C ARG D 342 5.75 6.43 -33.33
N LYS D 343 5.58 7.67 -32.88
CA LYS D 343 5.36 7.99 -31.47
C LYS D 343 4.02 7.42 -31.02
N LYS D 344 2.99 7.55 -31.85
CA LYS D 344 1.66 7.02 -31.57
C LYS D 344 1.69 5.49 -31.45
N TRP D 345 2.37 4.80 -32.37
CA TRP D 345 2.50 3.35 -32.36
C TRP D 345 3.18 2.88 -31.07
N ASN D 346 4.32 3.51 -30.71
CA ASN D 346 5.05 3.11 -29.51
C ASN D 346 4.31 3.41 -28.19
N HIS D 347 3.40 4.39 -28.21
CA HIS D 347 2.57 4.72 -27.05
C HIS D 347 1.50 3.62 -26.90
N LEU D 348 0.93 3.14 -28.01
CA LEU D 348 -0.12 2.11 -28.01
C LEU D 348 0.39 0.70 -27.80
N LYS D 349 1.64 0.45 -28.20
CA LYS D 349 2.26 -0.86 -28.16
C LYS D 349 1.98 -1.70 -26.91
N PRO D 350 2.17 -1.21 -25.65
CA PRO D 350 1.88 -2.06 -24.49
C PRO D 350 0.39 -2.36 -24.26
N ARG D 351 -0.50 -1.58 -24.87
CA ARG D 351 -1.94 -1.81 -24.77
C ARG D 351 -2.42 -2.80 -25.86
N VAL D 352 -1.65 -2.95 -26.96
CA VAL D 352 -2.00 -3.84 -28.05
C VAL D 352 -1.36 -5.22 -27.86
N LEU D 353 -0.06 -5.23 -27.50
CA LEU D 353 0.67 -6.47 -27.26
C LEU D 353 0.60 -6.82 -25.79
N HIS D 354 0.10 -8.01 -25.46
CA HIS D 354 -0.05 -8.42 -24.07
C HIS D 354 0.87 -9.57 -23.69
N ILE D 355 1.10 -9.75 -22.36
CA ILE D 355 1.89 -10.80 -21.67
C ILE D 355 3.20 -10.19 -21.20
N THR E 12 23.10 -36.30 38.34
CA THR E 12 22.08 -36.55 37.32
C THR E 12 20.68 -36.75 37.97
N ASP E 13 20.62 -37.19 39.27
CA ASP E 13 19.31 -37.29 39.93
C ASP E 13 18.74 -35.90 40.24
N PHE E 14 19.62 -34.88 40.46
CA PHE E 14 19.19 -33.50 40.73
C PHE E 14 18.27 -32.97 39.63
N TYR E 15 18.63 -33.17 38.36
CA TYR E 15 17.87 -32.64 37.25
C TYR E 15 16.50 -33.25 37.10
N SER E 16 16.33 -34.51 37.49
CA SER E 16 15.00 -35.13 37.42
C SER E 16 14.18 -34.85 38.68
N GLU E 17 14.85 -34.71 39.84
CA GLU E 17 14.17 -34.38 41.10
C GLU E 17 13.72 -32.91 41.14
N LEU E 18 14.42 -32.03 40.40
CA LEU E 18 14.13 -30.62 40.30
C LEU E 18 12.73 -30.43 39.74
N PRO E 19 11.81 -29.76 40.49
CA PRO E 19 10.47 -29.51 39.92
C PRO E 19 10.61 -28.62 38.68
N LYS E 20 9.90 -28.96 37.61
CA LYS E 20 10.03 -28.26 36.33
C LYS E 20 8.68 -27.92 35.71
N VAL E 21 8.71 -26.93 34.86
CA VAL E 21 7.56 -26.47 34.10
C VAL E 21 7.92 -26.70 32.60
N GLU E 22 7.00 -27.30 31.81
CA GLU E 22 7.24 -27.51 30.39
C GLU E 22 6.23 -26.68 29.62
N LEU E 23 6.69 -25.68 28.83
CA LEU E 23 5.79 -24.78 28.11
C LEU E 23 5.82 -24.92 26.60
N HIS E 24 6.75 -25.70 26.04
CA HIS E 24 6.87 -25.88 24.61
C HIS E 24 7.08 -27.36 24.31
N ALA E 25 5.99 -28.12 24.17
CA ALA E 25 6.10 -29.55 23.87
C ALA E 25 5.01 -29.93 22.86
N HIS E 26 5.41 -30.36 21.66
CA HIS E 26 4.47 -30.78 20.63
C HIS E 26 4.03 -32.22 20.92
N LEU E 27 2.72 -32.50 21.07
CA LEU E 27 2.22 -33.85 21.42
C LEU E 27 2.81 -34.98 20.59
N ASN E 28 2.74 -34.88 19.26
CA ASN E 28 3.23 -35.92 18.38
C ASN E 28 4.77 -35.97 18.29
N GLY E 29 5.45 -34.89 18.71
CA GLY E 29 6.90 -34.89 18.81
C GLY E 29 7.41 -35.41 20.14
N SER E 30 6.51 -35.55 21.13
CA SER E 30 6.85 -36.02 22.48
C SER E 30 6.66 -37.51 22.70
N ILE E 31 6.31 -38.28 21.67
CA ILE E 31 6.07 -39.72 21.81
C ILE E 31 7.34 -40.51 22.10
N SER E 32 7.34 -41.24 23.21
CA SER E 32 8.48 -42.05 23.61
C SER E 32 8.66 -43.27 22.67
N SER E 33 9.83 -43.91 22.77
CA SER E 33 10.16 -45.10 22.02
C SER E 33 9.19 -46.24 22.37
N HIS E 34 8.81 -46.36 23.66
CA HIS E 34 7.87 -47.37 24.13
C HIS E 34 6.48 -47.18 23.51
N THR E 35 5.97 -45.96 23.50
CA THR E 35 4.65 -45.66 22.95
C THR E 35 4.66 -45.79 21.42
N MET E 36 5.78 -45.44 20.77
CA MET E 36 5.92 -45.55 19.32
C MET E 36 5.81 -47.02 18.90
N LYS E 37 6.46 -47.92 19.65
CA LYS E 37 6.41 -49.37 19.40
C LYS E 37 4.99 -49.93 19.56
N LYS E 38 4.19 -49.40 20.50
CA LYS E 38 2.80 -49.82 20.67
C LYS E 38 1.96 -49.37 19.47
N LEU E 39 2.22 -48.16 18.94
CA LEU E 39 1.51 -47.67 17.77
C LEU E 39 1.88 -48.49 16.53
N ILE E 40 3.16 -48.87 16.41
CA ILE E 40 3.66 -49.68 15.31
C ILE E 40 3.07 -51.11 15.40
N ALA E 41 2.89 -51.65 16.61
CA ALA E 41 2.29 -52.97 16.78
C ALA E 41 0.83 -53.00 16.32
N GLN E 42 0.10 -51.90 16.53
CA GLN E 42 -1.30 -51.83 16.12
C GLN E 42 -1.47 -51.61 14.60
N LYS E 43 -0.45 -51.06 13.91
CA LYS E 43 -0.48 -50.88 12.46
C LYS E 43 0.76 -51.53 11.82
N PRO E 44 0.86 -52.89 11.80
CA PRO E 44 2.09 -53.52 11.25
C PRO E 44 2.26 -53.40 9.75
N ASP E 45 1.16 -53.21 9.01
CA ASP E 45 1.21 -53.06 7.57
C ASP E 45 1.90 -51.76 7.12
N LEU E 46 2.08 -50.77 8.02
CA LEU E 46 2.75 -49.51 7.70
C LEU E 46 4.27 -49.68 7.51
N LYS E 47 4.86 -50.74 8.08
CA LYS E 47 6.28 -51.06 8.02
C LYS E 47 7.18 -49.92 8.56
N ILE E 48 6.67 -49.18 9.55
CA ILE E 48 7.41 -48.06 10.12
C ILE E 48 8.44 -48.57 11.13
N HIS E 49 9.68 -48.11 10.98
CA HIS E 49 10.74 -48.49 11.92
C HIS E 49 10.91 -47.39 12.97
N ASP E 50 11.28 -47.77 14.19
CA ASP E 50 11.47 -46.80 15.28
C ASP E 50 12.62 -45.81 14.96
N GLN E 51 13.63 -46.26 14.19
CA GLN E 51 14.74 -45.42 13.76
C GLN E 51 14.30 -44.27 12.82
N MET E 52 13.16 -44.43 12.13
CA MET E 52 12.63 -43.40 11.22
C MET E 52 11.99 -42.22 11.97
N THR E 53 11.62 -42.40 13.25
CA THR E 53 10.94 -41.38 14.06
C THR E 53 11.86 -40.70 15.10
N VAL E 54 13.12 -41.14 15.23
CA VAL E 54 14.04 -40.58 16.22
C VAL E 54 15.38 -40.15 15.63
N ILE E 55 15.93 -39.04 16.13
CA ILE E 55 17.26 -38.54 15.80
C ILE E 55 18.11 -38.87 17.03
N ASP E 56 18.98 -39.90 16.91
CA ASP E 56 19.83 -40.37 18.00
C ASP E 56 20.90 -39.37 18.44
N LYS E 57 21.46 -39.59 19.65
CA LYS E 57 22.53 -38.77 20.21
C LYS E 57 23.75 -38.80 19.28
N GLY E 58 24.33 -37.65 19.00
CA GLY E 58 25.46 -37.55 18.08
C GLY E 58 25.06 -37.45 16.61
N LYS E 59 23.76 -37.59 16.31
CA LYS E 59 23.27 -37.46 14.94
C LYS E 59 22.53 -36.15 14.75
N LYS E 60 22.60 -35.60 13.53
CA LYS E 60 21.93 -34.35 13.19
C LYS E 60 21.21 -34.51 11.85
N ARG E 61 20.08 -33.81 11.71
CA ARG E 61 19.30 -33.79 10.47
C ARG E 61 18.97 -32.33 10.11
N THR E 62 18.50 -32.09 8.88
CA THR E 62 18.11 -30.73 8.49
C THR E 62 16.72 -30.43 9.07
N LEU E 63 16.30 -29.16 9.09
CA LEU E 63 14.98 -28.80 9.59
C LEU E 63 13.88 -29.42 8.71
N GLU E 64 14.11 -29.49 7.38
CA GLU E 64 13.17 -30.11 6.44
C GLU E 64 13.04 -31.60 6.72
N GLU E 65 14.16 -32.28 7.02
CA GLU E 65 14.16 -33.70 7.35
C GLU E 65 13.36 -33.96 8.64
N CYS E 66 13.40 -33.02 9.60
CA CYS E 66 12.64 -33.13 10.85
C CYS E 66 11.15 -33.08 10.53
N PHE E 67 10.73 -32.14 9.66
CA PHE E 67 9.33 -31.99 9.25
C PHE E 67 8.80 -33.27 8.60
N GLN E 68 9.66 -33.94 7.81
CA GLN E 68 9.31 -35.20 7.16
C GLN E 68 9.04 -36.31 8.15
N MET E 69 9.78 -36.33 9.27
CA MET E 69 9.58 -37.32 10.33
C MET E 69 8.21 -37.17 10.99
N PHE E 70 7.69 -35.95 11.08
CA PHE E 70 6.36 -35.71 11.63
C PHE E 70 5.28 -36.30 10.74
N GLN E 71 5.49 -36.31 9.40
CA GLN E 71 4.55 -36.91 8.45
C GLN E 71 4.41 -38.41 8.77
N THR E 72 5.52 -39.09 9.06
CA THR E 72 5.50 -40.51 9.39
C THR E 72 4.79 -40.77 10.72
N ILE E 73 5.10 -39.97 11.77
CA ILE E 73 4.46 -40.11 13.08
C ILE E 73 2.96 -39.86 12.96
N HIS E 74 2.55 -38.88 12.16
CA HIS E 74 1.14 -38.60 11.94
C HIS E 74 0.35 -39.76 11.33
N GLN E 75 1.04 -40.68 10.62
CA GLN E 75 0.39 -41.87 10.06
C GLN E 75 0.06 -42.89 11.13
N LEU E 76 0.84 -42.92 12.22
CA LEU E 76 0.60 -43.84 13.33
C LEU E 76 -0.49 -43.35 14.26
N THR E 77 -0.64 -42.03 14.43
CA THR E 77 -1.67 -41.48 15.32
C THR E 77 -2.85 -40.98 14.48
N SER E 78 -3.59 -41.92 13.90
CA SER E 78 -4.67 -41.57 12.99
C SER E 78 -6.06 -41.63 13.57
N SER E 79 -6.24 -42.20 14.77
CA SER E 79 -7.58 -42.31 15.36
C SER E 79 -7.66 -41.65 16.76
N PRO E 80 -8.87 -41.30 17.23
CA PRO E 80 -9.00 -40.70 18.56
C PRO E 80 -8.43 -41.55 19.71
N GLU E 81 -8.45 -42.88 19.53
CA GLU E 81 -7.91 -43.81 20.52
C GLU E 81 -6.38 -43.72 20.58
N ASP E 82 -5.73 -43.46 19.43
CA ASP E 82 -4.28 -43.28 19.37
C ASP E 82 -3.89 -41.98 20.06
N ILE E 83 -4.66 -40.91 19.86
CA ILE E 83 -4.43 -39.61 20.48
C ILE E 83 -4.63 -39.70 21.99
N LEU E 84 -5.63 -40.48 22.44
CA LEU E 84 -5.89 -40.67 23.86
C LEU E 84 -4.71 -41.41 24.51
N MET E 85 -4.24 -42.49 23.87
CA MET E 85 -3.13 -43.25 24.41
C MET E 85 -1.84 -42.41 24.42
N VAL E 86 -1.58 -41.66 23.35
CA VAL E 86 -0.39 -40.80 23.28
C VAL E 86 -0.44 -39.73 24.37
N THR E 87 -1.58 -39.05 24.54
CA THR E 87 -1.73 -38.03 25.58
C THR E 87 -1.45 -38.57 26.97
N LYS E 88 -2.01 -39.72 27.32
CA LYS E 88 -1.80 -40.31 28.63
C LYS E 88 -0.34 -40.70 28.84
N ASP E 89 0.29 -41.32 27.83
CA ASP E 89 1.67 -41.75 27.94
C ASP E 89 2.61 -40.56 28.09
N VAL E 90 2.45 -39.53 27.26
CA VAL E 90 3.27 -38.33 27.29
C VAL E 90 3.16 -37.62 28.65
N ILE E 91 1.92 -37.51 29.18
CA ILE E 91 1.70 -36.87 30.48
C ILE E 91 2.43 -37.64 31.59
N LYS E 92 2.31 -38.98 31.58
CA LYS E 92 2.98 -39.81 32.57
C LYS E 92 4.51 -39.67 32.47
N GLU E 93 5.06 -39.68 31.25
CA GLU E 93 6.50 -39.53 31.05
C GLU E 93 7.03 -38.19 31.53
N PHE E 94 6.29 -37.09 31.30
CA PHE E 94 6.71 -35.78 31.80
C PHE E 94 6.63 -35.76 33.33
N ALA E 95 5.54 -36.28 33.94
CA ALA E 95 5.39 -36.31 35.40
C ALA E 95 6.47 -37.16 36.06
N ASP E 96 6.82 -38.30 35.45
CA ASP E 96 7.89 -39.16 35.97
C ASP E 96 9.26 -38.48 35.92
N ASP E 97 9.44 -37.52 35.00
CA ASP E 97 10.65 -36.74 34.87
C ASP E 97 10.71 -35.53 35.83
N GLY E 98 9.68 -35.32 36.64
CA GLY E 98 9.67 -34.23 37.60
C GLY E 98 8.97 -32.97 37.11
N VAL E 99 8.22 -33.06 36.01
CA VAL E 99 7.49 -31.91 35.48
C VAL E 99 6.17 -31.77 36.27
N LYS E 100 5.94 -30.62 36.88
CA LYS E 100 4.74 -30.36 37.69
C LYS E 100 3.66 -29.56 36.96
N TYR E 101 4.02 -28.88 35.88
CA TYR E 101 3.08 -28.11 35.11
C TYR E 101 3.47 -28.29 33.66
N LEU E 102 2.51 -28.66 32.81
CA LEU E 102 2.79 -28.92 31.40
C LEU E 102 1.77 -28.26 30.49
N GLU E 103 2.26 -27.53 29.49
CA GLU E 103 1.39 -26.95 28.47
C GLU E 103 1.68 -27.70 27.19
N LEU E 104 0.78 -28.61 26.81
CA LEU E 104 0.95 -29.38 25.57
C LEU E 104 0.44 -28.58 24.40
N ARG E 105 1.13 -28.67 23.26
CA ARG E 105 0.63 -28.05 22.04
C ARG E 105 0.47 -29.10 20.94
N SER E 106 -0.64 -29.03 20.22
CA SER E 106 -0.93 -29.99 19.17
C SER E 106 -1.87 -29.43 18.13
N THR E 107 -1.60 -29.74 16.87
CA THR E 107 -2.42 -29.32 15.75
C THR E 107 -3.55 -30.32 15.56
N PRO E 108 -4.81 -29.88 15.71
CA PRO E 108 -5.93 -30.82 15.53
C PRO E 108 -6.02 -31.32 14.09
N ARG E 109 -6.22 -32.62 13.97
CA ARG E 109 -6.27 -33.27 12.67
C ARG E 109 -7.56 -34.02 12.45
N ARG E 110 -8.04 -33.93 11.24
CA ARG E 110 -9.19 -34.64 10.74
C ARG E 110 -8.61 -35.79 9.89
N GLU E 111 -9.04 -37.03 10.13
CA GLU E 111 -8.57 -38.18 9.35
C GLU E 111 -9.76 -38.88 8.72
N ASN E 112 -9.70 -39.09 7.39
CA ASN E 112 -10.81 -39.71 6.64
C ASN E 112 -10.93 -41.20 6.91
N ALA E 113 -9.80 -41.93 6.91
CA ALA E 113 -9.71 -43.37 7.10
C ALA E 113 -10.32 -43.82 8.41
N THR E 114 -10.17 -43.00 9.47
CA THR E 114 -10.71 -43.36 10.79
C THR E 114 -11.96 -42.60 11.21
N GLY E 115 -12.28 -41.51 10.52
CA GLY E 115 -13.44 -40.71 10.86
C GLY E 115 -13.20 -39.73 12.00
N MET E 116 -11.93 -39.46 12.33
CA MET E 116 -11.57 -38.51 13.37
C MET E 116 -11.71 -37.08 12.83
N THR E 117 -12.27 -36.17 13.63
CA THR E 117 -12.41 -34.77 13.24
C THR E 117 -11.49 -33.90 14.12
N LYS E 118 -11.29 -32.62 13.77
CA LYS E 118 -10.47 -31.73 14.59
C LYS E 118 -11.03 -31.60 16.01
N LYS E 119 -12.36 -31.57 16.14
CA LYS E 119 -13.06 -31.49 17.40
C LYS E 119 -12.86 -32.76 18.24
N THR E 120 -12.94 -33.96 17.62
CA THR E 120 -12.72 -35.20 18.37
C THR E 120 -11.23 -35.43 18.67
N TYR E 121 -10.33 -34.80 17.92
CA TYR E 121 -8.89 -34.83 18.19
C TYR E 121 -8.66 -34.08 19.51
N VAL E 122 -9.22 -32.85 19.64
CA VAL E 122 -9.10 -32.04 20.85
C VAL E 122 -9.76 -32.74 22.04
N GLU E 123 -10.92 -33.37 21.82
CA GLU E 123 -11.62 -34.08 22.89
C GLU E 123 -10.83 -35.28 23.41
N SER E 124 -10.03 -35.93 22.55
CA SER E 124 -9.18 -37.04 22.96
C SER E 124 -8.04 -36.54 23.86
N ILE E 125 -7.50 -35.35 23.58
CA ILE E 125 -6.46 -34.75 24.40
C ILE E 125 -7.06 -34.38 25.75
N LEU E 126 -8.25 -33.75 25.76
CA LEU E 126 -8.92 -33.39 27.00
C LEU E 126 -9.28 -34.62 27.84
N GLU E 127 -9.60 -35.73 27.18
CA GLU E 127 -9.91 -36.99 27.85
C GLU E 127 -8.65 -37.57 28.50
N GLY E 128 -7.51 -37.46 27.82
CA GLY E 128 -6.23 -37.91 28.32
C GLY E 128 -5.79 -37.10 29.54
N ILE E 129 -6.12 -35.80 29.57
CA ILE E 129 -5.83 -34.92 30.70
C ILE E 129 -6.73 -35.31 31.88
N LYS E 130 -8.00 -35.59 31.61
CA LYS E 130 -8.98 -35.99 32.63
C LYS E 130 -8.61 -37.33 33.26
N GLN E 131 -8.24 -38.34 32.44
CA GLN E 131 -7.83 -39.65 32.94
C GLN E 131 -6.53 -39.58 33.72
N SER E 132 -5.62 -38.63 33.37
CA SER E 132 -4.37 -38.44 34.10
C SER E 132 -4.62 -37.86 35.49
N LYS E 133 -5.65 -37.03 35.65
CA LYS E 133 -6.05 -36.47 36.94
C LYS E 133 -6.60 -37.58 37.83
N GLN E 134 -7.41 -38.49 37.24
CA GLN E 134 -7.98 -39.64 37.94
C GLN E 134 -6.91 -40.58 38.46
N GLU E 135 -5.72 -40.61 37.84
CA GLU E 135 -4.58 -41.41 38.28
C GLU E 135 -3.70 -40.69 39.32
N ASN E 136 -4.13 -39.50 39.79
CA ASN E 136 -3.48 -38.69 40.81
C ASN E 136 -2.02 -38.36 40.50
N LEU E 137 -1.72 -38.06 39.22
CA LEU E 137 -0.38 -37.69 38.81
C LEU E 137 -0.07 -36.28 39.30
N ASP E 138 1.13 -36.06 39.83
CA ASP E 138 1.53 -34.73 40.28
C ASP E 138 1.96 -33.84 39.12
N ILE E 139 1.02 -33.53 38.21
CA ILE E 139 1.27 -32.69 37.06
C ILE E 139 -0.02 -31.98 36.65
N ASP E 140 0.05 -30.68 36.41
CA ASP E 140 -1.08 -29.87 35.99
C ASP E 140 -0.94 -29.67 34.49
N VAL E 141 -1.79 -30.35 33.70
CA VAL E 141 -1.68 -30.32 32.24
C VAL E 141 -2.70 -29.40 31.57
N ARG E 142 -2.20 -28.52 30.70
CA ARG E 142 -3.03 -27.61 29.91
C ARG E 142 -2.74 -27.78 28.42
N TYR E 143 -3.63 -27.30 27.56
CA TYR E 143 -3.52 -27.49 26.13
C TYR E 143 -3.58 -26.19 25.36
N LEU E 144 -2.68 -26.05 24.37
CA LEU E 144 -2.59 -24.91 23.45
C LEU E 144 -2.87 -25.50 22.09
N ILE E 145 -3.87 -24.95 21.40
CA ILE E 145 -4.23 -25.43 20.09
C ILE E 145 -3.25 -24.87 19.07
N ALA E 146 -2.58 -25.76 18.32
CA ALA E 146 -1.57 -25.33 17.36
C ALA E 146 -2.11 -25.17 15.94
N VAL E 147 -1.72 -24.07 15.33
CA VAL E 147 -2.05 -23.76 13.95
C VAL E 147 -0.81 -24.06 13.14
N ASP E 148 -0.92 -24.94 12.13
CA ASP E 148 0.19 -25.30 11.27
C ASP E 148 0.16 -24.37 10.06
N ARG E 149 1.30 -23.75 9.73
CA ARG E 149 1.41 -22.85 8.58
C ARG E 149 1.05 -23.55 7.27
N ARG E 150 1.35 -24.85 7.16
CA ARG E 150 1.04 -25.68 5.98
C ARG E 150 -0.46 -25.84 5.70
N GLY E 151 -1.28 -25.75 6.75
CA GLY E 151 -2.72 -25.87 6.63
C GLY E 151 -3.37 -24.73 5.87
N GLY E 152 -2.73 -23.56 5.89
CA GLY E 152 -3.25 -22.38 5.20
C GLY E 152 -4.08 -21.48 6.09
N PRO E 153 -4.47 -20.31 5.58
CA PRO E 153 -5.26 -19.38 6.39
C PRO E 153 -6.72 -19.78 6.63
N LEU E 154 -7.30 -20.64 5.78
CA LEU E 154 -8.69 -21.08 5.97
C LEU E 154 -8.76 -22.11 7.09
N VAL E 155 -7.84 -23.08 7.10
CA VAL E 155 -7.78 -24.07 8.17
C VAL E 155 -7.44 -23.38 9.51
N ALA E 156 -6.62 -22.32 9.46
CA ALA E 156 -6.28 -21.52 10.63
C ALA E 156 -7.53 -20.86 11.23
N LYS E 157 -8.43 -20.34 10.40
CA LYS E 157 -9.68 -19.73 10.88
C LYS E 157 -10.58 -20.78 11.56
N GLU E 158 -10.64 -21.99 10.99
CA GLU E 158 -11.44 -23.07 11.55
C GLU E 158 -10.87 -23.50 12.89
N THR E 159 -9.53 -23.62 12.97
CA THR E 159 -8.81 -24.03 14.17
C THR E 159 -8.97 -22.98 15.28
N VAL E 160 -8.91 -21.70 14.93
CA VAL E 160 -9.10 -20.60 15.88
C VAL E 160 -10.54 -20.60 16.42
N LYS E 161 -11.54 -20.81 15.57
CA LYS E 161 -12.94 -20.89 15.99
C LYS E 161 -13.12 -22.07 16.97
N LEU E 162 -12.50 -23.21 16.65
CA LEU E 162 -12.55 -24.40 17.49
C LEU E 162 -11.90 -24.12 18.85
N ALA E 163 -10.75 -23.42 18.86
CA ALA E 163 -10.04 -23.05 20.06
C ALA E 163 -10.83 -22.09 20.94
N GLU E 164 -11.56 -21.17 20.33
CA GLU E 164 -12.41 -20.22 21.05
C GLU E 164 -13.55 -20.92 21.79
N GLU E 165 -14.08 -21.99 21.19
CA GLU E 165 -15.15 -22.79 21.77
C GLU E 165 -14.64 -23.59 22.97
N PHE E 166 -13.45 -24.21 22.83
CA PHE E 166 -12.87 -24.98 23.93
C PHE E 166 -12.32 -24.11 25.03
N PHE E 167 -11.91 -22.88 24.72
CA PHE E 167 -11.42 -21.93 25.70
C PHE E 167 -12.53 -21.62 26.72
N LEU E 168 -13.76 -21.46 26.23
CA LEU E 168 -14.90 -21.19 27.11
C LEU E 168 -15.43 -22.44 27.79
N SER E 169 -15.60 -23.54 27.06
CA SER E 169 -16.15 -24.76 27.63
C SER E 169 -15.22 -25.51 28.62
N THR E 170 -13.88 -25.45 28.44
CA THR E 170 -12.97 -26.20 29.32
C THR E 170 -12.64 -25.51 30.64
N GLU E 171 -12.96 -24.22 30.77
CA GLU E 171 -12.75 -23.47 32.01
C GLU E 171 -11.32 -23.56 32.57
N GLY E 172 -10.31 -23.36 31.72
CA GLY E 172 -8.92 -23.38 32.17
C GLY E 172 -7.99 -24.39 31.52
N THR E 173 -8.54 -25.50 30.99
CA THR E 173 -7.69 -26.51 30.35
C THR E 173 -7.05 -26.00 29.07
N VAL E 174 -7.85 -25.42 28.16
CA VAL E 174 -7.35 -24.84 26.91
C VAL E 174 -7.01 -23.38 27.24
N LEU E 175 -5.74 -22.99 27.12
CA LEU E 175 -5.31 -21.65 27.53
C LEU E 175 -4.85 -20.72 26.42
N GLY E 176 -4.47 -21.30 25.30
CA GLY E 176 -3.93 -20.51 24.21
C GLY E 176 -3.86 -21.14 22.85
N LEU E 177 -3.15 -20.46 21.98
CA LEU E 177 -2.97 -20.80 20.58
C LEU E 177 -1.48 -20.71 20.21
N ASP E 178 -1.04 -21.60 19.34
CA ASP E 178 0.33 -21.59 18.85
C ASP E 178 0.34 -21.47 17.31
N LEU E 179 1.42 -20.92 16.74
CA LEU E 179 1.62 -20.86 15.29
C LEU E 179 2.92 -21.61 15.03
N SER E 180 2.83 -22.82 14.46
CA SER E 180 4.00 -23.66 14.20
C SER E 180 4.01 -24.24 12.76
N GLY E 181 4.76 -25.31 12.51
CA GLY E 181 4.88 -25.88 11.18
C GLY E 181 5.96 -25.20 10.38
N ASP E 182 6.12 -25.58 9.11
CA ASP E 182 7.15 -25.05 8.23
C ASP E 182 7.17 -23.52 8.14
N PRO E 183 8.25 -22.87 8.64
CA PRO E 183 8.34 -21.41 8.56
C PRO E 183 8.52 -20.84 7.15
N THR E 184 8.86 -21.69 6.17
CA THR E 184 9.00 -21.26 4.77
C THR E 184 7.66 -21.29 4.02
N VAL E 185 6.64 -21.94 4.58
CA VAL E 185 5.33 -22.06 3.97
C VAL E 185 4.42 -20.93 4.43
N GLY E 186 3.76 -20.28 3.48
CA GLY E 186 2.83 -19.20 3.75
C GLY E 186 3.47 -17.86 4.07
N GLN E 187 2.63 -16.86 4.28
CA GLN E 187 3.07 -15.52 4.65
C GLN E 187 2.45 -15.14 5.98
N ALA E 188 3.16 -14.34 6.78
CA ALA E 188 2.70 -13.92 8.10
C ALA E 188 1.38 -13.18 8.02
N LYS E 189 1.20 -12.33 7.00
CA LYS E 189 -0.01 -11.55 6.80
C LYS E 189 -1.25 -12.44 6.65
N ASP E 190 -1.10 -13.68 6.16
CA ASP E 190 -2.20 -14.62 6.02
C ASP E 190 -2.75 -15.09 7.38
N PHE E 191 -1.92 -15.04 8.44
CA PHE E 191 -2.34 -15.49 9.75
C PHE E 191 -2.66 -14.38 10.74
N LEU E 192 -2.45 -13.12 10.38
CA LEU E 192 -2.75 -12.00 11.27
C LEU E 192 -4.20 -11.95 11.75
N GLU E 193 -5.17 -12.07 10.85
CA GLU E 193 -6.59 -12.03 11.20
C GLU E 193 -7.01 -13.15 12.19
N PRO E 194 -6.80 -14.46 11.93
CA PRO E 194 -7.19 -15.48 12.93
C PRO E 194 -6.43 -15.37 14.25
N LEU E 195 -5.14 -14.94 14.22
CA LEU E 195 -4.37 -14.78 15.45
C LEU E 195 -4.87 -13.61 16.28
N LEU E 196 -5.26 -12.52 15.62
CA LEU E 196 -5.84 -11.35 16.30
C LEU E 196 -7.20 -11.69 16.90
N GLU E 197 -7.99 -12.51 16.19
CA GLU E 197 -9.29 -12.98 16.62
C GLU E 197 -9.14 -13.81 17.91
N ALA E 198 -8.15 -14.71 17.96
CA ALA E 198 -7.88 -15.53 19.13
C ALA E 198 -7.43 -14.66 20.30
N LYS E 199 -6.59 -13.65 20.02
CA LYS E 199 -6.09 -12.72 21.04
C LYS E 199 -7.27 -11.91 21.64
N LYS E 200 -8.23 -11.52 20.80
CA LYS E 200 -9.44 -10.79 21.21
C LYS E 200 -10.35 -11.66 22.08
N ALA E 201 -10.43 -12.95 21.78
CA ALA E 201 -11.24 -13.89 22.57
C ALA E 201 -10.67 -14.15 23.98
N GLY E 202 -9.39 -13.85 24.19
CA GLY E 202 -8.76 -14.06 25.48
C GLY E 202 -7.70 -15.16 25.51
N LEU E 203 -7.42 -15.78 24.35
CA LEU E 203 -6.40 -16.80 24.27
C LEU E 203 -5.02 -16.18 24.24
N LYS E 204 -4.06 -16.81 24.91
CA LYS E 204 -2.67 -16.37 24.90
C LYS E 204 -1.97 -16.89 23.63
N LEU E 205 -1.01 -16.15 23.08
CA LEU E 205 -0.31 -16.58 21.87
C LEU E 205 1.13 -17.00 22.12
N ALA E 206 1.50 -18.20 21.70
CA ALA E 206 2.87 -18.67 21.79
C ALA E 206 3.29 -18.87 20.34
N LEU E 207 4.08 -17.95 19.75
CA LEU E 207 4.46 -18.05 18.34
C LEU E 207 5.89 -18.49 18.11
N HIS E 208 6.10 -19.45 17.19
CA HIS E 208 7.44 -19.85 16.78
C HIS E 208 7.99 -18.72 15.93
N LEU E 209 9.09 -18.08 16.34
CA LEU E 209 9.65 -16.95 15.58
C LEU E 209 11.14 -17.10 15.37
N SER E 210 11.63 -16.56 14.27
CA SER E 210 13.05 -16.49 13.98
C SER E 210 13.78 -17.82 14.06
N GLU E 211 13.11 -18.88 13.59
CA GLU E 211 13.69 -20.23 13.57
C GLU E 211 14.76 -20.39 12.52
N ILE E 212 14.63 -19.71 11.40
CA ILE E 212 15.54 -19.78 10.27
C ILE E 212 16.00 -18.37 9.91
N PRO E 213 17.16 -18.25 9.24
CA PRO E 213 17.63 -16.91 8.86
C PRO E 213 16.87 -16.28 7.68
N ASN E 214 17.11 -14.97 7.50
CA ASN E 214 16.62 -14.12 6.43
C ASN E 214 15.11 -13.99 6.38
N GLN E 215 14.46 -13.89 7.54
CA GLN E 215 13.01 -13.75 7.61
C GLN E 215 12.64 -12.53 8.48
N LYS E 216 13.45 -11.48 8.48
CA LYS E 216 13.25 -10.31 9.33
C LYS E 216 11.90 -9.64 9.21
N LYS E 217 11.45 -9.30 7.99
CA LYS E 217 10.17 -8.64 7.77
C LYS E 217 9.01 -9.49 8.28
N GLU E 218 9.07 -10.80 8.04
CA GLU E 218 8.05 -11.73 8.49
C GLU E 218 8.00 -11.80 10.02
N THR E 219 9.16 -11.72 10.68
CA THR E 219 9.30 -11.73 12.12
C THR E 219 8.73 -10.44 12.72
N GLN E 220 9.01 -9.27 12.10
CA GLN E 220 8.47 -8.00 12.60
C GLN E 220 6.95 -8.00 12.53
N ILE E 221 6.36 -8.61 11.49
CA ILE E 221 4.91 -8.70 11.33
C ILE E 221 4.27 -9.50 12.48
N LEU E 222 4.81 -10.68 12.80
CA LEU E 222 4.29 -11.50 13.88
C LEU E 222 4.61 -10.92 15.28
N LEU E 223 5.73 -10.22 15.42
CA LEU E 223 6.09 -9.57 16.68
C LEU E 223 5.09 -8.43 17.00
N ASP E 224 4.54 -7.78 15.96
CA ASP E 224 3.55 -6.72 16.15
C ASP E 224 2.25 -7.26 16.77
N LEU E 225 1.98 -8.57 16.69
CA LEU E 225 0.85 -9.17 17.38
C LEU E 225 1.06 -9.20 18.91
N LEU E 226 2.27 -8.90 19.40
CA LEU E 226 2.67 -8.98 20.79
C LEU E 226 2.41 -10.35 21.35
N PRO E 227 3.16 -11.36 20.90
CA PRO E 227 2.95 -12.71 21.45
C PRO E 227 3.26 -12.77 22.94
N ASP E 228 2.58 -13.66 23.66
CA ASP E 228 2.79 -13.84 25.09
C ASP E 228 4.08 -14.63 25.40
N ARG E 229 4.53 -15.46 24.45
CA ARG E 229 5.78 -16.20 24.50
C ARG E 229 6.26 -16.41 23.06
N ILE E 230 7.57 -16.41 22.86
CA ILE E 230 8.17 -16.66 21.55
C ILE E 230 8.89 -18.02 21.60
N GLY E 231 8.67 -18.87 20.61
CA GLY E 231 9.34 -20.15 20.49
C GLY E 231 10.64 -19.93 19.74
N HIS E 232 11.77 -20.35 20.34
CA HIS E 232 13.12 -20.25 19.77
C HIS E 232 13.71 -18.81 19.74
N GLY E 233 13.35 -17.99 18.75
CA GLY E 233 13.93 -16.65 18.58
C GLY E 233 15.40 -16.72 18.20
N THR E 234 15.80 -17.84 17.56
CA THR E 234 17.16 -18.21 17.19
C THR E 234 17.94 -17.12 16.48
N PHE E 235 17.32 -16.49 15.49
CA PHE E 235 17.97 -15.48 14.68
C PHE E 235 17.54 -14.05 15.00
N LEU E 236 16.90 -13.80 16.16
CA LEU E 236 16.47 -12.43 16.53
C LEU E 236 17.65 -11.46 16.57
N ASN E 237 18.82 -11.93 17.05
CA ASN E 237 20.04 -11.12 17.14
C ASN E 237 21.03 -11.33 16.00
N SER E 238 20.70 -12.17 15.02
CA SER E 238 21.58 -12.45 13.90
C SER E 238 21.44 -11.39 12.84
N GLY E 239 22.55 -11.02 12.19
CA GLY E 239 22.53 -10.04 11.11
C GLY E 239 21.71 -10.49 9.91
N GLU E 240 21.59 -11.83 9.73
CA GLU E 240 20.81 -12.47 8.66
C GLU E 240 19.42 -12.87 9.19
N GLY E 241 18.48 -11.93 9.18
CA GLY E 241 17.12 -12.19 9.65
C GLY E 241 16.71 -11.54 10.96
N GLY E 242 17.63 -10.87 11.60
CA GLY E 242 17.37 -10.16 12.85
C GLY E 242 18.07 -8.81 12.91
N SER E 243 17.81 -8.07 13.98
CA SER E 243 18.40 -6.75 14.15
C SER E 243 18.39 -6.30 15.62
N LEU E 244 19.08 -5.18 15.92
CA LEU E 244 19.06 -4.53 17.22
C LEU E 244 17.62 -4.14 17.58
N ASP E 245 16.81 -3.76 16.55
CA ASP E 245 15.40 -3.42 16.69
C ASP E 245 14.58 -4.60 17.17
N LEU E 246 14.82 -5.82 16.63
CA LEU E 246 14.07 -7.01 17.05
C LEU E 246 14.41 -7.40 18.48
N VAL E 247 15.71 -7.36 18.85
CA VAL E 247 16.18 -7.68 20.18
C VAL E 247 15.60 -6.66 21.17
N ASP E 248 15.66 -5.37 20.82
CA ASP E 248 15.14 -4.29 21.64
C ASP E 248 13.64 -4.38 21.83
N PHE E 249 12.90 -4.79 20.80
CA PHE E 249 11.45 -4.94 20.91
C PHE E 249 11.13 -6.07 21.92
N VAL E 250 11.82 -7.22 21.79
CA VAL E 250 11.64 -8.36 22.68
C VAL E 250 12.02 -8.01 24.13
N ARG E 251 13.07 -7.21 24.34
CA ARG E 251 13.51 -6.77 25.66
C ARG E 251 12.57 -5.72 26.28
N GLN E 252 12.13 -4.71 25.52
CA GLN E 252 11.21 -3.71 26.04
C GLN E 252 9.88 -4.33 26.44
N HIS E 253 9.41 -5.31 25.68
CA HIS E 253 8.14 -5.97 25.98
C HIS E 253 8.29 -7.19 26.89
N ARG E 254 9.52 -7.52 27.30
CA ARG E 254 9.88 -8.64 28.18
C ARG E 254 9.21 -9.94 27.77
N ILE E 255 9.28 -10.28 26.48
CA ILE E 255 8.62 -11.48 25.98
C ILE E 255 9.42 -12.72 26.29
N PRO E 256 8.87 -13.64 27.10
CA PRO E 256 9.62 -14.87 27.42
C PRO E 256 9.96 -15.70 26.18
N LEU E 257 11.19 -16.25 26.16
CA LEU E 257 11.62 -17.07 25.05
C LEU E 257 11.64 -18.50 25.48
N GLU E 258 11.02 -19.39 24.71
CA GLU E 258 11.02 -20.83 24.99
C GLU E 258 12.24 -21.34 24.24
N LEU E 259 13.30 -21.69 24.96
CA LEU E 259 14.56 -22.14 24.38
C LEU E 259 14.66 -23.66 24.35
N CYS E 260 14.86 -24.23 23.16
CA CYS E 260 14.94 -25.68 22.96
C CYS E 260 16.33 -26.04 22.44
N LEU E 261 17.24 -26.38 23.34
CA LEU E 261 18.65 -26.63 23.02
C LEU E 261 18.89 -27.82 22.10
N THR E 262 18.46 -29.04 22.46
CA THR E 262 18.70 -30.22 21.63
C THR E 262 17.99 -30.11 20.29
N SER E 263 16.80 -29.52 20.28
CA SER E 263 16.03 -29.29 19.08
C SER E 263 16.82 -28.43 18.07
N ASN E 264 17.44 -27.32 18.51
CA ASN E 264 18.20 -26.48 17.59
C ASN E 264 19.49 -27.14 17.14
N VAL E 265 20.15 -27.89 18.03
CA VAL E 265 21.40 -28.57 17.68
C VAL E 265 21.15 -29.72 16.69
N LYS E 266 20.16 -30.58 16.96
CA LYS E 266 19.85 -31.73 16.11
C LYS E 266 19.20 -31.35 14.80
N SER E 267 18.54 -30.19 14.73
CA SER E 267 17.98 -29.71 13.47
C SER E 267 18.94 -28.72 12.76
N GLN E 268 20.17 -28.58 13.25
CA GLN E 268 21.26 -27.76 12.72
C GLN E 268 20.96 -26.28 12.55
N THR E 269 20.02 -25.72 13.33
CA THR E 269 19.77 -24.27 13.29
C THR E 269 20.76 -23.50 14.20
N VAL E 270 21.60 -24.23 14.99
CA VAL E 270 22.62 -23.75 15.89
C VAL E 270 23.80 -24.74 15.72
N PRO E 271 25.07 -24.28 15.59
CA PRO E 271 26.17 -25.23 15.32
C PRO E 271 26.56 -26.14 16.49
N SER E 272 26.39 -25.69 17.72
CA SER E 272 26.76 -26.47 18.90
C SER E 272 25.97 -26.00 20.10
N TYR E 273 25.91 -26.81 21.18
CA TYR E 273 25.25 -26.36 22.42
C TYR E 273 25.91 -25.09 22.95
N ASP E 274 27.24 -25.03 22.85
CA ASP E 274 28.08 -23.92 23.29
C ASP E 274 27.77 -22.60 22.60
N GLN E 275 27.31 -22.68 21.36
CA GLN E 275 26.96 -21.49 20.60
C GLN E 275 25.46 -21.20 20.55
N HIS E 276 24.65 -21.92 21.34
CA HIS E 276 23.21 -21.71 21.39
C HIS E 276 22.95 -20.32 21.97
N HIS E 277 21.89 -19.64 21.48
CA HIS E 277 21.56 -18.29 21.92
C HIS E 277 21.09 -18.22 23.36
N PHE E 278 21.05 -19.35 24.12
CA PHE E 278 20.70 -19.33 25.55
C PHE E 278 21.66 -18.40 26.31
N GLY E 279 22.97 -18.52 26.04
CA GLY E 279 23.98 -17.70 26.70
C GLY E 279 23.77 -16.22 26.48
N PHE E 280 23.40 -15.83 25.26
CA PHE E 280 23.12 -14.45 24.93
C PHE E 280 21.95 -13.87 25.78
N TRP E 281 20.82 -14.57 25.84
CA TRP E 281 19.66 -14.09 26.58
C TRP E 281 19.81 -14.23 28.09
N TYR E 282 20.56 -15.24 28.54
CA TYR E 282 20.85 -15.44 29.95
C TYR E 282 21.79 -14.31 30.45
N SER E 283 22.70 -13.81 29.61
CA SER E 283 23.62 -12.74 30.00
C SER E 283 22.94 -11.42 30.37
N ILE E 284 21.74 -11.19 29.86
CA ILE E 284 20.97 -9.98 30.15
C ILE E 284 19.74 -10.29 31.02
N ALA E 285 19.69 -11.48 31.68
CA ALA E 285 18.61 -11.96 32.53
C ALA E 285 17.24 -11.82 31.86
N HIS E 286 17.18 -12.11 30.57
CA HIS E 286 15.92 -11.99 29.85
C HIS E 286 15.06 -13.22 30.12
N PRO E 287 13.73 -13.05 30.35
CA PRO E 287 12.86 -14.21 30.64
C PRO E 287 12.99 -15.33 29.61
N SER E 288 13.43 -16.51 30.07
CA SER E 288 13.67 -17.68 29.23
C SER E 288 13.26 -18.94 29.94
N VAL E 289 12.73 -19.91 29.20
CA VAL E 289 12.33 -21.18 29.76
C VAL E 289 12.97 -22.32 28.95
N ILE E 290 13.62 -23.27 29.61
CA ILE E 290 14.22 -24.41 28.94
C ILE E 290 13.09 -25.39 28.59
N CYS E 291 13.00 -25.78 27.32
CA CYS E 291 11.95 -26.66 26.82
C CYS E 291 12.50 -27.85 26.04
N THR E 292 11.69 -28.91 25.86
CA THR E 292 12.10 -30.07 25.09
C THR E 292 11.79 -29.91 23.63
N ASP E 293 10.63 -29.31 23.32
CA ASP E 293 10.15 -29.13 21.95
C ASP E 293 9.53 -30.43 21.42
N ASP E 294 10.34 -31.45 21.16
CA ASP E 294 9.90 -32.75 20.68
C ASP E 294 10.83 -33.76 21.35
N LYS E 295 10.52 -34.14 22.61
CA LYS E 295 11.36 -35.04 23.38
C LYS E 295 11.55 -36.43 22.76
N GLY E 296 10.58 -36.89 21.96
CA GLY E 296 10.67 -38.18 21.30
C GLY E 296 11.53 -38.12 20.05
N VAL E 297 11.24 -37.19 19.14
CA VAL E 297 12.02 -37.01 17.92
C VAL E 297 13.47 -36.66 18.24
N PHE E 298 13.69 -35.80 19.25
CA PHE E 298 15.05 -35.42 19.62
C PHE E 298 15.68 -36.30 20.70
N ALA E 299 15.02 -37.40 21.11
CA ALA E 299 15.52 -38.36 22.08
C ALA E 299 16.10 -37.71 23.34
N THR E 300 15.28 -36.92 24.01
CA THR E 300 15.69 -36.19 25.20
C THR E 300 14.56 -36.16 26.26
N HIS E 301 14.82 -35.58 27.43
CA HIS E 301 13.89 -35.39 28.53
C HIS E 301 14.12 -33.96 29.02
N LEU E 302 13.14 -33.36 29.70
CA LEU E 302 13.32 -31.99 30.21
C LEU E 302 14.47 -31.92 31.23
N SER E 303 14.67 -33.00 32.01
CA SER E 303 15.78 -33.05 32.97
C SER E 303 17.13 -33.02 32.24
N GLN E 304 17.21 -33.71 31.10
CA GLN E 304 18.40 -33.77 30.26
C GLN E 304 18.68 -32.42 29.61
N GLU E 305 17.64 -31.65 29.27
CA GLU E 305 17.79 -30.32 28.69
C GLU E 305 18.37 -29.36 29.73
N TYR E 306 17.91 -29.48 30.99
CA TYR E 306 18.42 -28.68 32.09
C TYR E 306 19.88 -29.02 32.36
N GLN E 307 20.23 -30.33 32.32
CA GLN E 307 21.61 -30.77 32.53
C GLN E 307 22.49 -30.23 31.42
N LEU E 308 22.04 -30.34 30.16
CA LEU E 308 22.80 -29.83 29.01
C LEU E 308 23.04 -28.32 29.14
N ALA E 309 22.02 -27.56 29.57
CA ALA E 309 22.16 -26.11 29.73
C ALA E 309 23.14 -25.81 30.88
N ALA E 310 23.03 -26.54 32.00
CA ALA E 310 23.90 -26.35 33.15
C ALA E 310 25.35 -26.70 32.86
N GLU E 311 25.59 -27.81 32.17
CA GLU E 311 26.94 -28.24 31.86
C GLU E 311 27.55 -27.34 30.80
N THR E 312 26.80 -27.00 29.74
CA THR E 312 27.30 -26.13 28.69
C THR E 312 27.60 -24.72 29.20
N PHE E 313 26.67 -24.13 29.93
CA PHE E 313 26.83 -22.76 30.37
C PHE E 313 27.38 -22.63 31.79
N ASN E 314 27.86 -23.74 32.39
CA ASN E 314 28.47 -23.77 33.70
C ASN E 314 27.60 -23.14 34.78
N LEU E 315 26.35 -23.59 34.90
CA LEU E 315 25.44 -23.08 35.90
C LEU E 315 25.47 -23.99 37.13
N THR E 316 25.45 -23.40 38.32
CA THR E 316 25.44 -24.17 39.56
C THR E 316 24.02 -24.73 39.77
N GLN E 317 23.82 -25.65 40.73
CA GLN E 317 22.49 -26.16 41.05
C GLN E 317 21.56 -25.04 41.51
N SER E 318 22.09 -24.06 42.26
CA SER E 318 21.26 -22.94 42.72
C SER E 318 20.86 -22.03 41.55
N GLN E 319 21.73 -21.88 40.54
CA GLN E 319 21.42 -21.09 39.35
C GLN E 319 20.40 -21.79 38.46
N VAL E 320 20.46 -23.13 38.40
CA VAL E 320 19.48 -23.96 37.68
C VAL E 320 18.13 -23.89 38.44
N TRP E 321 18.16 -23.89 39.77
CA TRP E 321 16.99 -23.74 40.62
C TRP E 321 16.28 -22.41 40.30
N ASP E 322 17.04 -21.31 40.22
CA ASP E 322 16.49 -19.98 39.92
C ASP E 322 15.79 -19.96 38.59
N LEU E 323 16.39 -20.59 37.56
CA LEU E 323 15.80 -20.67 36.23
C LEU E 323 14.46 -21.41 36.30
N SER E 324 14.43 -22.55 37.00
CA SER E 324 13.21 -23.35 37.14
C SER E 324 12.11 -22.60 37.88
N TYR E 325 12.46 -21.91 38.94
CA TYR E 325 11.52 -21.15 39.74
C TYR E 325 10.97 -19.96 38.98
N GLU E 326 11.82 -19.23 38.25
CA GLU E 326 11.37 -18.07 37.47
C GLU E 326 10.47 -18.47 36.32
N SER E 327 10.66 -19.68 35.75
CA SER E 327 9.86 -20.13 34.63
C SER E 327 8.35 -20.25 34.96
N ILE E 328 7.99 -20.33 36.26
CA ILE E 328 6.62 -20.37 36.74
C ILE E 328 5.89 -19.07 36.32
N ASN E 329 6.61 -17.93 36.27
CA ASN E 329 6.02 -16.66 35.88
C ASN E 329 5.48 -16.64 34.46
N TYR E 330 5.98 -17.53 33.58
CA TYR E 330 5.65 -17.48 32.15
C TYR E 330 4.59 -18.47 31.69
N ILE E 331 3.93 -19.15 32.63
CA ILE E 331 2.83 -20.05 32.29
C ILE E 331 1.60 -19.22 31.85
N PHE E 332 0.68 -19.84 31.11
CA PHE E 332 -0.52 -19.16 30.65
C PHE E 332 -1.69 -19.24 31.65
N ALA E 333 -1.54 -20.03 32.74
CA ALA E 333 -2.55 -20.18 33.78
C ALA E 333 -2.59 -18.93 34.70
N SER E 334 -3.62 -18.79 35.53
CA SER E 334 -3.81 -17.64 36.41
C SER E 334 -2.76 -17.51 37.52
N ASP E 335 -2.78 -16.39 38.25
CA ASP E 335 -1.91 -16.11 39.39
C ASP E 335 -2.08 -17.13 40.52
N SER E 336 -3.27 -17.72 40.64
CA SER E 336 -3.57 -18.73 41.65
C SER E 336 -2.69 -19.95 41.41
N THR E 337 -2.56 -20.39 40.15
CA THR E 337 -1.74 -21.53 39.75
C THR E 337 -0.26 -21.24 39.97
N ARG E 338 0.19 -20.02 39.63
CA ARG E 338 1.58 -19.59 39.84
C ARG E 338 1.93 -19.65 41.32
N SER E 339 1.01 -19.16 42.17
CA SER E 339 1.16 -19.13 43.60
C SER E 339 1.26 -20.55 44.16
N GLU E 340 0.41 -21.46 43.67
CA GLU E 340 0.44 -22.85 44.13
C GLU E 340 1.70 -23.56 43.69
N LEU E 341 2.18 -23.27 42.47
CA LEU E 341 3.41 -23.86 41.97
C LEU E 341 4.60 -23.33 42.76
N ARG E 342 4.62 -22.04 43.07
CA ARG E 342 5.70 -21.44 43.85
C ARG E 342 5.81 -22.06 45.24
N LYS E 343 4.65 -22.38 45.87
CA LYS E 343 4.55 -23.02 47.18
C LYS E 343 5.09 -24.45 47.09
N LYS E 344 4.76 -25.16 46.00
CA LYS E 344 5.23 -26.52 45.77
C LYS E 344 6.77 -26.55 45.63
N TRP E 345 7.34 -25.60 44.85
CA TRP E 345 8.78 -25.50 44.63
C TRP E 345 9.49 -25.26 45.95
N ASN E 346 9.01 -24.32 46.77
CA ASN E 346 9.65 -24.00 48.04
C ASN E 346 9.54 -25.11 49.08
N HIS E 347 8.53 -25.96 48.96
CA HIS E 347 8.36 -27.12 49.84
C HIS E 347 9.41 -28.20 49.46
N LEU E 348 9.65 -28.39 48.15
CA LEU E 348 10.60 -29.37 47.66
C LEU E 348 12.06 -28.91 47.78
N LYS E 349 12.30 -27.60 47.71
CA LYS E 349 13.63 -27.02 47.69
C LYS E 349 14.67 -27.65 48.63
N PRO E 350 14.41 -27.85 49.96
CA PRO E 350 15.47 -28.47 50.80
C PRO E 350 15.75 -29.96 50.51
N ARG E 351 14.82 -30.63 49.83
CA ARG E 351 15.00 -32.02 49.42
C ARG E 351 15.71 -32.12 48.07
N VAL E 352 15.67 -31.08 47.23
CA VAL E 352 16.31 -31.08 45.92
C VAL E 352 17.73 -30.52 46.01
N LEU E 353 17.90 -29.40 46.72
CA LEU E 353 19.19 -28.76 46.92
C LEU E 353 19.83 -29.26 48.21
N HIS E 354 21.03 -29.86 48.10
CA HIS E 354 21.69 -30.43 49.27
C HIS E 354 22.94 -29.70 49.68
N ILE E 355 23.26 -29.73 50.98
CA ILE E 355 24.47 -29.11 51.51
C ILE E 355 25.73 -29.87 51.04
N THR F 12 40.03 -4.63 35.45
CA THR F 12 40.34 -3.99 34.15
C THR F 12 41.86 -3.76 33.99
N ASP F 13 42.54 -3.25 35.06
CA ASP F 13 44.00 -3.08 35.01
C ASP F 13 44.73 -4.44 34.93
N PHE F 14 44.10 -5.50 35.47
CA PHE F 14 44.59 -6.88 35.41
C PHE F 14 44.87 -7.30 33.97
N TYR F 15 43.94 -6.98 33.04
CA TYR F 15 44.05 -7.42 31.65
C TYR F 15 45.20 -6.79 30.89
N SER F 16 45.57 -5.55 31.24
CA SER F 16 46.72 -4.91 30.61
C SER F 16 48.03 -5.30 31.30
N GLU F 17 47.98 -5.53 32.63
CA GLU F 17 49.14 -5.98 33.40
C GLU F 17 49.51 -7.40 33.02
N LEU F 18 48.53 -8.25 32.73
CA LEU F 18 48.72 -9.65 32.38
C LEU F 18 49.69 -9.80 31.22
N PRO F 19 50.83 -10.50 31.41
CA PRO F 19 51.73 -10.72 30.26
C PRO F 19 51.00 -11.48 29.17
N LYS F 20 51.13 -11.05 27.91
CA LYS F 20 50.39 -11.65 26.79
C LYS F 20 51.28 -11.91 25.58
N VAL F 21 50.88 -12.85 24.73
CA VAL F 21 51.53 -13.07 23.46
C VAL F 21 50.49 -12.72 22.42
N GLU F 22 50.92 -12.17 21.30
CA GLU F 22 50.02 -11.84 20.20
C GLU F 22 50.51 -12.61 18.99
N LEU F 23 49.70 -13.55 18.47
CA LEU F 23 50.10 -14.38 17.34
C LEU F 23 49.36 -14.11 16.06
N HIS F 24 48.31 -13.28 16.09
CA HIS F 24 47.51 -12.99 14.90
C HIS F 24 47.21 -11.50 14.77
N ALA F 25 48.14 -10.74 14.19
CA ALA F 25 47.98 -9.30 14.08
C ALA F 25 48.49 -8.85 12.74
N HIS F 26 47.60 -8.29 11.90
CA HIS F 26 47.96 -7.78 10.58
C HIS F 26 48.52 -6.38 10.72
N LEU F 27 49.76 -6.13 10.25
CA LEU F 27 50.40 -4.82 10.38
C LEU F 27 49.51 -3.63 9.97
N ASN F 28 48.93 -3.66 8.78
CA ASN F 28 48.09 -2.57 8.30
C ASN F 28 46.69 -2.52 8.95
N GLY F 29 46.28 -3.61 9.58
CA GLY F 29 45.05 -3.66 10.35
C GLY F 29 45.27 -3.23 11.80
N SER F 30 46.53 -3.15 12.25
CA SER F 30 46.86 -2.79 13.63
C SER F 30 47.18 -1.31 13.84
N ILE F 31 47.05 -0.47 12.80
CA ILE F 31 47.36 0.95 12.89
C ILE F 31 46.40 1.71 13.81
N SER F 32 46.94 2.37 14.83
CA SER F 32 46.15 3.14 15.78
C SER F 32 45.59 4.41 15.15
N SER F 33 44.63 5.03 15.84
CA SER F 33 43.98 6.26 15.44
C SER F 33 45.04 7.40 15.32
N HIS F 34 46.00 7.42 16.26
CA HIS F 34 47.08 8.41 16.29
C HIS F 34 47.98 8.28 15.05
N THR F 35 48.40 7.05 14.72
CA THR F 35 49.28 6.80 13.57
C THR F 35 48.54 7.04 12.26
N MET F 36 47.24 6.70 12.21
CA MET F 36 46.43 6.91 11.02
C MET F 36 46.34 8.38 10.68
N LYS F 37 46.16 9.25 11.70
CA LYS F 37 46.11 10.69 11.53
C LYS F 37 47.43 11.28 11.01
N LYS F 38 48.58 10.69 11.41
CA LYS F 38 49.89 11.11 10.92
C LYS F 38 50.03 10.76 9.44
N LEU F 39 49.54 9.59 9.04
CA LEU F 39 49.58 9.15 7.65
C LEU F 39 48.68 10.03 6.78
N ILE F 40 47.49 10.41 7.31
CA ILE F 40 46.52 11.27 6.64
C ILE F 40 47.10 12.68 6.48
N ALA F 41 47.85 13.17 7.48
CA ALA F 41 48.47 14.49 7.40
C ALA F 41 49.51 14.54 6.27
N GLN F 42 50.23 13.45 6.04
CA GLN F 42 51.24 13.36 4.99
C GLN F 42 50.64 13.28 3.59
N LYS F 43 49.44 12.70 3.46
CA LYS F 43 48.76 12.60 2.18
C LYS F 43 47.36 13.24 2.26
N PRO F 44 47.28 14.56 2.44
CA PRO F 44 45.95 15.21 2.55
C PRO F 44 45.15 15.23 1.24
N ASP F 45 45.84 15.13 0.09
CA ASP F 45 45.23 15.12 -1.24
C ASP F 45 44.34 13.90 -1.50
N LEU F 46 44.57 12.81 -0.75
CA LEU F 46 43.82 11.56 -0.89
C LEU F 46 42.38 11.64 -0.37
N LYS F 47 42.05 12.68 0.42
CA LYS F 47 40.70 12.94 0.96
C LYS F 47 40.15 11.78 1.79
N ILE F 48 41.04 11.09 2.51
CA ILE F 48 40.68 9.97 3.36
C ILE F 48 40.39 10.46 4.77
N HIS F 49 39.28 10.02 5.35
CA HIS F 49 38.92 10.38 6.71
C HIS F 49 39.13 9.17 7.64
N ASP F 50 39.45 9.41 8.93
CA ASP F 50 39.73 8.30 9.83
C ASP F 50 38.49 7.44 10.17
N GLN F 51 37.27 7.93 9.88
CA GLN F 51 36.05 7.13 10.06
C GLN F 51 35.97 6.01 9.00
N MET F 52 36.63 6.19 7.83
CA MET F 52 36.68 5.20 6.73
C MET F 52 37.61 4.01 7.02
N THR F 53 38.44 4.10 8.07
CA THR F 53 39.42 3.07 8.42
C THR F 53 39.10 2.34 9.74
N VAL F 54 38.08 2.80 10.49
CA VAL F 54 37.73 2.17 11.76
C VAL F 54 36.25 1.79 11.86
N ILE F 55 35.98 0.65 12.51
CA ILE F 55 34.63 0.18 12.85
C ILE F 55 34.48 0.44 14.35
N ASP F 56 33.72 1.46 14.71
CA ASP F 56 33.50 1.87 16.10
C ASP F 56 32.74 0.85 16.94
N LYS F 57 32.83 0.98 18.29
CA LYS F 57 32.13 0.14 19.25
C LYS F 57 30.62 0.23 19.00
N GLY F 58 29.95 -0.91 18.99
CA GLY F 58 28.52 -0.95 18.71
C GLY F 58 28.17 -0.96 17.23
N LYS F 59 29.17 -0.80 16.34
CA LYS F 59 28.93 -0.82 14.90
C LYS F 59 29.44 -2.12 14.30
N LYS F 60 28.79 -2.58 13.24
CA LYS F 60 29.15 -3.82 12.54
C LYS F 60 29.14 -3.57 11.04
N ARG F 61 30.02 -4.26 10.32
CA ARG F 61 30.12 -4.20 8.86
C ARG F 61 30.19 -5.62 8.29
N THR F 62 29.99 -5.78 6.97
CA THR F 62 30.11 -7.10 6.34
C THR F 62 31.62 -7.43 6.18
N LEU F 63 31.95 -8.70 5.91
CA LEU F 63 33.33 -9.09 5.70
C LEU F 63 33.92 -8.42 4.47
N GLU F 64 33.11 -8.26 3.42
CA GLU F 64 33.49 -7.59 2.18
C GLU F 64 33.76 -6.09 2.41
N GLU F 65 32.96 -5.46 3.30
CA GLU F 65 33.17 -4.06 3.66
C GLU F 65 34.49 -3.90 4.41
N CYS F 66 34.88 -4.89 5.24
CA CYS F 66 36.15 -4.87 5.96
C CYS F 66 37.32 -4.90 4.99
N PHE F 67 37.26 -5.78 3.99
CA PHE F 67 38.29 -5.90 2.95
C PHE F 67 38.47 -4.60 2.17
N GLN F 68 37.35 -3.89 1.92
CA GLN F 68 37.38 -2.61 1.22
C GLN F 68 38.11 -1.53 2.04
N MET F 69 38.01 -1.58 3.38
CA MET F 69 38.71 -0.65 4.26
C MET F 69 40.21 -0.83 4.15
N PHE F 70 40.69 -2.07 3.91
CA PHE F 70 42.13 -2.33 3.75
C PHE F 70 42.66 -1.70 2.47
N GLN F 71 41.84 -1.59 1.41
CA GLN F 71 42.23 -0.92 0.17
C GLN F 71 42.52 0.57 0.47
N THR F 72 41.71 1.20 1.35
CA THR F 72 41.89 2.60 1.76
C THR F 72 43.18 2.77 2.56
N ILE F 73 43.43 1.88 3.55
CA ILE F 73 44.61 1.93 4.40
C ILE F 73 45.88 1.70 3.59
N HIS F 74 45.83 0.78 2.63
CA HIS F 74 46.97 0.51 1.77
C HIS F 74 47.41 1.71 0.92
N GLN F 75 46.51 2.67 0.67
CA GLN F 75 46.85 3.89 -0.06
C GLN F 75 47.66 4.83 0.81
N LEU F 76 47.49 4.78 2.14
CA LEU F 76 48.23 5.63 3.07
C LEU F 76 49.64 5.10 3.35
N THR F 77 49.82 3.78 3.32
CA THR F 77 51.13 3.18 3.59
C THR F 77 51.74 2.75 2.27
N SER F 78 52.16 3.73 1.46
CA SER F 78 52.68 3.44 0.11
C SER F 78 54.19 3.46 -0.02
N SER F 79 54.92 3.94 0.99
CA SER F 79 56.37 4.01 0.89
C SER F 79 57.07 3.26 2.03
N PRO F 80 58.35 2.87 1.84
CA PRO F 80 59.09 2.18 2.92
C PRO F 80 59.15 2.95 4.24
N GLU F 81 59.12 4.29 4.17
CA GLU F 81 59.14 5.15 5.35
C GLU F 81 57.82 5.03 6.13
N ASP F 82 56.69 4.86 5.42
CA ASP F 82 55.38 4.69 6.04
C ASP F 82 55.33 3.33 6.75
N ILE F 83 55.87 2.29 6.12
CA ILE F 83 55.93 0.94 6.71
C ILE F 83 56.83 0.92 7.94
N LEU F 84 57.95 1.66 7.92
CA LEU F 84 58.87 1.77 9.03
C LEU F 84 58.17 2.46 10.20
N MET F 85 57.49 3.59 9.95
CA MET F 85 56.79 4.29 11.01
C MET F 85 55.65 3.46 11.60
N VAL F 86 54.88 2.78 10.74
CA VAL F 86 53.77 1.95 11.18
C VAL F 86 54.29 0.81 12.06
N THR F 87 55.37 0.12 11.62
CA THR F 87 55.96 -0.99 12.38
C THR F 87 56.38 -0.54 13.78
N LYS F 88 57.10 0.58 13.89
CA LYS F 88 57.55 1.07 15.19
C LYS F 88 56.38 1.44 16.09
N ASP F 89 55.37 2.13 15.54
CA ASP F 89 54.22 2.55 16.34
C ASP F 89 53.42 1.35 16.84
N VAL F 90 53.13 0.38 15.96
CA VAL F 90 52.41 -0.83 16.30
C VAL F 90 53.12 -1.63 17.40
N ILE F 91 54.44 -1.77 17.29
CA ILE F 91 55.24 -2.49 18.28
C ILE F 91 55.15 -1.81 19.66
N LYS F 92 55.27 -0.47 19.67
CA LYS F 92 55.16 0.27 20.92
C LYS F 92 53.77 0.09 21.55
N GLU F 93 52.72 0.20 20.74
CA GLU F 93 51.35 0.06 21.22
C GLU F 93 51.08 -1.32 21.83
N PHE F 94 51.59 -2.39 21.21
CA PHE F 94 51.42 -3.73 21.75
C PHE F 94 52.21 -3.90 23.06
N ALA F 95 53.47 -3.40 23.11
CA ALA F 95 54.29 -3.49 24.31
C ALA F 95 53.67 -2.71 25.47
N ASP F 96 53.09 -1.53 25.19
CA ASP F 96 52.42 -0.72 26.23
C ASP F 96 51.19 -1.42 26.79
N ASP F 97 50.57 -2.30 26.00
CA ASP F 97 49.42 -3.06 26.41
C ASP F 97 49.78 -4.35 27.19
N GLY F 98 51.05 -4.60 27.43
CA GLY F 98 51.48 -5.78 28.17
C GLY F 98 51.83 -6.98 27.32
N VAL F 99 51.97 -6.80 26.00
CA VAL F 99 52.35 -7.90 25.11
C VAL F 99 53.87 -8.09 25.18
N LYS F 100 54.32 -9.30 25.52
CA LYS F 100 55.75 -9.62 25.66
C LYS F 100 56.33 -10.33 24.44
N TYR F 101 55.49 -10.92 23.61
CA TYR F 101 55.93 -11.62 22.42
C TYR F 101 54.90 -11.32 21.34
N LEU F 102 55.36 -10.86 20.17
CA LEU F 102 54.45 -10.50 19.09
C LEU F 102 54.89 -11.09 17.75
N GLU F 103 53.96 -11.74 17.04
CA GLU F 103 54.22 -12.23 15.70
C GLU F 103 53.39 -11.38 14.75
N LEU F 104 54.02 -10.45 14.06
CA LEU F 104 53.34 -9.59 13.11
C LEU F 104 53.19 -10.30 11.78
N ARG F 105 52.08 -10.06 11.12
CA ARG F 105 51.73 -10.62 9.84
C ARG F 105 51.57 -9.45 8.84
N SER F 106 52.14 -9.54 7.63
CA SER F 106 51.96 -8.49 6.64
C SER F 106 52.27 -8.95 5.24
N THR F 107 51.42 -8.54 4.31
CA THR F 107 51.58 -8.87 2.89
C THR F 107 52.51 -7.88 2.22
N PRO F 108 53.69 -8.34 1.75
CA PRO F 108 54.59 -7.43 1.04
C PRO F 108 54.03 -6.97 -0.31
N ARG F 109 54.09 -5.65 -0.59
CA ARG F 109 53.57 -5.13 -1.84
C ARG F 109 54.49 -4.12 -2.51
N ARG F 110 54.46 -4.12 -3.85
CA ARG F 110 55.23 -3.22 -4.70
C ARG F 110 54.39 -1.98 -5.01
N GLU F 111 54.97 -0.79 -4.88
CA GLU F 111 54.32 0.47 -5.19
C GLU F 111 55.32 1.24 -6.03
N ASN F 112 55.19 1.13 -7.36
CA ASN F 112 56.09 1.76 -8.33
C ASN F 112 56.16 3.28 -8.18
N ALA F 113 55.07 3.90 -7.71
CA ALA F 113 54.99 5.36 -7.50
C ALA F 113 56.03 5.84 -6.47
N THR F 114 56.34 5.01 -5.47
CA THR F 114 57.32 5.36 -4.44
C THR F 114 58.66 4.61 -4.55
N GLY F 115 58.72 3.59 -5.41
CA GLY F 115 59.91 2.77 -5.59
C GLY F 115 60.01 1.64 -4.59
N MET F 116 58.86 1.22 -4.00
CA MET F 116 58.86 0.16 -3.01
C MET F 116 58.69 -1.20 -3.65
N THR F 117 59.57 -2.14 -3.35
CA THR F 117 59.42 -3.52 -3.83
C THR F 117 58.99 -4.42 -2.64
N LYS F 118 58.57 -5.65 -2.92
CA LYS F 118 58.21 -6.60 -1.89
C LYS F 118 59.41 -6.85 -0.93
N LYS F 119 60.67 -6.78 -1.45
CA LYS F 119 61.88 -6.97 -0.65
C LYS F 119 62.13 -5.78 0.26
N THR F 120 61.94 -4.58 -0.30
CA THR F 120 62.09 -3.31 0.39
C THR F 120 60.98 -3.10 1.45
N TYR F 121 59.80 -3.73 1.25
CA TYR F 121 58.65 -3.71 2.16
C TYR F 121 59.03 -4.55 3.40
N VAL F 122 59.56 -5.76 3.19
CA VAL F 122 60.00 -6.65 4.28
C VAL F 122 61.16 -6.02 5.06
N GLU F 123 62.10 -5.38 4.36
CA GLU F 123 63.24 -4.74 5.01
C GLU F 123 62.81 -3.60 5.93
N SER F 124 61.72 -2.89 5.58
CA SER F 124 61.19 -1.80 6.41
C SER F 124 60.63 -2.35 7.71
N ILE F 125 59.97 -3.53 7.65
CA ILE F 125 59.43 -4.18 8.83
C ILE F 125 60.59 -4.63 9.71
N LEU F 126 61.60 -5.28 9.13
CA LEU F 126 62.76 -5.73 9.89
C LEU F 126 63.52 -4.56 10.52
N GLU F 127 63.54 -3.40 9.85
CA GLU F 127 64.19 -2.20 10.35
C GLU F 127 63.43 -1.64 11.54
N GLY F 128 62.10 -1.69 11.48
CA GLY F 128 61.25 -1.24 12.58
C GLY F 128 61.40 -2.12 13.81
N ILE F 129 61.61 -3.43 13.60
CA ILE F 129 61.84 -4.39 14.69
C ILE F 129 63.19 -4.08 15.34
N LYS F 130 64.22 -3.82 14.52
CA LYS F 130 65.57 -3.49 14.96
C LYS F 130 65.60 -2.17 15.75
N GLN F 131 64.96 -1.11 15.23
CA GLN F 131 64.89 0.19 15.91
C GLN F 131 64.07 0.11 17.19
N SER F 132 63.04 -0.76 17.22
CA SER F 132 62.23 -0.93 18.44
C SER F 132 63.02 -1.60 19.57
N LYS F 133 64.03 -2.43 19.22
CA LYS F 133 64.91 -3.06 20.18
C LYS F 133 65.70 -1.99 20.95
N GLN F 134 65.99 -0.81 20.37
CA GLN F 134 66.68 0.26 21.10
C GLN F 134 65.77 1.01 22.09
N GLU F 135 64.45 0.95 21.92
CA GLU F 135 63.52 1.77 22.70
C GLU F 135 63.08 1.24 24.06
N ASN F 136 63.73 0.22 24.61
CA ASN F 136 63.41 -0.31 25.95
C ASN F 136 62.06 -0.94 26.11
N LEU F 137 61.44 -1.32 25.01
CA LEU F 137 60.17 -1.99 25.09
C LEU F 137 60.46 -3.45 25.45
N ASP F 138 59.69 -3.98 26.35
CA ASP F 138 59.84 -5.38 26.77
C ASP F 138 58.95 -6.22 25.86
N ILE F 139 59.37 -6.42 24.61
CA ILE F 139 58.59 -7.18 23.64
C ILE F 139 59.52 -7.84 22.62
N ASP F 140 59.30 -9.12 22.35
CA ASP F 140 60.07 -9.86 21.36
C ASP F 140 59.21 -9.94 20.09
N VAL F 141 59.59 -9.18 19.03
CA VAL F 141 58.82 -9.11 17.80
C VAL F 141 59.38 -9.96 16.67
N ARG F 142 58.49 -10.72 16.01
CA ARG F 142 58.82 -11.55 14.86
C ARG F 142 57.85 -11.30 13.71
N TYR F 143 58.22 -11.78 12.53
CA TYR F 143 57.45 -11.49 11.32
C TYR F 143 57.11 -12.73 10.52
N LEU F 144 55.85 -12.81 10.10
CA LEU F 144 55.29 -13.87 9.26
C LEU F 144 54.92 -13.19 7.96
N ILE F 145 55.47 -13.68 6.84
CA ILE F 145 55.17 -13.09 5.55
C ILE F 145 53.82 -13.58 5.07
N ALA F 146 52.90 -12.63 4.79
CA ALA F 146 51.56 -12.98 4.39
C ALA F 146 51.34 -13.02 2.90
N VAL F 147 50.68 -14.08 2.46
CA VAL F 147 50.31 -14.27 1.08
C VAL F 147 48.84 -13.92 0.97
N ASP F 148 48.50 -12.97 0.08
CA ASP F 148 47.11 -12.57 -0.11
C ASP F 148 46.54 -13.41 -1.25
N ARG F 149 45.35 -13.97 -1.04
CA ARG F 149 44.68 -14.77 -2.06
C ARG F 149 44.41 -13.98 -3.35
N ARG F 150 44.09 -12.66 -3.27
CA ARG F 150 43.83 -11.89 -4.49
C ARG F 150 45.10 -11.50 -5.26
N GLY F 151 46.29 -11.80 -4.75
CA GLY F 151 47.54 -11.60 -5.49
C GLY F 151 47.78 -12.67 -6.54
N GLY F 152 47.18 -13.84 -6.36
CA GLY F 152 47.31 -14.94 -7.30
C GLY F 152 48.41 -15.90 -6.96
N PRO F 153 48.47 -17.04 -7.69
CA PRO F 153 49.50 -18.03 -7.40
C PRO F 153 50.92 -17.67 -7.82
N LEU F 154 51.10 -16.74 -8.78
CA LEU F 154 52.42 -16.35 -9.23
C LEU F 154 53.05 -15.41 -8.22
N VAL F 155 52.28 -14.45 -7.71
CA VAL F 155 52.78 -13.54 -6.66
C VAL F 155 53.07 -14.35 -5.38
N ALA F 156 52.28 -15.40 -5.10
CA ALA F 156 52.47 -16.30 -3.97
C ALA F 156 53.83 -17.00 -4.06
N LYS F 157 54.22 -17.47 -5.26
CA LYS F 157 55.52 -18.13 -5.46
C LYS F 157 56.67 -17.16 -5.22
N GLU F 158 56.52 -15.91 -5.66
CA GLU F 158 57.54 -14.88 -5.47
C GLU F 158 57.68 -14.54 -3.99
N THR F 159 56.53 -14.41 -3.28
CA THR F 159 56.47 -14.10 -1.86
C THR F 159 57.07 -15.23 -1.02
N VAL F 160 56.82 -16.50 -1.40
CA VAL F 160 57.38 -17.65 -0.71
C VAL F 160 58.91 -17.69 -0.89
N LYS F 161 59.40 -17.42 -2.11
CA LYS F 161 60.83 -17.39 -2.37
C LYS F 161 61.50 -16.31 -1.53
N LEU F 162 60.85 -15.13 -1.45
CA LEU F 162 61.33 -14.00 -0.67
C LEU F 162 61.38 -14.37 0.82
N ALA F 163 60.34 -15.06 1.31
CA ALA F 163 60.25 -15.51 2.70
C ALA F 163 61.32 -16.53 3.04
N GLU F 164 61.66 -17.41 2.10
CA GLU F 164 62.70 -18.42 2.30
C GLU F 164 64.08 -17.77 2.47
N GLU F 165 64.31 -16.67 1.75
CA GLU F 165 65.56 -15.93 1.81
C GLU F 165 65.69 -15.22 3.16
N PHE F 166 64.61 -14.56 3.62
CA PHE F 166 64.62 -13.86 4.90
C PHE F 166 64.62 -14.81 6.08
N PHE F 167 64.05 -16.01 5.92
CA PHE F 167 64.05 -17.02 6.97
C PHE F 167 65.48 -17.41 7.35
N LEU F 168 66.34 -17.56 6.35
CA LEU F 168 67.75 -17.90 6.56
C LEU F 168 68.60 -16.71 6.97
N SER F 169 68.45 -15.56 6.30
CA SER F 169 69.26 -14.39 6.62
C SER F 169 68.94 -13.70 7.95
N THR F 170 67.68 -13.69 8.40
CA THR F 170 67.33 -12.99 9.64
C THR F 170 67.64 -13.74 10.93
N GLU F 171 67.94 -15.06 10.83
CA GLU F 171 68.29 -15.88 11.99
C GLU F 171 67.29 -15.79 13.14
N GLY F 172 66.00 -15.95 12.85
CA GLY F 172 64.98 -15.94 13.89
C GLY F 172 63.88 -14.90 13.81
N THR F 173 64.14 -13.76 13.16
CA THR F 173 63.11 -12.71 13.07
C THR F 173 61.92 -13.14 12.18
N VAL F 174 62.19 -13.65 10.98
CA VAL F 174 61.15 -14.14 10.09
C VAL F 174 60.95 -15.62 10.44
N LEU F 175 59.76 -15.99 10.92
CA LEU F 175 59.53 -17.37 11.39
C LEU F 175 58.57 -18.21 10.56
N GLY F 176 57.73 -17.56 9.76
CA GLY F 176 56.74 -18.29 9.00
C GLY F 176 56.05 -17.54 7.89
N LEU F 177 54.97 -18.16 7.41
CA LEU F 177 54.15 -17.73 6.29
C LEU F 177 52.67 -17.79 6.67
N ASP F 178 51.90 -16.84 6.17
CA ASP F 178 50.46 -16.79 6.38
C ASP F 178 49.71 -16.81 5.02
N LEU F 179 48.47 -17.30 5.01
CA LEU F 179 47.60 -17.28 3.86
C LEU F 179 46.36 -16.48 4.28
N SER F 180 46.21 -15.25 3.81
CA SER F 180 45.09 -14.41 4.19
C SER F 180 44.43 -13.73 2.97
N GLY F 181 43.66 -12.67 3.19
CA GLY F 181 42.93 -12.02 2.13
C GLY F 181 41.56 -12.67 1.92
N ASP F 182 40.82 -12.20 0.92
CA ASP F 182 39.49 -12.66 0.61
C ASP F 182 39.39 -14.18 0.42
N PRO F 183 38.66 -14.87 1.32
CA PRO F 183 38.52 -16.33 1.17
C PRO F 183 37.67 -16.76 -0.03
N THR F 184 36.91 -15.84 -0.64
CA THR F 184 36.11 -16.15 -1.83
C THR F 184 36.94 -16.05 -3.14
N VAL F 185 38.12 -15.42 -3.08
CA VAL F 185 38.98 -15.23 -4.24
C VAL F 185 39.99 -16.36 -4.35
N GLY F 186 40.10 -16.92 -5.54
CA GLY F 186 41.05 -18.00 -5.82
C GLY F 186 40.64 -19.36 -5.32
N GLN F 187 41.47 -20.35 -5.62
CA GLN F 187 41.22 -21.72 -5.18
C GLN F 187 42.38 -22.20 -4.33
N ALA F 188 42.10 -23.03 -3.33
CA ALA F 188 43.11 -23.57 -2.42
C ALA F 188 44.21 -24.31 -3.18
N LYS F 189 43.84 -25.07 -4.22
CA LYS F 189 44.78 -25.83 -5.03
C LYS F 189 45.84 -24.94 -5.68
N ASP F 190 45.52 -23.67 -5.96
CA ASP F 190 46.45 -22.73 -6.56
C ASP F 190 47.61 -22.36 -5.61
N PHE F 191 47.40 -22.50 -4.29
CA PHE F 191 48.41 -22.14 -3.29
C PHE F 191 49.11 -23.34 -2.65
N LEU F 192 48.69 -24.57 -2.95
CA LEU F 192 49.32 -25.76 -2.36
C LEU F 192 50.82 -25.87 -2.62
N GLU F 193 51.25 -25.69 -3.88
CA GLU F 193 52.67 -25.80 -4.22
C GLU F 193 53.56 -24.78 -3.47
N PRO F 194 53.30 -23.44 -3.53
CA PRO F 194 54.17 -22.51 -2.77
C PRO F 194 54.10 -22.71 -1.25
N LEU F 195 52.93 -23.09 -0.70
CA LEU F 195 52.83 -23.32 0.74
C LEU F 195 53.59 -24.56 1.17
N LEU F 196 53.58 -25.61 0.33
CA LEU F 196 54.34 -26.83 0.60
C LEU F 196 55.84 -26.57 0.54
N GLU F 197 56.25 -25.71 -0.40
CA GLU F 197 57.63 -25.30 -0.60
C GLU F 197 58.14 -24.59 0.67
N ALA F 198 57.36 -23.65 1.21
CA ALA F 198 57.75 -22.94 2.44
C ALA F 198 57.82 -23.92 3.61
N LYS F 199 56.83 -24.82 3.72
CA LYS F 199 56.80 -25.82 4.77
C LYS F 199 58.06 -26.70 4.75
N LYS F 200 58.50 -27.11 3.54
CA LYS F 200 59.69 -27.91 3.32
C LYS F 200 60.97 -27.14 3.72
N ALA F 201 61.01 -25.81 3.45
CA ALA F 201 62.15 -24.97 3.83
C ALA F 201 62.31 -24.81 5.38
N GLY F 202 61.24 -25.07 6.13
CA GLY F 202 61.27 -24.94 7.58
C GLY F 202 60.41 -23.80 8.12
N LEU F 203 59.73 -23.05 7.24
CA LEU F 203 58.85 -21.96 7.62
C LEU F 203 57.54 -22.53 8.17
N LYS F 204 57.05 -22.01 9.31
CA LYS F 204 55.80 -22.47 9.91
C LYS F 204 54.61 -21.83 9.18
N LEU F 205 53.47 -22.52 9.13
CA LEU F 205 52.30 -22.00 8.41
C LEU F 205 51.17 -21.60 9.35
N ALA F 206 50.63 -20.38 9.21
CA ALA F 206 49.47 -19.92 9.98
C ALA F 206 48.45 -19.55 8.93
N LEU F 207 47.47 -20.41 8.69
CA LEU F 207 46.50 -20.18 7.61
C LEU F 207 45.13 -19.73 8.10
N HIS F 208 44.54 -18.67 7.49
CA HIS F 208 43.16 -18.27 7.80
C HIS F 208 42.29 -19.34 7.17
N LEU F 209 41.42 -19.97 7.96
CA LEU F 209 40.63 -21.12 7.54
C LEU F 209 39.20 -21.01 8.11
N SER F 210 38.19 -21.52 7.38
CA SER F 210 36.78 -21.60 7.79
C SER F 210 36.21 -20.28 8.29
N GLU F 211 36.58 -19.18 7.62
CA GLU F 211 36.10 -17.86 8.00
C GLU F 211 34.67 -17.62 7.58
N ILE F 212 34.26 -18.22 6.47
CA ILE F 212 32.91 -18.09 5.93
C ILE F 212 32.29 -19.47 5.73
N PRO F 213 30.95 -19.54 5.71
CA PRO F 213 30.30 -20.85 5.53
C PRO F 213 30.38 -21.37 4.09
N ASN F 214 30.01 -22.65 3.94
CA ASN F 214 29.90 -23.43 2.72
C ASN F 214 31.21 -23.54 1.92
N GLN F 215 32.33 -23.74 2.62
CA GLN F 215 33.63 -23.89 1.99
C GLN F 215 34.34 -25.14 2.53
N LYS F 216 33.59 -26.20 2.83
CA LYS F 216 34.15 -27.42 3.42
C LYS F 216 35.27 -28.08 2.61
N LYS F 217 35.08 -28.30 1.31
CA LYS F 217 36.09 -28.93 0.44
C LYS F 217 37.37 -28.09 0.40
N GLU F 218 37.23 -26.77 0.28
CA GLU F 218 38.39 -25.89 0.26
C GLU F 218 39.16 -25.97 1.58
N THR F 219 38.44 -26.01 2.70
CA THR F 219 39.01 -26.11 4.03
C THR F 219 39.77 -27.42 4.21
N GLN F 220 39.20 -28.56 3.72
CA GLN F 220 39.90 -29.84 3.81
C GLN F 220 41.21 -29.82 3.01
N ILE F 221 41.23 -29.10 1.86
CA ILE F 221 42.44 -28.98 1.06
C ILE F 221 43.55 -28.27 1.81
N LEU F 222 43.26 -27.13 2.44
CA LEU F 222 44.27 -26.38 3.20
C LEU F 222 44.64 -27.07 4.52
N LEU F 223 43.69 -27.80 5.12
CA LEU F 223 43.97 -28.56 6.34
C LEU F 223 44.95 -29.70 6.05
N ASP F 224 44.94 -30.27 4.84
CA ASP F 224 45.86 -31.32 4.45
C ASP F 224 47.31 -30.83 4.42
N LEU F 225 47.55 -29.51 4.34
CA LEU F 225 48.90 -28.96 4.46
C LEU F 225 49.44 -29.08 5.89
N LEU F 226 48.58 -29.45 6.86
CA LEU F 226 48.89 -29.52 8.27
C LEU F 226 49.44 -28.20 8.79
N PRO F 227 48.61 -27.13 8.79
CA PRO F 227 49.12 -25.85 9.27
C PRO F 227 49.54 -25.93 10.73
N ASP F 228 50.50 -25.09 11.10
CA ASP F 228 51.00 -25.05 12.47
C ASP F 228 50.02 -24.31 13.40
N ARG F 229 49.24 -23.37 12.85
CA ARG F 229 48.18 -22.62 13.53
C ARG F 229 47.10 -22.31 12.52
N ILE F 230 45.86 -22.25 13.00
CA ILE F 230 44.72 -21.94 12.16
C ILE F 230 44.15 -20.61 12.61
N GLY F 231 43.87 -19.72 11.67
CA GLY F 231 43.24 -18.44 11.96
C GLY F 231 41.74 -18.56 11.87
N HIS F 232 41.04 -18.26 12.97
CA HIS F 232 39.57 -18.27 13.10
C HIS F 232 38.98 -19.66 13.29
N GLY F 233 38.85 -20.44 12.20
CA GLY F 233 38.21 -21.76 12.24
C GLY F 233 36.74 -21.67 12.60
N THR F 234 36.11 -20.50 12.31
CA THR F 234 34.75 -20.14 12.67
C THR F 234 33.71 -21.18 12.34
N PHE F 235 33.76 -21.73 11.14
CA PHE F 235 32.76 -22.68 10.67
C PHE F 235 33.22 -24.13 10.66
N LEU F 236 34.33 -24.47 11.35
CA LEU F 236 34.82 -25.85 11.40
C LEU F 236 33.76 -26.82 11.93
N ASN F 237 32.98 -26.38 12.93
CA ASN F 237 31.93 -27.19 13.54
C ASN F 237 30.51 -26.89 13.03
N SER F 238 30.38 -25.98 12.07
CA SER F 238 29.08 -25.61 11.53
C SER F 238 28.64 -26.60 10.48
N GLY F 239 27.35 -26.91 10.44
CA GLY F 239 26.81 -27.81 9.42
C GLY F 239 26.95 -27.28 8.01
N GLU F 240 27.02 -25.92 7.88
CA GLU F 240 27.23 -25.22 6.60
C GLU F 240 28.73 -24.87 6.41
N GLY F 241 29.50 -25.82 5.89
CA GLY F 241 30.92 -25.60 5.66
C GLY F 241 31.89 -26.33 6.56
N GLY F 242 31.36 -27.04 7.53
CA GLY F 242 32.17 -27.82 8.44
C GLY F 242 31.53 -29.17 8.75
N SER F 243 32.26 -29.99 9.52
CA SER F 243 31.75 -31.30 9.87
C SER F 243 32.48 -31.87 11.10
N LEU F 244 31.98 -33.03 11.62
CA LEU F 244 32.62 -33.78 12.71
C LEU F 244 34.04 -34.19 12.25
N ASP F 245 34.21 -34.47 10.94
CA ASP F 245 35.49 -34.80 10.32
C ASP F 245 36.51 -33.66 10.45
N LEU F 246 36.08 -32.41 10.21
CA LEU F 246 36.96 -31.25 10.29
C LEU F 246 37.37 -30.96 11.73
N VAL F 247 36.41 -31.06 12.67
CA VAL F 247 36.67 -30.86 14.09
C VAL F 247 37.62 -31.94 14.59
N ASP F 248 37.36 -33.19 14.21
CA ASP F 248 38.18 -34.33 14.57
C ASP F 248 39.59 -34.22 14.03
N PHE F 249 39.75 -33.73 12.80
CA PHE F 249 41.06 -33.55 12.20
C PHE F 249 41.86 -32.53 13.00
N VAL F 250 41.25 -31.38 13.32
CA VAL F 250 41.87 -30.31 14.11
C VAL F 250 42.22 -30.79 15.51
N ARG F 251 41.35 -31.62 16.10
CA ARG F 251 41.55 -32.18 17.42
C ARG F 251 42.69 -33.17 17.44
N GLN F 252 42.68 -34.15 16.55
CA GLN F 252 43.71 -35.18 16.56
C GLN F 252 45.08 -34.62 16.21
N HIS F 253 45.16 -33.59 15.36
CA HIS F 253 46.44 -32.96 15.04
C HIS F 253 46.81 -31.80 15.99
N ARG F 254 45.95 -31.52 17.00
CA ARG F 254 46.12 -30.50 18.02
C ARG F 254 46.54 -29.15 17.43
N ILE F 255 45.82 -28.72 16.39
CA ILE F 255 46.17 -27.47 15.73
C ILE F 255 45.66 -26.27 16.52
N PRO F 256 46.57 -25.41 17.04
CA PRO F 256 46.10 -24.23 17.78
C PRO F 256 45.27 -23.30 16.94
N LEU F 257 44.20 -22.77 17.54
CA LEU F 257 43.34 -21.83 16.84
C LEU F 257 43.64 -20.42 17.36
N GLU F 258 43.73 -19.45 16.44
CA GLU F 258 43.94 -18.03 16.73
C GLU F 258 42.54 -17.39 16.72
N LEU F 259 41.92 -17.26 17.91
CA LEU F 259 40.56 -16.75 18.08
C LEU F 259 40.49 -15.25 18.21
N CYS F 260 39.75 -14.61 17.29
CA CYS F 260 39.63 -13.16 17.23
C CYS F 260 38.17 -12.77 17.45
N LEU F 261 37.79 -12.51 18.69
CA LEU F 261 36.43 -12.24 19.11
C LEU F 261 35.81 -10.98 18.50
N THR F 262 36.40 -9.80 18.70
CA THR F 262 35.84 -8.56 18.15
C THR F 262 35.82 -8.57 16.63
N SER F 263 36.85 -9.14 16.01
CA SER F 263 36.96 -9.28 14.58
C SER F 263 35.75 -10.05 14.02
N ASN F 264 35.38 -11.20 14.62
CA ASN F 264 34.23 -11.97 14.13
C ASN F 264 32.91 -11.27 14.38
N VAL F 265 32.77 -10.60 15.53
CA VAL F 265 31.53 -9.91 15.85
C VAL F 265 31.32 -8.67 14.95
N LYS F 266 32.35 -7.82 14.79
CA LYS F 266 32.26 -6.62 13.95
C LYS F 266 32.19 -6.92 12.47
N SER F 267 32.72 -8.07 12.02
CA SER F 267 32.59 -8.45 10.61
C SER F 267 31.38 -9.38 10.37
N GLN F 268 30.52 -9.57 11.39
CA GLN F 268 29.28 -10.33 11.40
C GLN F 268 29.43 -11.80 11.01
N THR F 269 30.60 -12.40 11.18
CA THR F 269 30.75 -13.84 10.93
C THR F 269 30.26 -14.69 12.14
N VAL F 270 29.94 -14.03 13.27
CA VAL F 270 29.45 -14.57 14.54
C VAL F 270 28.37 -13.58 15.02
N PRO F 271 27.19 -14.03 15.47
CA PRO F 271 26.11 -13.08 15.81
C PRO F 271 26.30 -12.27 17.08
N SER F 272 27.07 -12.78 18.05
CA SER F 272 27.34 -12.09 19.32
C SER F 272 28.61 -12.66 19.95
N TYR F 273 29.19 -11.96 20.95
CA TYR F 273 30.34 -12.50 21.69
C TYR F 273 29.97 -13.83 22.37
N ASP F 274 28.74 -13.88 22.91
CA ASP F 274 28.17 -15.03 23.62
C ASP F 274 28.09 -16.28 22.75
N GLN F 275 27.91 -16.09 21.44
CA GLN F 275 27.82 -17.22 20.53
C GLN F 275 29.11 -17.48 19.75
N HIS F 276 30.22 -16.85 20.11
CA HIS F 276 31.50 -17.06 19.47
C HIS F 276 31.97 -18.49 19.74
N HIS F 277 32.63 -19.11 18.76
CA HIS F 277 33.11 -20.48 18.90
C HIS F 277 34.21 -20.66 19.95
N PHE F 278 34.64 -19.58 20.65
CA PHE F 278 35.62 -19.72 21.73
C PHE F 278 35.13 -20.71 22.81
N GLY F 279 33.87 -20.59 23.20
CA GLY F 279 33.26 -21.46 24.21
C GLY F 279 33.31 -22.92 23.82
N PHE F 280 33.03 -23.22 22.55
CA PHE F 280 33.07 -24.57 22.01
C PHE F 280 34.47 -25.20 22.16
N TRP F 281 35.52 -24.49 21.73
CA TRP F 281 36.89 -25.00 21.78
C TRP F 281 37.48 -25.00 23.16
N TYR F 282 37.07 -24.04 24.00
CA TYR F 282 37.50 -23.94 25.38
C TYR F 282 36.91 -25.11 26.16
N SER F 283 35.67 -25.56 25.86
CA SER F 283 35.03 -26.66 26.57
C SER F 283 35.77 -28.00 26.44
N ILE F 284 36.57 -28.17 25.40
CA ILE F 284 37.35 -29.39 25.21
C ILE F 284 38.87 -29.14 25.37
N ALA F 285 39.25 -28.02 26.04
CA ALA F 285 40.62 -27.60 26.31
C ALA F 285 41.49 -27.67 25.06
N HIS F 286 40.92 -27.31 23.90
CA HIS F 286 41.64 -27.34 22.65
C HIS F 286 42.57 -26.12 22.56
N PRO F 287 43.83 -26.29 22.12
CA PRO F 287 44.77 -25.15 22.04
C PRO F 287 44.21 -23.93 21.32
N SER F 288 44.08 -22.82 22.04
CA SER F 288 43.51 -21.59 21.50
C SER F 288 44.25 -20.39 22.02
N VAL F 289 44.39 -19.35 21.19
CA VAL F 289 45.05 -18.12 21.60
C VAL F 289 44.15 -16.95 21.29
N ILE F 290 43.93 -16.05 22.23
CA ILE F 290 43.11 -14.87 22.03
C ILE F 290 43.95 -13.85 21.27
N CYS F 291 43.43 -13.37 20.14
CA CYS F 291 44.17 -12.43 19.28
C CYS F 291 43.34 -11.19 18.94
N THR F 292 44.00 -10.12 18.47
CA THR F 292 43.29 -8.91 18.06
C THR F 292 42.87 -8.98 16.59
N ASP F 293 43.73 -9.56 15.72
CA ASP F 293 43.54 -9.66 14.27
C ASP F 293 43.86 -8.32 13.58
N ASP F 294 43.04 -7.29 13.82
CA ASP F 294 43.22 -5.95 13.27
C ASP F 294 42.76 -4.99 14.37
N LYS F 295 43.65 -4.69 15.35
CA LYS F 295 43.31 -3.85 16.50
C LYS F 295 42.89 -2.41 16.13
N GLY F 296 43.37 -1.91 15.00
CA GLY F 296 43.02 -0.58 14.53
C GLY F 296 41.67 -0.54 13.85
N VAL F 297 41.46 -1.42 12.86
CA VAL F 297 40.19 -1.51 12.13
C VAL F 297 39.05 -1.88 13.10
N PHE F 298 39.31 -2.80 14.03
CA PHE F 298 38.28 -3.22 14.98
C PHE F 298 38.27 -2.43 16.30
N ALA F 299 39.10 -1.36 16.40
CA ALA F 299 39.17 -0.46 17.56
C ALA F 299 39.24 -1.21 18.90
N THR F 300 40.25 -2.08 19.04
CA THR F 300 40.42 -2.88 20.25
C THR F 300 41.91 -2.97 20.65
N HIS F 301 42.19 -3.64 21.77
CA HIS F 301 43.52 -3.92 22.31
C HIS F 301 43.51 -5.37 22.74
N LEU F 302 44.68 -6.02 22.82
CA LEU F 302 44.72 -7.41 23.26
C LEU F 302 44.17 -7.58 24.69
N SER F 303 44.39 -6.59 25.56
CA SER F 303 43.87 -6.62 26.93
C SER F 303 42.33 -6.59 26.93
N GLN F 304 41.74 -5.82 26.00
CA GLN F 304 40.30 -5.70 25.82
C GLN F 304 39.70 -6.99 25.30
N GLU F 305 40.43 -7.71 24.44
CA GLU F 305 39.99 -9.00 23.91
C GLU F 305 39.94 -10.03 25.03
N TYR F 306 40.96 -10.01 25.94
CA TYR F 306 41.01 -10.91 27.09
C TYR F 306 39.86 -10.61 28.04
N GLN F 307 39.58 -9.32 28.28
CA GLN F 307 38.48 -8.92 29.13
C GLN F 307 37.14 -9.37 28.54
N LEU F 308 36.94 -9.16 27.22
CA LEU F 308 35.71 -9.57 26.56
C LEU F 308 35.51 -11.07 26.66
N ALA F 309 36.57 -11.87 26.48
CA ALA F 309 36.49 -13.31 26.59
C ALA F 309 36.17 -13.72 28.03
N ALA F 310 36.85 -13.09 29.02
CA ALA F 310 36.64 -13.40 30.44
C ALA F 310 35.25 -13.05 30.92
N GLU F 311 34.72 -11.89 30.52
CA GLU F 311 33.41 -11.47 30.93
C GLU F 311 32.33 -12.28 30.22
N THR F 312 32.48 -12.51 28.91
CA THR F 312 31.50 -13.30 28.16
C THR F 312 31.44 -14.75 28.64
N PHE F 313 32.60 -15.38 28.80
CA PHE F 313 32.66 -16.79 29.15
C PHE F 313 32.87 -17.04 30.64
N ASN F 314 32.75 -15.99 31.47
CA ASN F 314 32.81 -16.07 32.92
C ASN F 314 34.09 -16.75 33.43
N LEU F 315 35.24 -16.30 32.98
CA LEU F 315 36.52 -16.88 33.39
C LEU F 315 37.09 -16.07 34.54
N THR F 316 37.63 -16.76 35.56
CA THR F 316 38.27 -16.08 36.69
C THR F 316 39.65 -15.54 36.24
N GLN F 317 40.32 -14.73 37.08
CA GLN F 317 41.64 -14.22 36.75
C GLN F 317 42.65 -15.36 36.61
N SER F 318 42.53 -16.42 37.44
CA SER F 318 43.42 -17.57 37.36
C SER F 318 43.17 -18.38 36.08
N GLN F 319 41.92 -18.44 35.61
CA GLN F 319 41.59 -19.12 34.36
C GLN F 319 42.10 -18.34 33.15
N VAL F 320 42.06 -17.00 33.22
CA VAL F 320 42.60 -16.13 32.19
C VAL F 320 44.13 -16.26 32.18
N TRP F 321 44.74 -16.36 33.37
CA TRP F 321 46.18 -16.56 33.54
C TRP F 321 46.61 -17.86 32.82
N ASP F 322 45.86 -18.97 33.03
CA ASP F 322 46.16 -20.27 32.39
C ASP F 322 46.13 -20.16 30.88
N LEU F 323 45.13 -19.44 30.32
CA LEU F 323 45.03 -19.24 28.89
C LEU F 323 46.27 -18.51 28.36
N SER F 324 46.68 -17.43 29.05
CA SER F 324 47.82 -16.63 28.66
C SER F 324 49.12 -17.44 28.71
N TYR F 325 49.29 -18.22 29.76
CA TYR F 325 50.47 -19.04 29.97
C TYR F 325 50.57 -20.16 28.94
N GLU F 326 49.45 -20.84 28.65
CA GLU F 326 49.44 -21.92 27.65
C GLU F 326 49.71 -21.39 26.23
N SER F 327 49.33 -20.15 25.93
CA SER F 327 49.52 -19.59 24.60
C SER F 327 50.99 -19.48 24.18
N ILE F 328 51.91 -19.51 25.17
CA ILE F 328 53.37 -19.52 24.94
C ILE F 328 53.76 -20.78 24.13
N ASN F 329 53.05 -21.91 24.32
CA ASN F 329 53.34 -23.13 23.59
C ASN F 329 53.15 -23.01 22.08
N TYR F 330 52.32 -22.07 21.63
CA TYR F 330 51.94 -22.00 20.23
C TYR F 330 52.68 -20.96 19.41
N ILE F 331 53.73 -20.35 19.98
CA ILE F 331 54.57 -19.41 19.24
C ILE F 331 55.41 -20.19 18.20
N PHE F 332 55.89 -19.51 17.17
CA PHE F 332 56.72 -20.13 16.15
C PHE F 332 58.22 -20.11 16.47
N ALA F 333 58.62 -19.41 17.56
CA ALA F 333 60.00 -19.34 18.02
C ALA F 333 60.45 -20.67 18.67
N SER F 334 61.76 -20.85 18.90
CA SER F 334 62.33 -22.07 19.46
C SER F 334 61.91 -22.32 20.94
N ASP F 335 62.24 -23.52 21.45
CA ASP F 335 61.97 -23.91 22.83
C ASP F 335 62.66 -23.01 23.84
N SER F 336 63.81 -22.43 23.47
CA SER F 336 64.57 -21.50 24.30
C SER F 336 63.73 -20.28 24.61
N THR F 337 63.05 -19.71 23.58
CA THR F 337 62.16 -18.55 23.71
C THR F 337 60.95 -18.87 24.57
N ARG F 338 60.36 -20.07 24.37
CA ARG F 338 59.21 -20.52 25.17
C ARG F 338 59.58 -20.60 26.64
N SER F 339 60.78 -21.15 26.92
CA SER F 339 61.31 -21.33 28.25
C SER F 339 61.54 -19.98 28.91
N GLU F 340 62.10 -19.02 28.18
CA GLU F 340 62.34 -17.68 28.71
C GLU F 340 61.03 -16.95 28.98
N LEU F 341 60.04 -17.12 28.11
CA LEU F 341 58.73 -16.51 28.29
C LEU F 341 58.03 -17.11 29.51
N ARG F 342 58.09 -18.43 29.69
CA ARG F 342 57.49 -19.08 30.86
C ARG F 342 58.11 -18.59 32.16
N LYS F 343 59.43 -18.33 32.16
CA LYS F 343 60.14 -17.80 33.32
C LYS F 343 59.67 -16.38 33.61
N LYS F 344 59.48 -15.58 32.55
CA LYS F 344 59.00 -14.20 32.68
C LYS F 344 57.59 -14.17 33.28
N TRP F 345 56.69 -15.04 32.80
CA TRP F 345 55.32 -15.13 33.28
C TRP F 345 55.31 -15.51 34.76
N ASN F 346 56.09 -16.52 35.16
CA ASN F 346 56.11 -16.95 36.57
C ASN F 346 56.74 -15.93 37.51
N HIS F 347 57.62 -15.08 37.00
CA HIS F 347 58.22 -14.02 37.79
C HIS F 347 57.16 -12.89 38.01
N LEU F 348 56.33 -12.60 36.99
CA LEU F 348 55.29 -11.58 37.07
C LEU F 348 54.06 -12.01 37.80
N LYS F 349 53.77 -13.32 37.84
CA LYS F 349 52.58 -13.92 38.41
C LYS F 349 52.17 -13.36 39.76
N PRO F 350 53.03 -13.22 40.78
CA PRO F 350 52.56 -12.64 42.06
C PRO F 350 52.11 -11.18 41.95
N ARG F 351 52.68 -10.43 41.01
CA ARG F 351 52.33 -9.04 40.80
C ARG F 351 51.03 -8.87 40.00
N VAL F 352 50.59 -9.93 39.30
CA VAL F 352 49.39 -9.90 38.48
C VAL F 352 48.19 -10.45 39.24
N LEU F 353 48.38 -11.60 39.86
CA LEU F 353 47.32 -12.24 40.63
C LEU F 353 47.47 -11.88 42.08
N HIS F 354 46.46 -11.21 42.66
CA HIS F 354 46.49 -10.79 44.06
C HIS F 354 45.51 -11.59 44.94
N ILE F 355 45.66 -11.49 46.29
CA ILE F 355 44.88 -12.10 47.38
C ILE F 355 45.67 -13.26 47.97
N GLN G 7 2.69 31.44 40.36
CA GLN G 7 1.79 32.39 41.02
C GLN G 7 1.58 32.03 42.51
N GLN G 8 2.68 31.65 43.18
CA GLN G 8 2.80 31.24 44.59
C GLN G 8 1.74 31.79 45.60
N PRO G 9 1.51 33.12 45.76
CA PRO G 9 0.55 33.57 46.79
C PRO G 9 -0.94 33.47 46.44
N CYS G 10 -1.35 33.95 45.24
CA CYS G 10 -2.76 33.92 44.85
C CYS G 10 -3.29 32.51 44.53
N LYS G 11 -2.46 31.63 43.91
CA LYS G 11 -2.91 30.27 43.60
C LYS G 11 -2.95 29.36 44.83
N THR G 12 -3.93 28.45 44.85
CA THR G 12 -4.06 27.47 45.93
C THR G 12 -3.35 26.19 45.45
N ASP G 13 -2.37 25.72 46.22
CA ASP G 13 -1.61 24.52 45.92
C ASP G 13 -2.44 23.24 46.03
N PHE G 14 -3.56 23.26 46.78
CA PHE G 14 -4.41 22.09 46.95
C PHE G 14 -4.85 21.46 45.63
N TYR G 15 -5.33 22.29 44.69
CA TYR G 15 -5.88 21.80 43.43
C TYR G 15 -4.84 21.15 42.53
N SER G 16 -3.58 21.61 42.60
CA SER G 16 -2.53 20.99 41.80
C SER G 16 -1.90 19.79 42.52
N GLU G 17 -1.86 19.82 43.85
CA GLU G 17 -1.38 18.72 44.69
C GLU G 17 -2.33 17.53 44.66
N LEU G 18 -3.64 17.79 44.54
CA LEU G 18 -4.69 16.81 44.49
C LEU G 18 -4.45 15.82 43.37
N PRO G 19 -4.33 14.51 43.65
CA PRO G 19 -4.17 13.54 42.54
C PRO G 19 -5.43 13.58 41.68
N LYS G 20 -5.24 13.61 40.35
CA LYS G 20 -6.37 13.74 39.43
C LYS G 20 -6.31 12.74 38.29
N VAL G 21 -7.46 12.48 37.71
CA VAL G 21 -7.63 11.60 36.58
C VAL G 21 -8.19 12.50 35.44
N GLU G 22 -7.63 12.40 34.24
CA GLU G 22 -8.12 13.18 33.10
C GLU G 22 -8.67 12.21 32.06
N LEU G 23 -9.98 12.26 31.80
CA LEU G 23 -10.61 11.32 30.86
C LEU G 23 -11.10 11.93 29.56
N HIS G 24 -11.09 13.26 29.45
CA HIS G 24 -11.54 13.94 28.24
C HIS G 24 -10.57 15.04 27.85
N ALA G 25 -9.55 14.69 27.06
CA ALA G 25 -8.54 15.65 26.63
C ALA G 25 -8.13 15.36 25.19
N HIS G 26 -8.43 16.29 24.25
CA HIS G 26 -8.07 16.16 22.82
C HIS G 26 -6.63 16.59 22.61
N LEU G 27 -5.78 15.72 22.09
CA LEU G 27 -4.36 15.98 21.92
C LEU G 27 -4.02 17.35 21.30
N ASN G 28 -4.62 17.67 20.16
CA ASN G 28 -4.34 18.95 19.49
C ASN G 28 -4.98 20.16 20.18
N GLY G 29 -5.96 19.92 21.03
CA GLY G 29 -6.57 20.97 21.83
C GLY G 29 -5.82 21.20 23.14
N SER G 30 -4.93 20.26 23.53
CA SER G 30 -4.16 20.33 24.78
C SER G 30 -2.78 20.96 24.65
N ILE G 31 -2.42 21.46 23.47
CA ILE G 31 -1.09 22.04 23.25
C ILE G 31 -0.89 23.34 24.02
N SER G 32 0.15 23.39 24.86
CA SER G 32 0.47 24.57 25.64
C SER G 32 1.02 25.70 24.77
N SER G 33 1.08 26.91 25.32
CA SER G 33 1.60 28.08 24.66
C SER G 33 3.08 27.88 24.31
N HIS G 34 3.85 27.24 25.19
CA HIS G 34 5.26 26.94 24.98
C HIS G 34 5.47 26.01 23.78
N THR G 35 4.69 24.92 23.70
CA THR G 35 4.79 23.94 22.62
C THR G 35 4.29 24.54 21.32
N MET G 36 3.25 25.38 21.37
CA MET G 36 2.69 26.03 20.19
C MET G 36 3.75 26.93 19.55
N LYS G 37 4.51 27.68 20.37
CA LYS G 37 5.60 28.55 19.91
C LYS G 37 6.73 27.74 19.24
N LYS G 38 7.02 26.53 19.72
CA LYS G 38 8.04 25.67 19.12
C LYS G 38 7.57 25.19 17.77
N LEU G 39 6.27 24.88 17.63
CA LEU G 39 5.70 24.44 16.35
C LEU G 39 5.72 25.60 15.34
N ILE G 40 5.43 26.82 15.81
CA ILE G 40 5.42 28.02 15.00
C ILE G 40 6.85 28.36 14.55
N ALA G 41 7.86 28.14 15.42
CA ALA G 41 9.26 28.39 15.06
C ALA G 41 9.73 27.45 13.95
N GLN G 42 9.22 26.20 13.93
CA GLN G 42 9.57 25.21 12.90
C GLN G 42 8.93 25.54 11.55
N LYS G 43 7.73 26.15 11.56
CA LYS G 43 7.04 26.50 10.33
C LYS G 43 6.76 28.02 10.29
N PRO G 44 7.80 28.87 10.11
CA PRO G 44 7.54 30.32 10.11
C PRO G 44 6.79 30.83 8.89
N ASP G 45 6.88 30.10 7.77
CA ASP G 45 6.19 30.48 6.52
C ASP G 45 4.65 30.41 6.63
N LEU G 46 4.11 29.71 7.66
CA LEU G 46 2.67 29.61 7.88
C LEU G 46 2.02 30.91 8.38
N LYS G 47 2.85 31.83 8.95
CA LYS G 47 2.44 33.13 9.48
C LYS G 47 1.34 33.02 10.53
N ILE G 48 1.37 31.95 11.33
CA ILE G 48 0.39 31.70 12.39
C ILE G 48 0.85 32.35 13.69
N HIS G 49 -0.04 33.06 14.38
CA HIS G 49 0.30 33.66 15.65
C HIS G 49 -0.36 32.90 16.82
N ASP G 50 0.24 32.97 18.01
CA ASP G 50 -0.27 32.24 19.19
C ASP G 50 -1.68 32.68 19.61
N GLN G 51 -2.05 33.93 19.34
CA GLN G 51 -3.37 34.47 19.68
C GLN G 51 -4.51 33.79 18.88
N MET G 52 -4.18 33.22 17.70
CA MET G 52 -5.13 32.52 16.81
C MET G 52 -5.50 31.11 17.32
N THR G 53 -4.74 30.58 18.27
CA THR G 53 -4.95 29.23 18.81
C THR G 53 -5.49 29.21 20.24
N VAL G 54 -5.62 30.37 20.90
CA VAL G 54 -6.08 30.42 22.29
C VAL G 54 -7.25 31.40 22.50
N ILE G 55 -8.20 31.01 23.37
CA ILE G 55 -9.30 31.84 23.84
C ILE G 55 -8.91 32.25 25.26
N ASP G 56 -8.50 33.51 25.43
CA ASP G 56 -8.04 34.05 26.71
C ASP G 56 -9.13 34.15 27.78
N LYS G 57 -8.72 34.28 29.06
CA LYS G 57 -9.60 34.46 30.21
C LYS G 57 -10.48 35.70 29.98
N GLY G 58 -11.77 35.55 30.24
CA GLY G 58 -12.71 36.65 30.03
C GLY G 58 -13.21 36.77 28.61
N LYS G 59 -12.68 35.98 27.68
CA LYS G 59 -13.11 36.02 26.29
C LYS G 59 -13.93 34.77 25.96
N LYS G 60 -14.88 34.93 25.04
CA LYS G 60 -15.76 33.84 24.61
C LYS G 60 -15.87 33.85 23.09
N ARG G 61 -16.02 32.68 22.51
CA ARG G 61 -16.19 32.52 21.07
C ARG G 61 -17.36 31.55 20.80
N THR G 62 -17.85 31.48 19.57
CA THR G 62 -18.92 30.54 19.24
C THR G 62 -18.31 29.13 19.09
N LEU G 63 -19.16 28.09 19.09
CA LEU G 63 -18.68 26.72 18.91
C LEU G 63 -18.04 26.55 17.53
N GLU G 64 -18.62 27.21 16.49
CA GLU G 64 -18.08 27.17 15.14
C GLU G 64 -16.70 27.82 15.08
N GLU G 65 -16.52 28.95 15.79
CA GLU G 65 -15.23 29.65 15.87
C GLU G 65 -14.16 28.76 16.52
N CYS G 66 -14.55 27.93 17.51
CA CYS G 66 -13.65 27.01 18.17
C CYS G 66 -13.16 25.98 17.18
N PHE G 67 -14.08 25.40 16.38
CA PHE G 67 -13.76 24.41 15.36
C PHE G 67 -12.76 24.97 14.34
N GLN G 68 -12.90 26.27 14.00
CA GLN G 68 -12.00 26.94 13.05
C GLN G 68 -10.57 27.03 13.59
N MET G 69 -10.42 27.21 14.91
CA MET G 69 -9.11 27.26 15.55
C MET G 69 -8.38 25.93 15.44
N PHE G 70 -9.11 24.80 15.44
CA PHE G 70 -8.51 23.48 15.28
C PHE G 70 -7.93 23.29 13.88
N GLN G 71 -8.54 23.93 12.85
CA GLN G 71 -8.02 23.89 11.48
C GLN G 71 -6.64 24.54 11.43
N THR G 72 -6.44 25.63 12.19
CA THR G 72 -5.15 26.33 12.28
C THR G 72 -4.08 25.47 12.98
N ILE G 73 -4.46 24.85 14.11
CA ILE G 73 -3.56 24.02 14.88
C ILE G 73 -3.15 22.79 14.09
N HIS G 74 -4.09 22.20 13.35
CA HIS G 74 -3.80 21.03 12.53
C HIS G 74 -2.76 21.29 11.44
N GLN G 75 -2.59 22.55 11.02
CA GLN G 75 -1.57 22.91 10.03
C GLN G 75 -0.16 22.87 10.63
N LEU G 76 -0.03 23.11 11.95
CA LEU G 76 1.24 23.08 12.63
C LEU G 76 1.69 21.66 12.97
N THR G 77 0.74 20.74 13.23
CA THR G 77 1.08 19.36 13.57
C THR G 77 0.84 18.48 12.36
N SER G 78 1.69 18.61 11.34
CA SER G 78 1.51 17.89 10.09
C SER G 78 2.37 16.64 9.92
N SER G 79 3.40 16.44 10.75
CA SER G 79 4.29 15.29 10.60
C SER G 79 4.34 14.42 11.86
N PRO G 80 4.75 13.14 11.74
CA PRO G 80 4.86 12.30 12.95
C PRO G 80 5.75 12.87 14.04
N GLU G 81 6.80 13.62 13.65
CA GLU G 81 7.71 14.24 14.61
C GLU G 81 6.97 15.31 15.43
N ASP G 82 6.04 16.04 14.80
CA ASP G 82 5.24 17.04 15.48
C ASP G 82 4.29 16.38 16.47
N ILE G 83 3.65 15.26 16.07
CA ILE G 83 2.74 14.50 16.93
C ILE G 83 3.49 13.87 18.10
N LEU G 84 4.73 13.40 17.88
CA LEU G 84 5.57 12.84 18.93
C LEU G 84 5.93 13.92 19.94
N MET G 85 6.35 15.10 19.47
CA MET G 85 6.71 16.20 20.36
C MET G 85 5.50 16.69 21.15
N VAL G 86 4.35 16.83 20.48
CA VAL G 86 3.12 17.28 21.13
C VAL G 86 2.70 16.28 22.21
N THR G 87 2.71 14.98 21.90
CA THR G 87 2.35 13.95 22.86
C THR G 87 3.22 13.99 24.12
N LYS G 88 4.54 14.09 23.95
CA LYS G 88 5.45 14.14 25.08
C LYS G 88 5.26 15.39 25.93
N ASP G 89 5.09 16.55 25.28
CA ASP G 89 4.89 17.80 26.00
C ASP G 89 3.58 17.81 26.76
N VAL G 90 2.48 17.38 26.14
CA VAL G 90 1.16 17.32 26.76
C VAL G 90 1.17 16.40 27.97
N ILE G 91 1.83 15.22 27.86
CA ILE G 91 1.92 14.26 28.95
C ILE G 91 2.67 14.87 30.13
N LYS G 92 3.79 15.55 29.85
CA LYS G 92 4.56 16.19 30.91
C LYS G 92 3.76 17.29 31.60
N GLU G 93 3.05 18.12 30.83
CA GLU G 93 2.24 19.20 31.39
C GLU G 93 1.11 18.68 32.30
N PHE G 94 0.45 17.59 31.91
CA PHE G 94 -0.61 17.01 32.73
C PHE G 94 0.00 16.41 34.01
N ALA G 95 1.14 15.68 33.90
CA ALA G 95 1.80 15.08 35.06
C ALA G 95 2.27 16.15 36.03
N ASP G 96 2.82 17.26 35.53
CA ASP G 96 3.26 18.37 36.38
C ASP G 96 2.10 19.03 37.14
N ASP G 97 0.89 18.96 36.58
CA ASP G 97 -0.32 19.49 37.17
C ASP G 97 -0.96 18.53 38.22
N GLY G 98 -0.36 17.37 38.44
CA GLY G 98 -0.88 16.42 39.42
C GLY G 98 -1.78 15.36 38.85
N VAL G 99 -1.82 15.21 37.52
CA VAL G 99 -2.65 14.19 36.87
C VAL G 99 -1.87 12.85 36.92
N LYS G 100 -2.48 11.82 37.51
CA LYS G 100 -1.86 10.50 37.67
C LYS G 100 -2.32 9.48 36.62
N TYR G 101 -3.44 9.75 35.97
CA TYR G 101 -3.98 8.85 34.96
C TYR G 101 -4.57 9.72 33.88
N LEU G 102 -4.16 9.52 32.64
CA LEU G 102 -4.64 10.32 31.53
C LEU G 102 -5.12 9.48 30.36
N GLU G 103 -6.32 9.75 29.86
CA GLU G 103 -6.82 9.11 28.65
C GLU G 103 -6.83 10.18 27.57
N LEU G 104 -5.86 10.14 26.67
CA LEU G 104 -5.78 11.10 25.57
C LEU G 104 -6.66 10.67 24.43
N ARG G 105 -7.29 11.62 23.74
CA ARG G 105 -8.08 11.29 22.57
C ARG G 105 -7.61 12.12 21.40
N SER G 106 -7.53 11.51 20.22
CA SER G 106 -7.06 12.19 19.04
C SER G 106 -7.51 11.50 17.77
N THR G 107 -7.88 12.28 16.78
CA THR G 107 -8.32 11.80 15.49
C THR G 107 -7.12 11.57 14.60
N PRO G 108 -6.86 10.32 14.20
CA PRO G 108 -5.73 10.05 13.29
C PRO G 108 -5.91 10.71 11.92
N ARG G 109 -4.85 11.33 11.38
CA ARG G 109 -4.94 12.01 10.10
C ARG G 109 -3.86 11.60 9.14
N ARG G 110 -4.22 11.59 7.84
CA ARG G 110 -3.30 11.39 6.74
C ARG G 110 -2.91 12.83 6.29
N GLU G 111 -1.63 13.06 6.01
CA GLU G 111 -1.18 14.37 5.54
C GLU G 111 -0.37 14.18 4.27
N ASN G 112 -0.89 14.63 3.11
CA ASN G 112 -0.20 14.46 1.83
C ASN G 112 1.20 15.09 1.78
N ALA G 113 1.34 16.32 2.34
CA ALA G 113 2.56 17.14 2.37
C ALA G 113 3.77 16.50 3.06
N THR G 114 3.53 15.73 4.13
CA THR G 114 4.56 15.06 4.92
C THR G 114 4.57 13.53 4.79
N GLY G 115 3.63 12.97 4.02
CA GLY G 115 3.51 11.52 3.87
C GLY G 115 3.04 10.83 5.14
N MET G 116 2.38 11.56 6.06
CA MET G 116 1.88 10.97 7.30
C MET G 116 0.62 10.14 7.05
N THR G 117 0.52 8.97 7.69
CA THR G 117 -0.67 8.14 7.57
C THR G 117 -1.40 8.04 8.92
N LYS G 118 -2.65 7.54 8.92
CA LYS G 118 -3.42 7.38 10.15
C LYS G 118 -2.73 6.40 11.11
N LYS G 119 -2.12 5.34 10.56
CA LYS G 119 -1.39 4.34 11.33
C LYS G 119 -0.14 4.95 11.94
N THR G 120 0.63 5.77 11.17
CA THR G 120 1.83 6.42 11.74
C THR G 120 1.49 7.53 12.71
N TYR G 121 0.29 8.13 12.58
CA TYR G 121 -0.20 9.15 13.51
C TYR G 121 -0.38 8.48 14.88
N VAL G 122 -1.06 7.32 14.90
CA VAL G 122 -1.30 6.54 16.11
C VAL G 122 0.03 6.06 16.71
N GLU G 123 0.95 5.59 15.85
CA GLU G 123 2.25 5.13 16.30
C GLU G 123 3.07 6.23 16.95
N SER G 124 2.92 7.48 16.50
CA SER G 124 3.63 8.62 17.09
C SER G 124 3.11 8.90 18.49
N ILE G 125 1.80 8.74 18.72
CA ILE G 125 1.21 8.91 20.04
C ILE G 125 1.69 7.80 20.96
N LEU G 126 1.67 6.55 20.49
CA LEU G 126 2.17 5.43 21.29
C LEU G 126 3.66 5.55 21.60
N GLU G 127 4.43 6.15 20.69
CA GLU G 127 5.85 6.39 20.89
C GLU G 127 6.06 7.45 21.96
N GLY G 128 5.20 8.49 21.97
CA GLY G 128 5.24 9.54 22.99
C GLY G 128 4.91 9.02 24.38
N ILE G 129 3.99 8.05 24.45
CA ILE G 129 3.62 7.39 25.69
C ILE G 129 4.79 6.52 26.19
N LYS G 130 5.44 5.81 25.26
CA LYS G 130 6.59 4.95 25.58
C LYS G 130 7.78 5.78 26.09
N GLN G 131 8.11 6.89 25.39
CA GLN G 131 9.20 7.76 25.80
C GLN G 131 8.92 8.46 27.13
N SER G 132 7.64 8.72 27.45
CA SER G 132 7.26 9.32 28.72
C SER G 132 7.47 8.35 29.89
N LYS G 133 7.30 7.03 29.63
CA LYS G 133 7.54 5.98 30.62
C LYS G 133 9.04 5.91 30.92
N GLN G 134 9.87 5.99 29.87
CA GLN G 134 11.32 5.99 29.98
C GLN G 134 11.85 7.18 30.80
N GLU G 135 11.09 8.28 30.86
CA GLU G 135 11.43 9.46 31.66
C GLU G 135 10.91 9.38 33.11
N ASN G 136 10.30 8.24 33.48
CA ASN G 136 9.76 7.94 34.82
C ASN G 136 8.84 9.05 35.31
N LEU G 137 7.81 9.36 34.51
CA LEU G 137 6.83 10.38 34.89
C LEU G 137 5.73 9.69 35.72
N ASP G 138 5.21 10.37 36.77
CA ASP G 138 4.14 9.76 37.58
C ASP G 138 2.76 9.92 36.93
N ILE G 139 2.57 9.31 35.76
CA ILE G 139 1.31 9.39 35.04
C ILE G 139 1.14 8.15 34.18
N ASP G 140 -0.06 7.56 34.20
CA ASP G 140 -0.39 6.39 33.41
C ASP G 140 -1.19 6.89 32.21
N VAL G 141 -0.59 6.90 31.01
CA VAL G 141 -1.25 7.45 29.82
C VAL G 141 -1.84 6.39 28.89
N ARG G 142 -3.10 6.56 28.52
CA ARG G 142 -3.83 5.69 27.61
C ARG G 142 -4.32 6.50 26.39
N TYR G 143 -4.73 5.83 25.31
CA TYR G 143 -5.17 6.50 24.11
C TYR G 143 -6.51 5.96 23.61
N LEU G 144 -7.41 6.89 23.26
CA LEU G 144 -8.72 6.62 22.70
C LEU G 144 -8.68 7.18 21.28
N ILE G 145 -8.97 6.36 20.29
CA ILE G 145 -8.95 6.79 18.92
C ILE G 145 -10.23 7.54 18.62
N ALA G 146 -10.10 8.79 18.17
CA ALA G 146 -11.25 9.63 17.90
C ALA G 146 -11.72 9.61 16.46
N VAL G 147 -13.02 9.45 16.28
CA VAL G 147 -13.67 9.50 14.98
C VAL G 147 -14.30 10.89 14.85
N ASP G 148 -13.94 11.62 13.79
CA ASP G 148 -14.49 12.95 13.57
C ASP G 148 -15.71 12.80 12.67
N ARG G 149 -16.83 13.44 13.05
CA ARG G 149 -18.06 13.39 12.27
C ARG G 149 -17.85 13.97 10.85
N ARG G 150 -16.96 14.97 10.71
CA ARG G 150 -16.62 15.60 9.44
C ARG G 150 -15.97 14.65 8.44
N GLY G 151 -15.28 13.63 8.93
CA GLY G 151 -14.62 12.67 8.07
C GLY G 151 -15.56 11.77 7.28
N GLY G 152 -16.79 11.61 7.77
CA GLY G 152 -17.77 10.78 7.09
C GLY G 152 -17.77 9.33 7.57
N PRO G 153 -18.75 8.54 7.10
CA PRO G 153 -18.84 7.15 7.54
C PRO G 153 -17.80 6.19 6.98
N LEU G 154 -17.17 6.52 5.84
CA LEU G 154 -16.15 5.64 5.26
C LEU G 154 -14.83 5.79 6.01
N VAL G 155 -14.45 7.04 6.34
CA VAL G 155 -13.26 7.29 7.13
C VAL G 155 -13.44 6.69 8.55
N ALA G 156 -14.68 6.74 9.09
CA ALA G 156 -15.02 6.16 10.38
C ALA G 156 -14.77 4.64 10.39
N LYS G 157 -15.12 3.94 9.30
CA LYS G 157 -14.90 2.50 9.20
C LYS G 157 -13.41 2.17 9.19
N GLU G 158 -12.62 3.00 8.50
CA GLU G 158 -11.17 2.81 8.42
C GLU G 158 -10.54 3.03 9.78
N THR G 159 -10.98 4.10 10.48
CA THR G 159 -10.50 4.47 11.80
C THR G 159 -10.84 3.40 12.85
N VAL G 160 -12.07 2.83 12.77
CA VAL G 160 -12.50 1.77 13.67
C VAL G 160 -11.67 0.51 13.46
N LYS G 161 -11.41 0.15 12.20
CA LYS G 161 -10.58 -1.01 11.89
C LYS G 161 -9.17 -0.84 12.43
N LEU G 162 -8.62 0.37 12.28
CA LEU G 162 -7.29 0.71 12.78
C LEU G 162 -7.27 0.62 14.31
N ALA G 163 -8.32 1.11 14.97
CA ALA G 163 -8.45 1.07 16.43
C ALA G 163 -8.56 -0.32 16.97
N GLU G 164 -9.27 -1.19 16.27
CA GLU G 164 -9.41 -2.58 16.68
C GLU G 164 -8.04 -3.26 16.66
N GLU G 165 -7.23 -2.99 15.63
CA GLU G 165 -5.88 -3.57 15.51
C GLU G 165 -4.98 -3.13 16.64
N PHE G 166 -5.01 -1.83 17.00
CA PHE G 166 -4.18 -1.33 18.08
C PHE G 166 -4.68 -1.77 19.45
N PHE G 167 -6.00 -1.98 19.59
CA PHE G 167 -6.59 -2.45 20.82
C PHE G 167 -6.02 -3.82 21.20
N LEU G 168 -5.86 -4.70 20.20
CA LEU G 168 -5.32 -6.03 20.41
C LEU G 168 -3.80 -6.05 20.52
N SER G 169 -3.10 -5.17 19.82
CA SER G 169 -1.64 -5.16 19.84
C SER G 169 -0.94 -4.27 20.87
N THR G 170 -1.65 -3.53 21.76
CA THR G 170 -0.95 -2.57 22.64
C THR G 170 -0.97 -2.84 24.14
N GLU G 171 -1.40 -4.02 24.58
CA GLU G 171 -1.45 -4.43 26.00
C GLU G 171 -2.05 -3.36 26.96
N GLY G 172 -3.15 -2.74 26.55
CA GLY G 172 -3.85 -1.81 27.40
C GLY G 172 -3.62 -0.34 27.10
N THR G 173 -2.72 -0.01 26.16
CA THR G 173 -2.48 1.41 25.86
C THR G 173 -3.67 2.03 25.13
N VAL G 174 -4.17 1.37 24.07
CA VAL G 174 -5.34 1.83 23.34
C VAL G 174 -6.54 1.18 24.03
N LEU G 175 -7.44 1.97 24.62
CA LEU G 175 -8.55 1.41 25.39
C LEU G 175 -9.93 1.60 24.80
N GLY G 176 -10.08 2.57 23.90
CA GLY G 176 -11.39 2.85 23.36
C GLY G 176 -11.45 3.72 22.13
N LEU G 177 -12.66 4.17 21.84
CA LEU G 177 -13.04 4.94 20.68
C LEU G 177 -13.88 6.13 21.11
N ASP G 178 -13.72 7.26 20.44
CA ASP G 178 -14.51 8.45 20.70
C ASP G 178 -15.23 8.90 19.39
N LEU G 179 -16.37 9.59 19.51
CA LEU G 179 -17.07 10.19 18.38
C LEU G 179 -17.17 11.67 18.70
N SER G 180 -16.48 12.54 17.93
CA SER G 180 -16.44 13.97 18.18
C SER G 180 -16.48 14.80 16.88
N GLY G 181 -15.98 16.04 16.90
CA GLY G 181 -16.05 16.91 15.75
C GLY G 181 -17.39 17.61 15.67
N ASP G 182 -17.61 18.38 14.59
CA ASP G 182 -18.85 19.13 14.38
C ASP G 182 -20.11 18.29 14.56
N PRO G 183 -20.87 18.52 15.65
CA PRO G 183 -22.11 17.73 15.86
C PRO G 183 -23.22 17.97 14.84
N THR G 184 -23.04 18.92 13.95
CA THR G 184 -24.01 19.29 12.95
C THR G 184 -23.77 18.64 11.57
N VAL G 185 -22.58 18.10 11.34
CA VAL G 185 -22.20 17.61 10.02
C VAL G 185 -22.89 16.30 9.58
N GLY G 186 -22.88 15.24 10.37
CA GLY G 186 -23.46 13.98 9.91
C GLY G 186 -24.82 13.57 10.42
N GLN G 187 -25.11 12.28 10.25
CA GLN G 187 -26.30 11.62 10.74
C GLN G 187 -25.81 10.54 11.68
N ALA G 188 -26.39 10.43 12.89
CA ALA G 188 -26.00 9.40 13.86
C ALA G 188 -26.05 7.99 13.26
N LYS G 189 -27.07 7.72 12.43
CA LYS G 189 -27.24 6.43 11.78
C LYS G 189 -26.04 6.05 10.90
N ASP G 190 -25.32 7.06 10.36
CA ASP G 190 -24.12 6.82 9.54
C ASP G 190 -22.97 6.22 10.35
N PHE G 191 -22.94 6.44 11.67
CA PHE G 191 -21.87 5.96 12.53
C PHE G 191 -22.23 4.76 13.39
N LEU G 192 -23.50 4.32 13.40
CA LEU G 192 -23.92 3.18 14.20
C LEU G 192 -23.16 1.90 13.91
N GLU G 193 -23.01 1.52 12.64
CA GLU G 193 -22.31 0.30 12.26
C GLU G 193 -20.84 0.28 12.73
N PRO G 194 -19.97 1.26 12.39
CA PRO G 194 -18.58 1.20 12.88
C PRO G 194 -18.47 1.27 14.41
N LEU G 195 -19.35 2.04 15.08
CA LEU G 195 -19.32 2.13 16.54
C LEU G 195 -19.75 0.84 17.22
N LEU G 196 -20.76 0.17 16.65
CA LEU G 196 -21.25 -1.11 17.14
C LEU G 196 -20.17 -2.19 16.96
N GLU G 197 -19.44 -2.15 15.84
CA GLU G 197 -18.35 -3.04 15.52
C GLU G 197 -17.26 -2.94 16.58
N ALA G 198 -16.85 -1.68 16.89
CA ALA G 198 -15.84 -1.38 17.91
C ALA G 198 -16.31 -1.86 19.29
N LYS G 199 -17.58 -1.65 19.62
CA LYS G 199 -18.14 -2.06 20.89
C LYS G 199 -18.10 -3.58 21.06
N LYS G 200 -18.41 -4.31 19.97
CA LYS G 200 -18.40 -5.76 19.95
C LYS G 200 -16.99 -6.31 20.13
N ALA G 201 -15.99 -5.64 19.54
CA ALA G 201 -14.58 -6.01 19.66
C ALA G 201 -14.03 -5.85 21.09
N GLY G 202 -14.70 -5.05 21.91
CA GLY G 202 -14.28 -4.83 23.30
C GLY G 202 -13.80 -3.42 23.58
N LEU G 203 -13.82 -2.53 22.57
CA LEU G 203 -13.38 -1.14 22.74
C LEU G 203 -14.45 -0.35 23.47
N LYS G 204 -14.05 0.44 24.47
CA LYS G 204 -15.01 1.25 25.22
C LYS G 204 -15.38 2.49 24.41
N LEU G 205 -16.63 2.96 24.53
CA LEU G 205 -17.07 4.12 23.77
C LEU G 205 -17.26 5.36 24.62
N ALA G 206 -16.62 6.46 24.24
CA ALA G 206 -16.82 7.74 24.91
C ALA G 206 -17.41 8.64 23.83
N LEU G 207 -18.74 8.90 23.88
CA LEU G 207 -19.38 9.70 22.84
C LEU G 207 -19.75 11.11 23.28
N HIS G 208 -19.46 12.14 22.48
CA HIS G 208 -19.84 13.53 22.76
C HIS G 208 -21.32 13.63 22.43
N LEU G 209 -22.17 13.82 23.43
CA LEU G 209 -23.62 13.87 23.21
C LEU G 209 -24.22 15.16 23.74
N SER G 210 -25.32 15.59 23.13
CA SER G 210 -26.08 16.74 23.58
C SER G 210 -25.25 18.02 23.79
N GLU G 211 -24.28 18.27 22.89
CA GLU G 211 -23.44 19.47 22.96
C GLU G 211 -24.22 20.73 22.56
N ILE G 212 -25.15 20.58 21.61
CA ILE G 212 -25.97 21.66 21.09
C ILE G 212 -27.45 21.33 21.25
N PRO G 213 -28.31 22.36 21.26
CA PRO G 213 -29.74 22.10 21.39
C PRO G 213 -30.41 21.55 20.12
N ASN G 214 -31.64 21.08 20.29
CA ASN G 214 -32.58 20.56 19.28
C ASN G 214 -32.07 19.34 18.52
N GLN G 215 -31.41 18.41 19.21
CA GLN G 215 -30.87 17.20 18.56
C GLN G 215 -31.31 15.95 19.32
N LYS G 216 -32.52 15.96 19.89
CA LYS G 216 -33.04 14.86 20.69
C LYS G 216 -33.03 13.48 20.01
N LYS G 217 -33.60 13.36 18.80
CA LYS G 217 -33.66 12.08 18.08
C LYS G 217 -32.25 11.54 17.81
N GLU G 218 -31.32 12.41 17.41
CA GLU G 218 -29.93 12.02 17.16
C GLU G 218 -29.27 11.51 18.44
N THR G 219 -29.57 12.13 19.59
CA THR G 219 -29.04 11.76 20.90
C THR G 219 -29.61 10.41 21.33
N GLN G 220 -30.91 10.15 21.10
CA GLN G 220 -31.50 8.85 21.44
C GLN G 220 -30.86 7.73 20.64
N ILE G 221 -30.53 7.99 19.37
CA ILE G 221 -29.88 6.99 18.51
C ILE G 221 -28.50 6.60 19.04
N LEU G 222 -27.67 7.58 19.40
CA LEU G 222 -26.34 7.29 19.94
C LEU G 222 -26.40 6.75 21.38
N LEU G 223 -27.42 7.14 22.16
CA LEU G 223 -27.59 6.61 23.52
C LEU G 223 -27.94 5.12 23.47
N ASP G 224 -28.64 4.66 22.41
CA ASP G 224 -28.97 3.26 22.25
C ASP G 224 -27.72 2.38 22.08
N LEU G 225 -26.58 2.96 21.68
CA LEU G 225 -25.31 2.23 21.63
C LEU G 225 -24.79 1.91 23.04
N LEU G 226 -25.39 2.50 24.11
CA LEU G 226 -24.97 2.38 25.49
C LEU G 226 -23.51 2.77 25.65
N PRO G 227 -23.19 4.06 25.44
CA PRO G 227 -21.78 4.49 25.60
C PRO G 227 -21.28 4.27 27.02
N ASP G 228 -19.98 4.05 27.14
CA ASP G 228 -19.37 3.83 28.46
C ASP G 228 -19.18 5.13 29.24
N ARG G 229 -19.07 6.25 28.52
CA ARG G 229 -18.98 7.60 29.07
C ARG G 229 -19.60 8.56 28.04
N ILE G 230 -20.22 9.62 28.52
CA ILE G 230 -20.81 10.64 27.66
C ILE G 230 -20.00 11.92 27.83
N GLY G 231 -19.72 12.58 26.71
CA GLY G 231 -19.04 13.86 26.71
C GLY G 231 -20.06 14.97 26.79
N HIS G 232 -19.93 15.81 27.83
CA HIS G 232 -20.78 16.98 28.12
C HIS G 232 -22.23 16.62 28.55
N GLY G 233 -23.08 16.22 27.60
CA GLY G 233 -24.49 15.96 27.90
C GLY G 233 -25.21 17.24 28.28
N THR G 234 -24.73 18.39 27.78
CA THR G 234 -25.17 19.75 28.07
C THR G 234 -26.67 19.96 28.02
N PHE G 235 -27.30 19.45 26.97
CA PHE G 235 -28.71 19.65 26.75
C PHE G 235 -29.58 18.43 27.04
N LEU G 236 -29.06 17.40 27.75
CA LEU G 236 -29.83 16.19 28.07
C LEU G 236 -31.12 16.52 28.83
N ASN G 237 -31.04 17.51 29.73
CA ASN G 237 -32.19 17.94 30.54
C ASN G 237 -32.91 19.18 30.01
N SER G 238 -32.46 19.73 28.88
CA SER G 238 -33.05 20.92 28.32
C SER G 238 -34.28 20.57 27.52
N GLY G 239 -35.30 21.41 27.57
CA GLY G 239 -36.52 21.20 26.79
C GLY G 239 -36.26 21.25 25.29
N GLU G 240 -35.20 21.99 24.88
CA GLU G 240 -34.76 22.10 23.50
C GLU G 240 -33.62 21.10 23.20
N GLY G 241 -33.97 19.86 22.86
CA GLY G 241 -32.96 18.84 22.54
C GLY G 241 -32.65 17.85 23.65
N GLY G 242 -33.55 17.77 24.62
CA GLY G 242 -33.50 16.80 25.70
C GLY G 242 -34.86 16.54 26.29
N SER G 243 -34.94 15.58 27.22
CA SER G 243 -36.20 15.23 27.86
C SER G 243 -35.99 14.49 29.17
N LEU G 244 -37.09 14.28 29.94
CA LEU G 244 -37.08 13.45 31.15
C LEU G 244 -36.64 12.02 30.78
N ASP G 245 -37.01 11.55 29.58
CA ASP G 245 -36.64 10.25 29.04
C ASP G 245 -35.14 10.13 28.86
N LEU G 246 -34.47 11.17 28.34
CA LEU G 246 -33.01 11.13 28.14
C LEU G 246 -32.26 11.14 29.48
N VAL G 247 -32.71 11.97 30.43
CA VAL G 247 -32.13 12.04 31.76
C VAL G 247 -32.31 10.71 32.47
N ASP G 248 -33.53 10.15 32.39
CA ASP G 248 -33.86 8.86 32.99
C ASP G 248 -33.07 7.73 32.41
N PHE G 249 -32.82 7.74 31.11
CA PHE G 249 -32.02 6.71 30.46
C PHE G 249 -30.59 6.76 31.00
N VAL G 250 -29.99 7.96 31.04
CA VAL G 250 -28.63 8.17 31.52
C VAL G 250 -28.52 7.78 33.01
N ARG G 251 -29.56 8.07 33.80
CA ARG G 251 -29.64 7.73 35.21
C ARG G 251 -29.74 6.24 35.43
N GLN G 252 -30.70 5.55 34.78
CA GLN G 252 -30.92 4.10 34.92
C GLN G 252 -29.70 3.30 34.48
N HIS G 253 -29.00 3.76 33.44
CA HIS G 253 -27.81 3.06 32.96
C HIS G 253 -26.50 3.54 33.61
N ARG G 254 -26.58 4.53 34.56
CA ARG G 254 -25.48 5.11 35.32
C ARG G 254 -24.30 5.50 34.45
N ILE G 255 -24.57 6.19 33.34
CA ILE G 255 -23.52 6.57 32.40
C ILE G 255 -22.74 7.77 32.90
N PRO G 256 -21.43 7.61 33.18
CA PRO G 256 -20.65 8.76 33.65
C PRO G 256 -20.56 9.89 32.63
N LEU G 257 -20.60 11.14 33.13
CA LEU G 257 -20.51 12.34 32.28
C LEU G 257 -19.17 13.02 32.45
N GLU G 258 -18.50 13.30 31.35
CA GLU G 258 -17.24 14.01 31.37
C GLU G 258 -17.68 15.47 31.23
N LEU G 259 -17.59 16.25 32.31
CA LEU G 259 -18.02 17.65 32.37
C LEU G 259 -16.85 18.61 32.20
N CYS G 260 -16.94 19.47 31.18
CA CYS G 260 -15.88 20.41 30.83
C CYS G 260 -16.40 21.83 31.00
N LEU G 261 -16.17 22.41 32.17
CA LEU G 261 -16.69 23.71 32.55
C LEU G 261 -16.19 24.88 31.70
N THR G 262 -14.88 25.13 31.62
CA THR G 262 -14.35 26.26 30.85
C THR G 262 -14.66 26.10 29.36
N SER G 263 -14.61 24.87 28.85
CA SER G 263 -14.95 24.55 27.48
C SER G 263 -16.38 25.00 27.13
N ASN G 264 -17.38 24.69 27.99
CA ASN G 264 -18.76 25.11 27.70
C ASN G 264 -18.96 26.59 27.86
N VAL G 265 -18.29 27.22 28.82
CA VAL G 265 -18.42 28.65 29.04
C VAL G 265 -17.77 29.45 27.89
N LYS G 266 -16.52 29.12 27.51
CA LYS G 266 -15.80 29.81 26.46
C LYS G 266 -16.35 29.55 25.07
N SER G 267 -17.02 28.42 24.86
CA SER G 267 -17.68 28.15 23.57
C SER G 267 -19.17 28.55 23.59
N GLN G 268 -19.62 29.23 24.65
CA GLN G 268 -20.97 29.75 24.85
C GLN G 268 -22.11 28.73 24.75
N THR G 269 -21.84 27.46 25.08
CA THR G 269 -22.90 26.46 25.11
C THR G 269 -23.64 26.50 26.48
N VAL G 270 -23.05 27.18 27.52
CA VAL G 270 -23.61 27.46 28.86
C VAL G 270 -23.31 28.97 29.14
N PRO G 271 -24.29 29.74 29.68
CA PRO G 271 -24.08 31.20 29.83
C PRO G 271 -23.07 31.63 30.91
N SER G 272 -22.83 30.79 31.91
CA SER G 272 -21.90 31.08 33.00
C SER G 272 -21.49 29.79 33.67
N TYR G 273 -20.45 29.85 34.53
CA TYR G 273 -20.03 28.68 35.32
C TYR G 273 -21.15 28.29 36.28
N ASP G 274 -21.81 29.30 36.86
CA ASP G 274 -22.90 29.15 37.83
C ASP G 274 -24.10 28.39 37.27
N GLN G 275 -24.33 28.51 35.96
CA GLN G 275 -25.44 27.84 35.29
C GLN G 275 -25.04 26.59 34.54
N HIS G 276 -23.80 26.09 34.74
CA HIS G 276 -23.33 24.87 34.12
C HIS G 276 -24.10 23.69 34.72
N HIS G 277 -24.41 22.70 33.89
CA HIS G 277 -25.17 21.52 34.30
C HIS G 277 -24.45 20.64 35.31
N PHE G 278 -23.21 20.98 35.75
CA PHE G 278 -22.51 20.22 36.79
C PHE G 278 -23.36 20.16 38.07
N GLY G 279 -23.94 21.30 38.48
CA GLY G 279 -24.79 21.38 39.67
C GLY G 279 -25.98 20.45 39.59
N PHE G 280 -26.63 20.37 38.43
CA PHE G 280 -27.76 19.49 38.22
C PHE G 280 -27.40 18.02 38.46
N TRP G 281 -26.32 17.55 37.86
CA TRP G 281 -25.91 16.15 37.98
C TRP G 281 -25.29 15.84 39.32
N TYR G 282 -24.62 16.82 39.94
CA TYR G 282 -24.02 16.68 41.25
C TYR G 282 -25.12 16.56 42.31
N SER G 283 -26.25 17.26 42.15
CA SER G 283 -27.37 17.22 43.10
C SER G 283 -28.00 15.85 43.26
N ILE G 284 -27.89 14.99 42.24
CA ILE G 284 -28.42 13.63 42.31
C ILE G 284 -27.29 12.58 42.36
N ALA G 285 -26.06 13.01 42.74
CA ALA G 285 -24.86 12.16 42.86
C ALA G 285 -24.65 11.29 41.61
N HIS G 286 -24.84 11.89 40.42
CA HIS G 286 -24.66 11.15 39.18
C HIS G 286 -23.20 11.06 38.83
N PRO G 287 -22.70 9.88 38.42
CA PRO G 287 -21.27 9.77 38.06
C PRO G 287 -20.79 10.86 37.08
N SER G 288 -19.86 11.70 37.54
CA SER G 288 -19.35 12.82 36.76
C SER G 288 -17.87 12.99 36.96
N VAL G 289 -17.14 13.41 35.90
CA VAL G 289 -15.70 13.65 36.02
C VAL G 289 -15.38 15.04 35.47
N ILE G 290 -14.66 15.87 36.21
CA ILE G 290 -14.24 17.19 35.77
C ILE G 290 -13.09 17.02 34.77
N CYS G 291 -13.23 17.59 33.56
CA CYS G 291 -12.24 17.45 32.50
C CYS G 291 -11.82 18.80 31.92
N THR G 292 -10.69 18.84 31.19
CA THR G 292 -10.22 20.08 30.55
C THR G 292 -10.82 20.24 29.15
N ASP G 293 -10.92 19.12 28.42
CA ASP G 293 -11.41 19.10 27.04
C ASP G 293 -10.31 19.52 26.07
N ASP G 294 -9.88 20.79 26.09
CA ASP G 294 -8.84 21.37 25.25
C ASP G 294 -8.15 22.43 26.13
N LYS G 295 -7.22 22.00 27.00
CA LYS G 295 -6.53 22.88 27.93
C LYS G 295 -5.72 24.02 27.26
N GLY G 296 -5.28 23.81 26.02
CA GLY G 296 -4.54 24.83 25.31
C GLY G 296 -5.45 25.86 24.68
N VAL G 297 -6.46 25.42 23.92
CA VAL G 297 -7.43 26.30 23.29
C VAL G 297 -8.21 27.09 24.35
N PHE G 298 -8.59 26.43 25.45
CA PHE G 298 -9.35 27.11 26.50
C PHE G 298 -8.49 27.73 27.60
N ALA G 299 -7.14 27.72 27.45
CA ALA G 299 -6.20 28.32 28.38
C ALA G 299 -6.47 27.95 29.85
N THR G 300 -6.48 26.65 30.13
CA THR G 300 -6.78 26.16 31.46
C THR G 300 -5.89 24.94 31.82
N HIS G 301 -6.02 24.44 33.05
CA HIS G 301 -5.34 23.26 33.58
C HIS G 301 -6.40 22.47 34.33
N LEU G 302 -6.19 21.16 34.51
CA LEU G 302 -7.17 20.36 35.25
C LEU G 302 -7.33 20.85 36.70
N SER G 303 -6.26 21.33 37.33
CA SER G 303 -6.31 21.89 38.68
C SER G 303 -7.20 23.15 38.72
N GLN G 304 -7.14 23.97 37.69
CA GLN G 304 -7.94 25.18 37.54
C GLN G 304 -9.42 24.84 37.34
N GLU G 305 -9.71 23.74 36.61
CA GLU G 305 -11.08 23.29 36.41
C GLU G 305 -11.69 22.82 37.74
N TYR G 306 -10.90 22.12 38.57
CA TYR G 306 -11.33 21.69 39.89
C TYR G 306 -11.60 22.89 40.78
N GLN G 307 -10.73 23.90 40.72
CA GLN G 307 -10.90 25.12 41.51
C GLN G 307 -12.16 25.86 41.08
N LEU G 308 -12.39 25.98 39.76
CA LEU G 308 -13.57 26.66 39.24
C LEU G 308 -14.84 25.93 39.69
N ALA G 309 -14.86 24.60 39.64
CA ALA G 309 -16.02 23.82 40.08
C ALA G 309 -16.24 23.99 41.59
N ALA G 310 -15.15 23.94 42.39
CA ALA G 310 -15.23 24.09 43.84
C ALA G 310 -15.71 25.47 44.25
N GLU G 311 -15.20 26.53 43.62
CA GLU G 311 -15.58 27.89 43.95
C GLU G 311 -16.98 28.18 43.48
N THR G 312 -17.34 27.78 42.25
CA THR G 312 -18.68 28.02 41.73
C THR G 312 -19.76 27.28 42.53
N PHE G 313 -19.53 25.99 42.80
CA PHE G 313 -20.53 25.17 43.47
C PHE G 313 -20.31 25.03 44.96
N ASN G 314 -19.39 25.83 45.54
CA ASN G 314 -19.12 25.89 46.96
C ASN G 314 -18.79 24.52 47.58
N LEU G 315 -17.85 23.79 46.97
CA LEU G 315 -17.47 22.47 47.47
C LEU G 315 -16.26 22.61 48.39
N THR G 316 -16.25 21.87 49.50
CA THR G 316 -15.13 21.88 50.43
C THR G 316 -13.96 21.06 49.81
N GLN G 317 -12.77 21.10 50.42
CA GLN G 317 -11.64 20.30 49.95
C GLN G 317 -11.95 18.81 50.06
N SER G 318 -12.67 18.39 51.11
CA SER G 318 -13.05 16.98 51.27
C SER G 318 -14.08 16.55 50.22
N GLN G 319 -14.97 17.46 49.81
CA GLN G 319 -15.96 17.17 48.75
C GLN G 319 -15.29 17.10 47.38
N VAL G 320 -14.27 17.93 47.15
CA VAL G 320 -13.46 17.91 45.92
C VAL G 320 -12.64 16.60 45.91
N TRP G 321 -12.10 16.18 47.07
CA TRP G 321 -11.38 14.93 47.24
C TRP G 321 -12.27 13.75 46.82
N ASP G 322 -13.54 13.71 47.29
CA ASP G 322 -14.48 12.64 46.96
C ASP G 322 -14.73 12.57 45.47
N LEU G 323 -14.88 13.73 44.81
CA LEU G 323 -15.09 13.76 43.36
C LEU G 323 -13.89 13.15 42.64
N SER G 324 -12.66 13.54 43.04
CA SER G 324 -11.45 13.03 42.43
C SER G 324 -11.29 11.53 42.63
N TYR G 325 -11.58 11.05 43.83
CA TYR G 325 -11.46 9.64 44.16
C TYR G 325 -12.49 8.80 43.42
N GLU G 326 -13.74 9.27 43.33
CA GLU G 326 -14.79 8.54 42.62
C GLU G 326 -14.53 8.47 41.12
N SER G 327 -13.86 9.48 40.55
CA SER G 327 -13.57 9.50 39.12
C SER G 327 -12.71 8.31 38.64
N ILE G 328 -11.99 7.66 39.57
CA ILE G 328 -11.19 6.47 39.30
C ILE G 328 -12.10 5.34 38.78
N ASN G 329 -13.34 5.28 39.26
CA ASN G 329 -14.28 4.25 38.82
C ASN G 329 -14.61 4.31 37.34
N TYR G 330 -14.46 5.49 36.71
CA TYR G 330 -14.92 5.69 35.34
C TYR G 330 -13.83 5.60 34.28
N ILE G 331 -12.61 5.18 34.65
CA ILE G 331 -11.53 4.98 33.69
C ILE G 331 -11.83 3.75 32.81
N PHE G 332 -11.22 3.67 31.63
CA PHE G 332 -11.41 2.53 30.75
C PHE G 332 -10.44 1.37 31.00
N ALA G 333 -9.45 1.56 31.89
CA ALA G 333 -8.48 0.54 32.25
C ALA G 333 -9.13 -0.52 33.19
N SER G 334 -8.45 -1.67 33.40
CA SER G 334 -8.95 -2.77 34.22
C SER G 334 -9.06 -2.43 35.72
N ASP G 335 -9.67 -3.33 36.49
CA ASP G 335 -9.83 -3.22 37.94
C ASP G 335 -8.48 -3.13 38.67
N SER G 336 -7.44 -3.75 38.11
CA SER G 336 -6.10 -3.72 38.65
C SER G 336 -5.58 -2.27 38.70
N THR G 337 -5.79 -1.50 37.61
CA THR G 337 -5.39 -0.10 37.51
C THR G 337 -6.19 0.77 38.48
N ARG G 338 -7.51 0.52 38.60
CA ARG G 338 -8.37 1.24 39.54
C ARG G 338 -7.88 1.05 40.97
N SER G 339 -7.54 -0.20 41.31
CA SER G 339 -7.05 -0.58 42.62
C SER G 339 -5.71 0.12 42.91
N GLU G 340 -4.80 0.16 41.94
CA GLU G 340 -3.51 0.83 42.11
C GLU G 340 -3.69 2.34 42.29
N LEU G 341 -4.62 2.92 41.54
CA LEU G 341 -4.90 4.35 41.63
C LEU G 341 -5.51 4.68 42.98
N ARG G 342 -6.45 3.87 43.46
CA ARG G 342 -7.07 4.09 44.77
C ARG G 342 -6.03 4.03 45.89
N LYS G 343 -5.05 3.11 45.80
CA LYS G 343 -3.96 2.99 46.75
C LYS G 343 -3.08 4.25 46.72
N LYS G 344 -2.80 4.77 45.53
CA LYS G 344 -2.01 5.97 45.35
C LYS G 344 -2.71 7.19 45.99
N TRP G 345 -4.03 7.32 45.76
CA TRP G 345 -4.82 8.41 46.30
C TRP G 345 -4.80 8.37 47.83
N ASN G 346 -5.04 7.19 48.43
CA ASN G 346 -5.06 7.07 49.88
C ASN G 346 -3.69 7.26 50.54
N HIS G 347 -2.61 7.02 49.82
CA HIS G 347 -1.26 7.27 50.31
C HIS G 347 -1.00 8.80 50.32
N LEU G 348 -1.49 9.52 49.30
CA LEU G 348 -1.30 10.96 49.19
C LEU G 348 -2.24 11.77 50.05
N LYS G 349 -3.42 11.24 50.35
CA LYS G 349 -4.48 11.90 51.09
C LYS G 349 -4.04 12.74 52.29
N PRO G 350 -3.24 12.23 53.26
CA PRO G 350 -2.84 13.09 54.39
C PRO G 350 -1.89 14.23 54.05
N ARG G 351 -1.23 14.16 52.90
CA ARG G 351 -0.33 15.21 52.41
C ARG G 351 -1.10 16.27 51.62
N VAL G 352 -2.30 15.93 51.09
CA VAL G 352 -3.09 16.84 50.28
C VAL G 352 -4.12 17.55 51.16
N LEU G 353 -4.79 16.78 52.01
CA LEU G 353 -5.80 17.32 52.94
C LEU G 353 -5.14 17.66 54.28
N HIS G 354 -5.21 18.93 54.68
CA HIS G 354 -4.58 19.37 55.92
C HIS G 354 -5.59 19.77 56.99
N ILE G 355 -5.16 19.77 58.26
CA ILE G 355 -5.98 20.17 59.39
C ILE G 355 -6.36 21.67 59.34
N GLU H 6 -44.90 10.21 60.11
CA GLU H 6 -44.66 11.38 59.29
C GLU H 6 -45.98 12.08 58.91
N GLN H 7 -46.50 12.93 59.83
CA GLN H 7 -47.77 13.65 59.67
C GLN H 7 -47.63 14.96 58.84
N GLN H 8 -48.64 15.85 58.87
CA GLN H 8 -48.61 17.16 58.19
C GLN H 8 -47.37 18.02 58.54
N PRO H 9 -46.93 18.12 59.83
CA PRO H 9 -45.73 18.93 60.13
C PRO H 9 -44.38 18.33 59.66
N CYS H 10 -44.39 17.29 58.79
CA CYS H 10 -43.19 16.69 58.17
C CYS H 10 -42.42 17.79 57.42
N LYS H 11 -43.17 18.70 56.77
CA LYS H 11 -42.72 19.90 56.07
C LYS H 11 -42.09 20.87 57.10
N THR H 12 -41.05 21.64 56.69
CA THR H 12 -40.43 22.60 57.61
C THR H 12 -41.17 23.93 57.56
N ASP H 13 -41.68 24.37 58.73
CA ASP H 13 -42.39 25.63 58.75
C ASP H 13 -41.47 26.82 58.98
N PHE H 14 -40.13 26.66 58.86
CA PHE H 14 -39.22 27.82 58.89
C PHE H 14 -39.55 28.75 57.71
N TYR H 15 -39.77 28.19 56.51
CA TYR H 15 -40.01 28.98 55.32
C TYR H 15 -41.34 29.73 55.33
N SER H 16 -42.36 29.18 56.01
CA SER H 16 -43.64 29.89 56.11
C SER H 16 -43.64 30.86 57.28
N GLU H 17 -42.93 30.55 58.36
CA GLU H 17 -42.80 31.44 59.51
C GLU H 17 -41.88 32.63 59.25
N LEU H 18 -40.93 32.47 58.31
CA LEU H 18 -39.99 33.50 57.92
C LEU H 18 -40.75 34.69 57.38
N PRO H 19 -40.59 35.90 57.97
CA PRO H 19 -41.27 37.07 57.38
C PRO H 19 -40.76 37.30 55.97
N LYS H 20 -41.66 37.58 55.03
CA LYS H 20 -41.29 37.72 53.63
C LYS H 20 -41.91 38.93 52.99
N VAL H 21 -41.28 39.41 51.94
CA VAL H 21 -41.71 40.52 51.13
C VAL H 21 -41.97 39.94 49.72
N GLU H 22 -43.12 40.27 49.10
CA GLU H 22 -43.44 39.79 47.76
C GLU H 22 -43.50 41.01 46.84
N LEU H 23 -42.60 41.11 45.86
CA LEU H 23 -42.54 42.27 44.98
C LEU H 23 -42.94 42.00 43.52
N HIS H 24 -43.16 40.75 43.16
CA HIS H 24 -43.53 40.39 41.80
C HIS H 24 -44.63 39.33 41.81
N ALA H 25 -45.89 39.77 41.89
CA ALA H 25 -47.03 38.88 41.92
C ALA H 25 -48.15 39.47 41.06
N HIS H 26 -48.49 38.81 39.95
CA HIS H 26 -49.58 39.25 39.08
C HIS H 26 -50.88 38.81 39.72
N LEU H 27 -51.86 39.75 39.84
CA LEU H 27 -53.13 39.45 40.50
C LEU H 27 -53.87 38.22 39.93
N ASN H 28 -54.15 38.17 38.62
CA ASN H 28 -54.88 37.05 38.04
C ASN H 28 -54.02 35.74 37.95
N GLY H 29 -52.69 35.88 38.00
CA GLY H 29 -51.82 34.72 38.07
C GLY H 29 -51.70 34.18 39.48
N SER H 30 -52.10 34.94 40.52
CA SER H 30 -52.01 34.50 41.91
C SER H 30 -53.25 33.80 42.44
N ILE H 31 -54.27 33.56 41.59
CA ILE H 31 -55.53 32.95 42.01
C ILE H 31 -55.39 31.49 42.44
N SER H 32 -55.73 31.20 43.71
CA SER H 32 -55.66 29.85 44.25
C SER H 32 -56.72 28.93 43.63
N SER H 33 -56.53 27.61 43.81
CA SER H 33 -57.45 26.60 43.31
C SER H 33 -58.84 26.79 43.93
N HIS H 34 -58.90 27.16 45.22
CA HIS H 34 -60.14 27.42 45.94
C HIS H 34 -60.91 28.60 45.32
N THR H 35 -60.22 29.72 45.06
CA THR H 35 -60.84 30.91 44.49
C THR H 35 -61.24 30.68 43.04
N MET H 36 -60.44 29.90 42.30
CA MET H 36 -60.71 29.58 40.90
C MET H 36 -62.02 28.79 40.81
N LYS H 37 -62.24 27.83 41.72
CA LYS H 37 -63.47 27.04 41.78
C LYS H 37 -64.70 27.89 42.08
N LYS H 38 -64.56 28.94 42.90
CA LYS H 38 -65.66 29.87 43.20
C LYS H 38 -66.01 30.68 41.96
N LEU H 39 -64.99 31.10 41.19
CA LEU H 39 -65.21 31.84 39.95
C LEU H 39 -65.88 30.96 38.90
N ILE H 40 -65.48 29.69 38.83
CA ILE H 40 -66.05 28.71 37.90
C ILE H 40 -67.50 28.41 38.28
N ALA H 41 -67.82 28.34 39.58
CA ALA H 41 -69.18 28.10 40.03
C ALA H 41 -70.12 29.25 39.65
N GLN H 42 -69.59 30.49 39.69
CA GLN H 42 -70.31 31.71 39.34
C GLN H 42 -70.59 31.79 37.81
N LYS H 43 -69.72 31.21 36.96
CA LYS H 43 -69.90 31.20 35.51
C LYS H 43 -69.83 29.77 34.94
N PRO H 44 -70.85 28.93 35.18
CA PRO H 44 -70.77 27.55 34.69
C PRO H 44 -70.91 27.39 33.18
N ASP H 45 -71.54 28.36 32.51
CA ASP H 45 -71.71 28.34 31.06
C ASP H 45 -70.39 28.48 30.28
N LEU H 46 -69.31 28.93 30.94
CA LEU H 46 -68.01 29.08 30.31
C LEU H 46 -67.31 27.73 30.03
N LYS H 47 -67.73 26.65 30.73
CA LYS H 47 -67.22 25.30 30.61
C LYS H 47 -65.70 25.21 30.82
N ILE H 48 -65.17 26.06 31.73
CA ILE H 48 -63.76 26.10 32.06
C ILE H 48 -63.46 25.13 33.20
N HIS H 49 -62.39 24.34 33.07
CA HIS H 49 -62.01 23.43 34.14
C HIS H 49 -60.74 23.95 34.87
N ASP H 50 -60.57 23.57 36.15
CA ASP H 50 -59.46 24.04 36.98
C ASP H 50 -58.07 23.52 36.51
N GLN H 51 -58.04 22.47 35.65
CA GLN H 51 -56.81 21.95 35.05
C GLN H 51 -56.27 22.86 33.94
N MET H 52 -57.15 23.67 33.31
CA MET H 52 -56.80 24.62 32.24
C MET H 52 -56.11 25.90 32.76
N THR H 53 -56.14 26.13 34.07
CA THR H 53 -55.56 27.32 34.69
C THR H 53 -54.31 27.03 35.55
N VAL H 54 -53.92 25.76 35.72
CA VAL H 54 -52.76 25.40 36.52
C VAL H 54 -51.76 24.48 35.80
N ILE H 55 -50.46 24.70 36.04
CA ILE H 55 -49.36 23.86 35.59
C ILE H 55 -48.91 23.09 36.83
N ASP H 56 -49.25 21.80 36.92
CA ASP H 56 -48.96 20.95 38.06
C ASP H 56 -47.46 20.70 38.28
N LYS H 57 -47.10 20.25 39.50
CA LYS H 57 -45.74 19.89 39.90
C LYS H 57 -45.23 18.79 38.95
N GLY H 58 -44.01 18.96 38.45
CA GLY H 58 -43.43 18.01 37.51
C GLY H 58 -43.83 18.22 36.06
N LYS H 59 -44.75 19.17 35.80
CA LYS H 59 -45.17 19.47 34.43
C LYS H 59 -44.60 20.81 33.97
N LYS H 60 -44.38 20.94 32.67
CA LYS H 60 -43.83 22.16 32.06
C LYS H 60 -44.60 22.52 30.79
N ARG H 61 -44.71 23.82 30.52
CA ARG H 61 -45.37 24.35 29.33
C ARG H 61 -44.49 25.41 28.67
N THR H 62 -44.77 25.80 27.42
CA THR H 62 -43.99 26.86 26.78
C THR H 62 -44.46 28.22 27.32
N LEU H 63 -43.67 29.28 27.10
CA LEU H 63 -44.06 30.62 27.54
C LEU H 63 -45.33 31.07 26.83
N GLU H 64 -45.50 30.72 25.54
CA GLU H 64 -46.70 31.03 24.78
C GLU H 64 -47.93 30.33 25.38
N GLU H 65 -47.78 29.07 25.77
CA GLU H 65 -48.84 28.30 26.41
C GLU H 65 -49.28 28.93 27.73
N CYS H 66 -48.33 29.53 28.47
CA CYS H 66 -48.61 30.21 29.73
C CYS H 66 -49.48 31.43 29.46
N PHE H 67 -49.14 32.22 28.43
CA PHE H 67 -49.90 33.40 28.03
C PHE H 67 -51.35 33.04 27.68
N GLN H 68 -51.55 31.87 27.03
CA GLN H 68 -52.86 31.39 26.66
C GLN H 68 -53.72 31.08 27.89
N MET H 69 -53.10 30.58 28.98
CA MET H 69 -53.82 30.30 30.22
C MET H 69 -54.37 31.57 30.86
N PHE H 70 -53.67 32.71 30.69
CA PHE H 70 -54.14 33.98 31.21
C PHE H 70 -55.39 34.45 30.50
N GLN H 71 -55.56 34.14 29.20
CA GLN H 71 -56.79 34.51 28.48
C GLN H 71 -57.98 33.75 29.08
N THR H 72 -57.78 32.49 29.49
CA THR H 72 -58.84 31.70 30.12
C THR H 72 -59.22 32.29 31.49
N ILE H 73 -58.23 32.66 32.31
CA ILE H 73 -58.45 33.23 33.63
C ILE H 73 -59.13 34.60 33.52
N HIS H 74 -58.74 35.40 32.53
CA HIS H 74 -59.35 36.70 32.30
C HIS H 74 -60.85 36.64 31.98
N GLN H 75 -61.33 35.49 31.45
CA GLN H 75 -62.74 35.32 31.19
C GLN H 75 -63.56 35.13 32.48
N LEU H 76 -62.93 34.58 33.53
CA LEU H 76 -63.58 34.36 34.80
C LEU H 76 -63.64 35.62 35.65
N THR H 77 -62.65 36.52 35.51
CA THR H 77 -62.62 37.75 36.30
C THR H 77 -63.05 38.91 35.41
N SER H 78 -64.34 38.95 35.07
CA SER H 78 -64.86 39.94 34.14
C SER H 78 -65.58 41.13 34.77
N SER H 79 -65.91 41.06 36.07
CA SER H 79 -66.63 42.15 36.72
C SER H 79 -65.88 42.72 37.93
N PRO H 80 -66.19 43.97 38.36
CA PRO H 80 -65.52 44.53 39.54
C PRO H 80 -65.65 43.71 40.82
N GLU H 81 -66.75 42.96 40.95
CA GLU H 81 -67.01 42.08 42.09
C GLU H 81 -66.02 40.89 42.07
N ASP H 82 -65.68 40.39 40.87
CA ASP H 82 -64.73 39.29 40.72
C ASP H 82 -63.33 39.77 41.10
N ILE H 83 -62.96 41.00 40.68
CA ILE H 83 -61.67 41.59 41.00
C ILE H 83 -61.54 41.87 42.49
N LEU H 84 -62.63 42.30 43.14
CA LEU H 84 -62.66 42.54 44.58
C LEU H 84 -62.47 41.22 45.33
N MET H 85 -63.19 40.15 44.93
CA MET H 85 -63.06 38.85 45.60
C MET H 85 -61.66 38.28 45.41
N VAL H 86 -61.12 38.37 44.19
CA VAL H 86 -59.78 37.86 43.89
C VAL H 86 -58.74 38.61 44.72
N THR H 87 -58.81 39.96 44.77
CA THR H 87 -57.89 40.76 45.56
C THR H 87 -57.88 40.36 47.03
N LYS H 88 -59.06 40.22 47.64
CA LYS H 88 -59.15 39.84 49.06
C LYS H 88 -58.61 38.43 49.31
N ASP H 89 -58.93 37.48 48.45
CA ASP H 89 -58.46 36.11 48.61
C ASP H 89 -56.95 36.01 48.47
N VAL H 90 -56.38 36.64 47.43
CA VAL H 90 -54.95 36.65 47.18
C VAL H 90 -54.20 37.28 48.37
N ILE H 91 -54.70 38.40 48.90
CA ILE H 91 -54.08 39.06 50.05
C ILE H 91 -54.07 38.14 51.26
N LYS H 92 -55.20 37.46 51.53
CA LYS H 92 -55.27 36.54 52.67
C LYS H 92 -54.30 35.37 52.49
N GLU H 93 -54.22 34.80 51.29
CA GLU H 93 -53.32 33.69 51.01
C GLU H 93 -51.85 34.05 51.20
N PHE H 94 -51.45 35.26 50.76
CA PHE H 94 -50.08 35.71 50.95
C PHE H 94 -49.81 35.94 52.45
N ALA H 95 -50.74 36.59 53.17
CA ALA H 95 -50.58 36.86 54.61
C ALA H 95 -50.48 35.57 55.42
N ASP H 96 -51.30 34.56 55.08
CA ASP H 96 -51.26 33.26 55.75
C ASP H 96 -49.92 32.54 55.52
N ASP H 97 -49.25 32.82 54.40
CA ASP H 97 -47.96 32.26 54.05
C ASP H 97 -46.78 32.98 54.73
N GLY H 98 -47.04 34.02 55.51
CA GLY H 98 -45.99 34.75 56.19
C GLY H 98 -45.49 35.98 55.46
N VAL H 99 -46.21 36.43 54.42
CA VAL H 99 -45.82 37.62 53.67
C VAL H 99 -46.31 38.85 54.45
N LYS H 100 -45.40 39.76 54.79
CA LYS H 100 -45.72 40.96 55.57
C LYS H 100 -45.85 42.23 54.72
N TYR H 101 -45.31 42.21 53.50
CA TYR H 101 -45.40 43.35 52.58
C TYR H 101 -45.59 42.77 51.21
N LEU H 102 -46.60 43.24 50.49
CA LEU H 102 -46.92 42.72 49.16
C LEU H 102 -47.15 43.83 48.14
N GLU H 103 -46.48 43.75 47.00
CA GLU H 103 -46.72 44.68 45.90
C GLU H 103 -47.41 43.90 44.81
N LEU H 104 -48.72 44.07 44.66
CA LEU H 104 -49.51 43.39 43.63
C LEU H 104 -49.37 44.13 42.30
N ARG H 105 -49.36 43.39 41.20
CA ARG H 105 -49.18 43.86 39.82
C ARG H 105 -50.43 43.44 39.02
N SER H 106 -51.11 44.37 38.35
CA SER H 106 -52.28 43.98 37.54
C SER H 106 -52.57 44.96 36.43
N THR H 107 -52.90 44.43 35.26
CA THR H 107 -53.24 45.24 34.09
C THR H 107 -54.72 45.61 34.14
N PRO H 108 -55.05 46.92 34.27
CA PRO H 108 -56.46 47.32 34.30
C PRO H 108 -57.17 46.98 33.00
N ARG H 109 -58.30 46.28 33.11
CA ARG H 109 -59.09 45.82 31.98
C ARG H 109 -60.47 46.47 31.88
N ARG H 110 -60.85 46.88 30.66
CA ARG H 110 -62.19 47.41 30.43
C ARG H 110 -63.03 46.26 29.86
N GLU H 111 -64.19 45.98 30.47
CA GLU H 111 -65.11 44.95 30.03
C GLU H 111 -66.49 45.59 29.86
N ASN H 112 -66.92 45.83 28.63
CA ASN H 112 -68.19 46.49 28.37
C ASN H 112 -69.41 45.61 28.67
N ALA H 113 -69.25 44.28 28.60
CA ALA H 113 -70.32 43.34 28.91
C ALA H 113 -70.78 43.45 30.37
N THR H 114 -69.85 43.79 31.29
CA THR H 114 -70.18 43.93 32.71
C THR H 114 -70.22 45.39 33.20
N GLY H 115 -69.77 46.33 32.38
CA GLY H 115 -69.70 47.73 32.78
C GLY H 115 -68.40 48.08 33.49
N MET H 116 -67.40 47.18 33.42
CA MET H 116 -66.11 47.42 34.03
C MET H 116 -65.28 48.35 33.16
N THR H 117 -64.60 49.28 33.83
CA THR H 117 -63.74 50.32 33.30
C THR H 117 -62.30 50.06 33.80
N LYS H 118 -61.29 50.67 33.16
CA LYS H 118 -59.91 50.54 33.64
C LYS H 118 -59.77 51.20 35.05
N LYS H 119 -60.50 52.33 35.27
CA LYS H 119 -60.56 53.07 36.53
C LYS H 119 -61.30 52.26 37.60
N THR H 120 -62.42 51.63 37.22
CA THR H 120 -63.23 50.80 38.12
C THR H 120 -62.49 49.47 38.47
N TYR H 121 -61.58 49.00 37.60
CA TYR H 121 -60.77 47.81 37.84
C TYR H 121 -59.78 48.15 38.97
N VAL H 122 -59.09 49.30 38.86
CA VAL H 122 -58.15 49.77 39.86
C VAL H 122 -58.84 50.02 41.19
N GLU H 123 -60.04 50.61 41.15
CA GLU H 123 -60.81 50.88 42.36
C GLU H 123 -61.22 49.60 43.09
N SER H 124 -61.46 48.49 42.35
CA SER H 124 -61.79 47.21 42.97
C SER H 124 -60.59 46.63 43.71
N ILE H 125 -59.38 46.83 43.17
CA ILE H 125 -58.16 46.38 43.81
C ILE H 125 -57.95 47.21 45.09
N LEU H 126 -58.09 48.55 44.99
CA LEU H 126 -57.93 49.41 46.16
C LEU H 126 -58.98 49.12 47.24
N GLU H 127 -60.17 48.70 46.83
CA GLU H 127 -61.22 48.33 47.77
C GLU H 127 -60.85 47.02 48.48
N GLY H 128 -60.24 46.07 47.74
CA GLY H 128 -59.77 44.81 48.29
C GLY H 128 -58.65 44.99 49.31
N ILE H 129 -57.81 46.01 49.11
CA ILE H 129 -56.72 46.39 50.00
C ILE H 129 -57.31 47.04 51.27
N LYS H 130 -58.31 47.94 51.09
CA LYS H 130 -58.98 48.63 52.19
C LYS H 130 -59.74 47.63 53.09
N GLN H 131 -60.51 46.72 52.48
CA GLN H 131 -61.23 45.72 53.26
C GLN H 131 -60.28 44.77 53.98
N SER H 132 -59.10 44.45 53.39
CA SER H 132 -58.10 43.60 54.04
C SER H 132 -57.47 44.26 55.27
N LYS H 133 -57.40 45.61 55.28
CA LYS H 133 -56.93 46.38 56.43
C LYS H 133 -57.96 46.29 57.55
N GLN H 134 -59.26 46.37 57.18
CA GLN H 134 -60.38 46.25 58.11
C GLN H 134 -60.41 44.88 58.80
N GLU H 135 -59.87 43.82 58.17
CA GLU H 135 -59.78 42.49 58.81
C GLU H 135 -58.57 42.34 59.74
N ASN H 136 -57.69 43.37 59.82
CA ASN H 136 -56.48 43.40 60.63
C ASN H 136 -55.48 42.32 60.22
N LEU H 137 -55.31 42.11 58.90
CA LEU H 137 -54.34 41.12 58.41
C LEU H 137 -52.92 41.68 58.57
N ASP H 138 -51.95 40.83 58.97
CA ASP H 138 -50.57 41.31 59.13
C ASP H 138 -49.83 41.38 57.80
N ILE H 139 -50.30 42.24 56.90
CA ILE H 139 -49.70 42.41 55.58
C ILE H 139 -49.94 43.84 55.09
N ASP H 140 -48.91 44.48 54.54
CA ASP H 140 -49.00 45.83 53.98
C ASP H 140 -49.06 45.65 52.47
N VAL H 141 -50.24 45.87 51.86
CA VAL H 141 -50.45 45.66 50.43
C VAL H 141 -50.41 46.94 49.61
N ARG H 142 -49.62 46.91 48.53
CA ARG H 142 -49.45 48.01 47.57
C ARG H 142 -49.82 47.54 46.15
N TYR H 143 -50.00 48.49 45.22
CA TYR H 143 -50.40 48.16 43.87
C TYR H 143 -49.55 48.88 42.84
N LEU H 144 -49.09 48.14 41.82
CA LEU H 144 -48.32 48.61 40.69
C LEU H 144 -49.23 48.40 39.49
N ILE H 145 -49.47 49.45 38.73
CA ILE H 145 -50.32 49.35 37.55
C ILE H 145 -49.53 48.77 36.40
N ALA H 146 -50.00 47.65 35.85
CA ALA H 146 -49.29 46.97 34.79
C ALA H 146 -49.72 47.34 33.39
N VAL H 147 -48.75 47.60 32.54
CA VAL H 147 -48.97 47.91 31.14
C VAL H 147 -48.66 46.63 30.36
N ASP H 148 -49.62 46.15 29.58
CA ASP H 148 -49.43 44.95 28.78
C ASP H 148 -48.94 45.39 27.41
N ARG H 149 -47.87 44.75 26.92
CA ARG H 149 -47.29 45.04 25.62
C ARG H 149 -48.32 44.83 24.50
N ARG H 150 -49.23 43.83 24.64
CA ARG H 150 -50.25 43.56 23.64
C ARG H 150 -51.26 44.68 23.48
N GLY H 151 -51.48 45.47 24.53
CA GLY H 151 -52.42 46.59 24.48
C GLY H 151 -52.03 47.69 23.51
N GLY H 152 -50.74 47.81 23.21
CA GLY H 152 -50.24 48.83 22.30
C GLY H 152 -49.82 50.10 23.00
N PRO H 153 -49.21 51.03 22.25
CA PRO H 153 -48.74 52.28 22.87
C PRO H 153 -49.81 53.29 23.24
N LEU H 154 -51.01 53.21 22.63
CA LEU H 154 -52.08 54.15 22.97
C LEU H 154 -52.72 53.74 24.27
N VAL H 155 -52.99 52.44 24.46
CA VAL H 155 -53.54 51.95 25.72
C VAL H 155 -52.51 52.18 26.87
N ALA H 156 -51.21 52.07 26.57
CA ALA H 156 -50.14 52.34 27.52
C ALA H 156 -50.20 53.79 28.02
N LYS H 157 -50.45 54.77 27.11
CA LYS H 157 -50.55 56.17 27.49
C LYS H 157 -51.75 56.41 28.41
N GLU H 158 -52.88 55.73 28.12
CA GLU H 158 -54.09 55.84 28.93
C GLU H 158 -53.86 55.25 30.31
N THR H 159 -53.20 54.08 30.37
CA THR H 159 -52.88 53.38 31.61
C THR H 159 -51.90 54.19 32.46
N VAL H 160 -50.90 54.83 31.83
CA VAL H 160 -49.93 55.67 32.53
C VAL H 160 -50.63 56.89 33.13
N LYS H 161 -51.53 57.53 32.37
CA LYS H 161 -52.27 58.68 32.86
C LYS H 161 -53.12 58.28 34.08
N LEU H 162 -53.77 57.10 33.99
CA LEU H 162 -54.58 56.57 35.06
C LEU H 162 -53.72 56.31 36.31
N ALA H 163 -52.53 55.75 36.12
CA ALA H 163 -51.59 55.46 37.19
C ALA H 163 -51.07 56.69 37.86
N GLU H 164 -50.82 57.76 37.10
CA GLU H 164 -50.33 59.01 37.66
C GLU H 164 -51.40 59.66 38.55
N GLU H 165 -52.70 59.49 38.21
CA GLU H 165 -53.82 60.02 38.98
C GLU H 165 -53.93 59.26 40.30
N PHE H 166 -53.82 57.91 40.27
CA PHE H 166 -53.89 57.10 41.49
C PHE H 166 -52.64 57.23 42.34
N PHE H 167 -51.47 57.43 41.73
CA PHE H 167 -50.20 57.59 42.44
C PHE H 167 -50.23 58.77 43.43
N LEU H 168 -50.81 59.88 43.02
CA LEU H 168 -50.90 61.05 43.87
C LEU H 168 -52.19 61.08 44.71
N SER H 169 -53.27 60.39 44.27
CA SER H 169 -54.54 60.41 45.00
C SER H 169 -54.64 59.43 46.16
N THR H 170 -54.12 58.22 45.98
CA THR H 170 -54.21 57.15 46.97
C THR H 170 -53.14 57.21 48.08
N GLU H 171 -52.15 58.12 47.91
CA GLU H 171 -51.01 58.38 48.79
C GLU H 171 -50.42 57.13 49.41
N GLY H 172 -49.51 56.53 48.66
CA GLY H 172 -48.78 55.37 49.12
C GLY H 172 -49.25 54.03 48.64
N THR H 173 -50.55 53.85 48.37
CA THR H 173 -51.06 52.54 47.95
C THR H 173 -50.54 52.15 46.57
N VAL H 174 -50.67 53.03 45.58
CA VAL H 174 -50.18 52.85 44.22
C VAL H 174 -48.80 53.47 44.24
N LEU H 175 -47.77 52.68 43.92
CA LEU H 175 -46.39 53.14 44.00
C LEU H 175 -45.67 53.19 42.68
N GLY H 176 -46.07 52.33 41.75
CA GLY H 176 -45.39 52.25 40.47
C GLY H 176 -46.14 51.68 39.33
N LEU H 177 -45.39 51.44 38.28
CA LEU H 177 -45.83 50.97 36.99
C LEU H 177 -44.99 49.76 36.57
N ASP H 178 -45.62 48.81 35.91
CA ASP H 178 -44.94 47.63 35.38
C ASP H 178 -45.14 47.55 33.86
N LEU H 179 -44.20 46.90 33.16
CA LEU H 179 -44.33 46.63 31.72
C LEU H 179 -44.23 45.12 31.60
N SER H 180 -45.34 44.45 31.28
CA SER H 180 -45.39 42.99 31.19
C SER H 180 -46.14 42.53 29.93
N GLY H 181 -46.61 41.28 29.90
CA GLY H 181 -47.26 40.72 28.72
C GLY H 181 -46.23 40.11 27.78
N ASP H 182 -46.69 39.63 26.62
CA ASP H 182 -45.83 38.99 25.64
C ASP H 182 -44.62 39.84 25.22
N PRO H 183 -43.39 39.38 25.54
CA PRO H 183 -42.19 40.14 25.15
C PRO H 183 -41.92 40.17 23.63
N THR H 184 -42.57 39.29 22.86
CA THR H 184 -42.41 39.29 21.41
C THR H 184 -43.34 40.30 20.71
N VAL H 185 -44.36 40.81 21.42
CA VAL H 185 -45.32 41.75 20.89
C VAL H 185 -44.86 43.18 21.11
N GLY H 186 -44.91 43.97 20.05
CA GLY H 186 -44.54 45.38 20.11
C GLY H 186 -43.05 45.64 20.14
N GLN H 187 -42.70 46.92 20.12
CA GLN H 187 -41.32 47.36 20.17
C GLN H 187 -41.09 48.23 21.38
N ALA H 188 -39.89 48.18 21.96
CA ALA H 188 -39.53 48.95 23.15
C ALA H 188 -39.72 50.44 22.92
N LYS H 189 -39.35 50.95 21.73
CA LYS H 189 -39.48 52.35 21.38
C LYS H 189 -40.92 52.87 21.49
N ASP H 190 -41.91 51.97 21.30
CA ASP H 190 -43.32 52.34 21.41
C ASP H 190 -43.72 52.69 22.86
N PHE H 191 -43.00 52.17 23.86
CA PHE H 191 -43.33 52.39 25.26
C PHE H 191 -42.42 53.38 25.98
N LEU H 192 -41.36 53.88 25.34
CA LEU H 192 -40.46 54.81 25.98
C LEU H 192 -41.12 56.09 26.48
N GLU H 193 -41.95 56.76 25.66
CA GLU H 193 -42.60 57.99 26.07
C GLU H 193 -43.53 57.81 27.29
N PRO H 194 -44.53 56.89 27.30
CA PRO H 194 -45.37 56.75 28.49
C PRO H 194 -44.59 56.31 29.75
N LEU H 195 -43.56 55.46 29.59
CA LEU H 195 -42.77 55.03 30.75
C LEU H 195 -41.91 56.16 31.30
N LEU H 196 -41.38 57.02 30.42
CA LEU H 196 -40.59 58.18 30.85
C LEU H 196 -41.46 59.17 31.59
N GLU H 197 -42.70 59.38 31.13
CA GLU H 197 -43.61 60.31 31.80
C GLU H 197 -43.90 59.82 33.23
N ALA H 198 -44.11 58.51 33.41
CA ALA H 198 -44.37 57.92 34.72
C ALA H 198 -43.15 58.11 35.63
N LYS H 199 -41.94 57.87 35.10
CA LYS H 199 -40.70 58.02 35.86
C LYS H 199 -40.47 59.48 36.28
N LYS H 200 -40.70 60.42 35.38
CA LYS H 200 -40.54 61.84 35.65
C LYS H 200 -41.51 62.30 36.74
N ALA H 201 -42.75 61.76 36.72
CA ALA H 201 -43.77 62.07 37.71
C ALA H 201 -43.50 61.53 39.13
N GLY H 202 -42.48 60.68 39.29
CA GLY H 202 -42.13 60.12 40.58
C GLY H 202 -42.52 58.66 40.78
N LEU H 203 -43.15 58.05 39.77
CA LEU H 203 -43.54 56.65 39.86
C LEU H 203 -42.33 55.72 39.70
N LYS H 204 -42.38 54.56 40.34
CA LYS H 204 -41.28 53.60 40.23
C LYS H 204 -41.55 52.62 39.11
N LEU H 205 -40.52 52.19 38.37
CA LEU H 205 -40.71 51.27 37.26
C LEU H 205 -40.19 49.90 37.54
N ALA H 206 -41.02 48.88 37.38
CA ALA H 206 -40.58 47.50 37.52
C ALA H 206 -40.79 46.90 36.14
N LEU H 207 -39.73 46.71 35.35
CA LEU H 207 -39.86 46.21 33.99
C LEU H 207 -39.43 44.77 33.82
N HIS H 208 -40.23 43.97 33.13
CA HIS H 208 -39.87 42.59 32.80
C HIS H 208 -38.83 42.73 31.69
N LEU H 209 -37.61 42.24 31.90
CA LEU H 209 -36.56 42.35 30.89
C LEU H 209 -35.88 41.02 30.69
N SER H 210 -35.35 40.82 29.50
CA SER H 210 -34.55 39.66 29.16
C SER H 210 -35.20 38.30 29.50
N GLU H 211 -36.52 38.19 29.29
CA GLU H 211 -37.25 36.95 29.57
C GLU H 211 -36.97 35.87 28.52
N ILE H 212 -36.74 36.30 27.28
CA ILE H 212 -36.45 35.39 26.17
C ILE H 212 -35.14 35.79 25.51
N PRO H 213 -34.49 34.84 24.81
CA PRO H 213 -33.23 35.18 24.14
C PRO H 213 -33.39 36.03 22.88
N ASN H 214 -32.26 36.57 22.40
CA ASN H 214 -32.07 37.36 21.18
C ASN H 214 -32.87 38.67 21.15
N GLN H 215 -32.92 39.36 22.29
CA GLN H 215 -33.62 40.64 22.39
C GLN H 215 -32.69 41.71 22.99
N LYS H 216 -31.38 41.63 22.73
CA LYS H 216 -30.39 42.54 23.30
C LYS H 216 -30.66 44.02 23.06
N LYS H 217 -30.90 44.43 21.81
CA LYS H 217 -31.17 45.84 21.48
C LYS H 217 -32.41 46.38 22.19
N GLU H 218 -33.48 45.58 22.26
CA GLU H 218 -34.72 45.95 22.96
C GLU H 218 -34.47 46.11 24.44
N THR H 219 -33.61 45.25 25.01
CA THR H 219 -33.25 45.28 26.43
C THR H 219 -32.42 46.53 26.73
N GLN H 220 -31.46 46.90 25.86
CA GLN H 220 -30.66 48.12 26.08
C GLN H 220 -31.56 49.36 26.06
N ILE H 221 -32.59 49.38 25.20
CA ILE H 221 -33.53 50.50 25.11
C ILE H 221 -34.31 50.68 26.41
N LEU H 222 -34.87 49.60 26.96
CA LEU H 222 -35.61 49.66 28.21
C LEU H 222 -34.70 49.85 29.44
N LEU H 223 -33.45 49.37 29.38
CA LEU H 223 -32.48 49.58 30.46
C LEU H 223 -32.10 51.06 30.56
N ASP H 224 -32.11 51.79 29.43
CA ASP H 224 -31.82 53.22 29.41
C ASP H 224 -32.85 54.03 30.19
N LEU H 225 -34.06 53.48 30.42
CA LEU H 225 -35.06 54.11 31.28
C LEU H 225 -34.64 54.07 32.76
N LEU H 226 -33.60 53.31 33.12
CA LEU H 226 -33.15 53.08 34.48
C LEU H 226 -34.27 52.57 35.35
N PRO H 227 -34.77 51.34 35.08
CA PRO H 227 -35.86 50.80 35.90
C PRO H 227 -35.44 50.66 37.36
N ASP H 228 -36.40 50.77 38.27
CA ASP H 228 -36.11 50.64 39.70
C ASP H 228 -35.94 49.18 40.12
N ARG H 229 -36.54 48.24 39.37
CA ARG H 229 -36.43 46.80 39.55
C ARG H 229 -36.60 46.15 38.18
N ILE H 230 -35.90 45.05 37.94
CA ILE H 230 -36.00 44.29 36.71
C ILE H 230 -36.65 42.94 37.04
N GLY H 231 -37.61 42.52 36.26
CA GLY H 231 -38.25 41.22 36.44
C GLY H 231 -37.50 40.19 35.62
N HIS H 232 -37.11 39.06 36.27
CA HIS H 232 -36.37 37.98 35.64
C HIS H 232 -34.91 38.32 35.28
N GLY H 233 -34.69 39.04 34.16
CA GLY H 233 -33.34 39.32 33.66
C GLY H 233 -32.64 38.04 33.24
N THR H 234 -33.42 37.00 32.87
CA THR H 234 -32.99 35.64 32.56
C THR H 234 -31.81 35.55 31.62
N PHE H 235 -31.85 36.33 30.53
CA PHE H 235 -30.83 36.28 29.50
C PHE H 235 -29.87 37.47 29.51
N LEU H 236 -29.83 38.28 30.60
CA LEU H 236 -28.90 39.43 30.67
C LEU H 236 -27.44 39.02 30.47
N ASN H 237 -27.14 37.84 30.98
CA ASN H 237 -25.87 37.14 31.07
C ASN H 237 -25.55 36.27 29.83
N SER H 238 -26.59 35.89 29.09
CA SER H 238 -26.51 34.96 27.98
C SER H 238 -25.92 35.56 26.74
N GLY H 239 -25.12 34.78 26.01
CA GLY H 239 -24.55 35.23 24.76
C GLY H 239 -25.60 35.51 23.69
N GLU H 240 -26.78 34.85 23.81
CA GLU H 240 -27.93 35.05 22.92
C GLU H 240 -28.94 36.02 23.54
N GLY H 241 -28.72 37.32 23.36
CA GLY H 241 -29.62 38.33 23.89
C GLY H 241 -29.09 39.16 25.04
N GLY H 242 -27.90 38.85 25.50
CA GLY H 242 -27.25 39.58 26.56
C GLY H 242 -25.78 39.77 26.31
N SER H 243 -25.11 40.50 27.20
CA SER H 243 -23.69 40.78 27.04
C SER H 243 -23.05 41.21 28.38
N LEU H 244 -21.71 41.33 28.40
CA LEU H 244 -20.95 41.85 29.54
C LEU H 244 -21.40 43.30 29.82
N ASP H 245 -21.75 44.07 28.77
CA ASP H 245 -22.27 45.43 28.86
C ASP H 245 -23.60 45.47 29.59
N LEU H 246 -24.53 44.52 29.33
CA LEU H 246 -25.82 44.49 30.01
C LEU H 246 -25.67 44.14 31.49
N VAL H 247 -24.82 43.16 31.79
CA VAL H 247 -24.54 42.75 33.16
C VAL H 247 -23.88 43.91 33.91
N ASP H 248 -22.90 44.54 33.27
CA ASP H 248 -22.17 45.66 33.83
C ASP H 248 -23.07 46.86 34.10
N PHE H 249 -24.01 47.13 33.22
CA PHE H 249 -24.95 48.23 33.39
C PHE H 249 -25.81 47.97 34.62
N VAL H 250 -26.35 46.76 34.74
CA VAL H 250 -27.20 46.35 35.87
C VAL H 250 -26.40 46.38 37.17
N ARG H 251 -25.12 46.00 37.11
CA ARG H 251 -24.21 46.01 38.25
C ARG H 251 -23.88 47.43 38.71
N GLN H 252 -23.42 48.31 37.81
CA GLN H 252 -23.05 49.69 38.14
C GLN H 252 -24.24 50.47 38.70
N HIS H 253 -25.43 50.23 38.15
CA HIS H 253 -26.64 50.92 38.60
C HIS H 253 -27.38 50.20 39.74
N ARG H 254 -26.85 49.05 40.21
CA ARG H 254 -27.39 48.26 41.31
C ARG H 254 -28.88 48.02 41.19
N ILE H 255 -29.33 47.58 40.02
CA ILE H 255 -30.76 47.37 39.80
C ILE H 255 -31.21 46.03 40.37
N PRO H 256 -32.08 46.04 41.38
CA PRO H 256 -32.56 44.76 41.94
C PRO H 256 -33.28 43.89 40.92
N LEU H 257 -33.08 42.57 41.02
CA LEU H 257 -33.71 41.63 40.13
C LEU H 257 -34.75 40.86 40.89
N GLU H 258 -35.97 40.77 40.35
CA GLU H 258 -37.05 39.98 40.91
C GLU H 258 -36.92 38.59 40.26
N LEU H 259 -36.44 37.60 41.01
CA LEU H 259 -36.17 36.26 40.50
C LEU H 259 -37.31 35.30 40.83
N CYS H 260 -37.89 34.69 39.78
CA CYS H 260 -39.03 33.79 39.92
C CYS H 260 -38.62 32.40 39.45
N LEU H 261 -38.18 31.55 40.37
CA LEU H 261 -37.64 30.22 40.08
C LEU H 261 -38.64 29.24 39.44
N THR H 262 -39.78 28.95 40.06
CA THR H 262 -40.74 28.00 39.50
C THR H 262 -41.33 28.49 38.19
N SER H 263 -41.55 29.80 38.10
CA SER H 263 -42.03 30.45 36.89
C SER H 263 -41.10 30.18 35.71
N ASN H 264 -39.78 30.35 35.88
CA ASN H 264 -38.84 30.10 34.77
C ASN H 264 -38.71 28.63 34.44
N VAL H 265 -38.77 27.75 35.45
CA VAL H 265 -38.66 26.32 35.22
C VAL H 265 -39.91 25.76 34.52
N LYS H 266 -41.11 26.10 35.00
CA LYS H 266 -42.38 25.63 34.42
C LYS H 266 -42.68 26.24 33.08
N SER H 267 -42.16 27.44 32.78
CA SER H 267 -42.34 28.04 31.46
C SER H 267 -41.15 27.77 30.52
N GLN H 268 -40.22 26.88 30.94
CA GLN H 268 -39.06 26.39 30.23
C GLN H 268 -38.07 27.46 29.74
N THR H 269 -38.04 28.63 30.40
CA THR H 269 -37.03 29.65 30.03
C THR H 269 -35.67 29.37 30.71
N VAL H 270 -35.62 28.37 31.62
CA VAL H 270 -34.46 27.88 32.37
C VAL H 270 -34.61 26.33 32.41
N PRO H 271 -33.54 25.55 32.14
CA PRO H 271 -33.70 24.09 32.06
C PRO H 271 -33.98 23.37 33.37
N SER H 272 -33.48 23.89 34.48
CA SER H 272 -33.66 23.27 35.79
C SER H 272 -33.51 24.33 36.89
N TYR H 273 -33.96 24.02 38.13
CA TYR H 273 -33.75 24.94 39.26
C TYR H 273 -32.24 25.17 39.48
N ASP H 274 -31.45 24.11 39.32
CA ASP H 274 -30.01 24.11 39.48
C ASP H 274 -29.28 25.04 38.52
N GLN H 275 -29.85 25.24 37.34
CA GLN H 275 -29.25 26.12 36.35
C GLN H 275 -29.89 27.50 36.28
N HIS H 276 -30.77 27.84 37.23
CA HIS H 276 -31.42 29.15 37.26
C HIS H 276 -30.37 30.22 37.53
N HIS H 277 -30.53 31.40 36.93
CA HIS H 277 -29.57 32.49 37.05
C HIS H 277 -29.50 33.07 38.47
N PHE H 278 -30.30 32.57 39.45
CA PHE H 278 -30.21 33.00 40.84
C PHE H 278 -28.75 32.81 41.37
N GLY H 279 -28.16 31.66 41.09
CA GLY H 279 -26.80 31.35 41.52
C GLY H 279 -25.77 32.34 41.00
N PHE H 280 -25.88 32.71 39.71
CA PHE H 280 -25.03 33.70 39.11
C PHE H 280 -25.08 35.07 39.85
N TRP H 281 -26.28 35.61 40.08
CA TRP H 281 -26.44 36.91 40.71
C TRP H 281 -26.16 36.88 42.22
N TYR H 282 -26.45 35.75 42.86
CA TYR H 282 -26.17 35.57 44.28
C TYR H 282 -24.66 35.50 44.49
N SER H 283 -23.89 34.91 43.55
CA SER H 283 -22.42 34.79 43.69
C SER H 283 -21.70 36.13 43.74
N ILE H 284 -22.30 37.18 43.18
CA ILE H 284 -21.70 38.53 43.19
C ILE H 284 -22.48 39.48 44.13
N ALA H 285 -23.32 38.93 45.04
CA ALA H 285 -24.12 39.65 46.02
C ALA H 285 -24.94 40.76 45.35
N HIS H 286 -25.48 40.46 44.16
CA HIS H 286 -26.29 41.43 43.47
C HIS H 286 -27.67 41.51 44.09
N PRO H 287 -28.24 42.73 44.27
CA PRO H 287 -29.59 42.82 44.82
C PRO H 287 -30.62 41.96 44.10
N SER H 288 -31.17 40.96 44.80
CA SER H 288 -32.14 40.02 44.23
C SER H 288 -33.25 39.71 45.23
N VAL H 289 -34.46 39.48 44.75
CA VAL H 289 -35.59 39.15 45.60
C VAL H 289 -36.29 37.91 45.03
N ILE H 290 -36.55 36.90 45.86
CA ILE H 290 -37.24 35.69 45.45
C ILE H 290 -38.73 36.03 45.38
N CYS H 291 -39.36 35.73 44.23
CA CYS H 291 -40.77 36.07 43.98
C CYS H 291 -41.55 34.86 43.45
N THR H 292 -42.90 34.90 43.51
CA THR H 292 -43.71 33.79 43.00
C THR H 292 -44.03 33.95 41.53
N ASP H 293 -44.29 35.21 41.10
CA ASP H 293 -44.69 35.61 39.76
C ASP H 293 -46.21 35.30 39.55
N ASP H 294 -46.58 34.01 39.52
CA ASP H 294 -47.96 33.57 39.36
C ASP H 294 -48.24 32.34 40.26
N LYS H 295 -48.43 32.58 41.56
CA LYS H 295 -48.75 31.62 42.63
C LYS H 295 -49.76 30.52 42.19
N GLY H 296 -50.83 30.91 41.51
CA GLY H 296 -51.86 29.98 41.07
C GLY H 296 -51.45 29.19 39.86
N VAL H 297 -51.10 29.89 38.76
CA VAL H 297 -50.72 29.24 37.50
C VAL H 297 -49.55 28.27 37.70
N PHE H 298 -48.55 28.67 38.51
CA PHE H 298 -47.39 27.82 38.76
C PHE H 298 -47.52 26.92 40.00
N ALA H 299 -48.71 26.89 40.65
CA ALA H 299 -49.00 26.05 41.83
C ALA H 299 -47.92 26.09 42.93
N THR H 300 -47.56 27.31 43.38
CA THR H 300 -46.52 27.48 44.37
C THR H 300 -46.94 28.53 45.45
N HIS H 301 -46.09 28.75 46.45
CA HIS H 301 -46.24 29.75 47.50
C HIS H 301 -44.87 30.39 47.66
N LEU H 302 -44.81 31.61 48.20
CA LEU H 302 -43.53 32.27 48.41
C LEU H 302 -42.62 31.48 49.35
N SER H 303 -43.20 30.73 50.30
CA SER H 303 -42.51 29.82 51.22
C SER H 303 -41.77 28.75 50.45
N GLN H 304 -42.48 28.11 49.48
CA GLN H 304 -41.91 27.06 48.67
C GLN H 304 -40.85 27.56 47.74
N GLU H 305 -40.97 28.82 47.27
CA GLU H 305 -39.94 29.40 46.42
C GLU H 305 -38.65 29.57 47.23
N TYR H 306 -38.77 30.03 48.50
CA TYR H 306 -37.61 30.20 49.39
C TYR H 306 -36.99 28.85 49.68
N GLN H 307 -37.82 27.82 49.92
CA GLN H 307 -37.34 26.47 50.19
C GLN H 307 -36.62 25.92 48.98
N LEU H 308 -37.20 26.08 47.77
CA LEU H 308 -36.59 25.62 46.53
C LEU H 308 -35.24 26.30 46.31
N ALA H 309 -35.14 27.62 46.56
CA ALA H 309 -33.88 28.35 46.40
C ALA H 309 -32.85 27.86 47.43
N ALA H 310 -33.27 27.66 48.69
CA ALA H 310 -32.38 27.22 49.76
C ALA H 310 -31.87 25.80 49.52
N GLU H 311 -32.75 24.89 49.07
CA GLU H 311 -32.36 23.51 48.83
C GLU H 311 -31.49 23.40 47.58
N THR H 312 -31.86 24.10 46.50
CA THR H 312 -31.09 24.07 45.27
C THR H 312 -29.71 24.69 45.45
N PHE H 313 -29.64 25.88 46.07
CA PHE H 313 -28.38 26.59 46.19
C PHE H 313 -27.69 26.39 47.53
N ASN H 314 -28.16 25.41 48.34
CA ASN H 314 -27.58 25.03 49.62
C ASN H 314 -27.38 26.21 50.56
N LEU H 315 -28.44 26.97 50.82
CA LEU H 315 -28.36 28.11 51.71
C LEU H 315 -28.81 27.72 53.11
N THR H 316 -28.09 28.17 54.15
CA THR H 316 -28.46 27.89 55.54
C THR H 316 -29.68 28.77 55.92
N GLN H 317 -30.30 28.52 57.08
CA GLN H 317 -31.43 29.34 57.54
C GLN H 317 -30.99 30.80 57.75
N SER H 318 -29.74 31.02 58.22
CA SER H 318 -29.24 32.37 58.43
C SER H 318 -28.99 33.07 57.10
N GLN H 319 -28.56 32.33 56.06
CA GLN H 319 -28.37 32.89 54.74
C GLN H 319 -29.70 33.22 54.06
N VAL H 320 -30.74 32.41 54.31
CA VAL H 320 -32.09 32.66 53.82
C VAL H 320 -32.66 33.90 54.54
N TRP H 321 -32.39 34.01 55.84
CA TRP H 321 -32.78 35.15 56.66
C TRP H 321 -32.20 36.45 56.07
N ASP H 322 -30.90 36.45 55.71
CA ASP H 322 -30.22 37.60 55.12
C ASP H 322 -30.86 38.03 53.84
N LEU H 323 -31.21 37.06 52.97
CA LEU H 323 -31.91 37.35 51.71
C LEU H 323 -33.24 38.03 51.97
N SER H 324 -34.04 37.50 52.91
CA SER H 324 -35.34 38.05 53.23
C SER H 324 -35.23 39.46 53.80
N TYR H 325 -34.26 39.67 54.69
CA TYR H 325 -34.03 40.96 55.32
C TYR H 325 -33.55 42.02 54.31
N GLU H 326 -32.62 41.65 53.42
CA GLU H 326 -32.12 42.58 52.42
C GLU H 326 -33.19 42.95 51.39
N SER H 327 -34.17 42.06 51.13
CA SER H 327 -35.21 42.34 50.14
C SER H 327 -36.09 43.54 50.53
N ILE H 328 -36.10 43.92 51.81
CA ILE H 328 -36.83 45.08 52.31
C ILE H 328 -36.30 46.36 51.64
N ASN H 329 -34.97 46.41 51.32
CA ASN H 329 -34.38 47.56 50.66
C ASN H 329 -34.97 47.85 49.29
N TYR H 330 -35.56 46.84 48.63
CA TYR H 330 -35.99 46.98 47.24
C TYR H 330 -37.49 47.23 47.06
N ILE H 331 -38.22 47.49 48.15
CA ILE H 331 -39.63 47.83 48.05
C ILE H 331 -39.78 49.25 47.45
N PHE H 332 -40.96 49.56 46.90
CA PHE H 332 -41.21 50.88 46.33
C PHE H 332 -41.77 51.90 47.33
N ALA H 333 -42.08 51.45 48.56
CA ALA H 333 -42.57 52.31 49.62
C ALA H 333 -41.41 53.17 50.22
N SER H 334 -41.74 54.19 51.02
CA SER H 334 -40.75 55.10 51.60
C SER H 334 -39.81 54.44 52.62
N ASP H 335 -38.79 55.18 53.08
CA ASP H 335 -37.84 54.73 54.10
C ASP H 335 -38.52 54.43 55.42
N SER H 336 -39.65 55.11 55.72
CA SER H 336 -40.42 54.89 56.93
C SER H 336 -40.95 53.44 56.96
N THR H 337 -41.47 52.95 55.82
CA THR H 337 -41.99 51.59 55.69
C THR H 337 -40.87 50.57 55.79
N ARG H 338 -39.70 50.86 55.17
CA ARG H 338 -38.53 49.98 55.24
C ARG H 338 -38.08 49.82 56.67
N SER H 339 -38.04 50.93 57.40
CA SER H 339 -37.64 50.98 58.80
C SER H 339 -38.59 50.18 59.65
N GLU H 340 -39.91 50.31 59.42
CA GLU H 340 -40.91 49.56 60.18
C GLU H 340 -40.84 48.07 59.86
N LEU H 341 -40.58 47.70 58.62
CA LEU H 341 -40.44 46.31 58.22
C LEU H 341 -39.18 45.70 58.85
N ARG H 342 -38.05 46.44 58.87
CA ARG H 342 -36.83 45.96 59.51
C ARG H 342 -37.03 45.72 61.00
N LYS H 343 -37.81 46.56 61.66
CA LYS H 343 -38.13 46.43 63.07
C LYS H 343 -38.98 45.17 63.29
N LYS H 344 -39.94 44.92 62.39
CA LYS H 344 -40.80 43.74 62.45
C LYS H 344 -39.97 42.46 62.28
N TRP H 345 -39.04 42.44 61.30
CA TRP H 345 -38.16 41.31 61.05
C TRP H 345 -37.31 41.01 62.28
N ASN H 346 -36.67 42.03 62.88
CA ASN H 346 -35.82 41.81 64.04
C ASN H 346 -36.58 41.42 65.32
N HIS H 347 -37.86 41.76 65.40
CA HIS H 347 -38.71 41.34 66.51
C HIS H 347 -39.06 39.84 66.34
N LEU H 348 -39.29 39.39 65.12
CA LEU H 348 -39.65 38.02 64.81
C LEU H 348 -38.46 37.08 64.77
N LYS H 349 -37.26 37.60 64.47
CA LYS H 349 -36.02 36.85 64.32
C LYS H 349 -35.76 35.75 65.33
N PRO H 350 -35.84 35.99 66.68
CA PRO H 350 -35.57 34.89 67.62
C PRO H 350 -36.60 33.78 67.61
N ARG H 351 -37.80 34.03 67.07
CA ARG H 351 -38.83 32.99 66.99
C ARG H 351 -38.67 32.13 65.72
N VAL H 352 -38.05 32.69 64.65
CA VAL H 352 -37.86 32.03 63.39
C VAL H 352 -36.52 31.29 63.39
N LEU H 353 -35.47 31.90 63.95
CA LEU H 353 -34.14 31.30 64.01
C LEU H 353 -33.87 30.65 65.37
N HIS H 354 -33.64 29.33 65.39
CA HIS H 354 -33.39 28.63 66.63
C HIS H 354 -31.99 28.06 66.76
N ILE H 355 -31.53 27.85 67.99
CA ILE H 355 -30.21 27.27 68.24
C ILE H 355 -30.34 25.77 68.33
O6 EIF I . -0.70 -29.85 -10.17
C10 EIF I . -0.89 -30.83 -9.45
C7 EIF I . -2.16 -31.33 -9.02
N1 EIF I . -3.45 -30.88 -9.27
C6 EIF I . -4.21 -31.70 -8.59
N4 EIF I . 0.16 -31.58 -8.96
C9 EIF I . 0.03 -32.67 -8.15
N3 EIF I . 1.16 -33.26 -7.73
N2 EIF I . -1.14 -33.15 -7.73
C8 EIF I . -2.18 -32.44 -8.20
N EIF I . -3.51 -32.66 -7.90
C5 EIF I . -4.08 -33.67 -7.03
C1 EIF I . -4.03 -33.35 -5.49
F EIF I . -3.69 -34.56 -4.88
C EIF I . -3.05 -32.30 -5.01
O5 EIF I . -5.46 -33.81 -7.37
C3 EIF I . -6.29 -33.80 -6.19
C2 EIF I . -5.51 -32.96 -5.18
O EIF I . -5.80 -33.31 -3.83
C4 EIF I . -7.66 -33.27 -6.55
O1 EIF I . -8.34 -34.23 -7.39
P EIF I . -8.94 -35.58 -6.82
O4 EIF I . -9.50 -35.31 -5.45
O3 EIF I . -7.89 -36.62 -6.82
O2 EIF I . -10.13 -35.92 -7.73
ZN ZN J . -1.90 -33.37 -12.04
S SO4 K . -0.82 -17.99 -35.22
O1 SO4 K . 0.01 -17.82 -34.02
O2 SO4 K . -0.96 -19.43 -35.53
O3 SO4 K . -2.13 -17.38 -34.94
O4 SO4 K . -0.18 -17.30 -36.37
S SO4 L . 0.62 -32.25 -41.86
O1 SO4 L . 0.44 -30.96 -41.18
O2 SO4 L . 1.94 -32.82 -41.52
O3 SO4 L . -0.40 -33.24 -41.42
O4 SO4 L . 0.48 -32.07 -43.34
S SO4 M . -10.76 -50.89 -25.03
O1 SO4 M . -12.02 -50.20 -24.72
O2 SO4 M . -9.71 -50.55 -24.07
O3 SO4 M . -10.99 -52.36 -24.97
O4 SO4 M . -10.33 -50.55 -26.39
O6 EIF N . 27.83 -13.23 -17.11
C10 EIF N . 28.46 -12.28 -16.60
C7 EIF N . 29.73 -11.77 -17.00
N1 EIF N . 30.63 -12.20 -17.98
C6 EIF N . 31.67 -11.43 -17.81
N4 EIF N . 27.91 -11.57 -15.55
C9 EIF N . 28.50 -10.51 -14.94
N3 EIF N . 27.82 -9.93 -13.95
N2 EIF N . 29.70 -10.02 -15.27
C8 EIF N . 30.27 -10.71 -16.29
N EIF N . 31.53 -10.52 -16.79
C5 EIF N . 32.56 -9.60 -16.24
C1 EIF N . 33.29 -10.10 -14.91
F EIF N . 33.13 -9.04 -13.97
C EIF N . 32.79 -11.34 -14.24
O5 EIF N . 33.57 -9.45 -17.22
C3 EIF N . 34.88 -9.40 -16.60
C2 EIF N . 34.76 -10.31 -15.38
O EIF N . 35.64 -9.93 -14.31
C4 EIF N . 35.90 -9.83 -17.63
O1 EIF N . 35.95 -8.84 -18.69
P EIF N . 36.80 -7.49 -18.46
O4 EIF N . 37.28 -7.02 -19.83
O3 EIF N . 37.87 -7.82 -17.54
O2 EIF N . 35.84 -6.47 -17.86
ZN ZN O . 28.03 -9.35 -19.39
S SO4 P . 9.67 -7.46 -42.99
O1 SO4 P . 8.79 -6.82 -41.98
O2 SO4 P . 10.08 -8.80 -42.51
O3 SO4 P . 8.98 -7.53 -44.30
O4 SO4 P . 10.85 -6.57 -43.13
S SO4 Q . 29.00 9.65 -33.11
O1 SO4 Q . 29.04 9.22 -31.70
O2 SO4 Q . 30.13 9.09 -33.86
O3 SO4 Q . 27.75 9.15 -33.70
O4 SO4 Q . 29.02 11.13 -33.19
O6 EIF R . -18.93 22.30 -5.88
C10 EIF R . -17.75 22.42 -5.57
C7 EIF R . -16.64 21.57 -5.93
N1 EIF R . -16.61 20.39 -6.65
C6 EIF R . -15.34 20.02 -6.61
N4 EIF R . -17.35 23.50 -4.81
C9 EIF R . -16.04 23.75 -4.41
N3 EIF R . -15.87 24.74 -3.53
N2 EIF R . -15.01 22.98 -4.76
C8 EIF R . -15.37 21.91 -5.49
N EIF R . -14.55 20.90 -5.91
C5 EIF R . -13.12 20.70 -5.54
C1 EIF R . -12.88 19.97 -4.17
F EIF R . -11.76 20.64 -3.55
C EIF R . -14.01 19.98 -3.17
O5 EIF R . -12.54 19.87 -6.53
C3 EIF R . -11.86 18.74 -5.97
C2 EIF R . -12.53 18.52 -4.61
O EIF R . -11.65 17.94 -3.65
C4 EIF R . -11.95 17.55 -6.89
O1 EIF R . -11.20 17.82 -8.10
P EIF R . -9.60 17.92 -8.19
O4 EIF R . -9.22 19.36 -7.89
O3 EIF R . -9.24 17.52 -9.57
O2 EIF R . -9.01 16.96 -7.14
ZN ZN S . -16.23 24.04 -8.75
S SO4 T . -29.89 35.29 -33.10
O1 SO4 T . -29.98 36.26 -32.01
O2 SO4 T . -28.46 34.98 -33.36
O3 SO4 T . -30.65 34.08 -32.73
O4 SO4 T . -30.43 35.82 -34.37
S SO4 U . -3.27 31.09 -26.79
O1 SO4 U . -4.54 31.56 -27.35
O2 SO4 U . -3.34 31.14 -25.31
O3 SO4 U . -2.90 29.73 -27.21
O4 SO4 U . -2.30 32.02 -27.39
C1 PEG V . 15.19 -3.43 -49.90
O1 PEG V . 14.90 -2.92 -48.60
C2 PEG V . 14.23 -4.50 -50.29
O2 PEG V . 14.74 -5.27 -51.36
C3 PEG V . 14.72 -6.66 -51.09
C4 PEG V . 16.00 -7.01 -50.43
O4 PEG V . 16.18 -8.41 -50.39
C1 PEG W . 6.69 -18.16 -43.59
O1 PEG W . 6.69 -16.74 -43.63
C2 PEG W . 5.56 -18.75 -44.38
O2 PEG W . 5.03 -19.87 -43.69
C3 PEG W . 3.80 -20.34 -44.21
C4 PEG W . 3.02 -21.02 -43.12
O4 PEG W . 3.01 -22.43 -43.27
O6 EIF X . -8.45 -3.88 -58.16
C10 EIF X . -8.57 -2.88 -58.88
C7 EIF X . -9.42 -1.76 -58.66
N1 EIF X . -10.40 -1.51 -57.70
C6 EIF X . -10.87 -0.33 -58.00
N4 EIF X . -7.73 -2.70 -59.96
C9 EIF X . -7.68 -1.58 -60.73
N3 EIF X . -6.78 -1.57 -61.72
N2 EIF X . -8.47 -0.52 -60.55
C8 EIF X . -9.32 -0.68 -59.51
N EIF X . -10.27 0.23 -59.10
C5 EIF X . -10.65 1.50 -59.77
C1 EIF X . -11.68 1.38 -60.92
F EIF X . -11.44 2.45 -61.84
C EIF X . -11.71 0.09 -61.72
O5 EIF X . -11.24 2.35 -58.78
C3 EIF X . -12.60 2.69 -59.15
C2 EIF X . -13.00 1.60 -60.16
O EIF X . -13.96 2.03 -61.12
C4 EIF X . -13.47 2.70 -57.91
O1 EIF X . -13.12 3.80 -57.02
P EIF X . -13.18 5.38 -57.34
O4 EIF X . -14.37 5.68 -58.27
O3 EIF X . -11.85 5.73 -57.88
O2 EIF X . -13.48 6.07 -56.04
ZN ZN Y . -6.54 -0.81 -56.42
S SO4 Z . 2.63 16.73 -43.61
O1 SO4 Z . 1.34 17.05 -42.98
O2 SO4 Z . 3.53 16.14 -42.61
O3 SO4 Z . 2.59 15.84 -44.79
O4 SO4 Z . 3.14 18.06 -44.05
S SO4 AA . 10.65 -7.29 -32.90
O1 SO4 AA . 10.24 -5.89 -32.77
O2 SO4 AA . 11.21 -7.78 -31.62
O3 SO4 AA . 9.48 -8.16 -33.17
O4 SO4 AA . 11.61 -7.47 -34.03
C1 PEG BA . 28.11 -17.69 31.04
O1 PEG BA . 26.93 -17.89 31.81
C2 PEG BA . 29.10 -18.79 31.25
O2 PEG BA . 29.75 -19.10 30.03
C3 PEG BA . 29.70 -20.50 29.71
C4 PEG BA . 30.74 -21.26 30.48
O4 PEG BA . 31.91 -21.49 29.69
O6 EIF CA . 10.94 -27.23 15.71
C10 EIF CA . 9.81 -27.16 15.19
C7 EIF CA . 8.74 -28.10 15.35
N1 EIF CA . 8.66 -29.28 16.08
C6 EIF CA . 7.43 -29.68 15.88
N4 EIF CA . 9.44 -26.05 14.46
C9 EIF CA . 8.18 -25.84 13.94
N3 EIF CA . 7.97 -24.65 13.36
N2 EIF CA . 7.19 -26.71 14.05
C8 EIF CA . 7.53 -27.80 14.76
N EIF CA . 6.69 -28.85 15.09
C5 EIF CA . 5.29 -29.02 14.65
C1 EIF CA . 5.10 -29.59 13.19
F EIF CA . 4.06 -28.80 12.58
C EIF CA . 6.29 -29.57 12.25
O5 EIF CA . 4.68 -29.95 15.53
C3 EIF CA . 3.97 -30.98 14.81
C2 EIF CA . 4.65 -31.05 13.44
O EIF CA . 3.74 -31.41 12.42
C4 EIF CA . 4.04 -32.27 15.61
O1 EIF CA . 3.20 -32.15 16.78
P EIF CA . 1.60 -32.19 16.72
O4 EIF CA . 1.04 -30.79 16.44
O3 EIF CA . 1.14 -32.75 18.02
O2 EIF CA . 1.22 -33.05 15.51
ZN ZN DA . 8.16 -26.20 18.55
S SO4 EA . 20.21 -17.66 44.61
O1 SO4 EA . 20.82 -17.58 45.95
O2 SO4 EA . 20.89 -18.69 43.82
O3 SO4 EA . 18.76 -17.91 44.74
O4 SO4 EA . 20.38 -16.33 43.96
S SO4 FA . -6.35 -21.21 36.54
O1 SO4 FA . -7.31 -20.28 37.16
O2 SO4 FA . -6.78 -22.60 36.74
O3 SO4 FA . -6.12 -20.87 35.12
O4 SO4 FA . -5.09 -21.03 37.27
O6 EIF GA . 39.80 -10.95 8.96
C10 EIF GA . 40.56 -11.03 8.00
C7 EIF GA . 41.62 -10.13 7.67
N1 EIF GA . 42.04 -8.95 8.29
C6 EIF GA . 43.07 -8.57 7.57
N4 EIF GA . 40.53 -12.14 7.18
C9 EIF GA . 41.39 -12.36 6.14
N3 EIF GA . 41.28 -13.52 5.48
N2 EIF GA . 42.37 -11.50 5.80
C8 EIF GA . 42.42 -10.42 6.60
N EIF GA . 43.34 -9.40 6.52
C5 EIF GA . 44.32 -9.19 5.44
C1 EIF GA . 43.76 -8.54 4.14
F EIF GA . 44.33 -9.31 3.08
C EIF GA . 42.28 -8.54 3.95
O5 EIF GA . 45.32 -8.31 5.94
C3 EIF GA . 45.59 -7.21 5.05
C2 EIF GA . 44.31 -7.09 4.18
O EIF GA . 44.60 -6.67 2.84
C4 EIF GA . 45.92 -5.98 5.86
O1 EIF GA . 47.20 -6.16 6.53
P EIF GA . 48.59 -6.16 5.73
O4 EIF GA . 48.44 -5.17 4.56
O3 EIF GA . 48.88 -7.53 5.28
O2 EIF GA . 49.64 -5.62 6.68
ZN ZN HA . 43.71 -12.28 10.11
S SO4 IA . 64.82 -18.07 18.78
O1 SO4 IA . 64.84 -16.98 19.76
O2 SO4 IA . 65.67 -19.17 19.27
O3 SO4 IA . 63.45 -18.48 18.37
O4 SO4 IA . 65.55 -17.59 17.59
S SO4 JA . 45.10 -23.26 38.02
O1 SO4 JA . 44.23 -22.13 37.64
O2 SO4 JA . 46.41 -23.12 37.38
O3 SO4 JA . 44.48 -24.50 37.52
O4 SO4 JA . 45.25 -23.30 39.49
S SO4 KA . 34.03 -12.17 36.16
O1 SO4 KA . 32.80 -12.23 36.94
O2 SO4 KA . 35.18 -11.99 37.06
O3 SO4 KA . 34.17 -13.40 35.35
O4 SO4 KA . 34.00 -11.01 35.23
S SO4 LA . 42.19 -24.52 28.65
O1 SO4 LA . 42.97 -23.38 29.18
O2 SO4 LA . 43.07 -25.69 28.55
O3 SO4 LA . 41.02 -24.82 29.51
O4 SO4 LA . 41.66 -24.24 27.30
C1 PEG MA . -23.32 27.39 45.21
O1 PEG MA . -23.87 28.63 45.66
C2 PEG MA . -24.01 26.23 45.84
O2 PEG MA . -24.58 25.44 44.82
C3 PEG MA . -25.30 24.32 45.33
C4 PEG MA . -24.52 23.06 45.14
O4 PEG MA . -23.90 22.63 46.34
O6 EIF NA . -15.76 21.01 22.30
C10 EIF NA . -15.54 20.19 21.40
C7 EIF NA . -14.24 19.75 20.92
N1 EIF NA . -12.97 20.19 21.22
C6 EIF NA . -12.19 19.50 20.42
N4 EIF NA . -16.58 19.49 20.80
C9 EIF NA . -16.42 18.50 19.87
N3 EIF NA . -17.54 17.94 19.40
N2 EIF NA . -15.23 18.09 19.42
C8 EIF NA . -14.20 18.77 19.96
N EIF NA . -12.88 18.64 19.61
C5 EIF NA . -12.35 17.84 18.49
C1 EIF NA . -12.42 18.53 17.08
F EIF NA . -12.88 17.54 16.19
C EIF NA . -13.34 19.71 16.93
O5 EIF NA . -10.97 17.59 18.74
C3 EIF NA . -10.16 17.88 17.59
C2 EIF NA . -10.95 18.94 16.81
O EIF NA . -10.72 18.92 15.41
C4 EIF NA . -8.80 18.35 18.06
O1 EIF NA . -8.08 17.27 18.69
P EIF NA . -7.30 16.12 17.87
O4 EIF NA . -8.30 15.02 17.58
O3 EIF NA . -6.14 15.68 18.70
O2 EIF NA . -6.87 16.73 16.52
ZN ZN OA . -14.18 17.05 23.61
S SO4 PA . -4.75 -2.35 32.33
O1 SO4 PA . -5.23 -2.53 33.70
O2 SO4 PA . -4.20 -3.60 31.81
O3 SO4 PA . -5.73 -1.80 31.37
O4 SO4 PA . -3.61 -1.44 32.51
O6 EIF QA . -44.08 35.52 33.32
C10 EIF QA . -44.72 36.43 32.82
C7 EIF QA . -46.04 36.86 33.20
N1 EIF QA . -46.95 36.33 34.09
C6 EIF QA . -48.00 37.11 34.01
N4 EIF QA . -44.15 37.26 31.87
C9 EIF QA . -44.74 38.38 31.35
N3 EIF QA . -44.00 39.12 30.52
N2 EIF QA . -45.97 38.78 31.67
C8 EIF QA . -46.56 37.97 32.58
N EIF QA . -47.83 38.12 33.09
C5 EIF QA . -48.85 39.12 32.66
C1 EIF QA . -49.66 38.76 31.36
F EIF QA . -49.91 40.00 30.67
C EIF QA . -49.02 37.80 30.37
O5 EIF QA . -49.80 39.25 33.70
C3 EIF QA . -51.15 38.95 33.26
C2 EIF QA . -50.97 38.16 31.96
O EIF QA . -52.03 38.38 31.03
C4 EIF QA . -51.87 38.19 34.35
O1 EIF QA . -52.01 39.04 35.50
P EIF QA . -53.00 40.31 35.60
O4 EIF QA . -52.25 41.53 35.07
O3 EIF QA . -53.40 40.43 37.01
O2 EIF QA . -54.19 40.03 34.66
ZN ZN RA . -44.20 38.68 35.85
S SO4 SA . -45.16 54.94 52.50
O1 SO4 SA . -45.05 56.24 53.20
O2 SO4 SA . -44.02 54.10 52.87
O3 SO4 SA . -46.43 54.29 52.86
O4 SO4 SA . -45.08 55.18 51.03
NA NA TA . -33.86 28.40 70.26
#